data_6Q9D
#
_entry.id   6Q9D
#
_cell.length_a   1.00
_cell.length_b   1.000
_cell.length_c   1.000
_cell.angle_alpha   90.000
_cell.angle_beta   90.000
_cell.angle_gamma   90.000
#
_symmetry.space_group_name_H-M   'P 1'
#
loop_
_entity.id
_entity.type
_entity.pdbx_description
1 polymer 'NADH dehydrogenase [ubiquinone] flavoprotein 1, mitochondrial'
2 polymer 'NADH dehydrogenase [ubiquinone] flavoprotein 2, mitochondrial'
3 polymer 'NADH:ubiquinone oxidoreductase core subunit S1'
4 polymer 'NADH:ubiquinone oxidoreductase core subunit S2,NADH:ubiquinone oxidoreductase core subunit S2'
5 polymer 'NADH:ubiquinone oxidoreductase core subunit S3'
6 polymer 'NADH:ubiquinone oxidoreductase core subunit S7'
7 polymer 'NADH:ubiquinone oxidoreductase core subunit S8'
8 polymer 'NADH:ubiquinone oxidoreductase subunit V3'
9 polymer 'NADH dehydrogenase [ubiquinone] iron-sulfur protein 6, mitochondrial'
10 polymer 'NADH:ubiquinone oxidoreductase subunit S4'
11 polymer 'NADH:ubiquinone oxidoreductase subunit A9'
12 polymer 'NADH dehydrogenase [ubiquinone] 1 alpha subcomplex subunit 2'
13 polymer 'NADH dehydrogenase [ubiquinone] 1 alpha subcomplex subunit 5'
14 polymer 'NADH:ubiquinone oxidoreductase subunit A6'
15 polymer 'NADH dehydrogenase [ubiquinone] 1 alpha subcomplex subunit 7'
16 polymer 'NADH dehydrogenase [ubiquinone] 1 alpha subcomplex subunit 12'
17 polymer 'Acyl carrier protein'
18 polymer 'NADH dehydrogenase [ubiquinone] 1 alpha subcomplex subunit 13'
19 non-polymer 'IRON/SULFUR CLUSTER'
20 non-polymer 'FLAVIN MONONUCLEOTIDE'
21 non-polymer 'FE2/S2 (INORGANIC) CLUSTER'
22 non-polymer 'ZINC ION'
23 non-polymer 'NADPH DIHYDRO-NICOTINAMIDE-ADENINE-DINUCLEOTIDE PHOSPHATE'
24 non-polymer 'S-[2-({N-[(2S)-2-hydroxy-3,3-dimethyl-4-(phosphonooxy)butanoyl]-beta-alanyl}amino)ethyl] tetradecanethioate'
#
loop_
_entity_poly.entity_id
_entity_poly.type
_entity_poly.pdbx_seq_one_letter_code
_entity_poly.pdbx_strand_id
1 'polypeptide(L)'
;FSGDTTAPKKTSFGSLKDEDRIFTNLYGRHDWRLKGAQSRGDWYKTKEILLKGPDWILGEVKTSGLRGRGGAGFPTGLKW
SFMNKPSDGRPKYLVVNADEGEPGTCKDREIIRHDPHKLVEGCLVGGRAMGARAAYIYIRGEFYNEASNLQVAIREAYEA
GLIGKNACGSGYDFDVFVVRGAGAYICGEETALIESIEGKQGKPRLKPPFPADVGVFGCPTTVANVETVAVSPTICRRGG
AWFASFGRERNSGTKLFNISGHVNNPCTVEEEMSVPLKELIEKHAGGVTGGWDNLLAVIPGGSSTPLIPKSVCETVLMDF
DALIQAQTGLGTAAVIVMDRSTDIVKAIARLIEFYKHESCGQCTPCREGVDWMNKVMARFVRGDARPAEIDSLWEISKQI
EGHTICALGDGAAWPVQGLIRHFRPELEERMQRFAQQHQARQAAS
;
V1
2 'polypeptide(L)'
;GAGGALFVHRDTPKNNPETPFDFTPENYKRIEAIVKNYPEGHKAAAVLPVLDLAQRQNGWLPISAMNKVAEILQVPPMRV
YEVATFYTMYNRKPVGKYHIQVCTTTPCMLRNSDSILEAIQKKLGIKVGETTPDKLFTLIEVECLGACVNAPMVQINDNY
YEDLTPKDIEEIIDELKAGKIPKPGPRSGRFSCEPAGGLTSLTEPPKGPGFGVQAGL
;
V2
3 'polypeptide(L)'
;TATAASNLIEVFVDGQSVMVEPGTTVLQACEKVGMQIPRFCYHERLSVAGNCRMCLVEIEKAPKVVAACAMPVMKGWNIL
TNSEKTKKAREGVMEFLLANHPLDCPICDQGGECDLQDQSMMFGSDRSRFLEGKRAVEDKNIGPLVKTIMTRCIQCTRCI
RFASEIAGVDDLGTTGRGNDMQVGTYIEKMFMSELSGNIIDICPVGALTSKPYAFTARPWETRKTESIDVMDAVGSNIVV
STRTGEVMRILPRMHEDINEEWISDKTRFAYDGLKRQRLTEPMVRNEKGLLTHTTWEDALSRVAGMLQSCQGNDVAAIAG
GLVDAEALIALKDLLNRVDSDTLCTEEVFPTAGAGTDLRSNYLLNTTIAGVEEADVVLLVGTNPRFEAPLFNARIRKSWL
HNDLKVALIGSPVDLTYRYDHLGDSPKILQDIASGSHPFSQVLQEAKKPMVVLGSSALQRNDGAAILAAVSNIAQKIRTS
SGVTGDWKVMNILHRIASQVAALDLGYKPGVEAIRKNPPKMLFLLGADGGCVTRQDLPKDCFIVYQGHHGDVGAPIADVI
LPGAAYTEKSATYVNTEGRAQQTKVAVMPPGLAREDWKIIRALSEIAGMTLPYDTLDQVRNRLEEVSPNLVRYDDVEGAN
YFQQASELSKLVNQQLLADPLVPPQLTIKDFYMTDSISRASQTMAKCVKAVTEGAHAVEEPSIC
;
S1
4 'polypeptide(L)'
;ARQWQPDVEWAEQYGGAVMYPTKETAHWKPPPWNDVDPPKDTLVSNLTLNFGPQHPAAHGVLRLVMELSGEMVRKCDPHI
GLLHRGTEKLIEYKTYLQALPYFDRLDYVSMMCNEQAYSLAVEKLLNIQPPPRAQWIRVLFGEITRLLNHIMAVTTHALD
IGAMTPFFWMFEEREKMFEFYERVSGARMHAAYVRPGGVHQDLPLGLMDDIYEFSKNFSLRIDELEEMLTNNRIWRNRTV
DIGVVTAEDALNYGFSGVMLRGSGIQWDLRKTQPYDVYDQVEFDVPIGSRGDCYDRYLCRVEEMRQSIRIISQCLNKMPP
GEIKVDDAKVSPPKRAEMKTSMESLIHHFKLYTEGYQVPPGATYTAIEAPKGEFGVYLVSDGSSRPYRCKIKAPGFAHLA
GLDKMSKGHMLADVVAIIGTQDIVFGEVDR
;
S2
5 'polypeptide(L)'
;ESASADTRPTVRPRNDVAHKQLSAFGEYVAEILPKYVQQVQVSCFSELEICIHPDGVIPVLTFLRDHSNAQFKSLADLTA
VDIPTRQNRFEIVYNLLSLRFNSRIRVKTYTDELTPVESSVSVYKAANWYEREIWDMFGVFFANHPDLRRILTDYGFEGH
PFRKDFPLSGYVELRYDDEVKRVVAEPVELAQEFRKFDLNSPWEAFPAYRQPPESLKLEAGDKKPEAK
;
S3
6 'polypeptide(L)'
;PSSTQPAVSQARAVVPKPAALPSSRGEYVVAKLDDLINWARRSSLWPMTFGLACCAVEMMHMAAPRYDMDRFGVVFRASP
RQSDVMIVAGTLTNKMAPALRKVYDQMPEPRYVVSMGSCANGGGYYHYSYSVVRGCDRIVPVDIYVPGCPPTAEALLYGI
LQLQKKIKREKRLRIWYRR
;
S7
7 'polypeptide(L)'
;TYKYVNLREPSMDMKSVTDRAAQTLLWTELIRGLGMTLSYLFREPATINYPFEKGPLSPRFRGEHALRRYPSGEERCIAC
KLCEAVCPAQAITIEAEPRADGSRRTTRYDIDMTKCIYCGFCQEACPVDAIVEGPNFEFSTETHEELLYNKEKLLNNGDK
WEAEIAANIQADYLYR
;
S8
8 'polypeptide(L)' SAESGKNEKGLPPNPKKQSPPKKPASAAPTEPFDNTTYKNLQHHDYSTYTFLDLNLDLSKFRMPQPSSGRESPRH V3
9 'polypeptide(L)'
;GVRTSPTGEKVTHTGQVYDDEDYRRVRFVGRQKEVNENFAIDLIAEQPVSQVGSRVISCDGGGGALGHPRVYINLDKETK
TGTCGYCGLQFRQQHH
;
S6
10 'polypeptide(L)'
;AQDQTRDTQLITVDEKLDITTLTGVPEEHIKTRKARIFVPARNNMQSGVNNTKKWKMEFDTRERWENPLMGWASTADPLS
NLVLTFSTKEDAIAFAEKNGWSYDVEERKVPKPKSKSYGANFSWNKRTRVSTK
;
S4
11 'polypeptide(L)'
;LHHAVIPHGKGGRSSVSGIVATVFGATGFLGRYLVNHLGRMGSQVIVPYRCEPYDTMHLRPMGDLGQIIFMDWNGRDKDS
IRRAVEHSNVVINLVGREWETKNFDFEDVFVKIPQAIAQVSKEAGVEKFIHISHLNADIKSSSKYLRNKAVGEKEVRETF
PEATIIKPADIFGREDRFLNYFANIRWFGGVPLISLGKKTVKQPVYIVDVTKGIINAIKDPDARGKTFAFVGPNRYLLFD
LVQYVFAVAHRPFLPYPMPHFAYRWIGRLFEISPFEPWTTRDKVERIHTTDRTLPHLPGLEDLGVQATPLELKAIEVLRR
HRTYRWLSSEIEDVQPAK
;
A9
12 'polypeptide(L)'
;AAAAAIRGVRGKLGLREIRIHLCQRSPGSQGVRDFIEKRYVELKKANPDLPILIRECSDVQPKLWARYAFGQEKNVSLNN
FSADQVTRALENVLSSKA
;
A2
13 'polypeptide(L)'
;AGLLKKTTGLVGLAVCETPHERLKILYTKILDVLGHIPKNAAYRKYTEQITNEKLSIVKAEPDVKKLEEQLQGGQIEEVI
LQAENELSLARKMIQWKPWEPLVEEPPASQWKWPI
;
A5
14 'polypeptide(L)'
;AASGLRQAAVAASTSVKPIFSRDMNEAKRRVRELYRAWYREVPNTVHLFQLDISVKQGRDKVREMFKKNAHVTDPRVVDL
LVIKGKMELEETINVWKQRTHVMRFFHETEAPRPKDFLSKFYVGHDP
;
A6
15 'polypeptide(L)'
;ASATRLIQGLRNWASGRDLQAKLQLRYQEISKRTQPPPKLPVGPSHRLSNNYYCARDGRREAMPPSIVMSSQKVLVAGKP
AESSAVAASEKKAVSPAPPIKRWELSQDEPYL
;
A7
16 'polypeptide(L)'
;MELLQVLKRGLQQVSGHGGLRGYLRVLFRANDVRVGTLVGEDKYGNKYYEDNKQFFGRHRWVIYTTEMNGKNTFWDVDGS
MVPPEWHRWLHCMTDDPPTVKPPTARKFIWTNHKFNLSGTPQQYVPYSTTRKKIQEWVPPSTPYK
;
AL
17 'polypeptide(L)'
;SDAPPLTLEGIKDRVLYVLKLYDKIDPEKLSVNSHFMKDLGLDSLDQVEIIMAMEDEFGFEIPDIDAEKLMCPQEIVDYI
ADKKDVYE
;
AA
18 'polypeptide(L)'
;AASKVKQDMPPVGGYGPIDYKRNLPRRGLSGYSMFAVGIGALLFGYWSMMRWNRERRRLQIEDFEARIALMPLLQAEKDR
RVLQMLRENLEEEATIMKDVPGWKVGESVFHTTRWVTPMMGELYGLRTGEEILSSTYGFIWYT
;
AM
#
# COMPACT_ATOMS: atom_id res chain seq x y z
N LYS A 10 -26.76 -6.11 -71.71
CA LYS A 10 -27.02 -6.62 -70.37
C LYS A 10 -28.05 -7.73 -70.38
N THR A 11 -27.59 -8.97 -70.31
CA THR A 11 -28.49 -10.10 -70.10
C THR A 11 -29.04 -10.01 -68.68
N SER A 12 -30.37 -10.06 -68.56
CA SER A 12 -31.03 -9.83 -67.26
C SER A 12 -30.86 -11.01 -66.32
N PHE A 13 -29.63 -11.21 -65.85
CA PHE A 13 -29.21 -12.04 -64.72
C PHE A 13 -29.29 -13.53 -65.00
N GLY A 14 -29.89 -13.92 -66.13
CA GLY A 14 -29.73 -15.20 -66.81
C GLY A 14 -29.86 -16.51 -66.07
N SER A 15 -29.41 -17.57 -66.75
CA SER A 15 -29.18 -18.90 -66.20
C SER A 15 -28.24 -19.62 -67.16
N LEU A 16 -27.40 -20.50 -66.59
CA LEU A 16 -26.31 -21.09 -67.36
C LEU A 16 -26.83 -22.10 -68.38
N LYS A 17 -26.08 -22.22 -69.47
CA LYS A 17 -26.34 -23.19 -70.52
C LYS A 17 -25.03 -23.92 -70.79
N ASP A 18 -25.13 -25.17 -71.24
CA ASP A 18 -23.96 -26.03 -71.39
C ASP A 18 -23.11 -25.55 -72.58
N GLU A 19 -21.93 -26.17 -72.72
CA GLU A 19 -20.77 -25.86 -73.56
C GLU A 19 -20.00 -24.66 -73.03
N ASP A 20 -20.48 -23.99 -71.99
CA ASP A 20 -19.80 -22.87 -71.38
C ASP A 20 -19.44 -23.14 -69.94
N ARG A 21 -19.66 -24.36 -69.46
CA ARG A 21 -19.17 -24.76 -68.15
C ARG A 21 -17.66 -24.77 -68.16
N ILE A 22 -17.06 -24.35 -67.05
CA ILE A 22 -15.61 -24.26 -66.97
C ILE A 22 -14.99 -25.65 -66.92
N PHE A 23 -15.60 -26.56 -66.17
CA PHE A 23 -15.08 -27.91 -66.12
C PHE A 23 -16.22 -28.92 -66.08
N THR A 24 -16.20 -29.84 -67.04
CA THR A 24 -17.07 -30.99 -67.06
C THR A 24 -16.44 -32.11 -66.25
N ASN A 25 -17.01 -33.32 -66.35
CA ASN A 25 -16.57 -34.52 -65.63
C ASN A 25 -16.55 -34.28 -64.11
N LEU A 26 -17.58 -33.59 -63.63
CA LEU A 26 -17.73 -33.36 -62.20
C LEU A 26 -18.33 -34.56 -61.50
N TYR A 27 -18.83 -35.53 -62.25
CA TYR A 27 -19.53 -36.67 -61.67
C TYR A 27 -18.77 -37.97 -61.87
N GLY A 28 -17.61 -37.94 -62.51
CA GLY A 28 -16.83 -39.14 -62.71
C GLY A 28 -17.31 -40.03 -63.83
N ARG A 29 -18.16 -39.52 -64.70
CA ARG A 29 -18.71 -40.36 -65.76
C ARG A 29 -17.76 -40.55 -66.92
N HIS A 30 -16.69 -39.77 -67.00
CA HIS A 30 -15.75 -39.84 -68.10
C HIS A 30 -14.43 -40.46 -67.64
N ASP A 31 -13.64 -40.90 -68.63
CA ASP A 31 -12.37 -41.59 -68.37
C ASP A 31 -11.40 -40.65 -67.66
N TRP A 32 -10.94 -41.08 -66.48
CA TRP A 32 -9.99 -40.29 -65.71
C TRP A 32 -8.61 -40.92 -65.80
N ARG A 33 -7.69 -40.19 -66.42
CA ARG A 33 -6.31 -40.54 -66.73
C ARG A 33 -5.76 -39.28 -67.36
N LEU A 34 -4.44 -39.24 -67.62
CA LEU A 34 -3.91 -38.18 -68.45
C LEU A 34 -4.48 -38.26 -69.87
N LYS A 35 -4.73 -39.48 -70.35
CA LYS A 35 -5.40 -39.69 -71.63
C LYS A 35 -6.80 -39.10 -71.61
N GLY A 36 -7.53 -39.33 -70.51
CA GLY A 36 -8.88 -38.80 -70.41
C GLY A 36 -8.90 -37.29 -70.28
N ALA A 37 -7.93 -36.71 -69.57
CA ALA A 37 -7.86 -35.26 -69.46
C ALA A 37 -7.47 -34.62 -70.78
N GLN A 38 -6.63 -35.30 -71.56
CA GLN A 38 -6.28 -34.79 -72.87
C GLN A 38 -7.45 -34.93 -73.86
N SER A 39 -8.29 -35.95 -73.67
CA SER A 39 -9.50 -36.06 -74.48
C SER A 39 -10.51 -34.99 -74.09
N ARG A 40 -10.63 -34.69 -72.80
CA ARG A 40 -11.53 -33.64 -72.35
C ARG A 40 -11.04 -32.25 -72.72
N GLY A 41 -9.74 -32.07 -72.92
CA GLY A 41 -9.27 -30.78 -73.39
C GLY A 41 -8.33 -30.05 -72.46
N ASP A 42 -7.53 -30.79 -71.70
CA ASP A 42 -6.54 -30.20 -70.81
C ASP A 42 -5.15 -30.41 -71.41
N TRP A 43 -4.21 -29.55 -70.97
CA TRP A 43 -2.82 -29.49 -71.46
C TRP A 43 -2.79 -29.23 -72.97
N TYR A 44 -3.60 -28.27 -73.40
CA TYR A 44 -3.70 -27.90 -74.79
C TYR A 44 -3.10 -26.51 -74.98
N LYS A 45 -2.03 -26.44 -75.78
CA LYS A 45 -1.30 -25.21 -76.12
C LYS A 45 -0.77 -24.50 -74.87
N THR A 46 -0.38 -25.26 -73.86
CA THR A 46 0.06 -24.70 -72.59
C THR A 46 1.48 -24.14 -72.64
N LYS A 47 2.31 -24.60 -73.58
CA LYS A 47 3.65 -24.05 -73.71
C LYS A 47 3.60 -22.61 -74.18
N GLU A 48 2.61 -22.26 -74.99
CA GLU A 48 2.44 -20.87 -75.38
C GLU A 48 1.81 -20.04 -74.28
N ILE A 49 1.18 -20.66 -73.29
CA ILE A 49 0.77 -19.94 -72.10
C ILE A 49 1.96 -19.67 -71.20
N LEU A 50 2.87 -20.65 -71.08
CA LEU A 50 4.07 -20.46 -70.29
C LEU A 50 5.05 -19.50 -70.94
N LEU A 51 5.01 -19.40 -72.26
CA LEU A 51 5.98 -18.61 -73.02
C LEU A 51 5.40 -17.32 -73.55
N LYS A 52 4.56 -16.64 -72.76
CA LYS A 52 3.95 -15.41 -73.25
C LYS A 52 4.22 -14.28 -72.26
N GLY A 53 4.41 -14.63 -70.99
CA GLY A 53 4.85 -13.66 -70.01
C GLY A 53 3.82 -13.39 -68.93
N PRO A 54 4.29 -13.21 -67.69
CA PRO A 54 3.35 -13.05 -66.56
C PRO A 54 2.56 -11.76 -66.59
N ASP A 55 3.02 -10.75 -67.35
CA ASP A 55 2.20 -9.56 -67.58
C ASP A 55 0.89 -9.92 -68.25
N TRP A 56 0.94 -10.86 -69.22
CA TRP A 56 -0.27 -11.28 -69.93
C TRP A 56 -1.24 -12.01 -69.01
N ILE A 57 -0.72 -12.88 -68.14
CA ILE A 57 -1.60 -13.64 -67.24
C ILE A 57 -2.21 -12.72 -66.19
N LEU A 58 -1.43 -11.80 -65.63
CA LEU A 58 -1.98 -10.86 -64.65
C LEU A 58 -2.99 -9.91 -65.29
N GLY A 59 -2.74 -9.48 -66.53
CA GLY A 59 -3.72 -8.65 -67.21
C GLY A 59 -4.98 -9.41 -67.54
N GLU A 60 -4.86 -10.69 -67.91
CA GLU A 60 -6.02 -11.51 -68.21
C GLU A 60 -6.88 -11.76 -66.96
N VAL A 61 -6.23 -12.04 -65.83
CA VAL A 61 -6.97 -12.31 -64.60
C VAL A 61 -7.63 -11.04 -64.08
N LYS A 62 -6.91 -9.90 -64.12
CA LYS A 62 -7.53 -8.64 -63.72
C LYS A 62 -8.59 -8.17 -64.71
N THR A 63 -8.50 -8.58 -65.97
CA THR A 63 -9.51 -8.19 -66.95
C THR A 63 -10.78 -8.99 -66.76
N SER A 64 -10.65 -10.29 -66.51
CA SER A 64 -11.82 -11.16 -66.37
C SER A 64 -12.63 -10.87 -65.12
N GLY A 65 -12.02 -10.26 -64.11
CA GLY A 65 -12.74 -9.97 -62.88
C GLY A 65 -13.03 -11.19 -62.05
N LEU A 66 -12.05 -12.08 -61.89
CA LEU A 66 -12.21 -13.27 -61.07
C LEU A 66 -12.28 -12.85 -59.61
N ARG A 67 -13.49 -12.87 -59.06
CA ARG A 67 -13.67 -12.64 -57.64
C ARG A 67 -13.17 -13.86 -56.90
N GLY A 68 -12.42 -13.63 -55.82
CA GLY A 68 -11.77 -14.73 -55.13
C GLY A 68 -12.73 -15.56 -54.32
N ARG A 69 -12.49 -16.86 -54.31
CA ARG A 69 -13.34 -17.79 -53.59
C ARG A 69 -12.61 -18.30 -52.37
N GLY A 70 -13.35 -18.92 -51.46
CA GLY A 70 -12.82 -19.30 -50.17
C GLY A 70 -13.45 -18.59 -48.99
N GLY A 71 -14.36 -17.65 -49.22
CA GLY A 71 -15.03 -16.95 -48.17
C GLY A 71 -14.54 -15.54 -47.92
N ALA A 72 -13.29 -15.23 -48.31
CA ALA A 72 -12.78 -13.88 -48.12
C ALA A 72 -13.40 -12.91 -49.12
N GLY A 73 -13.19 -13.16 -50.40
CA GLY A 73 -13.78 -12.32 -51.43
C GLY A 73 -12.90 -11.22 -51.98
N PHE A 74 -11.60 -11.25 -51.69
CA PHE A 74 -10.68 -10.31 -52.31
C PHE A 74 -10.51 -10.69 -53.79
N PRO A 75 -10.32 -9.70 -54.67
CA PRO A 75 -10.08 -10.02 -56.08
C PRO A 75 -8.71 -10.67 -56.27
N THR A 76 -8.70 -11.74 -57.06
CA THR A 76 -7.52 -12.58 -57.18
C THR A 76 -6.41 -11.89 -57.96
N GLY A 77 -6.79 -11.10 -58.97
CA GLY A 77 -5.79 -10.44 -59.81
C GLY A 77 -4.93 -9.45 -59.06
N LEU A 78 -5.52 -8.74 -58.09
CA LEU A 78 -4.74 -7.79 -57.30
C LEU A 78 -3.76 -8.51 -56.39
N LYS A 79 -4.14 -9.67 -55.84
CA LYS A 79 -3.25 -10.43 -54.98
C LYS A 79 -2.07 -11.00 -55.77
N TRP A 80 -2.35 -11.59 -56.93
CA TRP A 80 -1.28 -12.08 -57.78
C TRP A 80 -0.42 -10.96 -58.33
N SER A 81 -0.94 -9.73 -58.42
CA SER A 81 -0.08 -8.60 -58.71
C SER A 81 0.71 -8.13 -57.49
N PHE A 82 0.21 -8.39 -56.27
CA PHE A 82 1.05 -8.15 -55.08
C PHE A 82 2.23 -9.10 -55.05
N MET A 83 2.12 -10.27 -55.67
CA MET A 83 3.25 -11.19 -55.73
C MET A 83 4.34 -10.81 -56.74
N ASN A 84 4.33 -9.61 -57.31
CA ASN A 84 5.33 -9.18 -58.29
C ASN A 84 6.44 -8.34 -57.67
N LYS A 85 6.88 -8.71 -56.47
CA LYS A 85 8.07 -8.13 -55.87
C LYS A 85 9.28 -8.37 -56.77
N PRO A 86 10.22 -7.42 -56.85
CA PRO A 86 11.50 -7.69 -57.52
C PRO A 86 12.27 -8.79 -56.81
N SER A 87 12.80 -9.72 -57.60
CA SER A 87 13.23 -11.01 -57.08
C SER A 87 14.52 -10.88 -56.28
N ASP A 88 14.49 -11.39 -55.05
CA ASP A 88 15.63 -11.42 -54.15
C ASP A 88 16.24 -12.81 -54.16
N GLY A 89 17.15 -13.07 -53.22
CA GLY A 89 17.80 -14.36 -53.10
C GLY A 89 16.97 -15.48 -52.51
N ARG A 90 15.70 -15.23 -52.22
CA ARG A 90 14.81 -16.21 -51.65
C ARG A 90 13.71 -16.57 -52.64
N PRO A 91 13.33 -17.85 -52.72
CA PRO A 91 12.32 -18.27 -53.71
C PRO A 91 10.90 -17.84 -53.40
N LYS A 92 9.94 -18.30 -54.20
CA LYS A 92 8.54 -17.93 -54.05
C LYS A 92 7.68 -19.18 -54.17
N TYR A 93 6.60 -19.24 -53.40
CA TYR A 93 5.80 -20.45 -53.28
C TYR A 93 4.35 -20.21 -53.58
N LEU A 94 3.68 -21.26 -54.05
CA LEU A 94 2.24 -21.24 -54.30
C LEU A 94 1.60 -22.33 -53.46
N VAL A 95 0.69 -21.94 -52.58
CA VAL A 95 0.03 -22.87 -51.66
C VAL A 95 -1.42 -23.01 -52.10
N VAL A 96 -1.77 -24.19 -52.57
CA VAL A 96 -3.13 -24.49 -53.01
C VAL A 96 -3.89 -25.09 -51.83
N ASN A 97 -4.95 -24.40 -51.41
CA ASN A 97 -5.65 -24.72 -50.18
C ASN A 97 -6.86 -25.60 -50.50
N ALA A 98 -6.79 -26.89 -50.16
CA ALA A 98 -7.88 -27.79 -50.51
C ALA A 98 -8.60 -28.33 -49.29
N ASP A 99 -8.82 -27.50 -48.28
CA ASP A 99 -9.59 -27.95 -47.13
C ASP A 99 -11.08 -27.69 -47.33
N GLU A 100 -11.88 -28.49 -46.65
CA GLU A 100 -13.32 -28.27 -46.55
C GLU A 100 -13.73 -28.29 -45.09
N GLY A 101 -13.78 -27.12 -44.49
CA GLY A 101 -14.59 -26.93 -43.31
C GLY A 101 -15.85 -26.25 -43.79
N GLU A 102 -16.41 -25.34 -42.98
CA GLU A 102 -17.67 -24.63 -43.24
C GLU A 102 -18.77 -25.64 -43.57
N PRO A 103 -19.30 -26.37 -42.58
CA PRO A 103 -20.15 -27.54 -42.86
C PRO A 103 -21.36 -27.29 -43.73
N GLY A 104 -21.33 -27.88 -44.91
CA GLY A 104 -22.23 -27.52 -45.99
C GLY A 104 -21.45 -27.41 -47.29
N THR A 105 -20.13 -27.60 -47.21
CA THR A 105 -19.26 -27.12 -48.29
C THR A 105 -19.26 -28.07 -49.50
N CYS A 106 -18.64 -29.25 -49.34
CA CYS A 106 -18.50 -30.27 -50.42
C CYS A 106 -17.96 -29.71 -51.73
N LYS A 107 -17.16 -28.65 -51.67
CA LYS A 107 -16.93 -27.85 -52.87
C LYS A 107 -15.85 -28.45 -53.75
N ASP A 108 -14.63 -28.51 -53.25
CA ASP A 108 -13.49 -28.94 -54.05
C ASP A 108 -13.01 -30.33 -53.68
N ARG A 109 -13.71 -31.02 -52.76
CA ARG A 109 -13.58 -32.46 -52.65
C ARG A 109 -13.92 -33.13 -53.98
N GLU A 110 -14.95 -32.63 -54.65
CA GLU A 110 -15.42 -33.22 -55.90
C GLU A 110 -14.40 -32.99 -57.02
N ILE A 111 -13.84 -31.77 -57.08
CA ILE A 111 -12.80 -31.47 -58.06
C ILE A 111 -11.55 -32.29 -57.80
N ILE A 112 -11.10 -32.34 -56.54
CA ILE A 112 -9.85 -33.01 -56.24
C ILE A 112 -9.98 -34.52 -56.30
N ARG A 113 -11.21 -35.04 -56.32
CA ARG A 113 -11.37 -36.46 -56.59
C ARG A 113 -11.51 -36.76 -58.07
N HIS A 114 -12.24 -35.93 -58.82
CA HIS A 114 -12.55 -36.30 -60.20
C HIS A 114 -11.62 -35.73 -61.25
N ASP A 115 -11.11 -34.52 -61.09
CA ASP A 115 -10.25 -33.91 -62.09
C ASP A 115 -9.05 -33.22 -61.45
N PRO A 116 -8.03 -33.99 -61.04
CA PRO A 116 -6.83 -33.36 -60.49
C PRO A 116 -5.92 -32.76 -61.54
N HIS A 117 -6.05 -33.19 -62.80
CA HIS A 117 -5.20 -32.63 -63.84
C HIS A 117 -5.52 -31.18 -64.11
N LYS A 118 -6.77 -30.76 -63.88
CA LYS A 118 -7.08 -29.35 -63.99
C LYS A 118 -6.51 -28.55 -62.83
N LEU A 119 -6.35 -29.20 -61.67
CA LEU A 119 -5.63 -28.55 -60.58
C LEU A 119 -4.15 -28.39 -60.93
N VAL A 120 -3.58 -29.35 -61.65
CA VAL A 120 -2.18 -29.22 -62.02
C VAL A 120 -1.99 -28.18 -63.12
N GLU A 121 -2.95 -28.08 -64.06
CA GLU A 121 -3.08 -26.94 -64.98
C GLU A 121 -2.98 -25.63 -64.24
N GLY A 122 -3.89 -25.44 -63.28
CA GLY A 122 -3.98 -24.17 -62.60
C GLY A 122 -2.76 -23.84 -61.77
N CYS A 123 -2.17 -24.85 -61.13
CA CYS A 123 -1.00 -24.54 -60.32
C CYS A 123 0.23 -24.26 -61.17
N LEU A 124 0.36 -24.89 -62.34
CA LEU A 124 1.46 -24.53 -63.23
C LEU A 124 1.28 -23.12 -63.80
N VAL A 125 0.05 -22.75 -64.16
CA VAL A 125 -0.18 -21.41 -64.69
C VAL A 125 0.00 -20.36 -63.60
N GLY A 126 -0.42 -20.68 -62.36
CA GLY A 126 -0.20 -19.76 -61.26
C GLY A 126 1.27 -19.65 -60.86
N GLY A 127 2.02 -20.73 -60.99
CA GLY A 127 3.44 -20.67 -60.70
C GLY A 127 4.21 -19.88 -61.73
N ARG A 128 3.81 -20.00 -63.00
CA ARG A 128 4.40 -19.13 -64.01
C ARG A 128 3.96 -17.69 -63.85
N ALA A 129 2.77 -17.49 -63.28
CA ALA A 129 2.16 -16.16 -63.20
C ALA A 129 2.90 -15.21 -62.26
N MET A 130 3.73 -15.73 -61.37
CA MET A 130 4.42 -14.88 -60.42
C MET A 130 5.88 -15.26 -60.20
N GLY A 131 6.44 -16.10 -61.07
CA GLY A 131 7.80 -16.55 -60.87
C GLY A 131 7.94 -17.50 -59.70
N ALA A 132 6.87 -18.21 -59.35
CA ALA A 132 6.92 -19.15 -58.24
C ALA A 132 7.78 -20.35 -58.60
N ARG A 133 8.27 -21.03 -57.57
CA ARG A 133 9.23 -22.10 -57.77
C ARG A 133 8.68 -23.47 -57.39
N ALA A 134 7.75 -23.52 -56.43
CA ALA A 134 7.15 -24.79 -56.05
C ALA A 134 5.73 -24.54 -55.59
N ALA A 135 4.89 -25.55 -55.75
CA ALA A 135 3.49 -25.48 -55.36
C ALA A 135 3.22 -26.56 -54.31
N TYR A 136 3.00 -26.13 -53.08
CA TYR A 136 2.57 -27.00 -52.01
C TYR A 136 1.04 -27.05 -52.01
N ILE A 137 0.49 -28.24 -52.13
CA ILE A 137 -0.95 -28.45 -52.12
C ILE A 137 -1.30 -29.02 -50.76
N TYR A 138 -2.01 -28.26 -49.96
CA TYR A 138 -2.40 -28.72 -48.63
C TYR A 138 -3.77 -29.34 -48.75
N ILE A 139 -3.83 -30.65 -48.64
CA ILE A 139 -5.10 -31.36 -48.71
C ILE A 139 -5.55 -31.65 -47.28
N ARG A 140 -6.86 -31.78 -47.10
CA ARG A 140 -7.42 -32.15 -45.80
C ARG A 140 -6.98 -33.56 -45.43
N GLY A 141 -6.71 -33.77 -44.14
CA GLY A 141 -6.29 -35.09 -43.68
C GLY A 141 -7.36 -36.15 -43.80
N GLU A 142 -8.62 -35.76 -43.79
CA GLU A 142 -9.75 -36.66 -43.86
C GLU A 142 -10.06 -37.14 -45.29
N PHE A 143 -9.20 -36.84 -46.26
CA PHE A 143 -9.46 -37.12 -47.67
C PHE A 143 -8.40 -38.05 -48.22
N TYR A 144 -8.14 -39.17 -47.54
CA TYR A 144 -6.97 -39.98 -47.85
C TYR A 144 -7.04 -40.64 -49.22
N ASN A 145 -8.22 -41.11 -49.62
CA ASN A 145 -8.38 -41.73 -50.94
C ASN A 145 -8.16 -40.72 -52.05
N GLU A 146 -8.66 -39.51 -51.85
CA GLU A 146 -8.49 -38.47 -52.86
C GLU A 146 -7.07 -37.94 -52.87
N ALA A 147 -6.37 -38.02 -51.74
CA ALA A 147 -4.95 -37.67 -51.73
C ALA A 147 -4.13 -38.69 -52.49
N SER A 148 -4.51 -39.97 -52.40
CA SER A 148 -3.83 -40.97 -53.22
C SER A 148 -4.13 -40.78 -54.70
N ASN A 149 -5.37 -40.37 -55.02
CA ASN A 149 -5.70 -40.05 -56.41
C ASN A 149 -4.91 -38.87 -56.94
N LEU A 150 -4.74 -37.84 -56.11
CA LEU A 150 -3.92 -36.70 -56.50
C LEU A 150 -2.45 -37.08 -56.66
N GLN A 151 -1.96 -38.01 -55.83
CA GLN A 151 -0.61 -38.53 -56.02
C GLN A 151 -0.46 -39.28 -57.33
N VAL A 152 -1.48 -40.05 -57.71
CA VAL A 152 -1.44 -40.76 -59.00
C VAL A 152 -1.43 -39.76 -60.15
N ALA A 153 -2.19 -38.67 -60.02
CA ALA A 153 -2.22 -37.65 -61.07
C ALA A 153 -0.88 -36.93 -61.19
N ILE A 154 -0.25 -36.60 -60.05
CA ILE A 154 1.05 -35.93 -60.08
C ILE A 154 2.12 -36.88 -60.60
N ARG A 155 2.01 -38.18 -60.28
CA ARG A 155 2.93 -39.18 -60.80
C ARG A 155 2.85 -39.28 -62.32
N GLU A 156 1.63 -39.29 -62.86
CA GLU A 156 1.49 -39.39 -64.30
C GLU A 156 1.87 -38.10 -65.00
N ALA A 157 1.68 -36.96 -64.32
CA ALA A 157 2.13 -35.68 -64.85
C ALA A 157 3.65 -35.64 -64.98
N TYR A 158 4.35 -36.10 -63.93
CA TYR A 158 5.82 -36.17 -64.01
C TYR A 158 6.28 -37.25 -65.00
N GLU A 159 5.53 -38.35 -65.11
CA GLU A 159 5.98 -39.48 -65.91
C GLU A 159 5.80 -39.20 -67.40
N ALA A 160 4.85 -38.36 -67.77
CA ALA A 160 4.73 -37.96 -69.17
C ALA A 160 5.65 -36.82 -69.54
N GLY A 161 6.54 -36.40 -68.63
CA GLY A 161 7.41 -35.27 -68.90
C GLY A 161 6.69 -33.94 -68.99
N LEU A 162 5.52 -33.84 -68.37
CA LEU A 162 4.67 -32.68 -68.58
C LEU A 162 5.10 -31.51 -67.70
N ILE A 163 5.26 -31.74 -66.40
CA ILE A 163 5.85 -30.74 -65.52
C ILE A 163 7.08 -31.35 -64.87
N GLY A 164 7.75 -30.59 -64.00
CA GLY A 164 9.04 -31.02 -63.49
C GLY A 164 10.14 -30.19 -64.10
N LYS A 165 11.30 -30.82 -64.37
CA LYS A 165 12.33 -30.16 -65.17
C LYS A 165 11.83 -30.01 -66.60
N ASN A 166 11.99 -28.80 -67.16
CA ASN A 166 11.50 -28.42 -68.49
C ASN A 166 9.99 -28.68 -68.59
N ALA A 167 9.25 -27.91 -67.78
CA ALA A 167 7.79 -28.01 -67.71
C ALA A 167 7.15 -27.66 -69.04
N CYS A 168 6.54 -28.66 -69.68
CA CYS A 168 5.88 -28.56 -70.98
C CYS A 168 6.85 -28.09 -72.06
N GLY A 169 8.11 -28.52 -71.99
CA GLY A 169 9.10 -28.15 -72.97
C GLY A 169 9.69 -26.76 -72.81
N SER A 170 9.39 -26.07 -71.73
CA SER A 170 9.96 -24.75 -71.50
C SER A 170 11.33 -24.88 -70.86
N GLY A 171 11.90 -23.76 -70.46
CA GLY A 171 13.14 -23.76 -69.70
C GLY A 171 12.86 -23.35 -68.27
N TYR A 172 11.78 -23.86 -67.72
CA TYR A 172 11.24 -23.37 -66.44
C TYR A 172 10.89 -24.57 -65.57
N ASP A 173 11.79 -24.94 -64.65
CA ASP A 173 11.51 -26.01 -63.71
C ASP A 173 10.43 -25.60 -62.71
N PHE A 174 9.68 -26.60 -62.25
CA PHE A 174 8.53 -26.36 -61.38
C PHE A 174 8.09 -27.68 -60.77
N ASP A 175 7.84 -27.72 -59.48
CA ASP A 175 7.45 -28.96 -58.82
C ASP A 175 6.25 -28.76 -57.92
N VAL A 176 5.52 -29.86 -57.70
CA VAL A 176 4.32 -29.86 -56.89
C VAL A 176 4.46 -30.92 -55.79
N PHE A 177 4.18 -30.51 -54.56
CA PHE A 177 4.28 -31.37 -53.40
C PHE A 177 2.90 -31.42 -52.74
N VAL A 178 2.57 -32.55 -52.14
CA VAL A 178 1.29 -32.71 -51.46
C VAL A 178 1.56 -32.87 -49.98
N VAL A 179 0.99 -31.97 -49.17
CA VAL A 179 1.03 -32.09 -47.73
C VAL A 179 -0.37 -32.47 -47.27
N ARG A 180 -0.49 -33.66 -46.71
CA ARG A 180 -1.70 -34.02 -46.01
C ARG A 180 -1.77 -33.26 -44.70
N GLY A 181 -2.97 -32.83 -44.35
CA GLY A 181 -3.22 -32.26 -43.05
C GLY A 181 -3.40 -33.32 -42.00
N ALA A 182 -3.72 -32.87 -40.80
CA ALA A 182 -3.86 -33.77 -39.66
C ALA A 182 -5.24 -33.64 -39.02
N GLY A 183 -6.11 -32.82 -39.60
CA GLY A 183 -7.48 -32.73 -39.13
C GLY A 183 -7.66 -31.51 -38.25
N ALA A 184 -8.18 -30.44 -38.84
CA ALA A 184 -8.46 -29.19 -38.15
C ALA A 184 -9.38 -28.39 -39.05
N TYR A 185 -9.77 -27.23 -38.57
CA TYR A 185 -10.54 -26.31 -39.41
C TYR A 185 -9.80 -25.03 -39.69
N ILE A 186 -9.05 -24.49 -38.72
CA ILE A 186 -8.29 -23.28 -38.98
C ILE A 186 -7.01 -23.53 -39.76
N CYS A 187 -6.64 -24.77 -40.00
CA CYS A 187 -5.61 -25.02 -41.00
C CYS A 187 -6.10 -24.70 -42.40
N GLY A 188 -7.42 -24.59 -42.59
CA GLY A 188 -7.98 -24.05 -43.80
C GLY A 188 -7.89 -22.56 -43.96
N GLU A 189 -7.26 -21.83 -43.05
CA GLU A 189 -7.24 -20.38 -43.15
C GLU A 189 -6.14 -19.92 -44.09
N GLU A 190 -5.83 -18.62 -44.03
CA GLU A 190 -4.85 -18.06 -44.95
C GLU A 190 -3.43 -18.16 -44.39
N THR A 191 -3.28 -18.17 -43.07
CA THR A 191 -1.94 -18.04 -42.52
C THR A 191 -1.62 -19.14 -41.51
N ALA A 192 -2.65 -19.64 -40.83
CA ALA A 192 -2.46 -20.84 -40.04
C ALA A 192 -2.19 -22.05 -40.92
N LEU A 193 -2.67 -22.00 -42.16
CA LEU A 193 -2.20 -22.88 -43.22
C LEU A 193 -0.69 -22.83 -43.36
N ILE A 194 -0.13 -21.61 -43.39
CA ILE A 194 1.29 -21.43 -43.59
C ILE A 194 2.07 -21.94 -42.40
N GLU A 195 1.54 -21.77 -41.19
CA GLU A 195 2.22 -22.38 -40.06
C GLU A 195 1.99 -23.89 -39.97
N SER A 196 0.92 -24.41 -40.57
CA SER A 196 0.74 -25.85 -40.59
C SER A 196 1.68 -26.52 -41.58
N ILE A 197 2.10 -25.80 -42.62
CA ILE A 197 3.14 -26.34 -43.50
C ILE A 197 4.47 -26.43 -42.77
N GLU A 198 4.77 -25.43 -41.95
CA GLU A 198 6.10 -25.29 -41.33
C GLU A 198 6.39 -26.33 -40.25
N GLY A 199 5.45 -27.18 -39.89
CA GLY A 199 5.69 -28.13 -38.83
C GLY A 199 5.51 -27.58 -37.44
N LYS A 200 4.88 -26.42 -37.30
CA LYS A 200 4.47 -25.93 -36.01
C LYS A 200 3.09 -26.50 -35.69
N GLN A 201 2.51 -26.09 -34.58
CA GLN A 201 1.10 -26.29 -34.38
C GLN A 201 0.34 -25.27 -35.22
N GLY A 202 -0.87 -25.64 -35.63
CA GLY A 202 -1.57 -24.81 -36.57
C GLY A 202 -2.30 -23.65 -35.91
N LYS A 203 -1.70 -22.47 -35.93
CA LYS A 203 -2.28 -21.26 -35.38
C LYS A 203 -1.95 -20.11 -36.33
N PRO A 204 -2.83 -19.11 -36.42
CA PRO A 204 -2.59 -18.04 -37.38
C PRO A 204 -1.52 -17.08 -36.93
N ARG A 205 -1.11 -16.22 -37.86
CA ARG A 205 -0.17 -15.14 -37.63
C ARG A 205 -0.92 -13.81 -37.71
N LEU A 206 -0.22 -12.74 -37.36
CA LEU A 206 -0.81 -11.43 -37.52
C LEU A 206 -0.68 -10.96 -38.96
N LYS A 207 -1.63 -10.14 -39.38
CA LYS A 207 -1.72 -9.55 -40.70
C LYS A 207 -0.69 -8.51 -41.19
N PRO A 208 -0.03 -7.67 -40.37
CA PRO A 208 0.87 -6.64 -40.94
C PRO A 208 2.08 -7.22 -41.67
N PRO A 209 2.57 -8.43 -41.33
CA PRO A 209 3.24 -9.20 -42.38
C PRO A 209 2.24 -9.98 -43.23
N PHE A 210 2.04 -9.54 -44.46
CA PHE A 210 1.21 -10.27 -45.39
C PHE A 210 2.03 -11.41 -46.01
N PRO A 211 1.37 -12.43 -46.57
CA PRO A 211 2.13 -13.53 -47.20
C PRO A 211 2.93 -13.13 -48.42
N ALA A 212 2.65 -11.96 -49.02
CA ALA A 212 3.48 -11.46 -50.09
C ALA A 212 4.81 -10.90 -49.61
N ASP A 213 5.06 -10.84 -48.30
CA ASP A 213 6.36 -10.44 -47.76
C ASP A 213 6.99 -11.53 -46.93
N VAL A 214 6.24 -12.17 -46.04
CA VAL A 214 6.73 -13.25 -45.21
C VAL A 214 5.70 -14.38 -45.27
N GLY A 215 6.14 -15.55 -45.71
CA GLY A 215 5.22 -16.66 -45.89
C GLY A 215 5.77 -17.98 -45.44
N VAL A 216 5.81 -18.95 -46.36
CA VAL A 216 6.19 -20.33 -46.05
C VAL A 216 7.67 -20.35 -45.71
N PHE A 217 7.96 -20.43 -44.41
CA PHE A 217 9.24 -20.31 -43.73
C PHE A 217 9.86 -18.91 -43.86
N GLY A 218 9.20 -17.96 -44.51
CA GLY A 218 9.72 -16.62 -44.72
C GLY A 218 9.79 -16.17 -46.16
N CYS A 219 9.68 -17.07 -47.12
CA CYS A 219 9.65 -16.69 -48.53
C CYS A 219 8.28 -16.11 -48.89
N PRO A 220 8.24 -15.13 -49.77
CA PRO A 220 6.93 -14.59 -50.21
C PRO A 220 6.14 -15.61 -51.01
N THR A 221 5.03 -16.04 -50.45
CA THR A 221 4.18 -17.05 -51.03
C THR A 221 2.80 -16.46 -51.27
N THR A 222 1.93 -17.23 -51.93
CA THR A 222 0.53 -16.83 -51.92
C THR A 222 -0.37 -18.06 -51.85
N VAL A 223 -1.52 -17.85 -51.22
CA VAL A 223 -2.49 -18.91 -50.94
C VAL A 223 -3.65 -18.75 -51.90
N ALA A 224 -4.10 -19.85 -52.50
CA ALA A 224 -5.20 -19.77 -53.43
C ALA A 224 -6.14 -20.95 -53.28
N ASN A 225 -7.44 -20.67 -53.41
CA ASN A 225 -8.47 -21.69 -53.32
C ASN A 225 -8.49 -22.53 -54.59
N VAL A 226 -9.03 -23.75 -54.46
CA VAL A 226 -9.00 -24.72 -55.56
C VAL A 226 -9.96 -24.31 -56.68
N GLU A 227 -11.05 -23.61 -56.37
CA GLU A 227 -11.90 -23.09 -57.44
C GLU A 227 -11.18 -22.01 -58.26
N THR A 228 -10.47 -21.10 -57.60
CA THR A 228 -9.74 -20.06 -58.33
C THR A 228 -8.60 -20.64 -59.14
N VAL A 229 -7.89 -21.61 -58.58
CA VAL A 229 -6.82 -22.29 -59.30
C VAL A 229 -7.37 -23.09 -60.47
N ALA A 230 -8.48 -23.79 -60.27
CA ALA A 230 -9.04 -24.62 -61.33
C ALA A 230 -9.67 -23.80 -62.43
N VAL A 231 -10.18 -22.61 -62.12
CA VAL A 231 -10.69 -21.78 -63.20
C VAL A 231 -9.55 -21.04 -63.89
N SER A 232 -8.42 -20.85 -63.22
CA SER A 232 -7.32 -20.05 -63.77
C SER A 232 -6.70 -20.52 -65.10
N PRO A 233 -6.67 -21.83 -65.51
CA PRO A 233 -6.16 -22.10 -66.87
C PRO A 233 -7.14 -21.75 -67.97
N THR A 234 -8.44 -21.93 -67.73
CA THR A 234 -9.41 -21.67 -68.78
C THR A 234 -9.60 -20.20 -69.03
N ILE A 235 -9.27 -19.35 -68.06
CA ILE A 235 -9.28 -17.91 -68.30
C ILE A 235 -8.21 -17.54 -69.32
N CYS A 236 -7.04 -18.18 -69.23
CA CYS A 236 -5.96 -17.88 -70.16
C CYS A 236 -6.17 -18.55 -71.50
N ARG A 237 -6.55 -19.83 -71.51
CA ARG A 237 -6.68 -20.55 -72.77
C ARG A 237 -7.97 -20.22 -73.51
N ARG A 238 -8.96 -19.68 -72.81
CA ARG A 238 -10.17 -19.22 -73.46
C ARG A 238 -10.11 -17.69 -73.55
N GLY A 239 -11.23 -17.07 -73.94
CA GLY A 239 -11.19 -15.68 -74.38
C GLY A 239 -10.93 -14.70 -73.25
N GLY A 240 -10.38 -13.55 -73.64
CA GLY A 240 -10.15 -12.48 -72.69
C GLY A 240 -11.45 -11.86 -72.26
N ALA A 241 -11.73 -11.86 -70.96
CA ALA A 241 -12.95 -11.36 -70.31
C ALA A 241 -14.22 -12.03 -70.83
N TRP A 242 -14.10 -13.23 -71.40
CA TRP A 242 -15.27 -14.05 -71.68
C TRP A 242 -15.89 -14.58 -70.40
N PHE A 243 -15.07 -14.73 -69.35
CA PHE A 243 -15.55 -15.18 -68.06
C PHE A 243 -16.48 -14.17 -67.40
N ALA A 244 -16.33 -12.88 -67.75
CA ALA A 244 -17.19 -11.84 -67.23
C ALA A 244 -18.43 -11.61 -68.10
N SER A 245 -18.76 -12.56 -68.97
CA SER A 245 -20.02 -12.55 -69.71
C SER A 245 -21.12 -13.31 -68.97
N PHE A 246 -20.91 -13.62 -67.69
CA PHE A 246 -21.81 -14.43 -66.89
C PHE A 246 -22.21 -13.62 -65.66
N GLY A 247 -23.35 -12.95 -65.74
CA GLY A 247 -23.91 -12.32 -64.56
C GLY A 247 -23.79 -10.81 -64.53
N ARG A 248 -23.35 -10.26 -63.40
CA ARG A 248 -23.15 -8.84 -63.26
C ARG A 248 -21.73 -8.48 -63.70
N GLU A 249 -21.29 -7.27 -63.37
CA GLU A 249 -20.00 -6.79 -63.84
C GLU A 249 -18.90 -6.99 -62.81
N ARG A 250 -19.13 -6.60 -61.56
CA ARG A 250 -18.09 -6.71 -60.55
C ARG A 250 -17.92 -8.16 -60.09
N ASN A 251 -18.96 -8.72 -59.51
CA ASN A 251 -18.98 -10.14 -59.15
C ASN A 251 -19.57 -10.94 -60.29
N SER A 252 -18.75 -11.72 -60.97
CA SER A 252 -19.16 -12.33 -62.23
C SER A 252 -18.56 -13.71 -62.34
N GLY A 253 -19.04 -14.45 -63.33
CA GLY A 253 -18.51 -15.74 -63.68
C GLY A 253 -19.43 -16.87 -63.27
N THR A 254 -18.84 -18.06 -63.18
CA THR A 254 -19.53 -19.26 -62.75
C THR A 254 -19.08 -19.64 -61.35
N LYS A 255 -20.01 -20.22 -60.60
CA LYS A 255 -19.70 -20.70 -59.26
C LYS A 255 -20.41 -22.03 -59.06
N LEU A 256 -19.77 -22.91 -58.29
CA LEU A 256 -20.48 -24.06 -57.75
C LEU A 256 -21.52 -23.58 -56.75
N PHE A 257 -22.65 -24.26 -56.73
CA PHE A 257 -23.64 -24.09 -55.68
C PHE A 257 -23.95 -25.46 -55.10
N ASN A 258 -23.84 -25.56 -53.77
CA ASN A 258 -23.96 -26.84 -53.10
C ASN A 258 -25.23 -26.78 -52.27
N ILE A 259 -26.26 -27.50 -52.70
CA ILE A 259 -27.55 -27.46 -52.04
C ILE A 259 -27.74 -28.73 -51.24
N SER A 260 -27.46 -28.65 -49.94
CA SER A 260 -27.68 -29.75 -49.04
C SER A 260 -28.87 -29.46 -48.13
N GLY A 261 -29.07 -30.34 -47.15
CA GLY A 261 -30.09 -30.12 -46.15
C GLY A 261 -31.46 -30.67 -46.51
N HIS A 262 -32.51 -29.89 -46.27
CA HIS A 262 -33.88 -30.35 -46.48
C HIS A 262 -34.39 -29.97 -47.87
N VAL A 263 -33.69 -30.47 -48.88
CA VAL A 263 -34.14 -30.38 -50.25
C VAL A 263 -34.26 -31.79 -50.80
N ASN A 264 -35.10 -31.94 -51.82
CA ASN A 264 -35.23 -33.23 -52.49
C ASN A 264 -34.02 -33.44 -53.39
N ASN A 265 -33.32 -34.56 -53.16
CA ASN A 265 -32.10 -34.98 -53.86
C ASN A 265 -31.01 -33.92 -53.75
N PRO A 266 -30.38 -33.77 -52.58
CA PRO A 266 -29.37 -32.71 -52.40
C PRO A 266 -28.12 -33.00 -53.21
N CYS A 267 -27.53 -31.95 -53.78
CA CYS A 267 -26.48 -32.17 -54.77
C CYS A 267 -25.59 -30.94 -54.85
N THR A 268 -24.71 -30.93 -55.85
CA THR A 268 -23.89 -29.78 -56.21
C THR A 268 -24.03 -29.54 -57.70
N VAL A 269 -24.07 -28.26 -58.09
CA VAL A 269 -24.18 -27.87 -59.50
C VAL A 269 -23.17 -26.77 -59.79
N GLU A 270 -22.93 -26.55 -61.07
CA GLU A 270 -22.30 -25.31 -61.53
C GLU A 270 -23.38 -24.41 -62.10
N GLU A 271 -23.38 -23.13 -61.72
CA GLU A 271 -24.28 -22.19 -62.35
C GLU A 271 -23.58 -20.84 -62.52
N GLU A 272 -24.33 -19.88 -63.05
CA GLU A 272 -23.89 -18.50 -63.07
C GLU A 272 -23.78 -17.97 -61.65
N MET A 273 -22.95 -16.94 -61.47
CA MET A 273 -22.89 -16.27 -60.18
C MET A 273 -24.21 -15.58 -59.87
N SER A 274 -24.63 -14.70 -60.77
CA SER A 274 -25.96 -14.11 -60.69
C SER A 274 -27.02 -15.16 -61.06
N VAL A 275 -27.82 -15.55 -60.07
CA VAL A 275 -28.94 -16.47 -60.28
C VAL A 275 -29.97 -16.27 -59.16
N PRO A 276 -31.26 -16.28 -59.46
CA PRO A 276 -32.25 -16.19 -58.40
C PRO A 276 -32.28 -17.44 -57.53
N LEU A 277 -32.55 -17.24 -56.24
CA LEU A 277 -32.38 -18.29 -55.25
C LEU A 277 -33.47 -19.36 -55.39
N LYS A 278 -34.69 -18.93 -55.71
CA LYS A 278 -35.79 -19.88 -55.85
C LYS A 278 -35.58 -20.78 -57.06
N GLU A 279 -35.05 -20.23 -58.14
CA GLU A 279 -34.75 -21.04 -59.32
C GLU A 279 -33.57 -21.97 -59.04
N LEU A 280 -32.59 -21.49 -58.28
CA LEU A 280 -31.47 -22.33 -57.85
C LEU A 280 -31.95 -23.53 -57.04
N ILE A 281 -32.85 -23.29 -56.09
CA ILE A 281 -33.28 -24.37 -55.20
C ILE A 281 -34.20 -25.35 -55.92
N GLU A 282 -35.19 -24.83 -56.65
CA GLU A 282 -36.17 -25.72 -57.25
C GLU A 282 -35.67 -26.39 -58.52
N LYS A 283 -35.15 -25.61 -59.47
CA LYS A 283 -35.02 -26.11 -60.82
C LYS A 283 -33.74 -26.90 -61.08
N HIS A 284 -32.96 -27.22 -60.05
CA HIS A 284 -31.79 -28.06 -60.25
C HIS A 284 -31.67 -29.15 -59.21
N ALA A 285 -32.21 -28.93 -58.01
CA ALA A 285 -32.15 -29.94 -56.95
C ALA A 285 -33.55 -30.12 -56.38
N GLY A 286 -34.37 -30.93 -57.06
CA GLY A 286 -35.68 -31.36 -56.61
C GLY A 286 -36.65 -30.28 -56.19
N GLY A 287 -36.92 -30.22 -54.89
CA GLY A 287 -37.75 -29.19 -54.30
C GLY A 287 -37.64 -29.25 -52.80
N VAL A 288 -38.16 -28.22 -52.14
CA VAL A 288 -38.20 -28.23 -50.69
C VAL A 288 -39.26 -29.20 -50.23
N THR A 289 -38.94 -30.02 -49.23
CA THR A 289 -39.79 -31.12 -48.79
C THR A 289 -41.10 -30.63 -48.21
N GLY A 290 -42.18 -30.83 -48.96
CA GLY A 290 -43.47 -30.28 -48.60
C GLY A 290 -43.84 -29.00 -49.31
N GLY A 291 -43.27 -28.74 -50.48
CA GLY A 291 -43.52 -27.50 -51.20
C GLY A 291 -42.55 -26.40 -50.82
N TRP A 292 -42.67 -25.29 -51.54
CA TRP A 292 -41.83 -24.13 -51.27
C TRP A 292 -42.20 -23.45 -49.96
N ASP A 293 -43.47 -23.50 -49.58
CA ASP A 293 -43.93 -22.80 -48.38
C ASP A 293 -43.48 -23.47 -47.10
N ASN A 294 -43.00 -24.71 -47.15
CA ASN A 294 -42.64 -25.44 -45.94
C ASN A 294 -41.30 -24.98 -45.36
N LEU A 295 -40.47 -24.28 -46.12
CA LEU A 295 -39.14 -23.95 -45.64
C LEU A 295 -39.22 -22.82 -44.61
N LEU A 296 -38.36 -22.90 -43.60
CA LEU A 296 -38.27 -21.84 -42.60
C LEU A 296 -37.21 -20.82 -42.96
N ALA A 297 -35.96 -21.25 -43.09
CA ALA A 297 -34.90 -20.31 -43.41
C ALA A 297 -33.93 -20.95 -44.40
N VAL A 298 -33.09 -20.10 -45.01
CA VAL A 298 -32.07 -20.54 -45.93
C VAL A 298 -30.79 -19.82 -45.54
N ILE A 299 -29.73 -20.56 -45.22
CA ILE A 299 -28.40 -19.99 -45.04
C ILE A 299 -27.60 -20.22 -46.31
N PRO A 300 -27.20 -19.16 -47.01
CA PRO A 300 -26.16 -19.30 -48.02
C PRO A 300 -24.80 -19.33 -47.36
N GLY A 301 -23.79 -19.70 -48.15
CA GLY A 301 -22.42 -19.62 -47.67
C GLY A 301 -21.98 -20.72 -46.73
N GLY A 302 -22.78 -21.02 -45.72
CA GLY A 302 -22.41 -22.01 -44.73
C GLY A 302 -22.47 -21.48 -43.32
N SER A 303 -21.40 -21.68 -42.57
CA SER A 303 -21.42 -21.36 -41.15
C SER A 303 -20.91 -19.98 -40.82
N SER A 304 -20.42 -19.23 -41.81
CA SER A 304 -19.94 -17.87 -41.58
C SER A 304 -20.85 -16.84 -42.25
N THR A 305 -22.16 -17.09 -42.22
CA THR A 305 -23.11 -16.23 -42.86
C THR A 305 -24.40 -16.23 -42.05
N PRO A 306 -24.96 -15.06 -41.74
CA PRO A 306 -26.25 -15.02 -41.06
C PRO A 306 -27.37 -15.53 -41.95
N LEU A 307 -28.51 -15.79 -41.34
CA LEU A 307 -29.57 -16.48 -42.04
C LEU A 307 -30.43 -15.51 -42.85
N ILE A 308 -31.25 -16.08 -43.74
CA ILE A 308 -32.14 -15.32 -44.59
C ILE A 308 -33.56 -15.86 -44.36
N PRO A 309 -34.50 -15.03 -43.88
CA PRO A 309 -35.88 -15.51 -43.75
C PRO A 309 -36.57 -15.63 -45.11
N LYS A 310 -37.81 -16.14 -45.13
CA LYS A 310 -38.44 -16.51 -46.39
C LYS A 310 -38.81 -15.29 -47.23
N SER A 311 -39.31 -14.23 -46.59
CA SER A 311 -39.74 -13.03 -47.31
C SER A 311 -38.58 -12.28 -47.95
N VAL A 312 -37.36 -12.46 -47.45
CA VAL A 312 -36.20 -11.86 -48.11
C VAL A 312 -35.77 -12.72 -49.29
N CYS A 313 -35.75 -14.04 -49.12
CA CYS A 313 -35.29 -14.92 -50.18
C CYS A 313 -36.35 -15.23 -51.21
N GLU A 314 -37.52 -14.57 -51.17
CA GLU A 314 -38.40 -14.63 -52.32
C GLU A 314 -37.82 -13.88 -53.52
N THR A 315 -36.93 -12.91 -53.29
CA THR A 315 -36.44 -12.05 -54.37
C THR A 315 -34.93 -12.04 -54.57
N VAL A 316 -34.15 -12.19 -53.51
CA VAL A 316 -32.74 -11.84 -53.55
C VAL A 316 -31.95 -12.93 -54.28
N LEU A 317 -31.15 -12.51 -55.27
CA LEU A 317 -30.31 -13.37 -56.07
C LEU A 317 -29.01 -13.67 -55.34
N MET A 318 -28.19 -14.55 -55.92
CA MET A 318 -27.01 -15.10 -55.25
C MET A 318 -25.74 -14.36 -55.65
N ASP A 319 -25.64 -13.08 -55.35
CA ASP A 319 -24.41 -12.35 -55.59
C ASP A 319 -23.87 -11.78 -54.29
N PHE A 320 -22.56 -11.49 -54.32
CA PHE A 320 -21.85 -10.95 -53.17
C PHE A 320 -22.45 -9.63 -52.72
N ASP A 321 -22.60 -8.69 -53.65
CA ASP A 321 -23.09 -7.37 -53.30
C ASP A 321 -24.58 -7.38 -52.96
N ALA A 322 -25.36 -8.26 -53.59
CA ALA A 322 -26.77 -8.35 -53.26
C ALA A 322 -26.98 -8.93 -51.87
N LEU A 323 -26.19 -9.94 -51.49
CA LEU A 323 -26.33 -10.50 -50.16
C LEU A 323 -25.73 -9.57 -49.10
N ILE A 324 -24.75 -8.75 -49.46
CA ILE A 324 -24.29 -7.70 -48.55
C ILE A 324 -25.37 -6.63 -48.39
N GLN A 325 -26.13 -6.33 -49.44
CA GLN A 325 -27.30 -5.47 -49.29
C GLN A 325 -28.41 -6.13 -48.48
N ALA A 326 -28.43 -7.46 -48.40
CA ALA A 326 -29.28 -8.16 -47.45
C ALA A 326 -28.59 -8.39 -46.10
N GLN A 327 -27.42 -7.79 -45.91
CA GLN A 327 -26.64 -7.81 -44.65
C GLN A 327 -26.23 -9.22 -44.25
N THR A 328 -25.85 -10.05 -45.23
CA THR A 328 -25.29 -11.37 -44.98
C THR A 328 -24.11 -11.60 -45.91
N GLY A 329 -22.93 -11.81 -45.34
CA GLY A 329 -21.75 -12.05 -46.13
C GLY A 329 -21.72 -13.44 -46.74
N LEU A 330 -21.81 -13.52 -48.07
CA LEU A 330 -21.82 -14.80 -48.77
C LEU A 330 -20.49 -15.54 -48.60
N GLY A 331 -20.56 -16.75 -48.08
CA GLY A 331 -19.37 -17.56 -47.93
C GLY A 331 -19.12 -18.37 -49.19
N THR A 332 -19.06 -19.69 -49.06
CA THR A 332 -18.80 -20.54 -50.21
C THR A 332 -19.92 -21.55 -50.40
N ALA A 333 -20.91 -21.18 -51.22
CA ALA A 333 -21.73 -22.12 -51.97
C ALA A 333 -22.65 -23.04 -51.16
N ALA A 334 -22.62 -22.93 -49.83
CA ALA A 334 -23.34 -23.89 -49.00
C ALA A 334 -24.78 -23.43 -48.79
N VAL A 335 -25.53 -23.46 -49.88
CA VAL A 335 -26.87 -22.87 -49.85
C VAL A 335 -27.80 -23.95 -49.32
N ILE A 336 -27.94 -24.02 -48.01
CA ILE A 336 -28.73 -25.07 -47.40
C ILE A 336 -29.94 -24.44 -46.71
N VAL A 337 -30.96 -25.25 -46.51
CA VAL A 337 -32.24 -24.78 -46.02
C VAL A 337 -32.50 -25.43 -44.67
N MET A 338 -33.47 -24.90 -43.95
CA MET A 338 -34.00 -25.59 -42.78
C MET A 338 -35.51 -25.37 -42.73
N ASP A 339 -36.18 -26.45 -42.35
CA ASP A 339 -37.62 -26.69 -42.44
C ASP A 339 -38.35 -25.97 -41.31
N ARG A 340 -39.67 -25.78 -41.50
CA ARG A 340 -40.49 -25.13 -40.49
C ARG A 340 -40.60 -25.98 -39.23
N SER A 341 -40.56 -27.30 -39.37
CA SER A 341 -40.70 -28.23 -38.26
C SER A 341 -39.37 -28.55 -37.57
N THR A 342 -38.36 -27.70 -37.70
CA THR A 342 -37.05 -27.95 -37.09
C THR A 342 -36.69 -26.83 -36.15
N ASP A 343 -36.09 -27.20 -35.01
CA ASP A 343 -35.62 -26.23 -34.03
C ASP A 343 -34.37 -25.55 -34.56
N ILE A 344 -34.56 -24.33 -35.09
CA ILE A 344 -33.43 -23.59 -35.63
C ILE A 344 -32.50 -23.15 -34.51
N VAL A 345 -33.03 -22.99 -33.29
CA VAL A 345 -32.20 -22.68 -32.13
C VAL A 345 -31.28 -23.85 -31.82
N LYS A 346 -31.80 -25.08 -31.93
CA LYS A 346 -30.97 -26.27 -31.71
C LYS A 346 -29.91 -26.42 -32.80
N ALA A 347 -30.28 -26.14 -34.05
CA ALA A 347 -29.31 -26.25 -35.14
C ALA A 347 -28.19 -25.23 -34.99
N ILE A 348 -28.54 -23.98 -34.63
CA ILE A 348 -27.52 -22.95 -34.51
C ILE A 348 -26.69 -23.17 -33.24
N ALA A 349 -27.28 -23.72 -32.18
CA ALA A 349 -26.49 -24.05 -30.99
C ALA A 349 -25.51 -25.18 -31.26
N ARG A 350 -25.90 -26.15 -32.09
CA ARG A 350 -24.94 -27.16 -32.49
C ARG A 350 -23.85 -26.58 -33.39
N LEU A 351 -24.18 -25.57 -34.18
CA LEU A 351 -23.16 -24.89 -34.97
C LEU A 351 -22.18 -24.12 -34.09
N ILE A 352 -22.66 -23.57 -32.98
CA ILE A 352 -21.76 -22.94 -32.03
C ILE A 352 -20.89 -24.00 -31.32
N GLU A 353 -21.45 -25.19 -31.08
CA GLU A 353 -20.64 -26.27 -30.53
C GLU A 353 -19.57 -26.73 -31.52
N PHE A 354 -19.86 -26.65 -32.82
CA PHE A 354 -18.85 -26.85 -33.85
C PHE A 354 -17.72 -25.83 -33.74
N TYR A 355 -18.07 -24.56 -33.57
CA TYR A 355 -17.02 -23.55 -33.41
C TYR A 355 -16.24 -23.70 -32.12
N LYS A 356 -16.86 -24.25 -31.07
CA LYS A 356 -16.10 -24.51 -29.86
C LYS A 356 -15.13 -25.68 -30.04
N HIS A 357 -15.56 -26.71 -30.78
CA HIS A 357 -14.66 -27.84 -31.01
C HIS A 357 -13.49 -27.45 -31.90
N GLU A 358 -13.72 -26.64 -32.91
CA GLU A 358 -12.65 -26.32 -33.87
C GLU A 358 -12.37 -24.82 -33.87
N SER A 359 -11.48 -24.41 -32.97
CA SER A 359 -10.94 -23.05 -32.86
C SER A 359 -9.74 -23.10 -31.94
N CYS A 360 -8.66 -22.41 -32.32
CA CYS A 360 -7.53 -22.35 -31.42
C CYS A 360 -7.77 -21.28 -30.35
N GLY A 361 -6.78 -21.08 -29.51
CA GLY A 361 -6.96 -20.21 -28.36
C GLY A 361 -5.87 -19.16 -28.21
N GLN A 362 -5.38 -18.61 -29.32
CA GLN A 362 -4.51 -17.44 -29.21
C GLN A 362 -5.25 -16.27 -28.58
N CYS A 363 -6.32 -15.84 -29.23
CA CYS A 363 -7.00 -14.63 -28.82
C CYS A 363 -7.90 -14.94 -27.64
N THR A 364 -7.81 -14.11 -26.60
CA THR A 364 -8.83 -14.14 -25.58
C THR A 364 -10.26 -13.82 -26.06
N PRO A 365 -10.53 -12.95 -27.07
CA PRO A 365 -11.93 -12.73 -27.42
C PRO A 365 -12.66 -13.91 -28.01
N CYS A 366 -12.13 -14.63 -29.00
CA CYS A 366 -12.94 -15.70 -29.58
C CYS A 366 -13.06 -16.86 -28.62
N ARG A 367 -11.99 -17.12 -27.86
CA ARG A 367 -11.99 -18.20 -26.89
C ARG A 367 -13.05 -18.00 -25.82
N GLU A 368 -12.98 -16.86 -25.13
CA GLU A 368 -13.97 -16.59 -24.08
C GLU A 368 -15.35 -16.33 -24.65
N GLY A 369 -15.44 -15.73 -25.84
CA GLY A 369 -16.74 -15.40 -26.39
C GLY A 369 -17.48 -16.62 -26.93
N VAL A 370 -16.75 -17.54 -27.58
CA VAL A 370 -17.36 -18.78 -28.01
C VAL A 370 -17.75 -19.63 -26.80
N ASP A 371 -17.01 -19.53 -25.70
CA ASP A 371 -17.44 -20.14 -24.45
C ASP A 371 -18.79 -19.58 -23.98
N TRP A 372 -18.92 -18.25 -23.94
CA TRP A 372 -20.19 -17.67 -23.47
C TRP A 372 -21.32 -17.96 -24.44
N MET A 373 -21.06 -17.84 -25.73
CA MET A 373 -22.13 -18.04 -26.72
C MET A 373 -22.58 -19.48 -26.75
N ASN A 374 -21.69 -20.45 -26.50
CA ASN A 374 -22.15 -21.83 -26.45
C ASN A 374 -22.98 -22.09 -25.20
N LYS A 375 -22.56 -21.55 -24.04
CA LYS A 375 -23.36 -21.77 -22.84
C LYS A 375 -24.70 -21.03 -22.92
N VAL A 376 -24.74 -19.86 -23.54
CA VAL A 376 -25.97 -19.09 -23.67
C VAL A 376 -26.90 -19.73 -24.69
N MET A 377 -26.36 -20.27 -25.79
CA MET A 377 -27.22 -20.96 -26.76
C MET A 377 -27.73 -22.28 -26.22
N ALA A 378 -26.97 -22.95 -25.34
CA ALA A 378 -27.50 -24.13 -24.66
C ALA A 378 -28.66 -23.75 -23.74
N ARG A 379 -28.49 -22.66 -22.99
CA ARG A 379 -29.57 -22.19 -22.14
C ARG A 379 -30.78 -21.68 -22.93
N PHE A 380 -30.58 -21.24 -24.17
CA PHE A 380 -31.72 -20.81 -24.96
C PHE A 380 -32.42 -21.96 -25.67
N VAL A 381 -31.68 -23.03 -25.98
CA VAL A 381 -32.32 -24.29 -26.38
C VAL A 381 -33.22 -24.77 -25.25
N ARG A 382 -32.72 -24.76 -24.01
CA ARG A 382 -33.60 -25.08 -22.91
C ARG A 382 -34.53 -23.93 -22.52
N GLY A 383 -34.26 -22.71 -22.98
CA GLY A 383 -35.13 -21.57 -22.69
C GLY A 383 -35.03 -21.08 -21.26
N ASP A 384 -33.83 -21.05 -20.69
CA ASP A 384 -33.63 -20.93 -19.25
C ASP A 384 -33.20 -19.52 -18.84
N ALA A 385 -33.75 -18.49 -19.46
CA ALA A 385 -33.30 -17.13 -19.17
C ALA A 385 -34.47 -16.16 -19.31
N ARG A 386 -34.16 -14.87 -19.40
CA ARG A 386 -35.07 -13.75 -19.56
C ARG A 386 -34.51 -12.88 -20.67
N PRO A 387 -35.35 -12.07 -21.36
CA PRO A 387 -34.89 -11.41 -22.61
C PRO A 387 -33.71 -10.44 -22.48
N ALA A 388 -33.36 -10.01 -21.27
CA ALA A 388 -32.12 -9.28 -21.06
C ALA A 388 -30.91 -10.14 -21.40
N GLU A 389 -31.03 -11.46 -21.24
CA GLU A 389 -29.94 -12.36 -21.63
C GLU A 389 -29.79 -12.40 -23.15
N ILE A 390 -30.89 -12.33 -23.91
CA ILE A 390 -30.73 -12.37 -25.36
C ILE A 390 -30.20 -11.02 -25.84
N ASP A 391 -30.50 -9.93 -25.12
CA ASP A 391 -29.88 -8.67 -25.46
C ASP A 391 -28.40 -8.68 -25.13
N SER A 392 -28.01 -9.34 -24.04
CA SER A 392 -26.59 -9.45 -23.73
C SER A 392 -25.87 -10.35 -24.71
N LEU A 393 -26.58 -11.33 -25.28
CA LEU A 393 -26.04 -12.12 -26.36
C LEU A 393 -25.77 -11.25 -27.59
N TRP A 394 -26.68 -10.30 -27.86
CA TRP A 394 -26.42 -9.33 -28.92
C TRP A 394 -25.20 -8.47 -28.60
N GLU A 395 -25.02 -8.10 -27.33
CA GLU A 395 -23.87 -7.28 -26.94
C GLU A 395 -22.55 -8.01 -27.12
N ILE A 396 -22.48 -9.26 -26.68
CA ILE A 396 -21.24 -10.01 -26.84
C ILE A 396 -20.98 -10.32 -28.32
N SER A 397 -22.03 -10.56 -29.11
CA SER A 397 -21.79 -10.81 -30.53
C SER A 397 -21.40 -9.53 -31.27
N LYS A 398 -21.69 -8.36 -30.70
CA LYS A 398 -21.06 -7.15 -31.21
C LYS A 398 -19.60 -7.07 -30.78
N GLN A 399 -19.29 -7.44 -29.54
CA GLN A 399 -17.94 -7.21 -29.04
C GLN A 399 -16.90 -8.20 -29.57
N ILE A 400 -17.29 -9.40 -29.98
CA ILE A 400 -16.32 -10.35 -30.53
C ILE A 400 -15.89 -9.91 -31.91
N GLU A 401 -16.83 -9.44 -32.72
CA GLU A 401 -16.59 -9.19 -34.14
C GLU A 401 -15.68 -7.99 -34.36
N GLY A 402 -14.56 -8.23 -35.02
CA GLY A 402 -13.64 -7.17 -35.35
C GLY A 402 -12.52 -6.95 -34.35
N HIS A 403 -12.23 -7.94 -33.50
CA HIS A 403 -11.18 -7.79 -32.51
C HIS A 403 -10.34 -9.06 -32.38
N THR A 404 -10.19 -9.81 -33.46
CA THR A 404 -9.47 -11.09 -33.41
C THR A 404 -8.32 -11.09 -34.40
N ILE A 405 -7.55 -12.18 -34.41
CA ILE A 405 -6.62 -12.43 -35.50
C ILE A 405 -7.39 -12.70 -36.78
N CYS A 406 -8.22 -13.73 -36.76
CA CYS A 406 -8.70 -14.39 -37.96
C CYS A 406 -10.18 -14.12 -38.12
N ALA A 407 -10.78 -14.72 -39.14
CA ALA A 407 -12.19 -14.50 -39.41
C ALA A 407 -13.07 -15.56 -38.78
N LEU A 408 -12.52 -16.46 -37.97
CA LEU A 408 -13.38 -17.41 -37.28
C LEU A 408 -14.13 -16.75 -36.13
N GLY A 409 -13.54 -15.74 -35.49
CA GLY A 409 -14.28 -15.00 -34.49
C GLY A 409 -15.44 -14.22 -35.08
N ASP A 410 -15.18 -13.54 -36.22
CA ASP A 410 -16.26 -12.83 -36.92
C ASP A 410 -17.31 -13.82 -37.42
N GLY A 411 -16.87 -14.99 -37.90
CA GLY A 411 -17.76 -16.04 -38.31
C GLY A 411 -18.53 -16.67 -37.18
N ALA A 412 -18.04 -16.58 -35.95
CA ALA A 412 -18.81 -17.00 -34.79
C ALA A 412 -19.74 -15.91 -34.32
N ALA A 413 -19.50 -14.67 -34.73
CA ALA A 413 -20.38 -13.59 -34.35
C ALA A 413 -21.52 -13.38 -35.33
N TRP A 414 -21.37 -13.75 -36.61
CA TRP A 414 -22.43 -13.44 -37.57
C TRP A 414 -23.73 -14.24 -37.41
N PRO A 415 -23.75 -15.58 -37.30
CA PRO A 415 -25.06 -16.27 -37.28
C PRO A 415 -25.86 -16.01 -36.02
N VAL A 416 -25.19 -15.78 -34.89
CA VAL A 416 -25.87 -15.35 -33.69
C VAL A 416 -26.56 -14.00 -33.91
N GLN A 417 -25.87 -13.10 -34.61
CA GLN A 417 -26.47 -11.82 -34.99
C GLN A 417 -27.66 -12.01 -35.90
N GLY A 418 -27.56 -12.90 -36.89
CA GLY A 418 -28.67 -13.12 -37.80
C GLY A 418 -29.89 -13.73 -37.12
N LEU A 419 -29.64 -14.64 -36.18
CA LEU A 419 -30.71 -15.21 -35.37
C LEU A 419 -31.41 -14.15 -34.53
N ILE A 420 -30.64 -13.26 -33.88
CA ILE A 420 -31.26 -12.23 -33.07
C ILE A 420 -31.95 -11.18 -33.94
N ARG A 421 -31.45 -10.95 -35.16
CA ARG A 421 -32.10 -10.02 -36.07
C ARG A 421 -33.45 -10.55 -36.55
N HIS A 422 -33.53 -11.84 -36.86
CA HIS A 422 -34.70 -12.31 -37.59
C HIS A 422 -35.66 -13.18 -36.80
N PHE A 423 -35.20 -14.01 -35.88
CA PHE A 423 -36.08 -14.95 -35.19
C PHE A 423 -36.17 -14.66 -33.70
N ARG A 424 -36.29 -13.38 -33.37
CA ARG A 424 -36.57 -12.83 -32.05
C ARG A 424 -37.83 -13.41 -31.39
N PRO A 425 -39.03 -13.41 -32.01
CA PRO A 425 -40.21 -13.84 -31.25
C PRO A 425 -40.27 -15.33 -30.98
N GLU A 426 -39.57 -16.15 -31.76
CA GLU A 426 -39.55 -17.58 -31.47
C GLU A 426 -38.72 -17.86 -30.22
N LEU A 427 -37.62 -17.12 -30.03
CA LEU A 427 -36.88 -17.18 -28.77
C LEU A 427 -37.75 -16.70 -27.61
N GLU A 428 -38.54 -15.64 -27.83
CA GLU A 428 -39.45 -15.16 -26.80
C GLU A 428 -40.48 -16.23 -26.44
N GLU A 429 -41.00 -16.94 -27.44
CA GLU A 429 -41.97 -18.00 -27.22
C GLU A 429 -41.36 -19.19 -26.47
N ARG A 430 -40.11 -19.55 -26.78
CA ARG A 430 -39.44 -20.64 -26.08
C ARG A 430 -39.24 -20.32 -24.61
N MET A 431 -38.76 -19.12 -24.32
CA MET A 431 -38.54 -18.72 -22.94
C MET A 431 -39.85 -18.53 -22.19
N GLN A 432 -40.92 -18.14 -22.89
CA GLN A 432 -42.24 -18.08 -22.29
C GLN A 432 -42.78 -19.45 -21.94
N ARG A 433 -42.56 -20.44 -22.83
CA ARG A 433 -42.97 -21.82 -22.55
C ARG A 433 -42.25 -22.37 -21.33
N PHE A 434 -40.94 -22.14 -21.24
CA PHE A 434 -40.21 -22.66 -20.08
C PHE A 434 -40.60 -21.94 -18.80
N ALA A 435 -40.93 -20.65 -18.88
CA ALA A 435 -41.41 -19.95 -17.69
C ALA A 435 -42.76 -20.48 -17.23
N GLN A 436 -43.69 -20.67 -18.16
CA GLN A 436 -45.01 -21.20 -17.82
C GLN A 436 -44.96 -22.64 -17.33
N GLN A 437 -43.96 -23.41 -17.74
CA GLN A 437 -43.87 -24.77 -17.22
C GLN A 437 -43.15 -24.83 -15.88
N HIS A 438 -42.06 -24.07 -15.71
CA HIS A 438 -41.33 -24.10 -14.45
C HIS A 438 -42.10 -23.43 -13.32
N GLN A 439 -42.93 -22.44 -13.64
CA GLN A 439 -43.69 -21.73 -12.62
C GLN A 439 -44.85 -22.58 -12.10
N ALA B 5 -9.44 -33.89 -21.57
CA ALA B 5 -9.46 -35.32 -21.85
C ALA B 5 -8.07 -35.92 -21.70
N LEU B 6 -7.52 -35.79 -20.49
CA LEU B 6 -6.23 -36.35 -20.08
C LEU B 6 -5.09 -35.81 -20.97
N PHE B 7 -4.89 -34.49 -20.86
CA PHE B 7 -3.78 -33.82 -21.53
C PHE B 7 -2.53 -33.75 -20.66
N VAL B 8 -2.46 -34.58 -19.63
CA VAL B 8 -1.26 -34.84 -18.86
C VAL B 8 -0.98 -36.33 -19.00
N HIS B 9 0.30 -36.71 -19.01
CA HIS B 9 0.66 -38.05 -19.49
C HIS B 9 0.27 -39.14 -18.49
N ARG B 10 0.63 -38.96 -17.21
CA ARG B 10 0.20 -39.81 -16.09
C ARG B 10 0.58 -41.27 -16.28
N ASP B 11 1.86 -41.59 -16.06
CA ASP B 11 2.69 -42.54 -16.80
C ASP B 11 2.01 -43.74 -17.45
N THR B 12 1.14 -44.48 -16.71
CA THR B 12 0.28 -45.56 -17.24
C THR B 12 1.08 -46.63 -18.00
N PRO B 13 1.67 -47.61 -17.27
CA PRO B 13 2.86 -48.36 -17.74
C PRO B 13 2.84 -49.04 -19.11
N LYS B 14 1.71 -49.07 -19.81
CA LYS B 14 1.75 -49.41 -21.23
C LYS B 14 2.45 -48.32 -22.03
N ASN B 15 2.29 -47.06 -21.61
CA ASN B 15 3.15 -45.92 -21.89
C ASN B 15 4.35 -45.96 -20.96
N ASN B 16 4.86 -44.76 -20.55
CA ASN B 16 5.93 -44.60 -19.56
C ASN B 16 7.26 -45.09 -20.12
N PRO B 17 7.97 -44.21 -20.84
CA PRO B 17 9.18 -44.62 -21.58
C PRO B 17 10.27 -45.18 -20.68
N GLU B 18 11.00 -46.18 -21.19
CA GLU B 18 10.90 -46.66 -22.57
C GLU B 18 10.01 -47.88 -22.74
N THR B 19 8.97 -47.68 -23.54
CA THR B 19 8.11 -48.68 -24.16
C THR B 19 8.74 -49.07 -25.48
N PRO B 20 8.88 -50.36 -25.80
CA PRO B 20 9.61 -50.76 -27.00
C PRO B 20 8.90 -50.36 -28.28
N PHE B 21 9.55 -49.49 -29.05
CA PHE B 21 9.02 -48.96 -30.30
C PHE B 21 10.18 -48.74 -31.26
N ASP B 22 10.01 -49.17 -32.50
CA ASP B 22 11.08 -49.08 -33.49
C ASP B 22 10.45 -49.10 -34.88
N PHE B 23 11.21 -48.62 -35.86
CA PHE B 23 10.76 -48.58 -37.23
C PHE B 23 11.40 -49.69 -38.07
N THR B 24 10.64 -50.18 -39.04
CA THR B 24 11.19 -50.96 -40.13
C THR B 24 12.13 -50.08 -40.94
N PRO B 25 13.24 -50.61 -41.46
CA PRO B 25 14.13 -49.79 -42.32
C PRO B 25 13.46 -49.30 -43.60
N GLU B 26 12.42 -49.99 -44.07
CA GLU B 26 11.63 -49.46 -45.16
C GLU B 26 10.91 -48.18 -44.75
N ASN B 27 10.49 -48.08 -43.49
CA ASN B 27 9.94 -46.83 -43.00
C ASN B 27 11.02 -45.77 -42.85
N TYR B 28 12.27 -46.17 -42.56
CA TYR B 28 13.37 -45.21 -42.61
C TYR B 28 13.56 -44.66 -44.01
N LYS B 29 13.37 -45.49 -45.04
CA LYS B 29 13.42 -45.02 -46.42
C LYS B 29 12.28 -44.05 -46.72
N ARG B 30 11.08 -44.35 -46.19
CA ARG B 30 9.96 -43.40 -46.27
C ARG B 30 10.32 -42.05 -45.65
N ILE B 31 10.85 -42.05 -44.42
CA ILE B 31 11.18 -40.82 -43.71
C ILE B 31 12.28 -40.05 -44.43
N GLU B 32 13.21 -40.77 -45.09
CA GLU B 32 14.17 -40.11 -45.97
C GLU B 32 13.48 -39.34 -47.10
N ALA B 33 12.48 -39.97 -47.74
CA ALA B 33 11.76 -39.30 -48.83
C ALA B 33 10.97 -38.08 -48.33
N ILE B 34 10.27 -38.24 -47.20
CA ILE B 34 9.45 -37.15 -46.64
C ILE B 34 10.33 -35.97 -46.22
N VAL B 35 11.47 -36.25 -45.59
CA VAL B 35 12.37 -35.15 -45.23
C VAL B 35 12.99 -34.51 -46.47
N LYS B 36 13.25 -35.30 -47.52
CA LYS B 36 13.77 -34.71 -48.75
C LYS B 36 12.71 -33.92 -49.53
N ASN B 37 11.44 -34.03 -49.19
CA ASN B 37 10.45 -33.13 -49.80
C ASN B 37 10.67 -31.67 -49.41
N TYR B 38 11.02 -31.43 -48.20
CA TYR B 38 11.07 -30.09 -47.64
C TYR B 38 12.45 -29.47 -47.84
N PRO B 39 12.56 -28.13 -47.89
CA PRO B 39 13.87 -27.52 -48.14
C PRO B 39 14.82 -27.69 -46.95
N GLU B 40 16.10 -27.91 -47.27
CA GLU B 40 17.09 -28.19 -46.25
C GLU B 40 17.39 -26.95 -45.42
N GLY B 41 17.47 -27.14 -44.11
CA GLY B 41 17.51 -26.06 -43.16
C GLY B 41 16.21 -25.88 -42.41
N HIS B 42 15.13 -26.48 -42.89
CA HIS B 42 13.84 -26.49 -42.23
C HIS B 42 13.34 -27.92 -42.10
N LYS B 43 14.22 -28.77 -41.57
CA LYS B 43 13.92 -30.20 -41.39
C LYS B 43 12.85 -30.44 -40.35
N ALA B 44 12.57 -29.45 -39.50
CA ALA B 44 11.54 -29.53 -38.47
C ALA B 44 10.12 -29.46 -39.02
N ALA B 45 9.92 -29.36 -40.32
CA ALA B 45 8.58 -29.30 -40.87
C ALA B 45 7.98 -30.67 -41.15
N ALA B 46 8.79 -31.73 -41.12
CA ALA B 46 8.30 -33.07 -41.44
C ALA B 46 7.71 -33.79 -40.24
N VAL B 47 7.54 -33.09 -39.11
CA VAL B 47 7.05 -33.69 -37.88
C VAL B 47 5.64 -34.24 -38.08
N LEU B 48 4.81 -33.52 -38.83
CA LEU B 48 3.43 -33.97 -39.02
C LEU B 48 3.32 -35.22 -39.90
N PRO B 49 3.95 -35.32 -41.08
CA PRO B 49 3.83 -36.60 -41.81
C PRO B 49 4.61 -37.74 -41.18
N VAL B 50 5.76 -37.48 -40.54
CA VAL B 50 6.49 -38.56 -39.89
C VAL B 50 5.70 -39.09 -38.69
N LEU B 51 5.04 -38.20 -37.96
CA LEU B 51 4.25 -38.63 -36.82
C LEU B 51 2.99 -39.35 -37.29
N ASP B 52 2.46 -38.97 -38.45
CA ASP B 52 1.37 -39.73 -39.05
C ASP B 52 1.83 -41.13 -39.47
N LEU B 53 3.07 -41.23 -39.96
CA LEU B 53 3.63 -42.54 -40.31
C LEU B 53 3.77 -43.40 -39.06
N ALA B 54 4.16 -42.79 -37.94
CA ALA B 54 4.21 -43.52 -36.69
C ALA B 54 2.82 -43.96 -36.23
N GLN B 55 1.82 -43.12 -36.49
CA GLN B 55 0.44 -43.48 -36.15
C GLN B 55 -0.03 -44.68 -36.95
N ARG B 56 0.35 -44.76 -38.22
CA ARG B 56 -0.10 -45.90 -39.01
C ARG B 56 0.80 -47.11 -38.90
N GLN B 57 2.03 -46.95 -38.41
CA GLN B 57 2.85 -48.12 -38.18
C GLN B 57 2.52 -48.75 -36.84
N ASN B 58 2.09 -47.93 -35.88
CA ASN B 58 1.60 -48.40 -34.58
C ASN B 58 0.29 -47.65 -34.32
N GLY B 59 -0.83 -48.37 -34.42
CA GLY B 59 -2.19 -47.85 -34.52
C GLY B 59 -2.61 -46.70 -33.61
N TRP B 60 -2.00 -46.62 -32.44
CA TRP B 60 -2.08 -45.45 -31.58
C TRP B 60 -0.67 -45.10 -31.16
N LEU B 61 -0.45 -43.84 -30.86
CA LEU B 61 0.95 -43.50 -30.69
C LEU B 61 1.32 -43.36 -29.22
N PRO B 62 2.36 -44.04 -28.77
CA PRO B 62 2.81 -43.88 -27.38
C PRO B 62 3.73 -42.67 -27.24
N ILE B 63 4.30 -42.52 -26.05
CA ILE B 63 5.24 -41.42 -25.84
C ILE B 63 6.64 -41.78 -26.33
N SER B 64 6.96 -43.09 -26.40
CA SER B 64 8.22 -43.50 -26.99
C SER B 64 8.27 -43.19 -28.48
N ALA B 65 7.11 -43.24 -29.15
CA ALA B 65 7.07 -42.88 -30.57
C ALA B 65 7.30 -41.38 -30.77
N MET B 66 6.76 -40.55 -29.88
CA MET B 66 6.99 -39.12 -30.00
C MET B 66 8.44 -38.77 -29.70
N ASN B 67 9.05 -39.47 -28.74
CA ASN B 67 10.46 -39.28 -28.47
C ASN B 67 11.33 -39.74 -29.63
N LYS B 68 10.94 -40.83 -30.31
CA LYS B 68 11.72 -41.34 -31.42
C LYS B 68 11.61 -40.44 -32.64
N VAL B 69 10.43 -39.85 -32.87
CA VAL B 69 10.28 -38.87 -33.95
C VAL B 69 11.12 -37.64 -33.65
N ALA B 70 11.15 -37.21 -32.38
CA ALA B 70 12.00 -36.08 -32.01
C ALA B 70 13.48 -36.40 -32.16
N GLU B 71 13.89 -37.66 -31.92
CA GLU B 71 15.30 -38.01 -32.09
C GLU B 71 15.69 -38.10 -33.56
N ILE B 72 14.81 -38.61 -34.41
CA ILE B 72 15.12 -38.72 -35.84
C ILE B 72 15.15 -37.35 -36.48
N LEU B 73 14.16 -36.51 -36.19
CA LEU B 73 14.09 -35.19 -36.81
C LEU B 73 14.80 -34.10 -36.03
N GLN B 74 15.62 -34.48 -35.02
CA GLN B 74 16.48 -33.65 -34.18
C GLN B 74 15.83 -32.37 -33.65
N VAL B 75 14.54 -32.42 -33.38
CA VAL B 75 13.80 -31.29 -32.82
C VAL B 75 13.76 -31.47 -31.30
N PRO B 76 13.40 -30.46 -30.51
CA PRO B 76 13.05 -30.70 -29.12
C PRO B 76 11.79 -31.55 -29.03
N PRO B 77 11.62 -32.33 -27.96
CA PRO B 77 10.44 -33.18 -27.86
C PRO B 77 9.15 -32.42 -27.65
N MET B 78 9.21 -31.25 -26.99
CA MET B 78 8.00 -30.56 -26.57
C MET B 78 7.21 -30.01 -27.75
N ARG B 79 7.88 -29.68 -28.85
CA ARG B 79 7.18 -29.29 -30.06
C ARG B 79 6.42 -30.47 -30.67
N VAL B 80 7.00 -31.66 -30.59
CA VAL B 80 6.31 -32.86 -31.04
C VAL B 80 5.10 -33.16 -30.15
N TYR B 81 5.22 -32.90 -28.85
CA TYR B 81 4.07 -33.08 -27.96
C TYR B 81 2.97 -32.07 -28.26
N GLU B 82 3.33 -30.84 -28.61
CA GLU B 82 2.34 -29.84 -29.03
C GLU B 82 1.60 -30.27 -30.28
N VAL B 83 2.34 -30.71 -31.30
CA VAL B 83 1.72 -31.09 -32.56
C VAL B 83 0.87 -32.35 -32.39
N ALA B 84 1.27 -33.25 -31.51
CA ALA B 84 0.47 -34.46 -31.31
C ALA B 84 -0.78 -34.18 -30.49
N THR B 85 -0.70 -33.26 -29.52
CA THR B 85 -1.89 -32.94 -28.74
C THR B 85 -2.81 -31.93 -29.42
N PHE B 86 -2.36 -31.29 -30.50
CA PHE B 86 -3.20 -30.25 -31.11
C PHE B 86 -4.22 -30.85 -32.07
N TYR B 87 -3.81 -31.79 -32.90
CA TYR B 87 -4.64 -32.22 -34.02
C TYR B 87 -5.57 -33.37 -33.63
N THR B 88 -6.33 -33.86 -34.61
CA THR B 88 -7.42 -34.80 -34.34
C THR B 88 -7.20 -36.19 -34.90
N MET B 89 -6.27 -36.38 -35.85
CA MET B 89 -5.92 -37.73 -36.25
C MET B 89 -5.18 -38.46 -35.15
N TYR B 90 -4.37 -37.75 -34.36
CA TYR B 90 -3.42 -38.41 -33.48
C TYR B 90 -4.12 -38.74 -32.16
N ASN B 91 -4.90 -39.81 -32.21
CA ASN B 91 -5.57 -40.34 -31.03
C ASN B 91 -4.54 -40.94 -30.08
N ARG B 92 -4.26 -40.22 -28.99
CA ARG B 92 -3.20 -40.60 -28.07
C ARG B 92 -3.62 -41.76 -27.18
N LYS B 93 -4.90 -41.80 -26.79
CA LYS B 93 -5.44 -42.98 -26.15
C LYS B 93 -5.49 -44.14 -27.15
N PRO B 94 -5.30 -45.38 -26.69
CA PRO B 94 -5.35 -46.51 -27.62
C PRO B 94 -6.76 -46.78 -28.11
N VAL B 95 -6.86 -47.07 -29.41
CA VAL B 95 -8.13 -47.38 -30.06
C VAL B 95 -8.05 -48.77 -30.65
N GLY B 96 -9.11 -49.20 -31.32
CA GLY B 96 -9.20 -50.53 -31.87
C GLY B 96 -8.74 -50.59 -33.32
N LYS B 97 -8.89 -51.78 -33.88
CA LYS B 97 -8.59 -52.02 -35.30
C LYS B 97 -9.47 -51.18 -36.19
N TYR B 98 -10.79 -51.28 -36.05
CA TYR B 98 -11.69 -50.36 -36.72
C TYR B 98 -12.04 -49.22 -35.77
N HIS B 99 -12.49 -48.11 -36.36
CA HIS B 99 -12.63 -46.86 -35.62
C HIS B 99 -13.80 -46.09 -36.23
N ILE B 100 -14.98 -46.23 -35.61
CA ILE B 100 -16.19 -45.63 -36.16
C ILE B 100 -16.23 -44.16 -35.78
N GLN B 101 -16.36 -43.28 -36.76
CA GLN B 101 -16.62 -41.87 -36.55
C GLN B 101 -17.94 -41.53 -37.22
N VAL B 102 -18.94 -41.17 -36.43
CA VAL B 102 -20.20 -40.68 -36.96
C VAL B 102 -20.11 -39.17 -37.05
N CYS B 103 -20.18 -38.64 -38.27
CA CYS B 103 -20.09 -37.21 -38.46
C CYS B 103 -21.46 -36.56 -38.45
N THR B 104 -21.63 -35.62 -37.51
CA THR B 104 -22.85 -34.84 -37.29
C THR B 104 -22.46 -33.40 -36.99
N THR B 105 -22.70 -32.43 -37.91
CA THR B 105 -22.77 -31.09 -37.34
C THR B 105 -24.10 -30.38 -37.53
N THR B 106 -24.29 -29.66 -38.65
CA THR B 106 -25.64 -29.19 -38.95
C THR B 106 -26.39 -30.06 -39.97
N PRO B 107 -25.93 -30.26 -41.26
CA PRO B 107 -26.84 -30.87 -42.22
C PRO B 107 -26.96 -32.37 -42.01
N CYS B 108 -25.92 -32.94 -41.42
CA CYS B 108 -25.97 -34.30 -40.94
C CYS B 108 -26.99 -34.43 -39.81
N MET B 109 -26.95 -33.50 -38.86
CA MET B 109 -27.98 -33.48 -37.82
C MET B 109 -29.33 -33.08 -38.38
N LEU B 110 -29.35 -32.22 -39.39
CA LEU B 110 -30.60 -31.79 -39.99
C LEU B 110 -31.19 -32.83 -40.92
N ARG B 111 -30.49 -33.93 -41.16
CA ARG B 111 -31.06 -35.07 -41.89
C ARG B 111 -31.06 -36.32 -41.02
N ASN B 112 -31.52 -36.19 -39.77
CA ASN B 112 -31.81 -37.29 -38.84
C ASN B 112 -30.55 -38.11 -38.53
N SER B 113 -29.63 -37.44 -37.83
CA SER B 113 -28.39 -38.10 -37.42
C SER B 113 -28.56 -38.98 -36.20
N ASP B 114 -29.51 -38.64 -35.33
CA ASP B 114 -29.60 -39.32 -34.04
C ASP B 114 -30.12 -40.74 -34.19
N SER B 115 -30.86 -41.01 -35.27
CA SER B 115 -31.25 -42.37 -35.58
C SER B 115 -30.04 -43.23 -35.94
N ILE B 116 -29.07 -42.64 -36.64
CA ILE B 116 -27.83 -43.35 -36.95
C ILE B 116 -27.04 -43.62 -35.68
N LEU B 117 -27.03 -42.65 -34.76
CA LEU B 117 -26.34 -42.83 -33.48
C LEU B 117 -26.98 -43.94 -32.66
N GLU B 118 -28.31 -43.97 -32.58
CA GLU B 118 -28.97 -45.03 -31.83
C GLU B 118 -28.88 -46.37 -32.52
N ALA B 119 -28.77 -46.39 -33.86
CA ALA B 119 -28.62 -47.65 -34.57
C ALA B 119 -27.25 -48.26 -34.32
N ILE B 120 -26.19 -47.44 -34.42
CA ILE B 120 -24.85 -47.85 -33.99
C ILE B 120 -24.87 -48.29 -32.53
N GLN B 121 -25.61 -47.55 -31.70
CA GLN B 121 -25.61 -47.76 -30.26
C GLN B 121 -26.25 -49.08 -29.86
N LYS B 122 -27.38 -49.45 -30.48
CA LYS B 122 -28.00 -50.71 -30.13
C LYS B 122 -27.53 -51.87 -30.99
N LYS B 123 -26.78 -51.61 -32.06
CA LYS B 123 -26.10 -52.69 -32.76
C LYS B 123 -24.78 -53.06 -32.08
N LEU B 124 -24.19 -52.12 -31.34
CA LEU B 124 -22.89 -52.33 -30.72
C LEU B 124 -22.93 -52.39 -29.20
N GLY B 125 -23.87 -51.69 -28.56
CA GLY B 125 -24.01 -51.76 -27.11
C GLY B 125 -23.34 -50.65 -26.33
N ILE B 126 -22.10 -50.32 -26.66
CA ILE B 126 -21.34 -49.35 -25.87
C ILE B 126 -21.61 -47.93 -26.35
N LYS B 127 -21.43 -46.97 -25.45
CA LYS B 127 -21.78 -45.59 -25.73
C LYS B 127 -20.62 -44.87 -26.39
N VAL B 128 -20.78 -43.55 -26.59
CA VAL B 128 -19.76 -42.75 -27.25
C VAL B 128 -18.54 -42.60 -26.33
N GLY B 129 -17.42 -42.24 -26.95
CA GLY B 129 -16.18 -42.07 -26.19
C GLY B 129 -15.45 -43.32 -25.78
N GLU B 130 -16.14 -44.24 -25.11
CA GLU B 130 -15.53 -45.50 -24.70
C GLU B 130 -15.58 -46.50 -25.85
N THR B 131 -15.30 -47.77 -25.55
CA THR B 131 -15.21 -48.80 -26.55
C THR B 131 -15.94 -50.05 -26.07
N THR B 132 -16.09 -51.00 -26.99
CA THR B 132 -16.63 -52.32 -26.73
C THR B 132 -15.71 -53.10 -25.78
N PRO B 133 -16.23 -54.16 -25.10
CA PRO B 133 -15.33 -55.02 -24.30
C PRO B 133 -14.50 -56.02 -25.09
N ASP B 134 -13.95 -55.56 -26.21
CA ASP B 134 -12.79 -56.09 -26.93
C ASP B 134 -12.27 -54.93 -27.77
N LYS B 135 -11.47 -55.21 -28.77
CA LYS B 135 -10.94 -54.15 -29.60
C LYS B 135 -11.92 -53.81 -30.71
N LEU B 136 -11.46 -53.01 -31.67
CA LEU B 136 -11.96 -52.83 -33.03
C LEU B 136 -13.30 -52.13 -33.16
N PHE B 137 -13.91 -51.59 -32.11
CA PHE B 137 -15.13 -50.80 -32.30
C PHE B 137 -15.17 -49.57 -31.41
N THR B 138 -14.09 -48.80 -31.38
CA THR B 138 -14.12 -47.50 -30.74
C THR B 138 -15.01 -46.55 -31.53
N LEU B 139 -16.05 -46.05 -30.86
CA LEU B 139 -17.07 -45.19 -31.47
C LEU B 139 -16.91 -43.76 -30.97
N ILE B 140 -16.79 -42.81 -31.88
CA ILE B 140 -16.88 -41.40 -31.54
C ILE B 140 -17.73 -40.68 -32.58
N GLU B 141 -18.39 -39.61 -32.15
CA GLU B 141 -18.98 -38.68 -33.08
C GLU B 141 -17.97 -37.57 -33.34
N VAL B 142 -18.04 -36.98 -34.53
CA VAL B 142 -17.10 -35.98 -34.97
C VAL B 142 -17.83 -34.86 -35.68
N GLU B 143 -17.09 -33.78 -35.88
CA GLU B 143 -17.53 -32.61 -36.63
C GLU B 143 -17.29 -32.89 -38.12
N CYS B 144 -17.38 -31.86 -38.95
CA CYS B 144 -17.59 -32.02 -40.38
C CYS B 144 -16.44 -32.72 -41.10
N LEU B 145 -16.79 -33.77 -41.83
CA LEU B 145 -15.84 -34.53 -42.65
C LEU B 145 -15.86 -34.11 -44.10
N GLY B 146 -16.73 -33.20 -44.49
CA GLY B 146 -16.69 -32.61 -45.81
C GLY B 146 -17.63 -33.20 -46.83
N ALA B 147 -18.33 -34.28 -46.52
CA ALA B 147 -19.39 -34.78 -47.40
C ALA B 147 -20.75 -34.41 -46.81
N CYS B 148 -21.11 -33.14 -46.94
CA CYS B 148 -22.36 -32.62 -46.41
C CYS B 148 -23.54 -32.79 -47.34
N VAL B 149 -23.32 -33.27 -48.56
CA VAL B 149 -24.41 -33.37 -49.53
C VAL B 149 -25.05 -34.75 -49.43
N ASN B 150 -24.78 -35.44 -48.34
CA ASN B 150 -25.23 -36.80 -48.16
C ASN B 150 -25.77 -36.93 -46.75
N ALA B 151 -25.91 -38.18 -46.28
CA ALA B 151 -26.47 -38.47 -44.97
C ALA B 151 -25.49 -38.06 -43.88
N PRO B 152 -25.92 -38.09 -42.61
CA PRO B 152 -24.93 -38.16 -41.52
C PRO B 152 -24.01 -39.34 -41.71
N MET B 153 -22.71 -39.05 -41.74
CA MET B 153 -21.90 -39.97 -42.52
C MET B 153 -20.99 -40.80 -41.62
N VAL B 154 -20.50 -41.91 -42.18
CA VAL B 154 -19.76 -42.89 -41.39
C VAL B 154 -18.34 -42.96 -41.91
N GLN B 155 -17.37 -42.68 -41.05
CA GLN B 155 -15.97 -42.86 -41.37
C GLN B 155 -15.44 -44.07 -40.63
N ILE B 156 -14.95 -45.05 -41.36
CA ILE B 156 -14.13 -46.07 -40.74
C ILE B 156 -12.75 -45.76 -41.29
N ASN B 157 -11.72 -46.52 -40.89
CA ASN B 157 -10.32 -46.15 -41.13
C ASN B 157 -9.99 -45.91 -42.60
N ASP B 158 -9.77 -44.62 -42.92
CA ASP B 158 -9.49 -44.13 -44.27
C ASP B 158 -10.56 -44.53 -45.27
N ASN B 159 -11.83 -44.52 -44.84
CA ASN B 159 -12.94 -44.91 -45.70
C ASN B 159 -14.20 -44.14 -45.31
N TYR B 160 -14.87 -43.58 -46.30
CA TYR B 160 -16.15 -42.91 -46.12
C TYR B 160 -17.31 -43.84 -46.44
N TYR B 161 -18.47 -43.50 -45.90
CA TYR B 161 -19.75 -44.09 -46.24
C TYR B 161 -20.80 -43.01 -46.18
N GLU B 162 -21.53 -42.84 -47.29
CA GLU B 162 -22.47 -41.75 -47.48
C GLU B 162 -23.83 -42.33 -47.85
N ASP B 163 -24.88 -41.53 -47.61
CA ASP B 163 -26.28 -41.84 -47.95
C ASP B 163 -26.74 -43.15 -47.28
N LEU B 164 -26.80 -43.11 -45.95
CA LEU B 164 -27.12 -44.29 -45.18
C LEU B 164 -28.53 -44.21 -44.59
N THR B 165 -28.82 -45.19 -43.74
CA THR B 165 -30.10 -45.54 -43.11
C THR B 165 -29.71 -46.66 -42.13
N PRO B 166 -30.49 -46.92 -41.07
CA PRO B 166 -30.05 -47.91 -40.06
C PRO B 166 -29.89 -49.35 -40.57
N LYS B 167 -30.62 -49.76 -41.60
CA LYS B 167 -30.43 -51.10 -42.14
C LYS B 167 -29.07 -51.25 -42.81
N ASP B 168 -28.59 -50.18 -43.46
CA ASP B 168 -27.25 -50.24 -44.03
C ASP B 168 -26.18 -50.18 -42.95
N ILE B 169 -26.48 -49.51 -41.83
CA ILE B 169 -25.62 -49.56 -40.65
C ILE B 169 -25.45 -50.99 -40.17
N GLU B 170 -26.57 -51.72 -40.08
CA GLU B 170 -26.50 -53.11 -39.62
C GLU B 170 -25.75 -53.98 -40.63
N GLU B 171 -25.92 -53.71 -41.93
CA GLU B 171 -25.19 -54.46 -42.95
C GLU B 171 -23.68 -54.22 -42.84
N ILE B 172 -23.28 -52.96 -42.69
CA ILE B 172 -21.86 -52.61 -42.62
C ILE B 172 -21.23 -53.18 -41.35
N ILE B 173 -21.94 -53.13 -40.23
CA ILE B 173 -21.38 -53.64 -38.99
C ILE B 173 -21.27 -55.16 -39.02
N ASP B 174 -22.27 -55.85 -39.59
CA ASP B 174 -22.17 -57.31 -39.66
C ASP B 174 -21.11 -57.76 -40.66
N GLU B 175 -20.90 -57.01 -41.75
CA GLU B 175 -19.84 -57.41 -42.67
C GLU B 175 -18.46 -57.05 -42.14
N LEU B 176 -18.35 -56.03 -41.30
CA LEU B 176 -17.08 -55.79 -40.62
C LEU B 176 -16.80 -56.83 -39.56
N LYS B 177 -17.87 -57.34 -38.91
CA LYS B 177 -17.69 -58.47 -38.02
C LYS B 177 -17.26 -59.72 -38.77
N ALA B 178 -17.77 -59.91 -39.99
CA ALA B 178 -17.32 -61.01 -40.81
C ALA B 178 -15.90 -60.82 -41.32
N GLY B 179 -15.43 -59.57 -41.39
CA GLY B 179 -14.09 -59.24 -41.84
C GLY B 179 -14.04 -58.71 -43.26
N LYS B 180 -15.01 -59.08 -44.10
CA LYS B 180 -15.07 -58.61 -45.48
C LYS B 180 -15.45 -57.14 -45.46
N ILE B 181 -14.47 -56.27 -45.71
CA ILE B 181 -14.74 -54.83 -45.71
C ILE B 181 -15.56 -54.47 -46.96
N PRO B 182 -16.64 -53.72 -46.82
CA PRO B 182 -17.51 -53.44 -47.97
C PRO B 182 -16.88 -52.41 -48.91
N LYS B 183 -17.63 -52.06 -49.93
CA LYS B 183 -17.11 -51.02 -50.82
C LYS B 183 -17.28 -49.65 -50.18
N PRO B 184 -16.28 -48.79 -50.28
CA PRO B 184 -16.34 -47.48 -49.62
C PRO B 184 -17.14 -46.43 -50.38
N GLY B 185 -17.95 -46.84 -51.35
CA GLY B 185 -18.81 -45.90 -52.03
C GLY B 185 -20.08 -45.65 -51.26
N PRO B 186 -20.80 -44.60 -51.65
CA PRO B 186 -22.10 -44.32 -51.03
C PRO B 186 -23.12 -45.39 -51.38
N ARG B 187 -24.14 -45.48 -50.54
CA ARG B 187 -25.20 -46.45 -50.69
C ARG B 187 -26.45 -45.79 -51.27
N SER B 188 -27.39 -46.64 -51.68
CA SER B 188 -28.74 -46.25 -52.12
C SER B 188 -28.71 -45.30 -53.33
N GLY B 189 -28.02 -45.72 -54.38
CA GLY B 189 -27.95 -44.94 -55.60
C GLY B 189 -27.09 -43.70 -55.47
N ARG B 190 -26.93 -43.02 -56.61
CA ARG B 190 -26.07 -41.84 -56.82
C ARG B 190 -24.67 -42.06 -56.23
N PHE B 191 -23.94 -42.93 -56.94
CA PHE B 191 -22.60 -43.36 -56.56
C PHE B 191 -21.58 -42.23 -56.38
N SER B 192 -21.84 -41.04 -56.91
CA SER B 192 -21.16 -39.86 -56.41
C SER B 192 -22.17 -38.73 -56.23
N CYS B 193 -21.68 -37.51 -56.01
CA CYS B 193 -22.56 -36.39 -55.74
C CYS B 193 -23.29 -35.97 -57.01
N GLU B 194 -24.47 -36.52 -57.21
CA GLU B 194 -25.27 -36.31 -58.41
C GLU B 194 -26.69 -35.95 -58.00
N PRO B 195 -27.39 -35.17 -58.81
CA PRO B 195 -28.85 -35.15 -58.70
C PRO B 195 -29.40 -36.54 -58.96
N ALA B 196 -30.01 -37.14 -57.94
CA ALA B 196 -30.38 -38.55 -57.95
C ALA B 196 -31.54 -38.87 -58.87
N GLY B 197 -32.24 -37.87 -59.40
CA GLY B 197 -33.39 -38.12 -60.23
C GLY B 197 -33.05 -38.16 -61.71
N GLY B 198 -33.48 -37.14 -62.45
CA GLY B 198 -33.24 -37.09 -63.88
C GLY B 198 -31.86 -36.65 -64.29
N LEU B 199 -31.03 -36.21 -63.34
CA LEU B 199 -29.68 -35.66 -63.56
C LEU B 199 -29.76 -34.48 -64.53
N THR B 200 -30.40 -33.42 -64.04
CA THR B 200 -30.72 -32.24 -64.84
C THR B 200 -29.52 -31.37 -65.18
N SER B 201 -28.32 -31.73 -64.72
CA SER B 201 -27.08 -31.06 -65.06
C SER B 201 -26.55 -31.54 -66.42
N LEU B 202 -25.24 -31.33 -66.65
CA LEU B 202 -24.58 -31.66 -67.91
C LEU B 202 -24.81 -33.10 -68.34
N THR B 203 -25.23 -33.27 -69.58
CA THR B 203 -25.50 -34.57 -70.20
C THR B 203 -24.76 -34.75 -71.52
N GLU B 204 -24.54 -33.67 -72.26
CA GLU B 204 -23.84 -33.76 -73.53
C GLU B 204 -22.35 -34.01 -73.29
N PRO B 205 -21.67 -34.70 -74.21
CA PRO B 205 -20.24 -34.96 -74.01
C PRO B 205 -19.43 -33.68 -74.16
N PRO B 206 -18.29 -33.57 -73.47
CA PRO B 206 -17.50 -32.34 -73.52
C PRO B 206 -16.84 -32.16 -74.88
N LYS B 207 -16.39 -30.93 -75.12
CA LYS B 207 -16.04 -30.51 -76.46
C LYS B 207 -14.61 -30.90 -76.84
N GLY B 208 -13.76 -31.19 -75.87
CA GLY B 208 -12.41 -31.57 -76.16
C GLY B 208 -11.50 -30.39 -76.34
N PRO B 209 -10.38 -30.59 -77.05
CA PRO B 209 -9.41 -29.51 -77.20
C PRO B 209 -9.87 -28.44 -78.18
N GLY B 210 -9.49 -27.20 -77.87
CA GLY B 210 -9.66 -26.09 -78.80
C GLY B 210 -11.08 -25.64 -79.05
N PHE B 211 -11.93 -25.62 -78.02
CA PHE B 211 -13.30 -25.16 -78.19
C PHE B 211 -13.35 -23.68 -77.84
N GLY B 212 -13.15 -22.84 -78.86
CA GLY B 212 -13.21 -21.41 -78.67
C GLY B 212 -12.00 -20.83 -77.97
N VAL B 213 -10.81 -21.40 -78.21
CA VAL B 213 -9.60 -20.84 -77.63
C VAL B 213 -9.26 -19.52 -78.32
N GLN B 214 -8.59 -18.63 -77.59
CA GLN B 214 -8.20 -17.34 -78.11
C GLN B 214 -6.93 -16.88 -77.42
N ALA B 215 -5.87 -16.71 -78.20
CA ALA B 215 -4.52 -16.33 -77.75
C ALA B 215 -3.99 -17.31 -76.71
N GLY B 216 -3.86 -18.56 -77.13
CA GLY B 216 -3.36 -19.61 -76.25
C GLY B 216 -1.87 -19.54 -76.03
N SER C 6 16.06 12.03 -42.66
CA SER C 6 16.95 11.30 -41.78
C SER C 6 16.20 10.21 -41.04
N ASN C 7 15.41 9.44 -41.80
CA ASN C 7 14.60 8.32 -41.30
C ASN C 7 13.62 8.76 -40.22
N LEU C 8 12.71 9.63 -40.60
CA LEU C 8 11.71 10.16 -39.68
C LEU C 8 10.33 9.99 -40.28
N ILE C 9 9.37 9.59 -39.44
CA ILE C 9 7.97 9.45 -39.80
C ILE C 9 7.14 10.25 -38.80
N GLU C 10 6.13 10.95 -39.28
CA GLU C 10 5.28 11.77 -38.43
C GLU C 10 4.10 10.95 -37.91
N VAL C 11 3.96 10.89 -36.60
CA VAL C 11 2.76 10.32 -36.00
C VAL C 11 2.13 11.35 -35.08
N PHE C 12 0.83 11.55 -35.24
CA PHE C 12 0.05 12.46 -34.44
C PHE C 12 -0.58 11.62 -33.35
N VAL C 13 0.12 11.47 -32.23
CA VAL C 13 -0.47 10.78 -31.09
C VAL C 13 -1.41 11.76 -30.41
N ASP C 14 -2.72 11.45 -30.47
CA ASP C 14 -3.80 12.27 -29.91
C ASP C 14 -3.76 13.69 -30.46
N GLY C 15 -3.41 13.82 -31.74
CA GLY C 15 -3.23 15.11 -32.37
C GLY C 15 -1.83 15.70 -32.25
N GLN C 16 -1.11 15.39 -31.19
CA GLN C 16 0.20 15.97 -30.97
C GLN C 16 1.24 15.27 -31.83
N SER C 17 2.05 16.05 -32.54
CA SER C 17 2.99 15.50 -33.51
C SER C 17 4.26 15.00 -32.84
N VAL C 18 4.83 13.93 -33.38
CA VAL C 18 6.14 13.44 -32.94
C VAL C 18 6.80 12.68 -34.08
N MET C 19 8.11 12.85 -34.20
CA MET C 19 8.95 12.15 -35.17
C MET C 19 9.41 10.82 -34.60
N VAL C 20 9.27 9.75 -35.39
CA VAL C 20 9.56 8.40 -34.95
C VAL C 20 10.30 7.67 -36.06
N GLU C 21 11.39 6.97 -35.69
CA GLU C 21 12.17 6.16 -36.60
C GLU C 21 11.31 5.05 -37.22
N PRO C 22 11.61 4.63 -38.46
CA PRO C 22 10.79 3.60 -39.09
C PRO C 22 11.07 2.22 -38.51
N GLY C 23 10.06 1.36 -38.57
CA GLY C 23 10.16 -0.01 -38.11
C GLY C 23 9.59 -0.25 -36.73
N THR C 24 9.50 0.78 -35.90
CA THR C 24 9.07 0.61 -34.52
C THR C 24 7.55 0.43 -34.46
N THR C 25 7.10 -0.11 -33.34
CA THR C 25 5.69 -0.39 -33.13
C THR C 25 4.94 0.89 -32.78
N VAL C 26 3.61 0.75 -32.72
CA VAL C 26 2.75 1.86 -32.31
C VAL C 26 2.91 2.13 -30.83
N LEU C 27 3.11 1.06 -30.05
CA LEU C 27 3.23 1.19 -28.61
C LEU C 27 4.52 1.89 -28.20
N GLN C 28 5.60 1.70 -28.96
CA GLN C 28 6.82 2.46 -28.67
C GLN C 28 6.65 3.94 -29.00
N ALA C 29 5.81 4.28 -29.98
CA ALA C 29 5.54 5.69 -30.24
C ALA C 29 4.69 6.31 -29.14
N CYS C 30 3.68 5.57 -28.66
CA CYS C 30 2.86 6.08 -27.57
C CYS C 30 3.64 6.16 -26.26
N GLU C 31 4.66 5.32 -26.08
CA GLU C 31 5.55 5.50 -24.95
C GLU C 31 6.60 6.58 -25.21
N LYS C 32 6.82 6.94 -26.48
CA LYS C 32 7.70 8.06 -26.78
C LYS C 32 7.03 9.38 -26.43
N VAL C 33 5.69 9.45 -26.51
CA VAL C 33 5.02 10.65 -26.02
C VAL C 33 4.60 10.55 -24.56
N GLY C 34 4.75 9.38 -23.94
CA GLY C 34 4.45 9.21 -22.52
C GLY C 34 3.20 8.42 -22.22
N MET C 35 2.37 8.11 -23.20
CA MET C 35 1.18 7.30 -22.98
C MET C 35 1.54 5.86 -22.67
N GLN C 36 0.61 5.17 -22.01
CA GLN C 36 0.70 3.74 -21.80
C GLN C 36 -0.57 3.11 -22.36
N ILE C 37 -0.43 2.35 -23.43
CA ILE C 37 -1.53 1.49 -23.87
C ILE C 37 -1.49 0.21 -23.05
N PRO C 38 -2.59 -0.18 -22.42
CA PRO C 38 -2.55 -1.32 -21.50
C PRO C 38 -2.35 -2.64 -22.25
N ARG C 39 -1.65 -3.56 -21.59
CA ARG C 39 -1.08 -4.69 -22.30
C ARG C 39 -0.83 -5.83 -21.33
N PHE C 40 -0.88 -7.04 -21.86
CA PHE C 40 -0.67 -8.26 -21.08
C PHE C 40 0.39 -9.19 -21.66
N CYS C 41 0.51 -9.29 -22.98
CA CYS C 41 1.47 -10.21 -23.55
C CYS C 41 2.59 -9.53 -24.32
N TYR C 42 2.61 -8.20 -24.37
CA TYR C 42 3.80 -7.50 -24.83
C TYR C 42 4.78 -7.37 -23.69
N HIS C 43 6.05 -7.58 -23.98
CA HIS C 43 7.07 -7.37 -22.96
C HIS C 43 8.33 -6.87 -23.63
N GLU C 44 8.99 -5.92 -23.00
CA GLU C 44 10.09 -5.19 -23.63
C GLU C 44 11.42 -5.95 -23.60
N ARG C 45 11.39 -7.25 -23.33
CA ARG C 45 12.58 -8.07 -23.41
C ARG C 45 12.35 -9.33 -24.22
N LEU C 46 11.13 -9.56 -24.71
CA LEU C 46 10.77 -10.79 -25.40
C LEU C 46 10.19 -10.45 -26.76
N SER C 47 10.04 -11.48 -27.60
CA SER C 47 9.45 -11.28 -28.91
C SER C 47 7.96 -10.96 -28.79
N VAL C 48 7.44 -10.28 -29.80
CA VAL C 48 6.10 -9.73 -29.77
C VAL C 48 5.14 -10.76 -30.34
N ALA C 49 4.19 -11.21 -29.54
CA ALA C 49 3.08 -12.03 -29.99
C ALA C 49 1.78 -11.27 -29.77
N GLY C 50 0.77 -11.60 -30.57
CA GLY C 50 -0.48 -10.87 -30.51
C GLY C 50 -1.59 -11.58 -29.79
N ASN C 51 -1.27 -12.25 -28.69
CA ASN C 51 -2.24 -13.15 -28.06
C ASN C 51 -3.24 -12.43 -27.17
N CYS C 52 -2.82 -11.39 -26.45
CA CYS C 52 -3.65 -10.94 -25.34
C CYS C 52 -4.80 -10.06 -25.79
N ARG C 53 -4.55 -9.23 -26.82
CA ARG C 53 -5.52 -8.43 -27.55
C ARG C 53 -6.05 -7.25 -26.73
N MET C 54 -5.56 -7.07 -25.50
CA MET C 54 -5.86 -5.88 -24.71
C MET C 54 -5.28 -4.60 -25.32
N CYS C 55 -4.22 -4.70 -26.12
CA CYS C 55 -3.45 -3.56 -26.56
C CYS C 55 -4.11 -2.74 -27.66
N LEU C 56 -5.38 -2.99 -27.97
CA LEU C 56 -6.01 -2.41 -29.16
C LEU C 56 -6.14 -0.89 -29.05
N VAL C 57 -6.04 -0.22 -30.20
CA VAL C 57 -6.10 1.23 -30.27
C VAL C 57 -6.67 1.61 -31.63
N GLU C 58 -7.39 2.74 -31.68
CA GLU C 58 -8.05 3.17 -32.91
C GLU C 58 -7.16 4.11 -33.69
N ILE C 59 -7.04 3.87 -34.99
CA ILE C 59 -6.45 4.80 -35.93
C ILE C 59 -7.57 5.56 -36.62
N GLU C 60 -7.42 6.88 -36.72
CA GLU C 60 -8.41 7.71 -37.40
C GLU C 60 -8.51 7.34 -38.87
N LYS C 61 -9.74 7.46 -39.40
CA LYS C 61 -10.11 7.13 -40.78
C LYS C 61 -9.75 5.67 -41.12
N ALA C 62 -10.30 4.76 -40.30
CA ALA C 62 -10.04 3.34 -40.47
C ALA C 62 -11.22 2.58 -39.89
N PRO C 63 -11.66 1.50 -40.52
CA PRO C 63 -12.80 0.76 -39.99
C PRO C 63 -12.45 -0.17 -38.83
N LYS C 64 -11.25 -0.75 -38.85
CA LYS C 64 -10.86 -1.75 -37.88
C LYS C 64 -10.02 -1.15 -36.77
N VAL C 65 -9.92 -1.89 -35.67
CA VAL C 65 -9.14 -1.49 -34.50
C VAL C 65 -7.89 -2.36 -34.49
N VAL C 66 -6.74 -1.72 -34.54
CA VAL C 66 -5.48 -2.41 -34.77
C VAL C 66 -4.78 -2.67 -33.45
N ALA C 67 -3.86 -3.62 -33.46
CA ALA C 67 -3.14 -4.02 -32.28
C ALA C 67 -1.84 -3.23 -32.18
N ALA C 68 -1.69 -2.46 -31.10
CA ALA C 68 -0.54 -1.60 -30.96
C ALA C 68 0.74 -2.34 -30.61
N CYS C 69 0.67 -3.62 -30.27
CA CYS C 69 1.90 -4.33 -29.92
C CYS C 69 2.70 -4.70 -31.14
N ALA C 70 2.04 -5.03 -32.25
CA ALA C 70 2.72 -5.57 -33.42
C ALA C 70 2.20 -4.91 -34.69
N MET C 71 2.19 -3.58 -34.70
CA MET C 71 1.84 -2.83 -35.89
C MET C 71 2.97 -1.88 -36.23
N PRO C 72 3.56 -1.98 -37.41
CA PRO C 72 4.56 -0.98 -37.81
C PRO C 72 3.90 0.34 -38.16
N VAL C 73 4.73 1.34 -38.38
CA VAL C 73 4.29 2.72 -38.51
C VAL C 73 4.32 3.12 -39.99
N MET C 74 3.16 3.42 -40.54
CA MET C 74 3.07 4.01 -41.86
C MET C 74 3.24 5.52 -41.78
N LYS C 75 3.33 6.16 -42.94
CA LYS C 75 3.58 7.59 -42.99
C LYS C 75 2.37 8.39 -42.52
N GLY C 76 2.61 9.28 -41.57
CA GLY C 76 1.59 10.22 -41.14
C GLY C 76 0.43 9.58 -40.41
N TRP C 77 0.66 8.99 -39.25
CA TRP C 77 -0.52 8.50 -38.55
C TRP C 77 -1.21 9.60 -37.76
N ASN C 78 -2.41 9.27 -37.28
CA ASN C 78 -3.09 10.04 -36.25
C ASN C 78 -3.84 9.04 -35.39
N ILE C 79 -3.40 8.89 -34.15
CA ILE C 79 -3.80 7.77 -33.29
C ILE C 79 -4.66 8.31 -32.14
N LEU C 80 -5.83 7.72 -31.97
CA LEU C 80 -6.72 8.06 -30.87
C LEU C 80 -6.60 7.00 -29.78
N THR C 81 -6.00 7.38 -28.66
CA THR C 81 -5.86 6.47 -27.53
C THR C 81 -7.01 6.59 -26.53
N ASN C 82 -7.86 7.60 -26.66
CA ASN C 82 -8.99 7.78 -25.74
C ASN C 82 -10.25 8.11 -26.52
N SER C 83 -10.50 7.35 -27.58
CA SER C 83 -11.71 7.53 -28.38
C SER C 83 -12.81 6.61 -27.86
N GLU C 84 -13.89 6.48 -28.63
CA GLU C 84 -15.03 5.68 -28.20
C GLU C 84 -14.74 4.19 -28.33
N LYS C 85 -14.44 3.73 -29.53
CA LYS C 85 -14.32 2.30 -29.76
C LYS C 85 -13.03 1.72 -29.18
N THR C 86 -12.02 2.56 -28.93
CA THR C 86 -10.87 2.13 -28.14
C THR C 86 -11.29 1.70 -26.75
N LYS C 87 -12.09 2.54 -26.08
CA LYS C 87 -12.57 2.22 -24.75
C LYS C 87 -13.55 1.05 -24.78
N LYS C 88 -14.37 0.97 -25.82
CA LYS C 88 -15.30 -0.16 -25.93
C LYS C 88 -14.57 -1.48 -26.15
N ALA C 89 -13.49 -1.46 -26.94
CA ALA C 89 -12.70 -2.66 -27.16
C ALA C 89 -11.94 -3.07 -25.89
N ARG C 90 -11.43 -2.09 -25.14
CA ARG C 90 -10.72 -2.42 -23.91
C ARG C 90 -11.65 -2.97 -22.85
N GLU C 91 -12.84 -2.38 -22.70
CA GLU C 91 -13.81 -2.91 -21.74
C GLU C 91 -14.33 -4.28 -22.18
N GLY C 92 -14.44 -4.51 -23.49
CA GLY C 92 -14.84 -5.82 -23.96
C GLY C 92 -13.83 -6.90 -23.67
N VAL C 93 -12.56 -6.66 -24.03
CA VAL C 93 -11.50 -7.65 -23.81
C VAL C 93 -11.30 -7.90 -22.32
N MET C 94 -11.43 -6.84 -21.50
CA MET C 94 -11.37 -7.02 -20.05
C MET C 94 -12.55 -7.84 -19.54
N GLU C 95 -13.73 -7.66 -20.10
CA GLU C 95 -14.88 -8.46 -19.67
C GLU C 95 -14.76 -9.91 -20.14
N PHE C 96 -14.00 -10.17 -21.19
CA PHE C 96 -13.75 -11.56 -21.55
C PHE C 96 -12.72 -12.20 -20.63
N LEU C 97 -11.69 -11.45 -20.24
CA LEU C 97 -10.58 -12.03 -19.47
C LEU C 97 -10.99 -12.46 -18.07
N LEU C 98 -11.93 -11.75 -17.45
CA LEU C 98 -12.33 -12.05 -16.08
C LEU C 98 -13.47 -13.07 -16.02
N ALA C 99 -13.70 -13.83 -17.09
CA ALA C 99 -14.70 -14.87 -17.06
C ALA C 99 -14.14 -16.16 -16.49
N ASN C 100 -13.17 -16.75 -17.18
CA ASN C 100 -12.57 -18.01 -16.76
C ASN C 100 -11.35 -17.78 -15.87
N HIS C 101 -11.55 -16.98 -14.83
CA HIS C 101 -10.49 -16.61 -13.90
C HIS C 101 -11.11 -16.71 -12.52
N PRO C 102 -10.60 -17.57 -11.64
CA PRO C 102 -11.34 -17.89 -10.41
C PRO C 102 -11.26 -16.77 -9.39
N LEU C 103 -12.11 -16.91 -8.38
CA LEU C 103 -12.24 -15.94 -7.30
C LEU C 103 -11.19 -16.23 -6.22
N ASP C 104 -9.95 -15.89 -6.54
CA ASP C 104 -8.83 -16.23 -5.66
C ASP C 104 -8.06 -15.03 -5.15
N CYS C 105 -8.50 -13.81 -5.47
CA CYS C 105 -7.83 -12.57 -5.09
C CYS C 105 -7.53 -12.41 -3.59
N PRO C 106 -8.29 -12.99 -2.65
CA PRO C 106 -7.73 -13.12 -1.30
C PRO C 106 -6.58 -14.11 -1.16
N ILE C 107 -6.75 -15.36 -1.60
CA ILE C 107 -5.69 -16.35 -1.41
C ILE C 107 -4.55 -16.23 -2.40
N CYS C 108 -4.64 -15.34 -3.37
CA CYS C 108 -3.62 -15.25 -4.39
C CYS C 108 -2.37 -14.60 -3.83
N ASP C 109 -1.27 -14.76 -4.55
CA ASP C 109 0.00 -14.23 -4.07
C ASP C 109 0.39 -12.91 -4.70
N GLN C 110 -0.12 -12.63 -5.89
CA GLN C 110 0.13 -11.35 -6.53
C GLN C 110 -1.00 -10.36 -6.27
N GLY C 111 -1.63 -10.46 -5.10
CA GLY C 111 -2.84 -9.70 -4.82
C GLY C 111 -2.63 -8.20 -4.79
N GLY C 112 -1.43 -7.75 -4.44
CA GLY C 112 -1.14 -6.35 -4.48
C GLY C 112 -0.56 -5.92 -5.82
N GLU C 113 0.02 -6.87 -6.54
CA GLU C 113 0.83 -6.57 -7.72
C GLU C 113 0.33 -7.28 -8.96
N CYS C 114 -0.96 -7.60 -9.02
CA CYS C 114 -1.54 -8.19 -10.22
C CYS C 114 -1.66 -7.12 -11.30
N ASP C 115 -1.95 -7.57 -12.51
CA ASP C 115 -2.25 -6.64 -13.59
C ASP C 115 -3.69 -6.67 -14.03
N LEU C 116 -4.37 -7.82 -13.88
CA LEU C 116 -5.82 -7.87 -14.08
C LEU C 116 -6.54 -6.93 -13.16
N GLN C 117 -6.08 -6.81 -11.91
CA GLN C 117 -6.74 -5.95 -10.95
C GLN C 117 -6.56 -4.48 -11.28
N ASP C 118 -5.33 -4.07 -11.58
CA ASP C 118 -5.07 -2.67 -11.86
C ASP C 118 -5.71 -2.24 -13.17
N GLN C 119 -5.69 -3.09 -14.18
CA GLN C 119 -6.31 -2.68 -15.43
C GLN C 119 -7.82 -2.83 -15.39
N SER C 120 -8.36 -3.76 -14.60
CA SER C 120 -9.79 -3.83 -14.44
C SER C 120 -10.33 -2.72 -13.54
N MET C 121 -9.47 -2.08 -12.75
CA MET C 121 -9.85 -0.80 -12.18
C MET C 121 -9.85 0.27 -13.25
N MET C 122 -8.70 0.53 -13.84
CA MET C 122 -8.50 1.78 -14.54
C MET C 122 -8.95 1.75 -15.99
N PHE C 123 -9.44 0.62 -16.49
CA PHE C 123 -9.94 0.56 -17.85
C PHE C 123 -11.24 -0.20 -18.02
N GLY C 124 -11.60 -1.09 -17.10
CA GLY C 124 -12.66 -2.05 -17.34
C GLY C 124 -14.02 -1.58 -16.86
N SER C 125 -14.99 -2.49 -16.98
CA SER C 125 -16.35 -2.21 -16.56
C SER C 125 -16.51 -2.41 -15.06
N ASP C 126 -17.67 -2.03 -14.55
CA ASP C 126 -17.97 -2.13 -13.13
C ASP C 126 -18.81 -3.36 -12.80
N ARG C 127 -19.98 -3.49 -13.42
CA ARG C 127 -20.81 -4.66 -13.21
C ARG C 127 -20.34 -5.79 -14.11
N SER C 128 -20.50 -7.01 -13.63
CA SER C 128 -20.11 -8.17 -14.41
C SER C 128 -21.33 -8.82 -15.05
N ARG C 129 -21.10 -9.94 -15.71
CA ARG C 129 -22.10 -10.75 -16.40
C ARG C 129 -21.63 -12.19 -16.26
N PHE C 130 -22.02 -13.07 -17.18
CA PHE C 130 -21.55 -14.46 -17.27
C PHE C 130 -21.97 -15.25 -16.03
N LEU C 131 -23.29 -15.46 -15.97
CA LEU C 131 -23.94 -16.09 -14.82
C LEU C 131 -23.45 -17.51 -14.58
N GLU C 132 -23.19 -18.26 -15.64
CA GLU C 132 -22.84 -19.67 -15.52
C GLU C 132 -21.59 -19.98 -16.33
N GLY C 133 -20.77 -20.90 -15.81
CA GLY C 133 -19.59 -21.33 -16.54
C GLY C 133 -18.33 -21.53 -15.72
N LYS C 134 -17.28 -20.77 -16.06
CA LYS C 134 -16.03 -20.67 -15.32
C LYS C 134 -15.28 -22.00 -15.21
N ARG C 135 -14.66 -22.43 -16.31
CA ARG C 135 -13.80 -23.62 -16.36
C ARG C 135 -12.72 -23.66 -15.28
N ALA C 136 -12.26 -24.86 -14.95
CA ALA C 136 -11.17 -25.04 -14.01
C ALA C 136 -10.21 -26.09 -14.55
N VAL C 137 -8.92 -25.77 -14.49
CA VAL C 137 -7.86 -26.59 -15.07
C VAL C 137 -7.03 -27.19 -13.95
N GLU C 138 -6.70 -28.47 -14.09
CA GLU C 138 -5.83 -29.13 -13.12
C GLU C 138 -4.42 -28.54 -13.15
N ASP C 139 -3.91 -28.19 -11.97
CA ASP C 139 -2.60 -27.57 -11.87
C ASP C 139 -1.48 -28.59 -12.06
N LYS C 140 -0.31 -28.08 -12.43
CA LYS C 140 0.89 -28.88 -12.65
C LYS C 140 1.87 -28.66 -11.51
N ASN C 141 3.05 -29.28 -11.66
CA ASN C 141 4.18 -29.08 -10.77
C ASN C 141 5.41 -28.82 -11.62
N ILE C 142 5.63 -27.53 -11.91
CA ILE C 142 6.74 -27.10 -12.76
C ILE C 142 8.07 -27.37 -12.08
N GLY C 143 8.17 -27.04 -10.80
CA GLY C 143 9.36 -27.31 -10.04
C GLY C 143 9.11 -27.17 -8.56
N PRO C 144 10.04 -27.65 -7.73
CA PRO C 144 9.96 -27.41 -6.29
C PRO C 144 10.36 -26.01 -5.87
N LEU C 145 10.79 -25.17 -6.80
CA LEU C 145 11.07 -23.78 -6.53
C LEU C 145 9.96 -22.85 -7.01
N VAL C 146 9.06 -23.33 -7.85
CA VAL C 146 8.01 -22.52 -8.44
C VAL C 146 6.68 -23.17 -8.11
N LYS C 147 5.86 -22.49 -7.31
CA LYS C 147 4.51 -22.97 -7.08
C LYS C 147 3.67 -22.62 -8.30
N THR C 148 2.80 -23.54 -8.68
CA THR C 148 2.10 -23.46 -9.96
C THR C 148 0.63 -23.76 -9.76
N ILE C 149 -0.19 -22.71 -9.86
CA ILE C 149 -1.64 -22.86 -9.93
C ILE C 149 -2.05 -22.40 -11.32
N MET C 150 -2.25 -23.35 -12.23
CA MET C 150 -2.63 -23.02 -13.60
C MET C 150 -4.10 -22.74 -13.77
N THR C 151 -4.85 -22.61 -12.69
CA THR C 151 -6.23 -22.18 -12.82
C THR C 151 -6.29 -20.68 -13.09
N ARG C 152 -5.38 -19.91 -12.50
CA ARG C 152 -5.33 -18.46 -12.66
C ARG C 152 -4.71 -18.01 -13.97
N CYS C 153 -4.22 -18.93 -14.80
CA CYS C 153 -3.53 -18.56 -16.04
C CYS C 153 -4.48 -17.92 -17.03
N ILE C 154 -3.99 -16.91 -17.75
CA ILE C 154 -4.77 -16.23 -18.77
C ILE C 154 -4.28 -16.56 -20.17
N GLN C 155 -3.35 -17.53 -20.28
CA GLN C 155 -2.85 -18.07 -21.55
C GLN C 155 -2.23 -16.98 -22.42
N CYS C 156 -1.51 -16.07 -21.79
CA CYS C 156 -0.92 -14.95 -22.49
C CYS C 156 0.30 -15.34 -23.29
N THR C 157 0.88 -16.52 -22.98
CA THR C 157 2.05 -17.10 -23.65
C THR C 157 3.23 -16.14 -23.56
N ARG C 158 3.66 -15.90 -22.32
CA ARG C 158 4.86 -15.15 -22.05
C ARG C 158 5.89 -15.97 -21.29
N CYS C 159 5.46 -16.99 -20.54
CA CYS C 159 6.39 -17.95 -19.98
C CYS C 159 7.06 -18.78 -21.07
N ILE C 160 6.32 -19.09 -22.13
CA ILE C 160 6.83 -19.95 -23.19
C ILE C 160 7.86 -19.21 -24.03
N ARG C 161 7.53 -17.99 -24.44
CA ARG C 161 8.45 -17.15 -25.21
C ARG C 161 9.72 -16.86 -24.41
N PHE C 162 9.59 -16.68 -23.10
CA PHE C 162 10.75 -16.45 -22.24
C PHE C 162 11.64 -17.67 -22.15
N ALA C 163 11.04 -18.85 -21.88
CA ALA C 163 11.82 -20.08 -21.76
C ALA C 163 12.54 -20.40 -23.04
N SER C 164 11.83 -20.33 -24.18
CA SER C 164 12.38 -20.71 -25.46
C SER C 164 13.44 -19.73 -25.97
N GLU C 165 13.28 -18.43 -25.70
CA GLU C 165 14.20 -17.47 -26.28
C GLU C 165 15.32 -17.03 -25.35
N ILE C 166 15.23 -17.26 -24.04
CA ILE C 166 16.27 -16.86 -23.11
C ILE C 166 16.80 -18.05 -22.32
N ALA C 167 15.91 -18.87 -21.78
CA ALA C 167 16.40 -20.01 -21.03
C ALA C 167 16.87 -21.13 -21.96
N GLY C 168 16.35 -21.16 -23.18
CA GLY C 168 16.78 -22.13 -24.17
C GLY C 168 16.45 -23.56 -23.85
N VAL C 169 15.45 -23.79 -23.00
CA VAL C 169 15.20 -25.12 -22.49
C VAL C 169 14.21 -25.88 -23.37
N ASP C 170 13.16 -25.19 -23.82
CA ASP C 170 12.06 -25.73 -24.62
C ASP C 170 11.36 -26.88 -23.89
N ASP C 171 10.78 -26.55 -22.74
CA ASP C 171 9.94 -27.49 -22.01
C ASP C 171 8.50 -27.05 -21.88
N LEU C 172 8.21 -25.76 -21.94
CA LEU C 172 6.85 -25.27 -21.74
C LEU C 172 6.14 -25.21 -23.09
N GLY C 173 4.93 -25.75 -23.12
CA GLY C 173 4.17 -25.78 -24.37
C GLY C 173 2.69 -25.59 -24.12
N THR C 174 2.02 -25.01 -25.11
CA THR C 174 0.58 -25.02 -25.16
C THR C 174 0.10 -26.39 -25.58
N THR C 175 -0.97 -26.87 -24.95
CA THR C 175 -1.58 -28.16 -25.29
C THR C 175 -3.08 -27.99 -25.33
N GLY C 176 -3.69 -28.33 -26.45
CA GLY C 176 -5.12 -28.36 -26.58
C GLY C 176 -5.65 -27.30 -27.52
N ARG C 177 -6.98 -27.16 -27.51
CA ARG C 177 -7.68 -26.19 -28.33
C ARG C 177 -8.85 -25.60 -27.56
N GLY C 178 -9.40 -24.52 -28.10
CA GLY C 178 -10.61 -23.93 -27.54
C GLY C 178 -10.35 -23.32 -26.17
N ASN C 179 -11.29 -23.56 -25.26
CA ASN C 179 -11.05 -23.22 -23.86
C ASN C 179 -9.98 -24.10 -23.26
N ASP C 180 -9.87 -25.35 -23.71
CA ASP C 180 -8.94 -26.30 -23.13
C ASP C 180 -7.57 -26.07 -23.75
N MET C 181 -6.88 -25.07 -23.26
CA MET C 181 -5.49 -24.81 -23.64
C MET C 181 -4.67 -24.76 -22.36
N GLN C 182 -4.17 -25.92 -21.96
CA GLN C 182 -3.22 -25.96 -20.86
C GLN C 182 -1.89 -25.39 -21.31
N VAL C 183 -1.19 -24.76 -20.38
CA VAL C 183 0.14 -24.24 -20.63
C VAL C 183 1.06 -24.91 -19.64
N GLY C 184 1.90 -25.82 -20.13
CA GLY C 184 2.79 -26.50 -19.22
C GLY C 184 3.59 -27.58 -19.92
N THR C 185 4.12 -28.48 -19.10
CA THR C 185 4.90 -29.62 -19.55
C THR C 185 3.97 -30.82 -19.67
N TYR C 186 4.05 -31.52 -20.80
CA TYR C 186 3.18 -32.66 -21.01
C TYR C 186 3.64 -33.91 -20.27
N ILE C 187 4.91 -33.97 -19.88
CA ILE C 187 5.51 -35.24 -19.48
C ILE C 187 5.93 -35.29 -18.02
N GLU C 188 5.26 -34.49 -17.17
CA GLU C 188 5.46 -34.43 -15.72
C GLU C 188 6.89 -34.06 -15.34
N LYS C 189 7.61 -33.37 -16.23
CA LYS C 189 9.03 -33.13 -16.05
C LYS C 189 9.26 -31.86 -15.26
N MET C 190 10.12 -31.95 -14.24
CA MET C 190 10.50 -30.78 -13.46
C MET C 190 11.33 -29.85 -14.34
N PHE C 191 10.77 -28.67 -14.62
CA PHE C 191 11.50 -27.64 -15.35
C PHE C 191 12.58 -27.08 -14.46
N MET C 192 13.78 -27.65 -14.56
CA MET C 192 14.89 -27.29 -13.70
C MET C 192 16.05 -26.86 -14.57
N SER C 193 16.31 -25.56 -14.58
CA SER C 193 17.42 -24.99 -15.33
C SER C 193 17.81 -23.68 -14.66
N GLU C 194 18.79 -23.00 -15.24
CA GLU C 194 19.11 -21.69 -14.74
C GLU C 194 18.08 -20.68 -15.21
N LEU C 195 18.00 -19.57 -14.48
CA LEU C 195 17.01 -18.50 -14.64
C LEU C 195 15.58 -19.04 -14.53
N SER C 196 15.40 -20.13 -13.78
CA SER C 196 14.05 -20.65 -13.56
C SER C 196 13.30 -19.77 -12.57
N GLY C 197 14.02 -19.01 -11.74
CA GLY C 197 13.38 -18.11 -10.81
C GLY C 197 12.80 -16.87 -11.46
N ASN C 198 13.32 -16.47 -12.62
CA ASN C 198 12.84 -15.27 -13.29
C ASN C 198 11.43 -15.41 -13.86
N ILE C 199 10.89 -16.63 -13.93
CA ILE C 199 9.61 -16.82 -14.55
C ILE C 199 8.46 -16.32 -13.67
N ILE C 200 8.69 -16.11 -12.37
CA ILE C 200 7.62 -15.64 -11.50
C ILE C 200 7.39 -14.14 -11.66
N ASP C 201 8.37 -13.40 -12.18
CA ASP C 201 8.19 -11.99 -12.46
C ASP C 201 7.65 -11.77 -13.86
N ILE C 202 7.74 -12.79 -14.71
CA ILE C 202 7.29 -12.70 -16.09
C ILE C 202 5.79 -12.91 -16.18
N CYS C 203 5.29 -13.91 -15.50
CA CYS C 203 3.88 -14.24 -15.46
C CYS C 203 3.10 -13.13 -14.79
N PRO C 204 2.25 -12.38 -15.51
CA PRO C 204 1.67 -11.17 -14.92
C PRO C 204 0.53 -11.45 -13.96
N VAL C 205 -0.10 -12.61 -14.02
CA VAL C 205 -1.14 -12.98 -13.09
C VAL C 205 -0.54 -13.95 -12.09
N GLY C 206 -1.25 -14.19 -10.99
CA GLY C 206 -0.72 -15.05 -9.96
C GLY C 206 -0.85 -16.53 -10.25
N ALA C 207 -0.30 -16.98 -11.38
CA ALA C 207 -0.28 -18.40 -11.72
C ALA C 207 1.05 -19.03 -11.35
N LEU C 208 2.14 -18.58 -11.94
CA LEU C 208 3.48 -19.08 -11.61
C LEU C 208 4.04 -18.21 -10.50
N THR C 209 3.83 -18.63 -9.26
CA THR C 209 4.24 -17.84 -8.11
C THR C 209 5.41 -18.52 -7.41
N SER C 210 5.99 -17.81 -6.45
CA SER C 210 7.16 -18.29 -5.76
C SER C 210 6.78 -19.33 -4.71
N LYS C 211 7.60 -20.36 -4.59
CA LYS C 211 7.39 -21.41 -3.60
C LYS C 211 7.86 -21.05 -2.18
N PRO C 212 9.09 -20.54 -1.93
CA PRO C 212 9.42 -20.21 -0.54
C PRO C 212 8.79 -18.92 -0.04
N TYR C 213 8.48 -17.99 -0.92
CA TYR C 213 7.82 -16.74 -0.55
C TYR C 213 6.34 -16.91 -0.29
N ALA C 214 5.77 -18.08 -0.66
CA ALA C 214 4.41 -18.24 -1.18
C ALA C 214 3.34 -17.48 -0.39
N PHE C 215 3.14 -17.85 0.87
CA PHE C 215 2.02 -17.31 1.61
C PHE C 215 2.47 -16.57 2.86
N THR C 216 3.45 -15.69 2.71
CA THR C 216 4.11 -15.10 3.86
C THR C 216 4.05 -13.58 3.88
N ALA C 217 3.71 -12.94 2.76
CA ALA C 217 3.70 -11.49 2.73
C ALA C 217 2.55 -11.00 1.88
N ARG C 218 2.60 -9.71 1.60
CA ARG C 218 1.60 -8.97 0.83
C ARG C 218 2.24 -7.65 0.44
N PRO C 219 2.21 -7.25 -0.83
CA PRO C 219 3.17 -6.25 -1.32
C PRO C 219 2.85 -4.80 -0.99
N TRP C 220 1.75 -4.48 -0.31
CA TRP C 220 1.58 -3.10 0.09
C TRP C 220 2.19 -2.79 1.44
N GLU C 221 2.77 -3.78 2.11
CA GLU C 221 3.37 -3.59 3.43
C GLU C 221 4.88 -3.58 3.40
N THR C 222 5.48 -4.46 2.60
CA THR C 222 6.93 -4.58 2.55
C THR C 222 7.53 -3.39 1.83
N ARG C 223 8.47 -2.72 2.47
CA ARG C 223 9.04 -1.53 1.85
C ARG C 223 10.26 -1.89 1.01
N LYS C 224 10.46 -1.11 -0.04
CA LYS C 224 11.44 -1.44 -1.07
C LYS C 224 12.76 -0.75 -0.78
N THR C 225 13.86 -1.47 -1.00
CA THR C 225 15.18 -0.91 -0.77
C THR C 225 16.15 -1.33 -1.87
N GLU C 226 16.79 -0.34 -2.48
CA GLU C 226 17.87 -0.56 -3.44
C GLU C 226 19.04 -1.31 -2.80
N SER C 227 19.62 -2.26 -3.53
CA SER C 227 20.75 -3.03 -3.04
C SER C 227 21.46 -3.69 -4.21
N ILE C 228 22.65 -4.23 -3.92
CA ILE C 228 23.53 -4.82 -4.92
C ILE C 228 23.79 -6.28 -4.55
N ASP C 229 23.79 -7.15 -5.55
CA ASP C 229 23.95 -8.58 -5.38
C ASP C 229 25.37 -8.93 -4.90
N VAL C 230 25.51 -10.14 -4.37
CA VAL C 230 26.80 -10.79 -4.17
C VAL C 230 26.74 -12.16 -4.83
N MET C 231 27.82 -12.94 -4.67
CA MET C 231 28.01 -14.31 -5.14
C MET C 231 28.08 -14.43 -6.66
N ASP C 232 27.90 -13.34 -7.40
CA ASP C 232 28.01 -13.30 -8.84
C ASP C 232 28.91 -12.13 -9.21
N ALA C 233 29.77 -12.33 -10.20
CA ALA C 233 30.67 -11.27 -10.62
C ALA C 233 29.95 -10.14 -11.35
N VAL C 234 28.75 -10.37 -11.87
CA VAL C 234 28.06 -9.31 -12.59
C VAL C 234 27.43 -8.30 -11.62
N GLY C 235 26.96 -8.76 -10.47
CA GLY C 235 26.28 -7.88 -9.53
C GLY C 235 24.99 -7.29 -10.07
N SER C 236 23.95 -8.12 -10.23
CA SER C 236 22.66 -7.66 -10.70
C SER C 236 22.05 -6.69 -9.71
N ASN C 237 21.20 -5.78 -10.19
CA ASN C 237 20.72 -4.82 -9.24
C ASN C 237 19.53 -5.48 -8.57
N ILE C 238 19.33 -5.25 -7.28
CA ILE C 238 18.23 -5.91 -6.59
C ILE C 238 17.47 -4.89 -5.77
N VAL C 239 16.21 -5.19 -5.53
CA VAL C 239 15.40 -4.45 -4.58
C VAL C 239 14.91 -5.46 -3.55
N VAL C 240 15.30 -5.26 -2.31
CA VAL C 240 14.81 -6.07 -1.21
C VAL C 240 13.50 -5.47 -0.74
N SER C 241 12.42 -6.22 -0.94
CA SER C 241 11.16 -5.87 -0.30
C SER C 241 11.23 -6.46 1.09
N THR C 242 11.40 -5.60 2.08
CA THR C 242 11.63 -6.02 3.44
C THR C 242 10.36 -5.94 4.25
N ARG C 243 10.14 -6.92 5.13
CA ARG C 243 9.14 -6.76 6.17
C ARG C 243 9.88 -6.33 7.43
N THR C 244 9.39 -5.24 8.02
CA THR C 244 9.40 -4.87 9.45
C THR C 244 10.69 -5.23 10.19
N GLY C 245 11.82 -4.77 9.64
CA GLY C 245 13.11 -5.05 10.24
C GLY C 245 13.61 -6.47 10.08
N GLU C 246 12.77 -7.37 9.59
CA GLU C 246 13.17 -8.69 9.12
C GLU C 246 12.39 -8.91 7.84
N VAL C 247 13.12 -9.03 6.73
CA VAL C 247 12.90 -8.85 5.28
C VAL C 247 11.71 -9.60 4.67
N MET C 248 11.52 -9.49 3.36
CA MET C 248 10.82 -10.60 2.71
C MET C 248 11.52 -11.22 1.52
N ARG C 249 11.84 -10.44 0.50
CA ARG C 249 12.14 -11.04 -0.80
C ARG C 249 13.09 -10.16 -1.59
N ILE C 250 13.64 -10.75 -2.65
CA ILE C 250 14.67 -10.13 -3.47
C ILE C 250 14.12 -10.07 -4.89
N LEU C 251 13.50 -8.95 -5.26
CA LEU C 251 13.13 -8.76 -6.65
C LEU C 251 14.31 -8.16 -7.40
N PRO C 252 14.41 -8.32 -8.72
CA PRO C 252 15.55 -7.74 -9.42
C PRO C 252 15.37 -6.28 -9.81
N ARG C 253 16.28 -5.42 -9.38
CA ARG C 253 16.32 -4.05 -9.84
C ARG C 253 17.14 -3.98 -11.11
N MET C 254 16.58 -3.21 -12.04
CA MET C 254 16.89 -3.12 -13.46
C MET C 254 18.02 -2.15 -13.73
N HIS C 255 19.01 -2.61 -14.50
CA HIS C 255 20.05 -1.76 -15.04
C HIS C 255 20.19 -2.09 -16.52
N GLU C 256 20.38 -1.05 -17.33
CA GLU C 256 20.34 -1.25 -18.78
C GLU C 256 21.57 -1.98 -19.29
N ASP C 257 22.75 -1.65 -18.75
CA ASP C 257 23.98 -2.28 -19.21
C ASP C 257 24.07 -3.72 -18.74
N ILE C 258 24.02 -3.93 -17.43
CA ILE C 258 24.15 -5.25 -16.86
C ILE C 258 22.82 -5.69 -16.26
N ASN C 259 22.45 -6.94 -16.53
CA ASN C 259 21.43 -7.70 -15.81
C ASN C 259 20.07 -7.01 -15.91
N GLU C 260 19.55 -6.99 -17.15
CA GLU C 260 18.51 -6.05 -17.55
C GLU C 260 17.22 -6.17 -16.74
N GLU C 261 16.49 -7.26 -16.85
CA GLU C 261 15.32 -7.43 -16.00
C GLU C 261 15.29 -8.83 -15.42
N TRP C 262 16.45 -9.44 -15.30
CA TRP C 262 16.56 -10.82 -14.88
C TRP C 262 17.38 -10.90 -13.62
N ILE C 263 17.51 -12.11 -13.09
CA ILE C 263 18.29 -12.34 -11.88
C ILE C 263 18.71 -13.79 -11.88
N SER C 264 19.76 -14.10 -11.12
CA SER C 264 20.19 -15.49 -10.97
C SER C 264 19.25 -16.21 -10.01
N ASP C 265 19.11 -17.53 -10.22
CA ASP C 265 18.26 -18.34 -9.38
C ASP C 265 18.81 -18.41 -7.95
N LYS C 266 20.13 -18.48 -7.81
CA LYS C 266 20.75 -18.55 -6.49
C LYS C 266 20.59 -17.23 -5.74
N THR C 267 20.71 -16.11 -6.45
CA THR C 267 20.45 -14.81 -5.86
C THR C 267 19.00 -14.69 -5.40
N ARG C 268 18.06 -15.09 -6.26
CA ARG C 268 16.65 -14.96 -5.94
C ARG C 268 16.25 -15.83 -4.76
N PHE C 269 16.84 -17.02 -4.62
CA PHE C 269 16.45 -17.94 -3.57
C PHE C 269 17.56 -18.19 -2.56
N ALA C 270 18.40 -17.20 -2.28
CA ALA C 270 19.46 -17.37 -1.31
C ALA C 270 19.40 -16.41 -0.13
N TYR C 271 18.23 -16.24 0.49
CA TYR C 271 18.14 -15.50 1.75
C TYR C 271 17.67 -16.36 2.91
N ASP C 272 17.17 -17.57 2.65
CA ASP C 272 16.87 -18.51 3.71
C ASP C 272 18.12 -18.86 4.49
N GLY C 273 19.26 -19.00 3.79
CA GLY C 273 20.54 -19.15 4.46
C GLY C 273 21.04 -17.87 5.07
N LEU C 274 20.52 -16.73 4.61
CA LEU C 274 20.87 -15.47 5.25
C LEU C 274 20.12 -15.31 6.57
N LYS C 275 19.08 -16.11 6.83
CA LYS C 275 18.47 -16.09 8.16
C LYS C 275 18.42 -17.47 8.83
N ARG C 276 19.42 -18.33 8.62
CA ARG C 276 19.30 -19.66 9.21
C ARG C 276 20.37 -20.03 10.23
N GLN C 277 21.63 -19.60 10.07
CA GLN C 277 22.66 -20.04 11.00
C GLN C 277 23.57 -18.91 11.46
N ARG C 278 23.05 -17.69 11.54
CA ARG C 278 23.87 -16.50 11.73
C ARG C 278 24.55 -16.46 13.08
N LEU C 279 25.64 -15.70 13.14
CA LEU C 279 26.41 -15.47 14.35
C LEU C 279 25.94 -14.18 14.98
N THR C 280 25.61 -14.23 16.27
CA THR C 280 25.06 -13.08 16.98
C THR C 280 25.89 -12.63 18.15
N GLU C 281 26.87 -13.41 18.59
CA GLU C 281 27.61 -13.18 19.80
C GLU C 281 29.08 -13.43 19.53
N PRO C 282 29.97 -12.55 19.98
CA PRO C 282 31.40 -12.84 19.90
C PRO C 282 31.78 -14.01 20.78
N MET C 283 32.58 -14.92 20.22
CA MET C 283 32.84 -16.21 20.85
C MET C 283 34.34 -16.42 21.03
N VAL C 284 34.69 -16.98 22.18
CA VAL C 284 36.06 -17.23 22.59
C VAL C 284 36.19 -18.71 22.96
N ARG C 285 37.30 -19.32 22.55
CA ARG C 285 37.60 -20.68 22.97
C ARG C 285 37.83 -20.75 24.47
N ASN C 286 37.14 -21.67 25.11
CA ASN C 286 37.20 -21.87 26.56
C ASN C 286 38.20 -22.98 26.87
N GLU C 287 38.97 -22.75 27.94
CA GLU C 287 40.16 -23.54 28.27
C GLU C 287 39.85 -24.98 28.64
N LYS C 288 38.59 -25.28 28.96
CA LYS C 288 38.14 -26.67 28.97
C LYS C 288 38.26 -27.30 27.59
N GLY C 289 38.12 -26.49 26.55
CA GLY C 289 38.34 -26.94 25.18
C GLY C 289 37.21 -26.47 24.29
N LEU C 290 36.21 -25.84 24.90
CA LEU C 290 34.95 -25.60 24.22
C LEU C 290 35.00 -24.26 23.50
N LEU C 291 33.86 -23.77 23.03
CA LEU C 291 33.79 -22.47 22.37
C LEU C 291 32.59 -21.73 22.96
N THR C 292 32.85 -20.92 23.98
CA THR C 292 31.80 -20.18 24.64
C THR C 292 31.67 -18.80 24.02
N HIS C 293 30.73 -18.01 24.53
CA HIS C 293 30.54 -16.65 24.04
C HIS C 293 30.73 -15.67 25.20
N THR C 294 30.95 -14.40 24.84
CA THR C 294 31.22 -13.37 25.83
C THR C 294 30.80 -12.01 25.26
N THR C 295 31.20 -10.95 25.94
CA THR C 295 30.88 -9.60 25.53
C THR C 295 31.97 -9.13 24.56
N TRP C 296 31.84 -7.92 24.02
CA TRP C 296 32.85 -7.40 23.10
C TRP C 296 34.17 -7.11 23.79
N GLU C 297 34.13 -6.76 25.09
CA GLU C 297 35.33 -6.35 25.80
C GLU C 297 36.35 -7.48 25.90
N ASP C 298 35.88 -8.70 26.21
CA ASP C 298 36.78 -9.83 26.39
C ASP C 298 37.47 -10.20 25.09
N ALA C 299 36.69 -10.34 24.01
CA ALA C 299 37.25 -10.78 22.74
C ALA C 299 38.16 -9.72 22.13
N LEU C 300 37.75 -8.45 22.19
CA LEU C 300 38.59 -7.41 21.62
C LEU C 300 39.83 -7.16 22.46
N SER C 301 39.75 -7.33 23.78
CA SER C 301 40.95 -7.19 24.60
C SER C 301 41.93 -8.33 24.36
N ARG C 302 41.40 -9.54 24.14
CA ARG C 302 42.25 -10.69 23.82
C ARG C 302 42.97 -10.50 22.48
N VAL C 303 42.21 -10.11 21.45
CA VAL C 303 42.81 -9.91 20.13
C VAL C 303 43.76 -8.72 20.15
N ALA C 304 43.47 -7.69 20.94
CA ALA C 304 44.33 -6.52 21.03
C ALA C 304 45.65 -6.86 21.70
N GLY C 305 45.60 -7.59 22.82
CA GLY C 305 46.84 -7.96 23.50
C GLY C 305 47.70 -8.90 22.67
N MET C 306 47.07 -9.84 21.96
CA MET C 306 47.83 -10.74 21.10
C MET C 306 48.41 -10.02 19.91
N LEU C 307 47.69 -9.04 19.34
CA LEU C 307 48.21 -8.32 18.19
C LEU C 307 49.29 -7.33 18.60
N GLN C 308 49.22 -6.81 19.82
CA GLN C 308 50.32 -5.99 20.32
C GLN C 308 51.57 -6.82 20.55
N SER C 309 51.41 -8.06 21.02
CA SER C 309 52.56 -8.89 21.29
C SER C 309 53.00 -9.72 20.09
N CYS C 310 52.54 -9.39 18.88
CA CYS C 310 52.92 -10.14 17.68
C CYS C 310 53.09 -9.16 16.52
N GLN C 311 54.32 -9.01 16.04
CA GLN C 311 54.60 -8.16 14.90
C GLN C 311 55.45 -8.90 13.88
N GLY C 312 55.92 -8.21 12.85
CA GLY C 312 56.85 -8.77 11.90
C GLY C 312 56.20 -9.15 10.59
N ASN C 313 56.86 -10.08 9.89
CA ASN C 313 56.36 -10.64 8.64
C ASN C 313 55.40 -11.80 8.88
N ASP C 314 55.08 -12.09 10.14
CA ASP C 314 54.33 -13.28 10.51
C ASP C 314 52.89 -12.97 10.86
N VAL C 315 52.24 -12.05 10.14
CA VAL C 315 50.82 -11.79 10.34
C VAL C 315 50.10 -11.84 8.99
N ALA C 316 49.01 -12.61 8.94
CA ALA C 316 48.33 -12.92 7.70
C ALA C 316 46.88 -12.45 7.76
N ALA C 317 46.37 -12.09 6.60
CA ALA C 317 44.98 -11.66 6.49
C ALA C 317 44.41 -12.25 5.21
N ILE C 318 43.74 -13.39 5.32
CA ILE C 318 43.03 -13.96 4.18
C ILE C 318 41.65 -13.32 4.16
N ALA C 319 41.38 -12.55 3.12
CA ALA C 319 40.12 -11.82 3.00
C ALA C 319 39.41 -12.37 1.77
N GLY C 320 38.64 -13.44 1.97
CA GLY C 320 38.01 -14.15 0.89
C GLY C 320 36.51 -14.07 0.98
N GLY C 321 35.86 -14.66 -0.03
CA GLY C 321 34.41 -14.76 0.01
C GLY C 321 33.77 -13.41 -0.19
N LEU C 322 32.77 -13.11 0.63
CA LEU C 322 31.92 -11.94 0.44
C LEU C 322 32.29 -10.88 1.47
N VAL C 323 33.26 -10.03 1.14
CA VAL C 323 33.67 -8.93 2.00
C VAL C 323 33.62 -7.63 1.21
N ASP C 324 33.78 -6.53 1.93
CA ASP C 324 33.48 -5.19 1.44
C ASP C 324 34.64 -4.57 0.68
N ALA C 325 34.57 -3.26 0.47
CA ALA C 325 35.75 -2.47 0.22
C ALA C 325 36.18 -1.69 1.45
N GLU C 326 35.22 -1.26 2.27
CA GLU C 326 35.54 -0.58 3.52
C GLU C 326 36.25 -1.51 4.48
N ALA C 327 35.81 -2.77 4.55
CA ALA C 327 36.48 -3.76 5.38
C ALA C 327 37.90 -4.01 4.91
N LEU C 328 38.11 -4.03 3.60
CA LEU C 328 39.44 -4.25 3.06
C LEU C 328 40.35 -3.06 3.32
N ILE C 329 39.83 -1.84 3.21
CA ILE C 329 40.62 -0.65 3.51
C ILE C 329 41.02 -0.62 4.97
N ALA C 330 40.06 -0.90 5.86
CA ALA C 330 40.35 -0.88 7.29
C ALA C 330 41.34 -1.98 7.68
N LEU C 331 41.19 -3.17 7.12
CA LEU C 331 42.09 -4.27 7.42
C LEU C 331 43.50 -4.01 6.89
N LYS C 332 43.60 -3.49 5.66
CA LYS C 332 44.92 -3.21 5.10
C LYS C 332 45.58 -2.04 5.81
N ASP C 333 44.81 -1.05 6.25
CA ASP C 333 45.37 0.07 6.99
C ASP C 333 45.89 -0.37 8.34
N LEU C 334 45.10 -1.17 9.06
CA LEU C 334 45.54 -1.70 10.36
C LEU C 334 46.78 -2.58 10.23
N LEU C 335 46.77 -3.51 9.27
CA LEU C 335 47.87 -4.44 9.19
C LEU C 335 49.08 -3.79 8.54
N ASN C 336 48.89 -2.66 7.86
CA ASN C 336 50.00 -1.77 7.54
C ASN C 336 50.57 -1.15 8.81
N ARG C 337 49.70 -0.71 9.73
CA ARG C 337 50.20 -0.08 10.95
C ARG C 337 50.95 -1.06 11.84
N VAL C 338 50.71 -2.37 11.71
CA VAL C 338 51.36 -3.26 12.64
C VAL C 338 52.85 -3.42 12.30
N ASP C 339 53.17 -4.18 11.24
CA ASP C 339 54.50 -4.04 10.66
C ASP C 339 54.45 -4.17 9.15
N SER C 340 53.72 -5.17 8.68
CA SER C 340 53.95 -5.71 7.35
C SER C 340 52.75 -6.57 6.97
N ASP C 341 52.92 -7.38 5.93
CA ASP C 341 51.75 -7.93 5.25
C ASP C 341 52.05 -9.32 4.71
N THR C 342 51.20 -10.28 5.05
CA THR C 342 50.80 -11.24 4.01
C THR C 342 49.27 -11.20 3.93
N LEU C 343 48.79 -10.30 3.07
CA LEU C 343 47.37 -10.18 2.80
C LEU C 343 47.03 -10.94 1.54
N CYS C 344 46.07 -11.85 1.64
CA CYS C 344 45.82 -12.79 0.56
C CYS C 344 44.32 -12.89 0.30
N THR C 345 43.99 -13.44 -0.86
CA THR C 345 42.64 -13.84 -1.22
C THR C 345 42.55 -15.35 -1.29
N GLU C 346 41.33 -15.88 -1.23
CA GLU C 346 41.16 -17.33 -1.23
C GLU C 346 41.41 -17.90 -2.62
N GLU C 347 40.66 -17.43 -3.62
CA GLU C 347 40.86 -17.88 -4.98
C GLU C 347 42.17 -17.36 -5.54
N VAL C 348 42.80 -18.17 -6.39
CA VAL C 348 44.17 -17.94 -6.81
C VAL C 348 44.18 -17.35 -8.23
N PHE C 349 44.62 -16.11 -8.34
CA PHE C 349 44.93 -15.43 -9.56
C PHE C 349 46.45 -15.31 -9.69
N PRO C 350 47.02 -15.50 -10.87
CA PRO C 350 48.48 -15.48 -10.99
C PRO C 350 49.01 -14.05 -11.12
N THR C 351 50.15 -13.81 -10.49
CA THR C 351 50.81 -12.50 -10.54
C THR C 351 52.30 -12.71 -10.82
N ALA C 352 52.62 -12.92 -12.09
CA ALA C 352 54.01 -12.97 -12.55
C ALA C 352 54.30 -11.89 -13.57
N GLY C 353 53.45 -11.74 -14.58
CA GLY C 353 53.59 -10.66 -15.53
C GLY C 353 52.71 -9.49 -15.20
N ALA C 354 53.06 -8.76 -14.13
CA ALA C 354 52.39 -7.54 -13.66
C ALA C 354 50.90 -7.82 -13.37
N GLY C 355 50.69 -8.67 -12.38
CA GLY C 355 49.36 -9.14 -12.05
C GLY C 355 48.43 -8.10 -11.45
N THR C 356 48.75 -7.62 -10.25
CA THR C 356 47.84 -6.73 -9.54
C THR C 356 47.78 -5.36 -10.18
N ASP C 357 48.94 -4.82 -10.56
CA ASP C 357 49.00 -3.55 -11.25
C ASP C 357 48.52 -3.69 -12.69
N LEU C 358 48.38 -2.54 -13.34
CA LEU C 358 48.06 -2.40 -14.77
C LEU C 358 46.72 -3.09 -15.10
N ARG C 359 45.65 -2.40 -14.67
CA ARG C 359 44.28 -2.86 -14.49
C ARG C 359 43.70 -3.82 -15.52
N SER C 360 44.17 -3.76 -16.76
CA SER C 360 43.53 -4.43 -17.87
C SER C 360 43.60 -5.95 -17.80
N ASN C 361 44.57 -6.51 -17.08
CA ASN C 361 44.78 -7.95 -17.15
C ASN C 361 44.18 -8.71 -15.97
N TYR C 362 43.21 -8.14 -15.25
CA TYR C 362 42.51 -8.94 -14.26
C TYR C 362 41.01 -8.65 -14.17
N LEU C 363 40.45 -7.80 -15.03
CA LEU C 363 39.02 -7.57 -15.03
C LEU C 363 38.46 -7.82 -16.42
N LEU C 364 37.18 -7.53 -16.60
CA LEU C 364 36.49 -7.76 -17.88
C LEU C 364 36.45 -6.40 -18.56
N ASN C 365 37.29 -6.23 -19.58
CA ASN C 365 37.61 -4.91 -20.10
C ASN C 365 36.45 -4.28 -20.85
N THR C 366 35.81 -5.03 -21.73
CA THR C 366 34.63 -4.51 -22.40
C THR C 366 33.45 -4.47 -21.43
N THR C 367 32.40 -3.77 -21.85
CA THR C 367 31.16 -3.79 -21.09
C THR C 367 30.52 -5.17 -21.28
N ILE C 368 29.83 -5.64 -20.23
CA ILE C 368 29.01 -6.85 -20.36
C ILE C 368 27.92 -6.63 -21.41
N ALA C 369 27.36 -5.42 -21.46
CA ALA C 369 26.50 -5.05 -22.57
C ALA C 369 27.27 -4.87 -23.87
N GLY C 370 28.58 -4.61 -23.79
CA GLY C 370 29.38 -4.38 -24.97
C GLY C 370 29.73 -5.62 -25.77
N VAL C 371 29.38 -6.81 -25.26
CA VAL C 371 29.63 -8.04 -26.01
C VAL C 371 28.60 -8.25 -27.10
N GLU C 372 27.54 -7.43 -27.13
CA GLU C 372 26.50 -7.56 -28.14
C GLU C 372 27.02 -7.17 -29.53
N GLU C 373 27.95 -6.23 -29.59
CA GLU C 373 28.51 -5.80 -30.87
C GLU C 373 29.72 -6.60 -31.28
N ALA C 374 30.10 -7.62 -30.50
CA ALA C 374 31.17 -8.50 -30.91
C ALA C 374 30.71 -9.44 -32.02
N ASP C 375 31.66 -10.12 -32.64
CA ASP C 375 31.36 -11.10 -33.68
C ASP C 375 31.92 -12.48 -33.41
N VAL C 376 33.15 -12.57 -32.92
CA VAL C 376 33.74 -13.86 -32.60
C VAL C 376 34.09 -13.88 -31.12
N VAL C 377 33.44 -14.76 -30.38
CA VAL C 377 33.64 -14.92 -28.95
C VAL C 377 34.18 -16.33 -28.71
N LEU C 378 35.35 -16.41 -28.09
CA LEU C 378 35.86 -17.73 -27.72
C LEU C 378 36.02 -17.79 -26.21
N LEU C 379 35.30 -18.72 -25.59
CA LEU C 379 35.39 -18.99 -24.17
C LEU C 379 36.49 -20.01 -23.96
N VAL C 380 37.36 -19.74 -22.99
CA VAL C 380 38.41 -20.70 -22.63
C VAL C 380 38.32 -21.01 -21.15
N GLY C 381 38.17 -22.30 -20.84
CA GLY C 381 38.25 -22.77 -19.48
C GLY C 381 37.13 -22.33 -18.57
N THR C 382 35.89 -22.34 -19.07
CA THR C 382 34.77 -21.92 -18.25
C THR C 382 33.50 -22.57 -18.75
N ASN C 383 32.50 -22.57 -17.88
CA ASN C 383 31.14 -22.97 -18.23
C ASN C 383 30.29 -21.77 -17.82
N PRO C 384 30.03 -20.84 -18.73
CA PRO C 384 29.36 -19.57 -18.35
C PRO C 384 27.90 -19.72 -17.98
N ARG C 385 27.31 -20.90 -18.14
CA ARG C 385 25.94 -21.11 -17.67
C ARG C 385 25.88 -21.09 -16.15
N PHE C 386 26.94 -21.55 -15.49
CA PHE C 386 26.96 -21.64 -14.03
C PHE C 386 27.90 -20.64 -13.40
N GLU C 387 28.50 -19.76 -14.19
CA GLU C 387 29.38 -18.71 -13.68
C GLU C 387 28.90 -17.41 -14.30
N ALA C 388 28.22 -16.59 -13.49
CA ALA C 388 27.47 -15.40 -13.88
C ALA C 388 26.49 -15.73 -14.99
N PRO C 389 25.36 -16.39 -14.68
CA PRO C 389 24.46 -16.88 -15.75
C PRO C 389 23.81 -15.79 -16.56
N LEU C 390 23.74 -14.56 -16.04
CA LEU C 390 23.19 -13.47 -16.83
C LEU C 390 24.15 -13.04 -17.93
N PHE C 391 25.46 -13.26 -17.73
CA PHE C 391 26.40 -13.11 -18.84
C PHE C 391 26.13 -14.12 -19.93
N ASN C 392 25.75 -15.35 -19.56
CA ASN C 392 25.37 -16.34 -20.55
C ASN C 392 24.08 -15.94 -21.25
N ALA C 393 23.13 -15.36 -20.51
CA ALA C 393 21.91 -14.87 -21.13
C ALA C 393 22.19 -13.72 -22.09
N ARG C 394 23.18 -12.90 -21.77
CA ARG C 394 23.61 -11.83 -22.67
C ARG C 394 24.24 -12.40 -23.95
N ILE C 395 25.07 -13.45 -23.79
CA ILE C 395 25.67 -14.12 -24.94
C ILE C 395 24.60 -14.75 -25.83
N ARG C 396 23.61 -15.40 -25.21
CA ARG C 396 22.56 -16.03 -26.01
C ARG C 396 21.67 -14.99 -26.68
N LYS C 397 21.41 -13.86 -26.01
CA LYS C 397 20.65 -12.78 -26.64
C LYS C 397 21.38 -12.20 -27.83
N SER C 398 22.70 -12.05 -27.71
CA SER C 398 23.51 -11.56 -28.84
C SER C 398 23.51 -12.57 -29.97
N TRP C 399 23.78 -13.85 -29.66
CA TRP C 399 23.80 -14.91 -30.65
C TRP C 399 22.46 -15.11 -31.33
N LEU C 400 21.38 -14.80 -30.62
CA LEU C 400 20.05 -14.95 -31.17
C LEU C 400 19.70 -13.80 -32.10
N HIS C 401 19.97 -12.56 -31.68
CA HIS C 401 19.55 -11.43 -32.51
C HIS C 401 20.49 -11.18 -33.68
N ASN C 402 21.79 -11.09 -33.44
CA ASN C 402 22.71 -11.02 -34.56
C ASN C 402 23.64 -12.23 -34.52
N ASP C 403 24.65 -12.24 -35.37
CA ASP C 403 25.44 -13.45 -35.57
C ASP C 403 26.67 -13.46 -34.68
N LEU C 404 26.97 -14.64 -34.14
CA LEU C 404 28.16 -14.85 -33.33
C LEU C 404 28.79 -16.18 -33.68
N LYS C 405 30.09 -16.16 -33.93
CA LYS C 405 30.89 -17.38 -33.95
C LYS C 405 31.39 -17.60 -32.54
N VAL C 406 30.77 -18.55 -31.83
CA VAL C 406 31.09 -18.86 -30.45
C VAL C 406 31.85 -20.17 -30.43
N ALA C 407 33.05 -20.16 -29.86
CA ALA C 407 33.85 -21.37 -29.74
C ALA C 407 34.32 -21.56 -28.32
N LEU C 408 34.27 -22.80 -27.86
CA LEU C 408 34.60 -23.16 -26.49
C LEU C 408 35.81 -24.07 -26.48
N ILE C 409 36.73 -23.81 -25.55
CA ILE C 409 37.93 -24.60 -25.37
C ILE C 409 37.97 -25.11 -23.94
N GLY C 410 37.79 -26.42 -23.77
CA GLY C 410 38.07 -27.05 -22.50
C GLY C 410 37.12 -28.13 -22.02
N SER C 411 35.84 -28.03 -22.35
CA SER C 411 34.90 -28.99 -21.77
C SER C 411 33.62 -29.12 -22.58
N PRO C 412 33.22 -30.33 -22.94
CA PRO C 412 31.87 -30.51 -23.50
C PRO C 412 30.81 -30.37 -22.42
N VAL C 413 30.12 -29.22 -22.42
CA VAL C 413 29.16 -28.89 -21.37
C VAL C 413 27.84 -28.51 -22.00
N ASP C 414 26.85 -28.31 -21.14
CA ASP C 414 25.46 -28.10 -21.57
C ASP C 414 25.15 -26.61 -21.68
N LEU C 415 25.89 -25.92 -22.55
CA LEU C 415 25.43 -24.61 -22.97
C LEU C 415 24.23 -24.77 -23.87
N THR C 416 23.34 -23.78 -23.84
CA THR C 416 22.04 -23.89 -24.46
C THR C 416 21.98 -23.18 -25.82
N TYR C 417 23.13 -22.96 -26.45
CA TYR C 417 23.11 -22.16 -27.67
C TYR C 417 24.07 -22.65 -28.75
N ARG C 418 24.50 -23.91 -28.71
CA ARG C 418 25.23 -24.59 -29.78
C ARG C 418 26.56 -23.89 -30.09
N TYR C 419 27.46 -24.00 -29.13
CA TYR C 419 28.82 -23.57 -29.34
C TYR C 419 29.55 -24.52 -30.28
N ASP C 420 30.50 -23.99 -31.04
CA ASP C 420 31.50 -24.82 -31.68
C ASP C 420 32.57 -25.18 -30.67
N HIS C 421 33.19 -26.34 -30.87
CA HIS C 421 34.03 -26.95 -29.85
C HIS C 421 35.43 -27.18 -30.41
N LEU C 422 36.45 -26.67 -29.72
CA LEU C 422 37.80 -26.79 -30.22
C LEU C 422 38.65 -27.83 -29.49
N GLY C 423 38.22 -28.32 -28.35
CA GLY C 423 38.90 -29.39 -27.66
C GLY C 423 39.27 -29.02 -26.23
N ASP C 424 40.03 -29.91 -25.60
CA ASP C 424 40.49 -29.74 -24.22
C ASP C 424 41.99 -29.99 -24.14
N SER C 425 42.76 -28.94 -24.43
CA SER C 425 44.22 -28.96 -24.33
C SER C 425 44.76 -27.54 -24.37
N PRO C 426 45.71 -27.20 -23.49
CA PRO C 426 46.42 -25.92 -23.65
C PRO C 426 47.30 -25.89 -24.88
N LYS C 427 47.71 -27.04 -25.42
CA LYS C 427 48.45 -27.07 -26.68
C LYS C 427 47.59 -26.67 -27.86
N ILE C 428 46.26 -26.82 -27.76
CA ILE C 428 45.37 -26.27 -28.76
C ILE C 428 45.47 -24.75 -28.79
N LEU C 429 45.53 -24.13 -27.61
CA LEU C 429 45.71 -22.69 -27.53
C LEU C 429 47.10 -22.27 -27.99
N GLN C 430 48.11 -23.11 -27.73
CA GLN C 430 49.45 -22.90 -28.28
C GLN C 430 49.42 -22.87 -29.81
N ASP C 431 48.69 -23.81 -30.42
CA ASP C 431 48.66 -23.87 -31.88
C ASP C 431 47.77 -22.78 -32.47
N ILE C 432 46.77 -22.29 -31.73
CA ILE C 432 46.03 -21.12 -32.18
C ILE C 432 46.93 -19.89 -32.17
N ALA C 433 47.79 -19.77 -31.15
CA ALA C 433 48.79 -18.71 -31.13
C ALA C 433 49.82 -18.89 -32.23
N SER C 434 50.09 -20.14 -32.62
CA SER C 434 51.01 -20.39 -33.73
C SER C 434 50.39 -19.98 -35.06
N GLY C 435 49.13 -20.31 -35.28
CA GLY C 435 48.44 -19.90 -36.48
C GLY C 435 48.08 -21.04 -37.43
N SER C 436 47.70 -22.19 -36.89
CA SER C 436 47.37 -23.36 -37.71
C SER C 436 46.06 -23.99 -37.23
N HIS C 437 44.95 -23.45 -37.72
CA HIS C 437 43.61 -23.94 -37.47
C HIS C 437 42.70 -23.44 -38.59
N PRO C 438 41.52 -24.03 -38.76
CA PRO C 438 40.47 -23.39 -39.56
C PRO C 438 39.69 -22.31 -38.82
N PHE C 439 40.10 -21.93 -37.61
CA PHE C 439 39.40 -20.97 -36.79
C PHE C 439 40.19 -19.71 -36.49
N SER C 440 41.53 -19.82 -36.45
CA SER C 440 42.36 -18.62 -36.37
C SER C 440 42.22 -17.76 -37.62
N GLN C 441 41.93 -18.39 -38.76
CA GLN C 441 41.56 -17.66 -39.97
C GLN C 441 40.31 -16.83 -39.75
N VAL C 442 39.34 -17.38 -39.01
CA VAL C 442 38.12 -16.65 -38.70
C VAL C 442 38.42 -15.49 -37.75
N LEU C 443 39.39 -15.68 -36.85
CA LEU C 443 39.83 -14.57 -35.98
C LEU C 443 40.46 -13.44 -36.77
N GLN C 444 41.44 -13.75 -37.63
CA GLN C 444 42.06 -12.67 -38.39
C GLN C 444 41.20 -12.17 -39.54
N GLU C 445 40.07 -12.80 -39.84
CA GLU C 445 39.08 -12.22 -40.73
C GLU C 445 37.88 -11.64 -39.99
N ALA C 446 37.92 -11.63 -38.66
CA ALA C 446 36.82 -11.05 -37.89
C ALA C 446 36.97 -9.54 -37.79
N LYS C 447 35.96 -8.91 -37.22
CA LYS C 447 35.92 -7.46 -37.07
C LYS C 447 36.13 -7.00 -35.64
N LYS C 448 35.38 -7.54 -34.68
CA LYS C 448 35.47 -7.14 -33.28
C LYS C 448 35.56 -8.40 -32.42
N PRO C 449 36.77 -8.90 -32.17
CA PRO C 449 36.90 -10.17 -31.44
C PRO C 449 37.13 -10.06 -29.94
N MET C 450 36.61 -11.09 -29.27
CA MET C 450 36.61 -11.19 -27.83
C MET C 450 37.02 -12.61 -27.39
N VAL C 451 38.02 -12.65 -26.52
CA VAL C 451 38.53 -13.87 -25.91
C VAL C 451 38.23 -13.78 -24.43
N VAL C 452 37.32 -14.61 -23.96
CA VAL C 452 36.88 -14.56 -22.56
C VAL C 452 37.50 -15.73 -21.81
N LEU C 453 38.31 -15.41 -20.82
CA LEU C 453 39.00 -16.41 -20.00
C LEU C 453 38.27 -16.62 -18.69
N GLY C 454 37.95 -17.86 -18.38
CA GLY C 454 37.35 -18.19 -17.09
C GLY C 454 38.41 -18.39 -16.03
N SER C 455 38.16 -17.81 -14.86
CA SER C 455 39.10 -17.91 -13.75
C SER C 455 39.07 -19.27 -13.06
N SER C 456 38.10 -20.12 -13.37
CA SER C 456 38.01 -21.42 -12.72
C SER C 456 39.10 -22.36 -13.21
N ALA C 457 39.44 -22.29 -14.50
CA ALA C 457 40.58 -23.03 -15.03
C ALA C 457 41.89 -22.31 -14.81
N LEU C 458 41.84 -21.13 -14.18
CA LEU C 458 43.02 -20.37 -13.82
C LEU C 458 43.48 -20.67 -12.41
N GLN C 459 42.65 -21.37 -11.62
CA GLN C 459 43.04 -21.76 -10.26
C GLN C 459 44.13 -22.81 -10.26
N ARG C 460 44.21 -23.62 -11.32
CA ARG C 460 45.14 -24.73 -11.36
C ARG C 460 46.57 -24.24 -11.60
N ASN C 461 47.50 -25.19 -11.70
CA ASN C 461 48.92 -24.90 -11.65
C ASN C 461 49.51 -24.53 -13.01
N ASP C 462 48.68 -24.04 -13.94
CA ASP C 462 49.15 -23.61 -15.26
C ASP C 462 48.72 -22.18 -15.56
N GLY C 463 48.51 -21.36 -14.53
CA GLY C 463 47.73 -20.14 -14.70
C GLY C 463 48.43 -19.07 -15.52
N ALA C 464 49.70 -18.80 -15.19
CA ALA C 464 50.44 -17.76 -15.90
C ALA C 464 50.71 -18.15 -17.35
N ALA C 465 50.84 -19.44 -17.63
CA ALA C 465 51.04 -19.89 -19.00
C ALA C 465 49.78 -19.70 -19.83
N ILE C 466 48.61 -20.04 -19.27
CA ILE C 466 47.35 -19.84 -19.96
C ILE C 466 47.10 -18.35 -20.21
N LEU C 467 47.40 -17.52 -19.20
CA LEU C 467 47.21 -16.08 -19.36
C LEU C 467 48.19 -15.50 -20.37
N ALA C 468 49.41 -16.04 -20.43
CA ALA C 468 50.38 -15.59 -21.42
C ALA C 468 49.96 -16.00 -22.82
N ALA C 469 49.36 -17.17 -22.98
CA ALA C 469 48.87 -17.56 -24.29
C ALA C 469 47.66 -16.73 -24.72
N VAL C 470 46.80 -16.36 -23.77
CA VAL C 470 45.67 -15.50 -24.13
C VAL C 470 46.15 -14.09 -24.49
N SER C 471 47.19 -13.61 -23.81
CA SER C 471 47.79 -12.34 -24.23
C SER C 471 48.51 -12.46 -25.57
N ASN C 472 49.01 -13.67 -25.91
CA ASN C 472 49.54 -13.90 -27.25
C ASN C 472 48.46 -13.77 -28.30
N ILE C 473 47.27 -14.33 -28.04
CA ILE C 473 46.14 -14.18 -28.97
C ILE C 473 45.74 -12.72 -29.09
N ALA C 474 45.76 -12.00 -27.97
CA ALA C 474 45.38 -10.59 -27.97
C ALA C 474 46.35 -9.73 -28.76
N GLN C 475 47.65 -9.91 -28.53
CA GLN C 475 48.64 -9.16 -29.29
C GLN C 475 48.68 -9.60 -30.74
N LYS C 476 48.33 -10.86 -31.02
CA LYS C 476 48.29 -11.35 -32.39
C LYS C 476 47.19 -10.68 -33.20
N ILE C 477 46.01 -10.53 -32.60
CA ILE C 477 44.94 -9.80 -33.29
C ILE C 477 45.20 -8.31 -33.27
N ARG C 478 45.94 -7.83 -32.26
CA ARG C 478 46.34 -6.42 -32.20
C ARG C 478 47.28 -6.06 -33.35
N THR C 479 48.15 -6.99 -33.74
CA THR C 479 49.09 -6.73 -34.83
C THR C 479 48.46 -7.04 -36.19
N SER C 480 47.95 -8.25 -36.38
CA SER C 480 47.58 -8.75 -37.70
C SER C 480 46.17 -8.31 -38.11
N SER C 481 45.92 -7.01 -38.00
CA SER C 481 44.67 -6.36 -38.36
C SER C 481 44.89 -4.86 -38.36
N GLY C 482 43.99 -4.15 -39.02
CA GLY C 482 43.96 -2.70 -38.92
C GLY C 482 43.19 -2.29 -37.68
N VAL C 483 43.69 -1.25 -37.02
CA VAL C 483 43.10 -0.81 -35.76
C VAL C 483 41.83 -0.05 -36.09
N THR C 484 40.70 -0.76 -36.03
CA THR C 484 39.41 -0.15 -36.37
C THR C 484 38.95 0.83 -35.31
N GLY C 485 39.35 0.58 -34.07
CA GLY C 485 39.04 1.49 -32.99
C GLY C 485 39.68 0.99 -31.71
N ASP C 486 39.08 1.41 -30.59
CA ASP C 486 39.51 0.92 -29.28
C ASP C 486 38.67 -0.27 -28.83
N TRP C 487 38.50 -1.24 -29.74
CA TRP C 487 37.89 -2.50 -29.35
C TRP C 487 38.89 -3.32 -28.55
N LYS C 488 38.37 -4.18 -27.67
CA LYS C 488 39.20 -4.98 -26.79
C LYS C 488 38.86 -6.46 -26.98
N VAL C 489 39.74 -7.18 -27.69
CA VAL C 489 39.74 -8.63 -27.76
C VAL C 489 39.65 -9.26 -26.37
N MET C 490 40.66 -9.02 -25.52
CA MET C 490 40.88 -9.93 -24.40
C MET C 490 40.18 -9.45 -23.14
N ASN C 491 39.61 -10.39 -22.38
CA ASN C 491 39.11 -10.12 -21.04
C ASN C 491 38.95 -11.43 -20.29
N ILE C 492 39.02 -11.34 -18.96
CA ILE C 492 38.73 -12.49 -18.11
C ILE C 492 37.46 -12.17 -17.33
N LEU C 493 36.88 -13.20 -16.74
CA LEU C 493 35.78 -13.00 -15.80
C LEU C 493 36.06 -13.76 -14.52
N HIS C 494 35.43 -13.32 -13.45
CA HIS C 494 35.64 -13.83 -12.10
C HIS C 494 34.40 -14.55 -11.61
N ARG C 495 34.48 -15.06 -10.39
CA ARG C 495 33.34 -15.63 -9.70
C ARG C 495 32.83 -14.76 -8.55
N ILE C 496 33.73 -14.22 -7.73
CA ILE C 496 33.37 -13.49 -6.53
C ILE C 496 33.86 -12.05 -6.68
N ALA C 497 33.02 -11.09 -6.25
CA ALA C 497 33.30 -9.67 -6.48
C ALA C 497 34.42 -9.15 -5.59
N SER C 498 34.58 -9.73 -4.39
CA SER C 498 35.59 -9.22 -3.48
C SER C 498 37.00 -9.53 -3.95
N GLN C 499 37.17 -10.51 -4.84
CA GLN C 499 38.48 -10.70 -5.44
C GLN C 499 38.83 -9.53 -6.36
N VAL C 500 37.84 -9.01 -7.08
CA VAL C 500 38.05 -7.84 -7.92
C VAL C 500 38.36 -6.63 -7.07
N ALA C 501 37.63 -6.46 -5.96
CA ALA C 501 37.89 -5.32 -5.08
C ALA C 501 39.26 -5.43 -4.40
N ALA C 502 39.65 -6.64 -4.00
CA ALA C 502 40.91 -6.83 -3.30
C ALA C 502 42.09 -6.71 -4.24
N LEU C 503 41.91 -7.02 -5.53
CA LEU C 503 42.99 -6.77 -6.46
C LEU C 503 43.01 -5.33 -6.96
N ASP C 504 41.88 -4.61 -6.85
CA ASP C 504 41.93 -3.18 -7.08
C ASP C 504 42.68 -2.47 -5.95
N LEU C 505 42.45 -2.88 -4.71
CA LEU C 505 43.13 -2.25 -3.60
C LEU C 505 44.57 -2.73 -3.44
N GLY C 506 44.98 -3.74 -4.19
CA GLY C 506 46.37 -4.17 -4.19
C GLY C 506 46.71 -5.22 -3.14
N TYR C 507 46.03 -6.36 -3.18
CA TYR C 507 46.43 -7.48 -2.34
C TYR C 507 47.23 -8.46 -3.18
N LYS C 508 47.88 -9.39 -2.49
CA LYS C 508 48.47 -10.53 -3.18
C LYS C 508 47.38 -11.56 -3.47
N PRO C 509 47.19 -11.97 -4.71
CA PRO C 509 46.30 -13.08 -4.98
C PRO C 509 46.98 -14.41 -4.74
N GLY C 510 46.19 -15.41 -4.41
CA GLY C 510 46.71 -16.71 -4.04
C GLY C 510 47.16 -16.75 -2.60
N VAL C 511 47.48 -17.96 -2.15
CA VAL C 511 47.90 -18.18 -0.77
C VAL C 511 49.38 -18.56 -0.70
N GLU C 512 50.14 -18.25 -1.76
CA GLU C 512 51.54 -18.66 -1.82
C GLU C 512 52.40 -17.89 -0.83
N ALA C 513 52.04 -16.65 -0.51
CA ALA C 513 52.78 -15.88 0.49
C ALA C 513 52.61 -16.44 1.90
N ILE C 514 51.52 -17.18 2.14
CA ILE C 514 51.36 -17.87 3.40
C ILE C 514 52.00 -19.26 3.36
N ARG C 515 52.00 -19.90 2.19
CA ARG C 515 52.73 -21.15 2.03
C ARG C 515 54.24 -20.96 2.20
N LYS C 516 54.75 -19.77 1.87
CA LYS C 516 56.17 -19.50 2.08
C LYS C 516 56.46 -19.18 3.55
N ASN C 517 55.71 -18.23 4.13
CA ASN C 517 55.93 -17.79 5.51
C ASN C 517 54.73 -18.18 6.36
N PRO C 518 54.81 -19.24 7.15
CA PRO C 518 53.71 -19.59 8.04
C PRO C 518 53.61 -18.61 9.19
N PRO C 519 52.47 -17.95 9.36
CA PRO C 519 52.35 -16.88 10.35
C PRO C 519 51.93 -17.43 11.72
N LYS C 520 51.96 -16.55 12.71
CA LYS C 520 51.54 -16.85 14.07
C LYS C 520 50.16 -16.29 14.37
N MET C 521 49.55 -15.57 13.44
CA MET C 521 48.26 -14.91 13.65
C MET C 521 47.64 -14.65 12.30
N LEU C 522 46.38 -15.03 12.13
CA LEU C 522 45.77 -14.78 10.84
C LEU C 522 44.30 -14.44 10.97
N PHE C 523 43.86 -13.53 10.11
CA PHE C 523 42.50 -13.03 10.11
C PHE C 523 41.77 -13.66 8.93
N LEU C 524 40.75 -14.46 9.22
CA LEU C 524 39.93 -15.05 8.16
C LEU C 524 38.70 -14.17 8.02
N LEU C 525 38.78 -13.22 7.10
CA LEU C 525 37.63 -12.43 6.72
C LEU C 525 36.88 -13.22 5.64
N GLY C 526 36.02 -14.12 6.11
CA GLY C 526 35.17 -14.89 5.23
C GLY C 526 35.89 -15.93 4.40
N ALA C 527 36.83 -16.66 4.99
CA ALA C 527 37.46 -17.77 4.30
C ALA C 527 36.46 -18.91 4.17
N ASP C 528 36.06 -19.19 2.94
CA ASP C 528 34.95 -20.13 2.72
C ASP C 528 35.39 -21.58 2.83
N GLY C 529 36.29 -22.01 1.95
CA GLY C 529 36.59 -23.41 1.78
C GLY C 529 37.87 -23.85 2.45
N GLY C 530 38.53 -24.83 1.84
CA GLY C 530 39.79 -25.34 2.34
C GLY C 530 40.97 -24.50 1.88
N CYS C 531 40.98 -23.22 2.27
CA CYS C 531 42.11 -22.36 1.93
C CYS C 531 43.33 -22.71 2.76
N VAL C 532 43.23 -22.57 4.09
CA VAL C 532 44.21 -23.06 5.03
C VAL C 532 43.48 -23.75 6.16
N THR C 533 44.20 -24.61 6.86
CA THR C 533 43.70 -25.27 8.07
C THR C 533 44.67 -25.02 9.20
N ARG C 534 44.42 -25.68 10.34
CA ARG C 534 45.41 -25.78 11.39
C ARG C 534 46.49 -26.80 11.05
N GLN C 535 46.23 -27.68 10.09
CA GLN C 535 47.21 -28.67 9.67
C GLN C 535 48.27 -28.11 8.74
N ASP C 536 48.09 -26.90 8.24
CA ASP C 536 49.02 -26.29 7.29
C ASP C 536 49.71 -25.10 7.91
N LEU C 537 50.03 -25.20 9.19
CA LEU C 537 50.32 -24.01 9.97
C LEU C 537 50.98 -24.46 11.27
N PRO C 538 51.77 -23.61 11.96
CA PRO C 538 52.32 -24.01 13.26
C PRO C 538 51.29 -24.14 14.36
N LYS C 539 51.75 -24.49 15.57
CA LYS C 539 50.85 -24.86 16.65
C LYS C 539 50.08 -23.66 17.19
N ASP C 540 50.78 -22.56 17.44
CA ASP C 540 50.16 -21.34 17.93
C ASP C 540 49.45 -20.67 16.77
N CYS C 541 48.18 -21.02 16.56
CA CYS C 541 47.48 -20.61 15.37
C CYS C 541 46.98 -19.18 15.48
N PHE C 542 46.07 -18.94 16.43
CA PHE C 542 45.37 -17.68 16.65
C PHE C 542 44.68 -17.20 15.36
N ILE C 543 43.67 -17.97 15.03
CA ILE C 543 42.77 -17.69 13.91
C ILE C 543 41.66 -16.79 14.42
N VAL C 544 41.57 -15.59 13.87
CA VAL C 544 40.46 -14.70 14.18
C VAL C 544 39.53 -14.73 12.98
N TYR C 545 38.43 -15.47 13.09
CA TYR C 545 37.42 -15.51 12.05
C TYR C 545 36.47 -14.35 12.24
N GLN C 546 36.10 -13.69 11.15
CA GLN C 546 35.16 -12.57 11.20
C GLN C 546 34.12 -12.74 10.11
N GLY C 547 32.87 -12.97 10.49
CA GLY C 547 31.84 -13.12 9.48
C GLY C 547 30.57 -13.71 10.05
N HIS C 548 29.69 -14.12 9.13
CA HIS C 548 28.34 -14.57 9.45
C HIS C 548 28.10 -15.96 8.92
N HIS C 549 27.49 -16.80 9.76
CA HIS C 549 27.21 -18.24 9.59
C HIS C 549 28.35 -19.01 8.94
N GLY C 550 29.50 -19.00 9.60
CA GLY C 550 30.61 -19.83 9.15
C GLY C 550 30.29 -21.30 9.32
N ASP C 551 30.62 -22.09 8.31
CA ASP C 551 30.43 -23.54 8.36
C ASP C 551 31.72 -24.31 8.22
N VAL C 552 32.69 -23.80 7.48
CA VAL C 552 34.02 -24.38 7.38
C VAL C 552 34.99 -23.35 7.92
N GLY C 553 35.69 -23.70 9.00
CA GLY C 553 36.60 -22.81 9.68
C GLY C 553 36.07 -22.28 10.99
N ALA C 554 34.76 -22.06 11.08
CA ALA C 554 34.17 -21.61 12.33
C ALA C 554 34.32 -22.59 13.49
N PRO C 555 34.26 -23.92 13.32
CA PRO C 555 34.74 -24.77 14.42
C PRO C 555 36.25 -24.72 14.59
N ILE C 556 37.00 -24.54 13.51
CA ILE C 556 38.45 -24.59 13.56
C ILE C 556 39.04 -23.33 14.20
N ALA C 557 38.34 -22.21 14.12
CA ALA C 557 38.93 -20.93 14.49
C ALA C 557 39.05 -20.77 15.99
N ASP C 558 39.71 -19.69 16.38
CA ASP C 558 40.01 -19.39 17.78
C ASP C 558 39.15 -18.27 18.32
N VAL C 559 39.04 -17.14 17.62
CA VAL C 559 38.18 -16.04 18.08
C VAL C 559 37.16 -15.77 16.99
N ILE C 560 35.88 -15.89 17.34
CA ILE C 560 34.79 -15.73 16.37
C ILE C 560 34.19 -14.35 16.57
N LEU C 561 34.17 -13.55 15.51
CA LEU C 561 33.56 -12.23 15.54
C LEU C 561 32.37 -12.20 14.58
N PRO C 562 31.20 -11.79 15.05
CA PRO C 562 30.01 -11.79 14.19
C PRO C 562 29.91 -10.58 13.26
N GLY C 563 30.52 -10.66 12.09
CA GLY C 563 30.35 -9.63 11.10
C GLY C 563 28.95 -9.60 10.51
N ALA C 564 28.68 -8.53 9.75
CA ALA C 564 27.36 -8.31 9.19
C ALA C 564 27.19 -9.10 7.89
N ALA C 565 26.11 -8.83 7.16
CA ALA C 565 25.79 -9.54 5.93
C ALA C 565 25.74 -8.56 4.76
N TYR C 566 25.36 -9.07 3.58
CA TYR C 566 25.40 -8.22 2.40
C TYR C 566 24.13 -7.39 2.23
N THR C 567 23.05 -7.72 2.93
CA THR C 567 21.87 -6.88 2.95
C THR C 567 21.80 -6.02 4.19
N GLU C 568 22.88 -5.97 4.97
CA GLU C 568 22.80 -5.46 6.33
C GLU C 568 23.83 -4.38 6.63
N LYS C 569 24.50 -3.83 5.64
CA LYS C 569 25.53 -2.83 5.87
C LYS C 569 25.78 -2.03 4.60
N SER C 570 26.27 -0.81 4.79
CA SER C 570 26.61 0.07 3.68
C SER C 570 27.98 -0.31 3.18
N ALA C 571 28.04 -1.12 2.14
CA ALA C 571 29.28 -1.64 1.62
C ALA C 571 29.64 -0.92 0.32
N THR C 572 30.70 -1.40 -0.32
CA THR C 572 31.12 -0.89 -1.62
C THR C 572 31.63 -2.08 -2.42
N TYR C 573 30.93 -2.43 -3.49
CA TYR C 573 31.22 -3.62 -4.26
C TYR C 573 31.56 -3.26 -5.69
N VAL C 574 32.45 -4.05 -6.27
CA VAL C 574 32.92 -3.86 -7.63
C VAL C 574 32.53 -5.10 -8.42
N ASN C 575 31.90 -4.89 -9.57
CA ASN C 575 31.58 -6.02 -10.45
C ASN C 575 32.83 -6.44 -11.23
N THR C 576 32.65 -7.30 -12.22
CA THR C 576 33.80 -7.81 -12.96
C THR C 576 34.35 -6.84 -13.97
N GLU C 577 33.69 -5.69 -14.18
CA GLU C 577 34.13 -4.72 -15.18
C GLU C 577 34.49 -3.38 -14.56
N GLY C 578 34.72 -3.35 -13.25
CA GLY C 578 35.22 -2.15 -12.60
C GLY C 578 34.18 -1.16 -12.16
N ARG C 579 32.90 -1.40 -12.44
CA ARG C 579 31.86 -0.49 -11.97
C ARG C 579 31.67 -0.64 -10.47
N ALA C 580 31.59 0.48 -9.78
CA ALA C 580 31.44 0.48 -8.32
C ALA C 580 29.95 0.59 -7.99
N GLN C 581 29.45 -0.36 -7.20
CA GLN C 581 28.06 -0.40 -6.81
C GLN C 581 27.98 -0.62 -5.31
N GLN C 582 27.15 0.16 -4.63
CA GLN C 582 27.09 0.12 -3.18
C GLN C 582 25.75 -0.43 -2.69
N THR C 583 25.81 -1.21 -1.62
CA THR C 583 24.62 -1.71 -0.97
C THR C 583 24.03 -0.65 -0.05
N LYS C 584 22.83 -0.91 0.45
CA LYS C 584 22.15 -0.02 1.37
C LYS C 584 21.66 -0.81 2.57
N VAL C 585 21.64 -0.15 3.73
CA VAL C 585 21.28 -0.81 4.98
C VAL C 585 19.76 -0.94 4.99
N ALA C 586 19.26 -2.13 4.65
CA ALA C 586 17.82 -2.39 4.70
C ALA C 586 17.36 -2.98 6.01
N VAL C 587 18.21 -3.79 6.65
CA VAL C 587 17.93 -4.44 7.92
C VAL C 587 19.19 -4.44 8.76
N MET C 588 19.10 -3.96 9.99
CA MET C 588 20.25 -4.01 10.88
C MET C 588 20.54 -5.44 11.30
N PRO C 589 21.81 -5.82 11.44
CA PRO C 589 22.18 -7.23 11.66
C PRO C 589 21.73 -7.72 13.02
N PRO C 590 21.18 -8.93 13.08
CA PRO C 590 20.59 -9.41 14.34
C PRO C 590 21.65 -9.90 15.30
N GLY C 591 21.39 -9.67 16.58
CA GLY C 591 22.38 -9.96 17.59
C GLY C 591 23.18 -8.73 17.92
N LEU C 592 24.41 -8.90 18.38
CA LEU C 592 25.27 -7.73 18.58
C LEU C 592 25.74 -7.24 17.22
N ALA C 593 26.54 -8.06 16.54
CA ALA C 593 26.68 -8.12 15.08
C ALA C 593 27.00 -6.76 14.43
N ARG C 594 28.18 -6.25 14.76
CA ARG C 594 28.60 -4.97 14.23
C ARG C 594 29.01 -5.11 12.76
N GLU C 595 29.34 -3.97 12.15
CA GLU C 595 29.89 -3.96 10.80
C GLU C 595 31.33 -4.44 10.83
N ASP C 596 31.97 -4.48 9.67
CA ASP C 596 33.31 -5.05 9.62
C ASP C 596 34.40 -4.02 9.91
N TRP C 597 34.39 -2.90 9.19
CA TRP C 597 35.38 -1.87 9.41
C TRP C 597 35.19 -1.18 10.76
N LYS C 598 33.96 -1.21 11.28
CA LYS C 598 33.70 -0.68 12.61
C LYS C 598 34.39 -1.53 13.67
N ILE C 599 34.30 -2.86 13.53
CA ILE C 599 35.03 -3.79 14.39
C ILE C 599 36.54 -3.57 14.27
N ILE C 600 37.02 -3.38 13.04
CA ILE C 600 38.46 -3.27 12.85
C ILE C 600 39.01 -1.97 13.43
N ARG C 601 38.27 -0.86 13.28
CA ARG C 601 38.76 0.39 13.84
C ARG C 601 38.61 0.42 15.36
N ALA C 602 37.58 -0.25 15.90
CA ALA C 602 37.50 -0.38 17.36
C ALA C 602 38.60 -1.28 17.90
N LEU C 603 38.98 -2.30 17.14
CA LEU C 603 40.10 -3.16 17.50
C LEU C 603 41.41 -2.37 17.45
N SER C 604 41.50 -1.44 16.51
CA SER C 604 42.66 -0.56 16.45
C SER C 604 42.72 0.36 17.65
N GLU C 605 41.56 0.85 18.10
CA GLU C 605 41.53 1.72 19.27
C GLU C 605 41.88 0.96 20.54
N ILE C 606 41.38 -0.26 20.69
CA ILE C 606 41.65 -1.03 21.90
C ILE C 606 43.09 -1.52 21.91
N ALA C 607 43.64 -1.86 20.76
CA ALA C 607 45.08 -2.08 20.68
C ALA C 607 45.82 -0.75 20.81
N GLY C 608 47.13 -0.83 20.98
CA GLY C 608 47.92 0.36 21.23
C GLY C 608 48.27 1.16 19.98
N MET C 609 47.28 1.52 19.20
CA MET C 609 47.46 2.30 17.98
C MET C 609 46.13 2.99 17.66
N THR C 610 46.02 3.50 16.44
CA THR C 610 44.79 4.14 15.99
C THR C 610 44.74 4.10 14.47
N LEU C 611 43.53 4.17 13.94
CA LEU C 611 43.31 4.40 12.52
C LEU C 611 42.78 5.81 12.33
N PRO C 612 43.38 6.62 11.48
CA PRO C 612 43.12 8.07 11.45
C PRO C 612 41.82 8.49 10.80
N TYR C 613 40.72 7.86 11.19
CA TYR C 613 39.40 8.21 10.69
C TYR C 613 38.34 7.70 11.65
N ASP C 614 37.17 8.35 11.60
CA ASP C 614 36.11 8.12 12.55
C ASP C 614 34.88 7.48 11.92
N THR C 615 34.31 8.12 10.90
CA THR C 615 33.02 7.71 10.34
C THR C 615 33.16 7.35 8.87
N LEU C 616 32.01 7.00 8.28
CA LEU C 616 31.99 6.32 6.99
C LEU C 616 32.36 7.25 5.84
N ASP C 617 32.08 8.55 5.97
CA ASP C 617 32.52 9.48 4.94
C ASP C 617 34.05 9.62 4.95
N GLN C 618 34.66 9.57 6.13
CA GLN C 618 36.11 9.56 6.18
C GLN C 618 36.69 8.25 5.66
N VAL C 619 35.94 7.15 5.86
CA VAL C 619 36.36 5.86 5.29
C VAL C 619 36.34 5.92 3.77
N ARG C 620 35.29 6.50 3.20
CA ARG C 620 35.21 6.60 1.74
C ARG C 620 36.19 7.64 1.20
N ASN C 621 36.57 8.62 2.01
CA ASN C 621 37.64 9.52 1.60
C ASN C 621 38.98 8.80 1.54
N ARG C 622 39.25 7.92 2.50
CA ARG C 622 40.46 7.10 2.36
C ARG C 622 40.32 6.07 1.25
N LEU C 623 39.10 5.65 0.95
CA LEU C 623 38.87 4.76 -0.19
C LEU C 623 39.23 5.45 -1.50
N GLU C 624 38.89 6.72 -1.64
CA GLU C 624 39.36 7.48 -2.80
C GLU C 624 40.86 7.74 -2.73
N GLU C 625 41.40 7.94 -1.54
CA GLU C 625 42.84 8.11 -1.37
C GLU C 625 43.63 6.81 -1.44
N VAL C 626 42.98 5.69 -1.74
CA VAL C 626 43.66 4.46 -2.14
C VAL C 626 43.42 4.16 -3.62
N SER C 627 42.16 4.23 -4.06
CA SER C 627 41.88 4.02 -5.47
C SER C 627 40.69 4.88 -5.89
N PRO C 628 40.82 5.65 -6.97
CA PRO C 628 39.89 6.77 -7.18
C PRO C 628 38.59 6.38 -7.84
N ASN C 629 38.50 5.23 -8.50
CA ASN C 629 37.27 4.89 -9.20
C ASN C 629 36.17 4.40 -8.27
N LEU C 630 36.45 4.20 -6.98
CA LEU C 630 35.48 3.63 -6.07
C LEU C 630 34.61 4.69 -5.41
N VAL C 631 34.58 5.90 -5.96
CA VAL C 631 33.59 6.90 -5.56
C VAL C 631 32.66 7.27 -6.71
N ARG C 632 33.06 7.09 -7.97
CA ARG C 632 32.20 7.35 -9.10
C ARG C 632 31.28 6.14 -9.27
N TYR C 633 30.19 6.17 -8.52
CA TYR C 633 29.29 5.03 -8.43
C TYR C 633 28.52 4.84 -9.74
N ASP C 634 28.26 3.56 -10.04
CA ASP C 634 27.49 3.10 -11.22
C ASP C 634 28.10 3.56 -12.54
N ASP C 635 29.42 3.77 -12.56
CA ASP C 635 30.12 4.29 -13.73
C ASP C 635 31.35 3.45 -14.02
N VAL C 636 31.68 3.33 -15.30
CA VAL C 636 32.74 2.45 -15.78
C VAL C 636 33.76 3.28 -16.55
N GLU C 637 35.02 2.85 -16.47
CA GLU C 637 36.06 3.36 -17.34
C GLU C 637 37.09 2.27 -17.52
N GLY C 638 37.30 1.85 -18.78
CA GLY C 638 38.17 0.73 -19.06
C GLY C 638 39.64 1.12 -19.09
N ALA C 639 40.48 0.10 -18.87
CA ALA C 639 41.93 0.30 -18.87
C ALA C 639 42.47 0.23 -20.29
N ASN C 640 43.79 0.19 -20.41
CA ASN C 640 44.50 0.24 -21.69
C ASN C 640 45.78 -0.59 -21.52
N TYR C 641 46.76 -0.33 -22.40
CA TYR C 641 48.15 -0.78 -22.26
C TYR C 641 48.27 -2.30 -22.45
N PHE C 642 47.58 -2.81 -23.47
CA PHE C 642 47.68 -4.23 -23.81
C PHE C 642 49.09 -4.60 -24.25
N GLN C 643 49.78 -3.68 -24.94
CA GLN C 643 51.15 -3.92 -25.37
C GLN C 643 52.10 -4.02 -24.18
N GLN C 644 51.96 -3.12 -23.20
CA GLN C 644 52.81 -3.17 -22.02
C GLN C 644 52.53 -4.40 -21.17
N ALA C 645 51.25 -4.77 -21.03
CA ALA C 645 50.91 -5.99 -20.30
C ALA C 645 51.45 -7.23 -21.00
N SER C 646 51.38 -7.25 -22.34
CA SER C 646 51.85 -8.40 -23.10
C SER C 646 53.37 -8.52 -23.04
N GLU C 647 54.09 -7.39 -23.10
CA GLU C 647 55.54 -7.49 -23.04
C GLU C 647 56.03 -7.76 -21.62
N LEU C 648 55.25 -7.37 -20.60
CA LEU C 648 55.58 -7.82 -19.26
C LEU C 648 55.28 -9.29 -19.04
N SER C 649 54.39 -9.88 -19.83
CA SER C 649 54.16 -11.31 -19.74
C SER C 649 55.29 -12.14 -20.36
N LYS C 650 56.27 -11.52 -21.02
CA LYS C 650 57.28 -12.21 -21.82
C LYS C 650 58.59 -12.42 -21.10
N LEU C 651 58.56 -12.72 -19.81
CA LEU C 651 59.80 -12.95 -19.07
C LEU C 651 59.94 -14.35 -18.52
N VAL C 652 58.84 -14.96 -18.07
CA VAL C 652 58.87 -16.24 -17.39
C VAL C 652 58.14 -17.28 -18.25
N ASN C 653 58.85 -18.31 -18.68
CA ASN C 653 58.27 -19.41 -19.42
C ASN C 653 57.90 -20.54 -18.47
N GLN C 654 56.65 -21.00 -18.56
CA GLN C 654 56.18 -22.17 -17.82
C GLN C 654 55.79 -23.27 -18.78
N GLN C 655 56.01 -24.51 -18.36
CA GLN C 655 55.57 -25.65 -19.14
C GLN C 655 54.05 -25.79 -19.04
N LEU C 656 53.39 -25.87 -20.18
CA LEU C 656 51.94 -26.00 -20.23
C LEU C 656 51.60 -27.48 -20.10
N LEU C 657 51.06 -27.88 -18.96
CA LEU C 657 50.68 -29.26 -18.74
C LEU C 657 49.47 -29.61 -19.59
N ALA C 658 49.54 -30.74 -20.29
CA ALA C 658 48.50 -31.15 -21.24
C ALA C 658 47.42 -31.98 -20.57
N ASP C 659 47.20 -31.82 -19.28
CA ASP C 659 46.10 -32.49 -18.60
C ASP C 659 44.78 -31.86 -19.04
N PRO C 660 43.68 -32.64 -19.04
CA PRO C 660 42.40 -32.08 -19.48
C PRO C 660 41.83 -31.08 -18.49
N LEU C 661 41.88 -29.81 -18.86
CA LEU C 661 41.37 -28.75 -18.01
C LEU C 661 39.84 -28.76 -18.02
N VAL C 662 39.25 -28.70 -16.84
CA VAL C 662 37.79 -28.80 -16.74
C VAL C 662 37.30 -27.81 -15.69
N PRO C 663 36.20 -27.12 -15.94
CA PRO C 663 35.63 -26.26 -14.89
C PRO C 663 34.96 -27.12 -13.83
N PRO C 664 34.98 -26.68 -12.57
CA PRO C 664 34.24 -27.43 -11.55
C PRO C 664 32.75 -27.24 -11.65
N GLN C 665 32.28 -26.07 -12.10
CA GLN C 665 30.85 -25.77 -12.22
C GLN C 665 30.31 -26.54 -13.43
N LEU C 666 30.09 -27.84 -13.25
CA LEU C 666 29.71 -28.69 -14.36
C LEU C 666 28.22 -28.94 -14.45
N THR C 667 27.48 -28.83 -13.35
CA THR C 667 26.06 -29.16 -13.38
C THR C 667 25.31 -28.36 -12.33
N ILE C 668 24.04 -28.71 -12.17
CA ILE C 668 23.10 -27.91 -11.39
C ILE C 668 23.42 -28.00 -9.90
N LYS C 669 23.82 -29.18 -9.43
CA LYS C 669 24.14 -29.38 -8.02
C LYS C 669 25.36 -28.57 -7.61
N ASP C 670 26.33 -28.43 -8.53
CA ASP C 670 27.55 -27.71 -8.22
C ASP C 670 27.38 -26.22 -8.44
N PHE C 671 26.35 -25.82 -9.20
CA PHE C 671 25.96 -24.42 -9.14
C PHE C 671 25.30 -24.10 -7.80
N TYR C 672 24.43 -24.99 -7.33
CA TYR C 672 23.61 -24.68 -6.17
C TYR C 672 24.34 -24.72 -4.85
N MET C 673 25.35 -25.59 -4.70
CA MET C 673 25.94 -25.76 -3.37
C MET C 673 27.20 -24.96 -3.11
N THR C 674 27.83 -24.36 -4.12
CA THR C 674 29.21 -23.90 -3.93
C THR C 674 29.25 -22.42 -3.52
N ASP C 675 28.66 -22.15 -2.35
CA ASP C 675 28.80 -20.90 -1.60
C ASP C 675 28.39 -21.16 -0.17
N SER C 676 28.71 -20.19 0.70
CA SER C 676 28.36 -20.32 2.11
C SER C 676 26.89 -20.00 2.36
N ILE C 677 26.38 -18.93 1.73
CA ILE C 677 24.98 -18.55 1.93
C ILE C 677 24.06 -19.58 1.30
N SER C 678 24.38 -20.01 0.08
CA SER C 678 23.61 -21.09 -0.54
C SER C 678 23.84 -22.43 0.14
N ARG C 679 24.97 -22.60 0.82
CA ARG C 679 25.20 -23.84 1.54
C ARG C 679 24.37 -23.92 2.81
N ALA C 680 24.17 -22.78 3.48
CA ALA C 680 23.47 -22.78 4.76
C ALA C 680 21.97 -22.96 4.63
N SER C 681 21.39 -22.64 3.47
CA SER C 681 19.94 -22.58 3.32
C SER C 681 19.32 -23.98 3.27
N GLN C 682 17.98 -23.99 3.21
CA GLN C 682 17.24 -25.22 3.00
C GLN C 682 16.57 -25.30 1.64
N THR C 683 16.28 -24.15 1.02
CA THR C 683 15.65 -24.16 -0.30
C THR C 683 16.62 -24.68 -1.35
N MET C 684 17.89 -24.30 -1.23
CA MET C 684 18.92 -24.87 -2.08
C MET C 684 19.08 -26.36 -1.85
N ALA C 685 18.93 -26.84 -0.62
CA ALA C 685 19.03 -28.27 -0.35
C ALA C 685 17.84 -29.03 -0.96
N LYS C 686 16.66 -28.42 -0.93
CA LYS C 686 15.48 -29.03 -1.53
C LYS C 686 15.62 -29.16 -3.04
N CYS C 687 16.07 -28.08 -3.71
CA CYS C 687 16.23 -28.21 -5.14
C CYS C 687 17.47 -29.04 -5.53
N VAL C 688 18.47 -29.15 -4.63
CA VAL C 688 19.58 -30.08 -4.87
C VAL C 688 19.07 -31.51 -4.87
N LYS C 689 18.30 -31.90 -3.86
CA LYS C 689 17.80 -33.28 -3.85
C LYS C 689 16.76 -33.51 -4.94
N ALA C 690 16.07 -32.45 -5.38
CA ALA C 690 15.12 -32.60 -6.49
C ALA C 690 15.84 -32.81 -7.82
N VAL C 691 16.98 -32.13 -8.03
CA VAL C 691 17.72 -32.32 -9.26
C VAL C 691 18.47 -33.65 -9.25
N THR C 692 19.12 -33.98 -8.13
CA THR C 692 19.90 -35.22 -8.06
C THR C 692 19.02 -36.45 -8.02
N GLU C 693 17.80 -36.35 -7.50
CA GLU C 693 16.87 -37.47 -7.59
C GLU C 693 16.08 -37.41 -8.89
N SER D 45 -1.80 47.25 39.87
CA SER D 45 -2.26 47.55 38.52
C SER D 45 -3.69 47.06 38.30
N ASN D 46 -3.82 45.88 37.69
CA ASN D 46 -5.11 45.25 37.44
C ASN D 46 -4.95 43.74 37.62
N LEU D 47 -6.07 43.07 37.86
CA LEU D 47 -6.03 41.69 38.33
C LEU D 47 -5.95 40.73 37.15
N THR D 48 -4.82 40.03 37.02
CA THR D 48 -4.59 39.13 35.89
C THR D 48 -4.93 37.71 36.33
N LEU D 49 -6.21 37.38 36.24
CA LEU D 49 -6.66 36.04 36.61
C LEU D 49 -6.33 35.03 35.53
N ASN D 50 -6.08 33.79 35.97
CA ASN D 50 -5.72 32.67 35.10
C ASN D 50 -6.74 31.56 35.32
N PHE D 51 -7.85 31.62 34.60
CA PHE D 51 -8.84 30.55 34.66
C PHE D 51 -8.31 29.32 33.94
N GLY D 52 -8.02 28.28 34.71
CA GLY D 52 -7.44 27.07 34.18
C GLY D 52 -8.46 26.15 33.54
N PRO D 53 -8.11 24.87 33.38
CA PRO D 53 -9.00 23.94 32.68
C PRO D 53 -10.11 23.36 33.54
N GLN D 54 -10.38 23.93 34.71
CA GLN D 54 -11.49 23.42 35.52
C GLN D 54 -12.82 23.86 34.91
N HIS D 55 -13.90 23.29 35.43
CA HIS D 55 -15.20 23.56 34.83
C HIS D 55 -15.93 24.66 35.58
N PRO D 56 -16.45 25.67 34.84
CA PRO D 56 -17.12 26.83 35.45
C PRO D 56 -18.46 26.49 36.09
N GLY D 60 -16.69 24.65 28.42
CA GLY D 60 -15.79 23.55 28.12
C GLY D 60 -14.44 23.64 28.81
N VAL D 61 -13.39 23.28 28.08
CA VAL D 61 -12.04 23.21 28.62
C VAL D 61 -11.14 24.15 27.81
N LEU D 62 -10.50 25.08 28.50
CA LEU D 62 -9.66 26.11 27.89
C LEU D 62 -8.66 26.59 28.93
N ARG D 63 -7.94 27.66 28.60
CA ARG D 63 -7.32 28.50 29.61
C ARG D 63 -7.61 29.94 29.23
N LEU D 64 -7.93 30.78 30.21
CA LEU D 64 -8.27 32.16 29.89
C LEU D 64 -7.51 33.08 30.82
N VAL D 65 -6.72 33.98 30.26
CA VAL D 65 -5.99 34.96 31.05
C VAL D 65 -6.70 36.29 30.90
N MET D 66 -7.34 36.76 31.97
CA MET D 66 -8.07 38.01 31.92
C MET D 66 -7.39 39.04 32.81
N GLU D 67 -6.80 40.06 32.18
CA GLU D 67 -6.36 41.27 32.86
C GLU D 67 -7.63 42.08 33.11
N LEU D 68 -8.28 41.85 34.23
CA LEU D 68 -9.56 42.49 34.49
C LEU D 68 -9.35 43.76 35.31
N SER D 69 -10.18 44.78 35.05
CA SER D 69 -10.39 45.81 36.05
C SER D 69 -11.56 45.35 36.92
N GLY D 70 -11.31 45.32 38.24
CA GLY D 70 -12.26 45.52 39.34
C GLY D 70 -13.67 45.02 39.22
N GLU D 71 -13.86 43.71 39.00
CA GLU D 71 -15.13 42.98 38.84
C GLU D 71 -15.79 43.29 37.49
N MET D 72 -15.24 44.26 36.77
CA MET D 72 -15.64 44.62 35.42
C MET D 72 -14.35 44.89 34.68
N VAL D 73 -14.01 43.98 33.76
CA VAL D 73 -12.79 43.47 33.12
C VAL D 73 -11.94 44.55 32.44
N ARG D 74 -10.80 44.20 31.83
CA ARG D 74 -10.23 45.09 30.84
C ARG D 74 -9.75 44.40 29.57
N LYS D 75 -9.14 43.22 29.64
CA LYS D 75 -8.43 42.65 28.49
C LYS D 75 -8.34 41.14 28.70
N CYS D 76 -9.16 40.39 27.98
CA CYS D 76 -9.22 38.94 28.13
C CYS D 76 -8.60 38.26 26.92
N ASP D 77 -7.84 37.20 27.17
CA ASP D 77 -7.12 36.46 26.13
C ASP D 77 -7.37 34.97 26.32
N PRO D 78 -8.04 34.31 25.39
CA PRO D 78 -8.23 32.85 25.48
C PRO D 78 -7.01 32.11 24.96
N HIS D 79 -6.29 31.46 25.86
CA HIS D 79 -5.28 30.48 25.47
C HIS D 79 -5.99 29.16 25.22
N ILE D 80 -6.17 28.83 23.94
CA ILE D 80 -6.77 27.58 23.49
C ILE D 80 -5.73 26.83 22.69
N GLY D 81 -5.94 25.53 22.54
CA GLY D 81 -4.99 24.68 21.84
C GLY D 81 -4.56 23.59 22.78
N LEU D 82 -5.23 23.51 23.93
CA LEU D 82 -4.93 22.48 24.90
C LEU D 82 -5.38 21.12 24.41
N LEU D 83 -6.45 21.07 23.62
CA LEU D 83 -6.92 19.83 23.03
C LEU D 83 -6.45 19.74 21.57
N HIS D 84 -5.13 19.69 21.39
CA HIS D 84 -4.55 19.63 20.05
C HIS D 84 -4.13 18.22 19.72
N ARG D 85 -4.56 17.73 18.56
CA ARG D 85 -4.44 16.31 18.27
C ARG D 85 -3.61 16.00 17.04
N GLY D 86 -3.69 16.81 15.99
CA GLY D 86 -2.84 16.60 14.83
C GLY D 86 -3.60 15.97 13.67
N THR D 87 -4.86 16.37 13.55
CA THR D 87 -5.77 15.78 12.57
C THR D 87 -5.31 16.01 11.15
N GLU D 88 -4.74 17.18 10.86
CA GLU D 88 -4.41 17.49 9.47
C GLU D 88 -3.21 16.69 9.01
N LYS D 89 -2.20 16.53 9.87
CA LYS D 89 -1.03 15.72 9.53
C LYS D 89 -1.42 14.24 9.42
N LEU D 90 -2.33 13.78 10.29
CA LEU D 90 -2.76 12.39 10.21
C LEU D 90 -3.57 12.10 8.96
N ILE D 91 -4.40 13.04 8.51
CA ILE D 91 -5.14 12.85 7.28
C ILE D 91 -4.20 12.92 6.08
N GLU D 92 -3.16 13.76 6.15
CA GLU D 92 -2.16 13.80 5.10
C GLU D 92 -1.43 12.46 4.95
N TYR D 93 -1.20 11.74 6.04
CA TYR D 93 -0.54 10.45 5.91
C TYR D 93 -1.49 9.27 5.83
N LYS D 94 -2.78 9.50 5.57
CA LYS D 94 -3.73 8.40 5.38
C LYS D 94 -4.53 8.62 4.11
N THR D 95 -5.43 7.69 3.82
CA THR D 95 -6.21 7.69 2.59
C THR D 95 -7.50 8.45 2.82
N TYR D 96 -8.48 8.32 1.92
CA TYR D 96 -9.72 9.06 2.03
C TYR D 96 -10.72 8.36 2.95
N LEU D 97 -11.06 7.11 2.60
CA LEU D 97 -11.99 6.32 3.39
C LEU D 97 -11.46 6.04 4.79
N GLN D 98 -10.14 5.87 4.93
CA GLN D 98 -9.58 5.61 6.24
C GLN D 98 -9.58 6.85 7.12
N ALA D 99 -9.41 8.03 6.53
CA ALA D 99 -9.38 9.26 7.32
C ALA D 99 -10.71 9.98 7.33
N LEU D 100 -11.76 9.32 6.86
CA LEU D 100 -13.11 9.84 7.12
C LEU D 100 -13.51 9.93 8.61
N PRO D 101 -13.17 8.99 9.51
CA PRO D 101 -13.53 9.22 10.93
C PRO D 101 -12.85 10.40 11.61
N TYR D 102 -11.70 10.87 11.12
CA TYR D 102 -11.14 12.13 11.62
C TYR D 102 -12.09 13.29 11.37
N PHE D 103 -12.72 13.32 10.20
CA PHE D 103 -13.75 14.30 9.94
C PHE D 103 -15.04 13.98 10.68
N ASP D 104 -15.23 12.73 11.10
CA ASP D 104 -16.37 12.46 11.95
C ASP D 104 -16.20 13.04 13.34
N ARG D 105 -14.98 13.07 13.87
CA ARG D 105 -14.78 13.42 15.28
C ARG D 105 -13.92 14.65 15.54
N LEU D 106 -13.57 15.43 14.52
CA LEU D 106 -12.91 16.70 14.84
C LEU D 106 -13.89 17.66 15.49
N ASP D 107 -15.12 17.71 14.99
CA ASP D 107 -16.25 18.13 15.80
C ASP D 107 -16.92 16.86 16.33
N TYR D 108 -17.41 16.93 17.56
CA TYR D 108 -17.87 15.72 18.22
C TYR D 108 -19.32 15.76 18.69
N VAL D 109 -19.92 16.94 18.82
CA VAL D 109 -21.33 16.99 19.20
C VAL D 109 -22.21 16.82 17.97
N SER D 110 -21.95 17.61 16.93
CA SER D 110 -22.45 17.24 15.61
C SER D 110 -21.65 16.04 15.12
N MET D 111 -22.36 15.06 14.58
CA MET D 111 -21.75 13.78 14.24
C MET D 111 -22.08 13.32 12.84
N MET D 112 -23.01 13.96 12.15
CA MET D 112 -23.38 13.61 10.80
C MET D 112 -23.25 14.77 9.82
N CYS D 113 -23.33 16.00 10.31
CA CYS D 113 -23.12 17.15 9.43
C CYS D 113 -21.65 17.27 9.04
N ASN D 114 -20.74 16.89 9.92
CA ASN D 114 -19.32 16.93 9.57
C ASN D 114 -18.97 15.86 8.55
N GLU D 115 -19.53 14.66 8.74
CA GLU D 115 -19.46 13.60 7.75
C GLU D 115 -20.08 14.04 6.43
N GLN D 116 -21.20 14.75 6.49
CA GLN D 116 -21.86 15.22 5.28
C GLN D 116 -21.00 16.25 4.56
N ALA D 117 -20.31 17.11 5.31
CA ALA D 117 -19.45 18.11 4.69
C ALA D 117 -18.25 17.49 4.00
N TYR D 118 -17.59 16.53 4.66
CA TYR D 118 -16.45 15.88 4.03
C TYR D 118 -16.87 14.99 2.85
N SER D 119 -17.99 14.28 3.00
CA SER D 119 -18.46 13.44 1.91
C SER D 119 -18.93 14.27 0.73
N LEU D 120 -19.51 15.45 0.97
CA LEU D 120 -19.86 16.30 -0.14
C LEU D 120 -18.66 17.00 -0.75
N ALA D 121 -17.58 17.20 0.03
CA ALA D 121 -16.33 17.66 -0.57
C ALA D 121 -15.78 16.64 -1.55
N VAL D 122 -15.77 15.36 -1.14
CA VAL D 122 -15.22 14.33 -2.02
C VAL D 122 -16.15 14.07 -3.20
N GLU D 123 -17.47 14.07 -2.98
CA GLU D 123 -18.41 13.90 -4.08
C GLU D 123 -18.47 15.11 -5.00
N LYS D 124 -18.11 16.29 -4.51
CA LYS D 124 -18.05 17.45 -5.39
C LYS D 124 -16.80 17.40 -6.24
N LEU D 125 -15.68 16.97 -5.66
CA LEU D 125 -14.44 16.93 -6.42
C LEU D 125 -14.46 15.77 -7.42
N LEU D 126 -15.10 14.67 -7.06
CA LEU D 126 -15.04 13.43 -7.81
C LEU D 126 -16.15 13.32 -8.87
N ASN D 127 -17.04 14.31 -8.95
CA ASN D 127 -18.15 14.39 -9.92
C ASN D 127 -19.07 13.18 -9.81
N ILE D 128 -19.73 13.08 -8.66
CA ILE D 128 -20.73 12.04 -8.42
C ILE D 128 -21.96 12.69 -7.80
N GLN D 129 -23.09 12.58 -8.47
CA GLN D 129 -24.36 12.89 -7.83
C GLN D 129 -24.85 11.64 -7.10
N PRO D 130 -25.10 11.72 -5.80
CA PRO D 130 -25.62 10.56 -5.07
C PRO D 130 -27.05 10.25 -5.47
N PRO D 131 -27.53 9.03 -5.26
CA PRO D 131 -28.92 8.68 -5.62
C PRO D 131 -29.90 9.40 -4.72
N PRO D 132 -31.18 9.51 -5.11
CA PRO D 132 -32.11 10.35 -4.33
C PRO D 132 -32.44 9.84 -2.94
N ARG D 133 -32.55 8.52 -2.75
CA ARG D 133 -32.88 8.03 -1.42
C ARG D 133 -31.73 8.23 -0.45
N ALA D 134 -30.49 8.19 -0.94
CA ALA D 134 -29.35 8.57 -0.13
C ALA D 134 -29.38 10.04 0.25
N GLN D 135 -29.81 10.90 -0.69
CA GLN D 135 -29.91 12.32 -0.39
C GLN D 135 -30.99 12.60 0.65
N TRP D 136 -32.11 11.89 0.58
CA TRP D 136 -33.17 12.15 1.55
C TRP D 136 -32.83 11.60 2.93
N ILE D 137 -32.15 10.45 3.01
CA ILE D 137 -31.71 9.97 4.31
C ILE D 137 -30.62 10.87 4.89
N ARG D 138 -29.77 11.42 4.02
CA ARG D 138 -28.75 12.37 4.46
C ARG D 138 -29.38 13.66 4.98
N VAL D 139 -30.46 14.11 4.36
CA VAL D 139 -31.19 15.29 4.84
C VAL D 139 -31.86 15.01 6.17
N LEU D 140 -32.50 13.84 6.30
CA LEU D 140 -33.17 13.46 7.55
C LEU D 140 -32.19 13.39 8.71
N PHE D 141 -31.01 12.80 8.49
CA PHE D 141 -30.04 12.72 9.57
C PHE D 141 -29.31 14.02 9.81
N GLY D 142 -29.20 14.88 8.79
CA GLY D 142 -28.71 16.22 9.03
C GLY D 142 -29.64 17.01 9.93
N GLU D 143 -30.94 16.86 9.72
CA GLU D 143 -31.90 17.56 10.59
C GLU D 143 -31.92 16.96 11.99
N ILE D 144 -31.78 15.63 12.10
CA ILE D 144 -31.69 15.00 13.42
C ILE D 144 -30.46 15.47 14.19
N THR D 145 -29.31 15.53 13.51
CA THR D 145 -28.09 15.98 14.18
C THR D 145 -28.15 17.47 14.51
N ARG D 146 -28.85 18.24 13.68
CA ARG D 146 -29.07 19.65 13.97
C ARG D 146 -29.92 19.84 15.22
N LEU D 147 -30.96 19.03 15.35
CA LEU D 147 -31.79 19.04 16.55
C LEU D 147 -30.99 18.67 17.78
N LEU D 148 -30.13 17.66 17.64
CA LEU D 148 -29.29 17.20 18.74
C LEU D 148 -28.30 18.28 19.19
N ASN D 149 -27.64 18.94 18.23
CA ASN D 149 -26.62 19.92 18.58
C ASN D 149 -27.25 21.16 19.20
N HIS D 150 -28.41 21.60 18.67
CA HIS D 150 -29.07 22.75 19.27
C HIS D 150 -29.59 22.44 20.67
N ILE D 151 -30.10 21.22 20.89
CA ILE D 151 -30.62 20.96 22.22
C ILE D 151 -29.50 20.75 23.23
N MET D 152 -28.33 20.23 22.81
CA MET D 152 -27.23 20.17 23.75
C MET D 152 -26.68 21.55 24.06
N ALA D 153 -26.65 22.44 23.06
CA ALA D 153 -26.17 23.80 23.29
C ALA D 153 -27.09 24.55 24.26
N VAL D 154 -28.40 24.37 24.11
CA VAL D 154 -29.36 24.98 25.04
C VAL D 154 -29.18 24.44 26.45
N THR D 155 -29.07 23.11 26.59
CA THR D 155 -28.99 22.54 27.93
C THR D 155 -27.65 22.82 28.60
N THR D 156 -26.55 22.81 27.84
CA THR D 156 -25.27 23.09 28.48
C THR D 156 -25.09 24.57 28.77
N HIS D 157 -25.78 25.46 28.04
CA HIS D 157 -25.77 26.85 28.44
C HIS D 157 -26.59 27.07 29.71
N ALA D 158 -27.70 26.34 29.84
CA ALA D 158 -28.51 26.41 31.05
C ALA D 158 -27.74 25.87 32.26
N LEU D 159 -27.01 24.78 32.10
CA LEU D 159 -26.25 24.25 33.23
C LEU D 159 -24.99 25.07 33.49
N ASP D 160 -24.45 25.73 32.46
CA ASP D 160 -23.27 26.55 32.66
C ASP D 160 -23.63 27.84 33.38
N ILE D 161 -24.85 28.36 33.19
CA ILE D 161 -25.35 29.35 34.13
C ILE D 161 -25.59 28.72 35.50
N GLY D 162 -26.30 27.59 35.54
CA GLY D 162 -26.53 26.92 36.80
C GLY D 162 -27.87 26.21 36.96
N ALA D 163 -28.77 26.39 36.01
CA ALA D 163 -30.06 25.72 36.05
C ALA D 163 -29.87 24.24 35.72
N MET D 164 -30.45 23.36 36.54
CA MET D 164 -30.05 21.95 36.52
C MET D 164 -31.01 21.02 35.80
N THR D 165 -32.32 21.23 35.90
CA THR D 165 -33.26 20.18 35.48
C THR D 165 -33.59 20.02 33.97
N PRO D 166 -33.66 21.05 33.10
CA PRO D 166 -33.98 20.73 31.70
C PRO D 166 -32.85 20.05 30.97
N PHE D 167 -31.62 20.17 31.51
CA PHE D 167 -30.52 19.29 31.19
C PHE D 167 -30.93 17.82 31.25
N PHE D 168 -31.52 17.40 32.37
CA PHE D 168 -31.91 16.00 32.53
C PHE D 168 -33.07 15.63 31.61
N TRP D 169 -34.02 16.54 31.43
CA TRP D 169 -35.19 16.26 30.57
C TRP D 169 -34.75 16.04 29.12
N MET D 170 -34.06 17.02 28.57
CA MET D 170 -33.68 16.95 27.19
C MET D 170 -32.54 15.97 26.96
N PHE D 171 -31.79 15.57 27.98
CA PHE D 171 -30.90 14.45 27.77
C PHE D 171 -31.61 13.10 27.80
N GLU D 172 -32.78 12.99 28.43
CA GLU D 172 -33.58 11.79 28.16
C GLU D 172 -34.03 11.74 26.70
N GLU D 173 -34.41 12.91 26.16
CA GLU D 173 -34.77 12.98 24.74
C GLU D 173 -33.58 12.64 23.85
N ARG D 174 -32.39 13.09 24.21
CA ARG D 174 -31.20 12.78 23.42
C ARG D 174 -30.75 11.34 23.62
N GLU D 175 -31.13 10.69 24.73
CA GLU D 175 -30.95 9.24 24.84
C GLU D 175 -31.78 8.52 23.80
N LYS D 176 -33.00 9.00 23.54
CA LYS D 176 -33.76 8.39 22.44
C LYS D 176 -33.14 8.69 21.07
N MET D 177 -32.55 9.87 20.91
CA MET D 177 -31.80 10.21 19.70
C MET D 177 -30.66 9.22 19.46
N PHE D 178 -29.90 8.90 20.52
CA PHE D 178 -28.83 7.95 20.38
C PHE D 178 -29.33 6.53 20.18
N GLU D 179 -30.54 6.21 20.67
CA GLU D 179 -31.15 4.92 20.32
C GLU D 179 -31.42 4.83 18.83
N PHE D 180 -31.87 5.93 18.22
CA PHE D 180 -32.03 5.96 16.76
C PHE D 180 -30.71 5.76 16.03
N TYR D 181 -29.64 6.44 16.50
CA TYR D 181 -28.33 6.24 15.88
C TYR D 181 -27.81 4.81 16.04
N GLU D 182 -28.08 4.19 17.18
CA GLU D 182 -27.70 2.80 17.40
C GLU D 182 -28.41 1.88 16.42
N ARG D 183 -29.72 2.04 16.28
CA ARG D 183 -30.49 1.18 15.38
C ARG D 183 -30.09 1.39 13.93
N VAL D 184 -29.71 2.61 13.57
CA VAL D 184 -29.32 2.87 12.17
C VAL D 184 -27.94 2.30 11.88
N SER D 185 -26.92 2.71 12.61
CA SER D 185 -25.56 2.28 12.28
C SER D 185 -25.08 1.13 13.15
N GLY D 186 -25.17 1.29 14.46
CA GLY D 186 -24.56 0.33 15.37
C GLY D 186 -23.70 1.01 16.41
N ALA D 187 -23.34 2.27 16.15
CA ALA D 187 -22.59 3.04 17.13
C ALA D 187 -23.52 3.86 17.99
N ARG D 188 -23.01 4.21 19.18
CA ARG D 188 -23.74 5.11 20.05
C ARG D 188 -23.70 6.54 19.50
N MET D 189 -22.51 7.07 19.30
CA MET D 189 -22.33 8.44 18.86
C MET D 189 -21.63 8.55 17.52
N HIS D 190 -20.46 7.94 17.38
CA HIS D 190 -19.59 8.18 16.21
C HIS D 190 -19.92 7.18 15.11
N ALA D 191 -21.10 7.35 14.54
CA ALA D 191 -21.47 6.63 13.34
C ALA D 191 -20.76 7.28 12.15
N ALA D 192 -19.89 6.51 11.48
CA ALA D 192 -19.31 7.03 10.25
C ALA D 192 -20.39 7.17 9.18
N TYR D 193 -20.84 6.04 8.64
CA TYR D 193 -22.13 5.83 7.99
C TYR D 193 -22.39 6.64 6.72
N VAL D 194 -21.60 7.66 6.42
CA VAL D 194 -21.87 8.54 5.28
C VAL D 194 -20.65 8.44 4.38
N ARG D 195 -20.71 7.52 3.45
CA ARG D 195 -19.57 7.39 2.57
C ARG D 195 -19.66 8.44 1.47
N PRO D 196 -18.54 8.87 0.94
CA PRO D 196 -18.57 9.62 -0.31
C PRO D 196 -19.01 8.71 -1.43
N GLY D 197 -20.24 8.89 -1.88
CA GLY D 197 -20.88 7.91 -2.74
C GLY D 197 -22.20 7.49 -2.13
N GLY D 198 -22.69 8.30 -1.19
CA GLY D 198 -24.01 8.09 -0.63
C GLY D 198 -23.97 7.38 0.71
N VAL D 199 -25.18 7.23 1.26
CA VAL D 199 -25.38 6.55 2.53
C VAL D 199 -25.04 5.07 2.38
N HIS D 200 -24.20 4.57 3.30
CA HIS D 200 -23.84 3.17 3.32
C HIS D 200 -24.82 2.37 4.17
N GLN D 201 -25.27 1.22 3.64
CA GLN D 201 -26.03 0.21 4.38
C GLN D 201 -27.32 0.77 4.97
N ASP D 202 -28.33 1.00 4.12
CA ASP D 202 -29.55 1.73 4.44
C ASP D 202 -30.30 1.27 5.69
N LEU D 203 -31.20 2.11 6.17
CA LEU D 203 -31.87 1.90 7.45
C LEU D 203 -32.73 0.64 7.43
N PRO D 204 -32.80 -0.09 8.53
CA PRO D 204 -33.58 -1.33 8.55
C PRO D 204 -35.08 -1.04 8.56
N LEU D 205 -35.84 -2.11 8.35
CA LEU D 205 -37.28 -1.99 8.24
C LEU D 205 -37.87 -1.74 9.63
N GLY D 206 -38.73 -0.73 9.73
CA GLY D 206 -39.34 -0.40 11.00
C GLY D 206 -38.63 0.70 11.77
N LEU D 207 -38.44 1.84 11.15
CA LEU D 207 -37.76 2.97 11.79
C LEU D 207 -38.57 4.26 11.73
N MET D 208 -39.26 4.50 10.62
CA MET D 208 -39.89 5.79 10.39
C MET D 208 -41.10 5.99 11.29
N ASP D 209 -41.74 4.90 11.72
CA ASP D 209 -42.82 5.01 12.69
C ASP D 209 -42.29 5.50 14.03
N ASP D 210 -41.11 5.01 14.43
CA ASP D 210 -40.49 5.47 15.66
C ASP D 210 -40.06 6.93 15.54
N ILE D 211 -39.60 7.34 14.36
CA ILE D 211 -39.26 8.75 14.15
C ILE D 211 -40.51 9.63 14.21
N TYR D 212 -41.65 9.11 13.74
CA TYR D 212 -42.91 9.84 13.82
C TYR D 212 -43.38 10.03 15.26
N GLU D 213 -43.29 8.95 16.06
CA GLU D 213 -43.63 9.03 17.48
C GLU D 213 -42.71 10.00 18.21
N PHE D 214 -41.42 9.94 17.89
CA PHE D 214 -40.46 10.85 18.48
C PHE D 214 -40.73 12.29 18.07
N SER D 215 -41.21 12.51 16.85
CA SER D 215 -41.52 13.87 16.40
C SER D 215 -42.65 14.48 17.22
N LYS D 216 -43.73 13.73 17.42
CA LYS D 216 -44.86 14.24 18.22
C LYS D 216 -44.45 14.53 19.65
N ASN D 217 -43.79 13.55 20.30
CA ASN D 217 -43.43 13.73 21.70
C ASN D 217 -42.36 14.81 21.87
N PHE D 218 -41.47 14.97 20.89
CA PHE D 218 -40.44 15.98 21.03
C PHE D 218 -40.99 17.38 20.81
N SER D 219 -42.00 17.52 19.96
CA SER D 219 -42.67 18.82 19.84
C SER D 219 -43.33 19.21 21.15
N LEU D 220 -43.95 18.23 21.84
CA LEU D 220 -44.53 18.55 23.15
C LEU D 220 -43.44 18.90 24.17
N ARG D 221 -42.30 18.19 24.12
CA ARG D 221 -41.24 18.45 25.10
C ARG D 221 -40.54 19.78 24.88
N ILE D 222 -40.37 20.22 23.64
CA ILE D 222 -39.79 21.55 23.44
C ILE D 222 -40.80 22.64 23.79
N ASP D 223 -42.11 22.37 23.61
CA ASP D 223 -43.11 23.30 24.12
C ASP D 223 -43.07 23.40 25.63
N GLU D 224 -42.77 22.29 26.31
CA GLU D 224 -42.65 22.35 27.77
C GLU D 224 -41.34 23.01 28.20
N LEU D 225 -40.29 22.95 27.40
CA LEU D 225 -39.09 23.71 27.71
C LEU D 225 -39.35 25.21 27.61
N GLU D 226 -40.07 25.65 26.57
CA GLU D 226 -40.48 27.05 26.51
C GLU D 226 -41.46 27.41 27.62
N GLU D 227 -42.24 26.43 28.10
CA GLU D 227 -43.07 26.66 29.28
C GLU D 227 -42.23 26.91 30.52
N MET D 228 -41.18 26.11 30.71
CA MET D 228 -40.34 26.22 31.89
C MET D 228 -39.54 27.51 31.90
N LEU D 229 -38.68 27.69 30.92
CA LEU D 229 -37.79 28.84 30.84
C LEU D 229 -38.51 29.89 29.98
N THR D 230 -37.79 30.92 29.48
CA THR D 230 -38.23 31.78 28.39
C THR D 230 -39.48 32.61 28.73
N ASN D 231 -39.25 33.76 29.39
CA ASN D 231 -40.05 34.61 30.27
C ASN D 231 -39.88 34.18 31.71
N ASN D 232 -38.94 33.29 31.97
CA ASN D 232 -38.45 33.12 33.33
C ASN D 232 -37.66 34.38 33.69
N ARG D 233 -38.06 35.03 34.79
CA ARG D 233 -37.63 36.41 35.05
C ARG D 233 -36.16 36.51 35.38
N ILE D 234 -35.65 35.61 36.23
CA ILE D 234 -34.25 35.71 36.66
C ILE D 234 -33.31 35.33 35.52
N TRP D 235 -33.76 34.51 34.57
CA TRP D 235 -32.92 34.15 33.44
C TRP D 235 -32.86 35.28 32.42
N ARG D 236 -33.99 35.98 32.24
CA ARG D 236 -33.99 37.19 31.43
C ARG D 236 -33.11 38.26 32.05
N ASN D 237 -33.13 38.39 33.38
CA ASN D 237 -32.20 39.29 34.05
C ASN D 237 -30.75 38.85 33.87
N ARG D 238 -30.54 37.53 33.77
CA ARG D 238 -29.19 37.00 33.58
C ARG D 238 -28.63 37.37 32.20
N THR D 239 -29.42 37.20 31.14
CA THR D 239 -28.95 37.46 29.78
C THR D 239 -29.96 38.25 28.94
N VAL D 240 -29.81 39.58 28.89
CA VAL D 240 -30.38 40.36 27.79
C VAL D 240 -29.32 41.23 27.12
N ASP D 241 -28.76 42.19 27.85
CA ASP D 241 -27.98 43.24 27.21
C ASP D 241 -26.50 42.92 27.11
N ILE D 242 -26.14 41.64 27.20
CA ILE D 242 -24.73 41.25 27.19
C ILE D 242 -24.37 40.72 25.81
N GLY D 243 -23.22 41.14 25.30
CA GLY D 243 -22.69 40.65 24.04
C GLY D 243 -23.43 41.13 22.81
N VAL D 244 -23.64 42.44 22.69
CA VAL D 244 -24.20 42.97 21.45
C VAL D 244 -23.14 42.92 20.36
N VAL D 245 -23.58 42.63 19.14
CA VAL D 245 -22.68 42.46 17.99
C VAL D 245 -23.24 43.25 16.82
N THR D 246 -22.49 44.25 16.36
CA THR D 246 -22.85 44.98 15.16
C THR D 246 -22.66 44.08 13.94
N ALA D 247 -23.57 44.18 12.97
CA ALA D 247 -23.51 43.33 11.78
C ALA D 247 -22.28 43.62 10.94
N GLU D 248 -21.79 44.86 10.95
CA GLU D 248 -20.54 45.19 10.30
C GLU D 248 -19.37 44.43 10.94
N ASP D 249 -19.34 44.41 12.27
CA ASP D 249 -18.36 43.59 12.97
C ASP D 249 -18.65 42.11 12.84
N ALA D 250 -19.92 41.74 12.62
CA ALA D 250 -20.23 40.34 12.39
C ALA D 250 -19.70 39.87 11.04
N LEU D 251 -19.55 40.78 10.09
CA LEU D 251 -18.95 40.40 8.82
C LEU D 251 -17.44 40.53 8.82
N ASN D 252 -16.90 41.52 9.53
CA ASN D 252 -15.45 41.68 9.54
C ASN D 252 -14.76 40.65 10.44
N TYR D 253 -15.35 40.35 11.58
CA TYR D 253 -14.82 39.30 12.45
C TYR D 253 -15.17 37.90 11.96
N GLY D 254 -15.90 37.78 10.86
CA GLY D 254 -16.12 36.48 10.25
C GLY D 254 -17.04 35.56 11.01
N PHE D 255 -18.02 36.10 11.71
CA PHE D 255 -19.02 35.27 12.37
C PHE D 255 -19.86 34.52 11.33
N SER D 256 -20.35 33.35 11.73
CA SER D 256 -21.09 32.50 10.82
C SER D 256 -22.26 31.87 11.54
N GLY D 257 -23.29 31.52 10.77
CA GLY D 257 -24.43 30.82 11.29
C GLY D 257 -25.32 31.64 12.21
N VAL D 258 -25.42 31.22 13.47
CA VAL D 258 -26.43 31.73 14.38
C VAL D 258 -26.11 33.17 14.79
N MET D 259 -24.83 33.54 14.78
CA MET D 259 -24.45 34.93 15.07
C MET D 259 -24.94 35.89 13.99
N LEU D 260 -24.91 35.45 12.72
CA LEU D 260 -25.43 36.28 11.66
C LEU D 260 -26.95 36.38 11.72
N ARG D 261 -27.63 35.32 12.18
CA ARG D 261 -29.07 35.39 12.39
C ARG D 261 -29.41 36.35 13.52
N GLY D 262 -28.63 36.32 14.60
CA GLY D 262 -28.95 37.18 15.73
C GLY D 262 -28.65 38.64 15.46
N SER D 263 -27.56 38.92 14.75
CA SER D 263 -27.17 40.29 14.48
C SER D 263 -27.67 40.75 13.12
N GLY D 264 -28.98 40.69 12.91
CA GLY D 264 -29.49 41.30 11.70
C GLY D 264 -29.54 40.42 10.47
N ILE D 265 -28.46 40.49 9.67
CA ILE D 265 -28.48 40.13 8.26
C ILE D 265 -28.90 38.69 7.99
N GLN D 266 -29.78 38.52 7.00
CA GLN D 266 -30.40 37.24 6.67
C GLN D 266 -29.44 36.44 5.81
N TRP D 267 -28.96 35.31 6.33
CA TRP D 267 -27.93 34.55 5.63
C TRP D 267 -28.05 33.07 6.01
N ASP D 268 -28.64 32.28 5.13
CA ASP D 268 -28.73 30.84 5.28
C ASP D 268 -28.13 30.17 4.06
N LEU D 269 -27.22 29.22 4.29
CA LEU D 269 -26.70 28.43 3.19
C LEU D 269 -27.76 27.51 2.62
N ARG D 270 -28.63 26.98 3.48
CA ARG D 270 -29.72 26.12 3.05
C ARG D 270 -30.72 26.84 2.15
N LYS D 271 -30.82 28.16 2.26
CA LYS D 271 -31.72 28.93 1.41
C LYS D 271 -31.01 29.55 0.21
N THR D 272 -29.76 29.97 0.35
CA THR D 272 -29.07 30.61 -0.76
C THR D 272 -28.44 29.59 -1.70
N GLN D 273 -27.67 28.65 -1.15
CA GLN D 273 -26.93 27.68 -1.96
C GLN D 273 -27.40 26.28 -1.59
N PRO D 274 -28.47 25.77 -2.22
CA PRO D 274 -28.91 24.40 -1.91
C PRO D 274 -27.92 23.37 -2.43
N TYR D 275 -27.17 22.77 -1.52
CA TYR D 275 -26.18 21.77 -1.88
C TYR D 275 -26.77 20.38 -2.05
N ASP D 276 -28.06 20.23 -1.76
CA ASP D 276 -28.76 18.96 -1.86
C ASP D 276 -30.26 19.26 -1.99
N VAL D 277 -31.10 18.31 -1.59
CA VAL D 277 -32.52 18.33 -1.88
C VAL D 277 -33.29 19.26 -0.93
N TYR D 278 -32.57 20.10 -0.17
CA TYR D 278 -33.16 21.18 0.62
C TYR D 278 -34.04 22.14 -0.17
N ASP D 279 -33.81 22.28 -1.47
CA ASP D 279 -34.66 23.14 -2.30
C ASP D 279 -36.07 22.60 -2.46
N GLN D 280 -36.30 21.31 -2.18
CA GLN D 280 -37.62 20.73 -2.33
C GLN D 280 -38.41 20.66 -1.04
N VAL D 281 -37.76 20.82 0.12
CA VAL D 281 -38.46 20.94 1.40
C VAL D 281 -38.61 22.41 1.73
N GLU D 282 -39.78 22.77 2.26
CA GLU D 282 -40.14 24.16 2.49
C GLU D 282 -40.00 24.48 3.96
N PHE D 283 -39.11 25.42 4.28
CA PHE D 283 -38.97 25.88 5.66
C PHE D 283 -38.50 27.32 5.63
N ASP D 284 -38.54 27.96 6.80
CA ASP D 284 -38.10 29.34 6.97
C ASP D 284 -37.11 29.44 8.12
N VAL D 285 -36.23 30.43 8.05
CA VAL D 285 -35.16 30.60 9.01
C VAL D 285 -35.54 31.73 9.96
N PRO D 286 -35.25 31.63 11.25
CA PRO D 286 -35.54 32.75 12.16
C PRO D 286 -34.43 33.78 12.18
N ILE D 287 -34.83 35.04 12.32
CA ILE D 287 -33.93 36.19 12.31
C ILE D 287 -34.12 36.93 13.63
N GLY D 288 -33.03 37.50 14.14
CA GLY D 288 -33.05 38.25 15.37
C GLY D 288 -33.09 39.75 15.12
N SER D 289 -33.90 40.45 15.92
CA SER D 289 -34.01 41.89 15.79
C SER D 289 -32.86 42.60 16.51
N ARG D 290 -32.76 42.38 17.82
CA ARG D 290 -31.66 42.91 18.61
C ARG D 290 -30.55 41.88 18.73
N GLY D 291 -29.35 42.36 19.05
CA GLY D 291 -28.20 41.50 19.14
C GLY D 291 -28.02 40.77 20.45
N ASP D 292 -29.11 40.50 21.16
CA ASP D 292 -29.05 40.00 22.52
C ASP D 292 -28.65 38.52 22.54
N CYS D 293 -28.32 38.04 23.74
CA CYS D 293 -28.15 36.60 23.95
C CYS D 293 -29.51 35.91 24.04
N TYR D 294 -30.49 36.59 24.63
CA TYR D 294 -31.85 36.08 24.72
C TYR D 294 -32.44 35.89 23.32
N ASP D 295 -32.16 36.83 22.44
CA ASP D 295 -32.53 36.73 21.04
C ASP D 295 -31.91 35.51 20.36
N ARG D 296 -30.65 35.25 20.65
CA ARG D 296 -29.94 34.12 20.05
C ARG D 296 -30.47 32.79 20.57
N TYR D 297 -30.87 32.76 21.84
CA TYR D 297 -31.56 31.61 22.40
C TYR D 297 -32.86 31.33 21.68
N LEU D 298 -33.67 32.39 21.46
CA LEU D 298 -34.92 32.24 20.73
C LEU D 298 -34.68 31.73 19.31
N CYS D 299 -33.60 32.19 18.69
CA CYS D 299 -33.25 31.73 17.35
C CYS D 299 -32.89 30.25 17.34
N ARG D 300 -32.17 29.78 18.36
CA ARG D 300 -31.84 28.35 18.39
C ARG D 300 -33.08 27.48 18.61
N VAL D 301 -33.99 27.93 19.47
CA VAL D 301 -35.22 27.18 19.72
C VAL D 301 -36.07 27.10 18.46
N GLU D 302 -36.15 28.20 17.71
CA GLU D 302 -36.93 28.16 16.49
C GLU D 302 -36.24 27.39 15.38
N GLU D 303 -34.90 27.29 15.41
CA GLU D 303 -34.25 26.37 14.46
C GLU D 303 -34.52 24.91 14.81
N MET D 304 -34.65 24.58 16.10
CA MET D 304 -35.10 23.25 16.48
C MET D 304 -36.49 22.95 15.92
N ARG D 305 -37.39 23.93 16.03
CA ARG D 305 -38.76 23.74 15.56
C ARG D 305 -38.82 23.59 14.04
N GLN D 306 -37.96 24.33 13.33
CA GLN D 306 -37.93 24.15 11.88
C GLN D 306 -37.28 22.83 11.48
N SER D 307 -36.36 22.32 12.32
CA SER D 307 -35.85 20.97 12.10
C SER D 307 -36.94 19.93 12.25
N ILE D 308 -37.89 20.17 13.17
CA ILE D 308 -39.05 19.28 13.30
C ILE D 308 -39.90 19.30 12.03
N ARG D 309 -40.10 20.49 11.45
CA ARG D 309 -40.84 20.59 10.18
C ARG D 309 -40.16 19.82 9.05
N ILE D 310 -38.83 19.98 8.92
CA ILE D 310 -38.13 19.32 7.82
C ILE D 310 -38.11 17.81 8.01
N ILE D 311 -38.03 17.33 9.27
CA ILE D 311 -38.12 15.89 9.52
C ILE D 311 -39.50 15.36 9.14
N SER D 312 -40.56 16.13 9.41
CA SER D 312 -41.91 15.69 9.06
C SER D 312 -42.10 15.56 7.55
N GLN D 313 -41.67 16.58 6.81
CA GLN D 313 -41.80 16.51 5.35
C GLN D 313 -40.88 15.46 4.74
N CYS D 314 -39.71 15.23 5.33
CA CYS D 314 -38.80 14.21 4.82
C CYS D 314 -39.33 12.81 5.06
N LEU D 315 -40.02 12.58 6.19
CA LEU D 315 -40.71 11.31 6.36
C LEU D 315 -41.85 11.15 5.37
N ASN D 316 -42.59 12.23 5.12
CA ASN D 316 -43.74 12.11 4.23
C ASN D 316 -43.37 11.99 2.76
N LYS D 317 -42.15 12.36 2.36
CA LYS D 317 -41.77 12.37 0.95
C LYS D 317 -40.50 11.57 0.71
N MET D 318 -40.47 10.32 1.18
CA MET D 318 -39.31 9.46 0.97
C MET D 318 -39.46 8.68 -0.33
N PRO D 319 -38.51 8.76 -1.26
CA PRO D 319 -38.56 7.92 -2.45
C PRO D 319 -37.79 6.62 -2.24
N PRO D 320 -38.27 5.50 -2.78
CA PRO D 320 -37.58 4.21 -2.57
C PRO D 320 -36.56 3.89 -3.66
N GLY D 321 -35.60 4.80 -3.86
CA GLY D 321 -34.68 4.65 -4.97
C GLY D 321 -33.61 3.58 -4.86
N GLU D 322 -32.61 3.79 -4.00
CA GLU D 322 -31.42 2.94 -3.92
C GLU D 322 -30.59 3.44 -2.76
N ILE D 323 -29.69 2.58 -2.27
CA ILE D 323 -28.83 2.93 -1.15
C ILE D 323 -27.65 3.79 -1.61
N LYS D 324 -26.81 3.23 -2.46
CA LYS D 324 -25.55 3.82 -2.89
C LYS D 324 -25.60 4.12 -4.38
N VAL D 325 -24.46 4.55 -4.93
CA VAL D 325 -24.40 4.97 -6.32
C VAL D 325 -24.35 3.78 -7.25
N ASP D 326 -24.53 4.03 -8.55
CA ASP D 326 -24.46 3.00 -9.59
C ASP D 326 -23.08 2.97 -10.22
N ASP D 327 -22.07 2.79 -9.37
CA ASP D 327 -20.69 2.77 -9.83
C ASP D 327 -19.90 1.95 -8.83
N ALA D 328 -19.38 0.81 -9.28
CA ALA D 328 -18.66 -0.06 -8.37
C ALA D 328 -17.25 0.42 -8.06
N LYS D 329 -16.74 1.40 -8.78
CA LYS D 329 -15.38 1.86 -8.59
C LYS D 329 -15.25 2.88 -7.47
N VAL D 330 -16.36 3.33 -6.89
CA VAL D 330 -16.29 4.31 -5.81
C VAL D 330 -16.94 3.72 -4.56
N SER D 331 -18.20 3.38 -4.66
CA SER D 331 -18.81 2.63 -3.57
C SER D 331 -18.44 1.16 -3.68
N PRO D 332 -18.26 0.47 -2.55
CA PRO D 332 -18.00 -0.96 -2.63
C PRO D 332 -19.25 -1.71 -3.06
N PRO D 333 -19.09 -2.79 -3.82
CA PRO D 333 -20.26 -3.57 -4.24
C PRO D 333 -20.81 -4.36 -3.06
N LYS D 334 -22.09 -4.72 -3.17
CA LYS D 334 -22.73 -5.46 -2.10
C LYS D 334 -22.23 -6.90 -2.09
N ARG D 335 -22.44 -7.56 -0.95
CA ARG D 335 -21.68 -8.75 -0.62
C ARG D 335 -22.08 -9.97 -1.43
N ALA D 336 -23.35 -10.05 -1.84
CA ALA D 336 -23.79 -11.17 -2.67
C ALA D 336 -23.16 -11.12 -4.06
N GLU D 337 -23.13 -9.93 -4.67
CA GLU D 337 -22.46 -9.79 -5.96
C GLU D 337 -20.95 -9.92 -5.82
N MET D 338 -20.39 -9.50 -4.68
CA MET D 338 -18.98 -9.72 -4.38
C MET D 338 -18.63 -11.20 -4.40
N LYS D 339 -19.45 -12.02 -3.75
CA LYS D 339 -19.15 -13.45 -3.70
C LYS D 339 -19.39 -14.12 -5.04
N THR D 340 -20.55 -13.92 -5.65
CA THR D 340 -20.77 -14.54 -6.95
C THR D 340 -20.51 -13.55 -8.10
N SER D 341 -19.36 -12.88 -8.10
CA SER D 341 -18.93 -12.07 -9.23
C SER D 341 -17.42 -11.87 -9.14
N MET D 342 -16.75 -11.88 -10.30
CA MET D 342 -15.31 -11.68 -10.31
C MET D 342 -14.95 -10.21 -10.22
N GLU D 343 -15.59 -9.38 -11.05
CA GLU D 343 -15.25 -7.96 -11.08
C GLU D 343 -15.63 -7.26 -9.80
N SER D 344 -16.68 -7.74 -9.12
CA SER D 344 -17.04 -7.16 -7.84
C SER D 344 -16.02 -7.49 -6.76
N LEU D 345 -15.44 -8.69 -6.82
CA LEU D 345 -14.39 -9.03 -5.87
C LEU D 345 -13.13 -8.22 -6.13
N ILE D 346 -12.79 -8.01 -7.41
CA ILE D 346 -11.62 -7.21 -7.75
C ILE D 346 -11.79 -5.77 -7.32
N HIS D 347 -12.99 -5.21 -7.55
CA HIS D 347 -13.23 -3.84 -7.13
C HIS D 347 -13.32 -3.68 -5.62
N HIS D 348 -13.86 -4.68 -4.91
CA HIS D 348 -13.82 -4.68 -3.46
C HIS D 348 -12.39 -4.68 -2.94
N PHE D 349 -11.55 -5.54 -3.52
CA PHE D 349 -10.19 -5.71 -3.01
C PHE D 349 -9.36 -4.47 -3.26
N LYS D 350 -9.38 -3.94 -4.49
CA LYS D 350 -8.60 -2.74 -4.75
C LYS D 350 -9.18 -1.50 -4.10
N LEU D 351 -10.50 -1.41 -4.03
CA LEU D 351 -11.16 -0.25 -3.43
C LEU D 351 -10.97 -0.20 -1.93
N TYR D 352 -10.65 -1.33 -1.29
CA TYR D 352 -10.30 -1.23 0.12
C TYR D 352 -8.81 -1.21 0.40
N THR D 353 -7.95 -1.74 -0.48
CA THR D 353 -6.53 -1.59 -0.22
C THR D 353 -6.01 -0.24 -0.68
N GLU D 354 -6.05 0.00 -1.98
CA GLU D 354 -5.54 1.26 -2.50
C GLU D 354 -6.52 2.38 -2.26
N GLY D 355 -7.81 2.08 -2.31
CA GLY D 355 -8.83 3.10 -2.32
C GLY D 355 -9.04 3.62 -3.74
N TYR D 356 -10.12 4.38 -3.89
CA TYR D 356 -10.37 5.04 -5.15
C TYR D 356 -9.43 6.22 -5.29
N GLN D 357 -9.02 6.50 -6.53
CA GLN D 357 -8.24 7.70 -6.72
C GLN D 357 -9.15 8.90 -6.88
N VAL D 358 -8.57 10.07 -6.72
CA VAL D 358 -9.27 11.35 -6.81
C VAL D 358 -8.52 12.15 -7.86
N PRO D 359 -9.21 12.82 -8.79
CA PRO D 359 -8.49 13.64 -9.77
C PRO D 359 -7.86 14.83 -9.08
N PRO D 360 -6.75 15.34 -9.61
CA PRO D 360 -6.05 16.44 -8.94
C PRO D 360 -6.84 17.74 -9.02
N GLY D 361 -6.76 18.50 -7.95
CA GLY D 361 -7.52 19.74 -7.86
C GLY D 361 -7.76 20.12 -6.42
N ALA D 362 -8.31 21.31 -6.26
CA ALA D 362 -8.58 21.86 -4.95
C ALA D 362 -10.02 22.32 -4.89
N THR D 363 -10.68 22.05 -3.77
CA THR D 363 -12.04 22.51 -3.58
C THR D 363 -12.24 22.99 -2.15
N TYR D 364 -13.20 23.88 -1.99
CA TYR D 364 -13.65 24.34 -0.69
C TYR D 364 -15.17 24.27 -0.68
N THR D 365 -15.72 23.34 0.07
CA THR D 365 -17.15 23.36 0.28
C THR D 365 -17.42 23.68 1.74
N ALA D 366 -18.65 24.08 2.01
CA ALA D 366 -19.03 24.44 3.36
C ALA D 366 -20.52 24.23 3.48
N ILE D 367 -20.95 23.64 4.59
CA ILE D 367 -22.37 23.42 4.80
C ILE D 367 -22.78 24.01 6.14
N GLU D 368 -24.10 24.21 6.27
CA GLU D 368 -24.67 24.83 7.46
C GLU D 368 -24.77 23.76 8.54
N ALA D 369 -23.65 23.57 9.24
CA ALA D 369 -23.67 22.85 10.49
C ALA D 369 -24.38 23.72 11.53
N PRO D 370 -24.87 23.12 12.62
CA PRO D 370 -25.57 23.92 13.65
C PRO D 370 -24.72 25.00 14.30
N LYS D 371 -23.41 24.92 14.20
CA LYS D 371 -22.57 25.99 14.70
C LYS D 371 -22.38 27.08 13.66
N GLY D 372 -22.46 26.75 12.40
CA GLY D 372 -22.35 27.75 11.35
C GLY D 372 -21.85 27.13 10.06
N GLU D 373 -21.03 27.89 9.34
CA GLU D 373 -20.49 27.45 8.06
C GLU D 373 -19.33 26.52 8.33
N PHE D 374 -19.61 25.23 8.53
CA PHE D 374 -18.53 24.28 8.68
C PHE D 374 -17.91 24.05 7.32
N GLY D 375 -16.64 24.40 7.18
CA GLY D 375 -15.99 24.39 5.88
C GLY D 375 -14.88 23.37 5.84
N VAL D 376 -14.74 22.71 4.68
CA VAL D 376 -13.61 21.83 4.43
C VAL D 376 -13.00 22.20 3.09
N TYR D 377 -11.69 22.37 3.09
CA TYR D 377 -10.89 22.76 1.93
C TYR D 377 -9.95 21.61 1.67
N LEU D 378 -10.27 20.80 0.67
CA LEU D 378 -9.42 19.70 0.25
C LEU D 378 -8.50 20.15 -0.87
N VAL D 379 -7.25 19.71 -0.80
CA VAL D 379 -6.29 19.84 -1.88
C VAL D 379 -5.79 18.44 -2.16
N SER D 380 -6.02 17.96 -3.37
CA SER D 380 -5.73 16.57 -3.70
C SER D 380 -4.86 16.51 -4.94
N ASP D 381 -3.60 16.09 -4.75
CA ASP D 381 -2.82 15.57 -5.85
C ASP D 381 -3.51 14.31 -6.37
N GLY D 382 -3.39 14.08 -7.68
CA GLY D 382 -4.03 12.93 -8.25
C GLY D 382 -3.35 11.66 -7.80
N SER D 383 -3.99 10.98 -6.85
CA SER D 383 -3.42 9.87 -6.10
C SER D 383 -4.55 9.25 -5.30
N SER D 384 -4.20 8.34 -4.40
CA SER D 384 -5.17 7.71 -3.52
C SER D 384 -5.19 8.31 -2.13
N ARG D 385 -4.36 9.31 -1.85
CA ARG D 385 -4.36 10.02 -0.60
C ARG D 385 -4.57 11.51 -0.84
N PRO D 386 -5.26 12.22 0.05
CA PRO D 386 -5.36 13.66 -0.10
C PRO D 386 -4.04 14.33 0.26
N TYR D 387 -3.78 15.46 -0.37
CA TYR D 387 -2.50 16.12 -0.18
C TYR D 387 -2.53 17.01 1.05
N ARG D 388 -3.59 17.80 1.22
CA ARG D 388 -3.72 18.66 2.40
C ARG D 388 -5.17 19.03 2.58
N CYS D 389 -5.73 18.73 3.75
CA CYS D 389 -7.08 19.16 4.07
C CYS D 389 -7.01 20.23 5.15
N LYS D 390 -8.03 21.10 5.17
CA LYS D 390 -8.07 22.11 6.21
C LYS D 390 -9.52 22.42 6.54
N ILE D 391 -9.78 22.81 7.77
CA ILE D 391 -11.14 22.88 8.31
C ILE D 391 -11.41 24.30 8.80
N LYS D 392 -12.45 24.92 8.26
CA LYS D 392 -12.96 26.18 8.80
C LYS D 392 -13.99 25.85 9.87
N ALA D 393 -13.70 26.29 11.10
CA ALA D 393 -14.54 26.00 12.25
C ALA D 393 -15.32 27.24 12.64
N PRO D 394 -16.66 27.15 12.63
CA PRO D 394 -17.47 28.28 13.11
C PRO D 394 -17.21 28.62 14.57
N GLY D 395 -16.90 27.63 15.40
CA GLY D 395 -16.52 27.91 16.78
C GLY D 395 -15.23 28.69 16.90
N PHE D 396 -14.27 28.42 16.00
CA PHE D 396 -13.03 29.18 15.97
C PHE D 396 -13.28 30.62 15.57
N ALA D 397 -14.11 30.81 14.52
CA ALA D 397 -14.44 32.16 14.08
C ALA D 397 -15.25 32.93 15.12
N HIS D 398 -16.11 32.24 15.88
CA HIS D 398 -16.87 32.91 16.93
C HIS D 398 -15.98 33.26 18.11
N LEU D 399 -15.04 32.38 18.46
CA LEU D 399 -14.14 32.63 19.58
C LEU D 399 -13.10 33.69 19.23
N ALA D 400 -12.92 34.00 17.95
CA ALA D 400 -12.06 35.12 17.56
C ALA D 400 -12.59 36.46 18.07
N GLY D 401 -13.90 36.61 18.19
CA GLY D 401 -14.48 37.90 18.56
C GLY D 401 -14.86 38.01 20.03
N LEU D 402 -14.12 37.28 20.87
CA LEU D 402 -14.44 37.24 22.29
C LEU D 402 -14.13 38.58 22.96
N ASP D 403 -13.20 39.34 22.40
CA ASP D 403 -12.89 40.67 22.93
C ASP D 403 -14.06 41.63 22.75
N LYS D 404 -14.60 41.70 21.54
CA LYS D 404 -15.76 42.55 21.31
C LYS D 404 -17.02 42.01 21.96
N MET D 405 -17.09 40.70 22.24
CA MET D 405 -18.25 40.22 22.96
C MET D 405 -18.13 40.37 24.48
N SER D 406 -16.92 40.60 25.01
CA SER D 406 -16.78 40.73 26.44
C SER D 406 -15.95 41.94 26.82
N LYS D 407 -16.04 43.03 26.05
CA LYS D 407 -15.29 44.23 26.39
C LYS D 407 -15.91 44.97 27.58
N GLY D 408 -17.22 45.21 27.54
CA GLY D 408 -17.83 46.04 28.56
C GLY D 408 -18.79 45.34 29.50
N HIS D 409 -18.44 44.13 29.94
CA HIS D 409 -19.30 43.35 30.81
C HIS D 409 -18.44 42.71 31.90
N MET D 410 -19.12 42.03 32.83
CA MET D 410 -18.44 41.38 33.94
C MET D 410 -18.19 39.90 33.64
N LEU D 411 -17.61 39.19 34.60
CA LEU D 411 -17.04 37.87 34.33
C LEU D 411 -18.07 36.75 34.32
N ALA D 412 -19.15 36.88 35.10
CA ALA D 412 -20.27 35.96 34.93
C ALA D 412 -20.90 36.11 33.55
N ASP D 413 -20.90 37.34 33.03
CA ASP D 413 -21.31 37.56 31.65
C ASP D 413 -20.27 37.02 30.67
N VAL D 414 -19.00 36.95 31.07
CA VAL D 414 -18.01 36.29 30.22
C VAL D 414 -18.28 34.79 30.13
N VAL D 415 -18.67 34.18 31.25
CA VAL D 415 -19.04 32.77 31.23
C VAL D 415 -20.31 32.55 30.40
N ALA D 416 -21.26 33.49 30.50
CA ALA D 416 -22.47 33.41 29.68
C ALA D 416 -22.17 33.60 28.19
N ILE D 417 -21.18 34.41 27.85
CA ILE D 417 -20.80 34.58 26.45
C ILE D 417 -20.08 33.34 25.92
N ILE D 418 -19.22 32.73 26.74
CA ILE D 418 -18.56 31.49 26.33
C ILE D 418 -19.58 30.37 26.17
N GLY D 419 -20.60 30.35 27.01
CA GLY D 419 -21.65 29.35 26.87
C GLY D 419 -22.59 29.60 25.70
N THR D 420 -22.90 30.86 25.40
CA THR D 420 -23.98 31.19 24.48
C THR D 420 -23.61 30.94 23.02
N GLN D 421 -22.36 30.63 22.72
CA GLN D 421 -21.96 30.17 21.41
C GLN D 421 -21.57 28.71 21.55
N ASP D 422 -22.13 27.85 20.69
CA ASP D 422 -21.97 26.42 20.81
C ASP D 422 -20.54 26.03 20.43
N ILE D 423 -19.66 26.18 21.41
CA ILE D 423 -18.22 25.99 21.23
C ILE D 423 -17.82 24.72 21.97
N VAL D 424 -17.19 23.80 21.26
CA VAL D 424 -16.90 22.48 21.78
C VAL D 424 -15.42 22.25 22.05
N PHE D 425 -14.53 23.14 21.58
CA PHE D 425 -13.11 23.19 21.91
C PHE D 425 -12.32 22.00 21.39
N GLY D 426 -12.95 21.16 20.56
CA GLY D 426 -12.24 20.12 19.83
C GLY D 426 -12.27 20.49 18.35
N GLU D 427 -13.34 21.16 17.95
CA GLU D 427 -13.45 21.69 16.59
C GLU D 427 -12.66 22.99 16.43
N VAL D 428 -12.63 23.79 17.49
CA VAL D 428 -11.84 25.03 17.50
C VAL D 428 -10.37 24.73 17.29
N ASP D 429 -9.90 23.64 17.89
CA ASP D 429 -8.62 23.10 17.49
C ASP D 429 -8.70 22.47 16.12
N ARG D 430 -7.70 22.74 15.29
CA ARG D 430 -7.61 22.10 13.99
C ARG D 430 -6.17 21.73 13.68
N THR E 7 -25.17 9.38 -19.36
CA THR E 7 -24.45 10.31 -18.49
C THR E 7 -25.38 10.92 -17.46
N ARG E 8 -26.66 10.56 -17.54
CA ARG E 8 -27.66 11.17 -16.67
C ARG E 8 -27.69 10.61 -15.25
N PRO E 9 -27.70 9.29 -14.99
CA PRO E 9 -27.68 8.87 -13.58
C PRO E 9 -26.27 8.86 -13.01
N THR E 10 -26.19 9.21 -11.72
CA THR E 10 -24.99 9.13 -10.88
C THR E 10 -23.79 9.89 -11.46
N VAL E 11 -24.03 10.98 -12.16
CA VAL E 11 -22.99 11.88 -12.63
C VAL E 11 -23.45 13.30 -12.31
N ARG E 12 -22.61 14.04 -11.60
CA ARG E 12 -22.98 15.37 -11.08
C ARG E 12 -23.20 16.35 -12.21
N PRO E 13 -24.41 16.90 -12.37
CA PRO E 13 -24.70 17.79 -13.51
C PRO E 13 -24.09 19.17 -13.27
N ARG E 14 -23.24 19.60 -14.19
CA ARG E 14 -22.63 20.92 -14.07
C ARG E 14 -23.51 21.97 -14.76
N ASN E 15 -23.40 23.19 -14.28
CA ASN E 15 -24.09 24.34 -14.87
C ASN E 15 -23.09 25.23 -15.60
N ASP E 16 -23.54 25.82 -16.70
CA ASP E 16 -22.69 26.66 -17.52
C ASP E 16 -22.92 28.14 -17.31
N VAL E 17 -24.03 28.51 -16.68
CA VAL E 17 -24.31 29.93 -16.44
C VAL E 17 -23.32 30.49 -15.43
N ALA E 18 -23.14 29.78 -14.30
CA ALA E 18 -22.16 30.19 -13.31
C ALA E 18 -20.74 30.12 -13.85
N HIS E 19 -20.48 29.17 -14.76
CA HIS E 19 -19.15 29.05 -15.36
C HIS E 19 -18.84 30.25 -16.25
N LYS E 20 -19.79 30.65 -17.09
CA LYS E 20 -19.60 31.82 -17.94
C LYS E 20 -19.50 33.10 -17.12
N GLN E 21 -20.30 33.20 -16.06
CA GLN E 21 -20.26 34.40 -15.23
C GLN E 21 -18.95 34.52 -14.46
N LEU E 22 -18.45 33.41 -13.92
CA LEU E 22 -17.17 33.47 -13.22
C LEU E 22 -16.00 33.68 -14.18
N SER E 23 -16.11 33.18 -15.42
CA SER E 23 -15.09 33.50 -16.41
C SER E 23 -15.07 34.99 -16.72
N ALA E 24 -16.24 35.58 -16.94
CA ALA E 24 -16.33 37.01 -17.23
C ALA E 24 -15.86 37.84 -16.05
N PHE E 25 -16.18 37.41 -14.83
CA PHE E 25 -15.79 38.20 -13.66
C PHE E 25 -14.30 38.09 -13.37
N GLY E 26 -13.71 36.91 -13.59
CA GLY E 26 -12.28 36.78 -13.42
C GLY E 26 -11.51 37.61 -14.44
N GLU E 27 -12.00 37.64 -15.68
CA GLU E 27 -11.40 38.51 -16.69
C GLU E 27 -11.54 39.98 -16.29
N TYR E 28 -12.70 40.35 -15.74
CA TYR E 28 -12.91 41.73 -15.31
C TYR E 28 -11.98 42.14 -14.17
N VAL E 29 -11.80 41.26 -13.18
CA VAL E 29 -10.89 41.53 -12.07
C VAL E 29 -9.46 41.68 -12.55
N ALA E 30 -9.03 40.81 -13.46
CA ALA E 30 -7.67 40.92 -13.95
C ALA E 30 -7.48 42.11 -14.90
N GLU E 31 -8.56 42.60 -15.51
CA GLU E 31 -8.45 43.84 -16.26
C GLU E 31 -8.26 45.04 -15.34
N ILE E 32 -9.05 45.12 -14.28
CA ILE E 32 -9.02 46.31 -13.43
C ILE E 32 -7.89 46.32 -12.43
N LEU E 33 -7.23 45.18 -12.20
CA LEU E 33 -6.01 45.13 -11.40
C LEU E 33 -4.89 44.48 -12.21
N PRO E 34 -4.25 45.22 -13.11
CA PRO E 34 -3.21 44.61 -13.95
C PRO E 34 -1.91 44.36 -13.22
N LYS E 35 -1.70 44.97 -12.05
CA LYS E 35 -0.37 44.98 -11.47
C LYS E 35 -0.01 43.68 -10.78
N TYR E 36 -0.98 42.96 -10.21
CA TYR E 36 -0.67 41.88 -9.30
C TYR E 36 -1.20 40.53 -9.74
N VAL E 37 -1.69 40.39 -10.97
CA VAL E 37 -2.45 39.20 -11.38
C VAL E 37 -1.68 38.43 -12.44
N GLN E 38 -1.54 37.13 -12.21
CA GLN E 38 -0.77 36.14 -12.93
C GLN E 38 -1.65 35.00 -13.44
N GLN E 39 -2.40 34.31 -12.59
CA GLN E 39 -3.25 33.26 -13.15
C GLN E 39 -4.70 33.54 -12.81
N VAL E 40 -5.61 33.44 -13.77
CA VAL E 40 -7.02 33.52 -13.40
C VAL E 40 -7.67 32.23 -13.86
N GLN E 41 -7.94 31.32 -12.93
CA GLN E 41 -8.47 30.03 -13.33
C GLN E 41 -9.85 29.79 -12.76
N VAL E 42 -10.69 29.19 -13.59
CA VAL E 42 -11.99 28.66 -13.21
C VAL E 42 -11.91 27.15 -13.36
N SER E 43 -12.27 26.43 -12.31
CA SER E 43 -12.26 24.97 -12.35
C SER E 43 -13.55 24.48 -13.00
N CYS E 44 -13.75 23.16 -12.99
CA CYS E 44 -14.92 22.59 -13.66
C CYS E 44 -16.19 22.81 -12.86
N PHE E 45 -16.08 22.93 -11.53
CA PHE E 45 -17.22 23.11 -10.65
C PHE E 45 -17.44 24.56 -10.24
N SER E 46 -16.86 25.52 -10.99
CA SER E 46 -17.19 26.94 -10.96
C SER E 46 -16.93 27.58 -9.59
N GLU E 47 -15.66 27.61 -9.21
CA GLU E 47 -15.18 28.44 -8.11
C GLU E 47 -13.95 29.19 -8.57
N LEU E 48 -13.87 30.49 -8.28
CA LEU E 48 -12.84 31.28 -8.97
C LEU E 48 -11.53 31.25 -8.18
N GLU E 49 -10.41 31.22 -8.88
CA GLU E 49 -9.10 31.28 -8.24
C GLU E 49 -8.25 32.32 -8.93
N ILE E 50 -7.63 33.20 -8.13
CA ILE E 50 -6.78 34.27 -8.65
C ILE E 50 -5.41 34.12 -8.01
N CYS E 51 -4.39 33.87 -8.83
CA CYS E 51 -3.05 33.54 -8.36
C CYS E 51 -2.14 34.74 -8.48
N ILE E 52 -1.52 35.10 -7.34
CA ILE E 52 -1.15 36.46 -6.95
C ILE E 52 0.30 36.53 -6.43
N HIS E 53 1.02 37.55 -6.90
CA HIS E 53 2.33 37.92 -6.39
C HIS E 53 2.21 38.51 -4.99
N PRO E 54 3.17 38.25 -4.09
CA PRO E 54 3.03 38.75 -2.72
C PRO E 54 3.45 40.19 -2.50
N ASP E 55 3.04 41.10 -3.37
CA ASP E 55 3.21 42.52 -3.11
C ASP E 55 1.87 43.24 -3.07
N GLY E 56 0.78 42.53 -3.20
CA GLY E 56 -0.50 43.19 -3.37
C GLY E 56 -1.61 42.58 -2.54
N VAL E 57 -1.27 42.01 -1.39
CA VAL E 57 -2.29 41.39 -0.56
C VAL E 57 -3.24 42.44 0.00
N ILE E 58 -2.69 43.53 0.54
CA ILE E 58 -3.53 44.64 0.99
C ILE E 58 -4.28 45.34 -0.14
N PRO E 59 -3.67 45.65 -1.32
CA PRO E 59 -4.50 46.23 -2.39
C PRO E 59 -5.59 45.32 -2.94
N VAL E 60 -5.30 44.02 -3.11
CA VAL E 60 -6.34 43.13 -3.64
C VAL E 60 -7.47 42.95 -2.62
N LEU E 61 -7.13 42.82 -1.33
CA LEU E 61 -8.21 42.60 -0.38
C LEU E 61 -8.97 43.89 -0.03
N THR E 62 -8.31 45.06 -0.05
CA THR E 62 -9.06 46.31 0.09
C THR E 62 -9.92 46.59 -1.12
N PHE E 63 -9.50 46.13 -2.30
CA PHE E 63 -10.35 46.26 -3.46
C PHE E 63 -11.55 45.33 -3.35
N LEU E 64 -11.31 44.10 -2.91
CA LEU E 64 -12.33 43.06 -2.94
C LEU E 64 -13.31 43.15 -1.78
N ARG E 65 -12.95 43.77 -0.65
CA ARG E 65 -13.92 44.01 0.40
C ARG E 65 -14.89 45.14 0.05
N ASP E 66 -14.51 45.98 -0.90
CA ASP E 66 -15.24 47.19 -1.25
C ASP E 66 -15.51 47.11 -2.75
N HIS E 67 -15.69 48.27 -3.41
CA HIS E 67 -15.80 48.51 -4.84
C HIS E 67 -17.24 48.29 -5.36
N SER E 68 -18.14 47.76 -4.53
CA SER E 68 -19.60 47.81 -4.70
C SER E 68 -20.13 46.99 -5.86
N ASN E 69 -19.25 46.39 -6.64
CA ASN E 69 -19.62 45.44 -7.68
C ASN E 69 -19.14 44.05 -7.32
N ALA E 70 -18.46 43.93 -6.17
CA ALA E 70 -18.07 42.63 -5.61
C ALA E 70 -17.86 42.88 -4.12
N GLN E 71 -18.84 42.52 -3.30
CA GLN E 71 -18.81 42.91 -1.89
C GLN E 71 -17.74 42.14 -1.12
N PHE E 72 -17.86 40.82 -1.07
CA PHE E 72 -16.91 39.89 -0.42
C PHE E 72 -16.56 40.30 1.00
N LYS E 73 -17.58 40.31 1.84
CA LYS E 73 -17.40 40.77 3.21
C LYS E 73 -16.69 39.72 4.07
N SER E 74 -16.90 38.44 3.81
CA SER E 74 -16.53 37.41 4.76
C SER E 74 -15.26 36.70 4.35
N LEU E 75 -14.42 36.40 5.34
CA LEU E 75 -13.16 35.70 5.13
C LEU E 75 -13.27 34.30 5.72
N ALA E 76 -12.86 33.32 4.96
CA ALA E 76 -12.63 31.95 5.37
C ALA E 76 -11.22 31.56 4.93
N ASP E 77 -10.96 30.25 4.99
CA ASP E 77 -9.65 29.62 5.20
C ASP E 77 -8.50 30.25 4.42
N LEU E 78 -7.35 30.24 5.07
CA LEU E 78 -6.26 31.18 4.90
C LEU E 78 -5.00 30.44 4.47
N THR E 79 -5.03 29.10 4.52
CA THR E 79 -3.85 28.25 4.59
C THR E 79 -2.91 28.39 3.39
N ALA E 80 -1.71 27.86 3.57
CA ALA E 80 -0.52 28.20 2.79
C ALA E 80 0.21 26.94 2.37
N VAL E 81 -0.54 25.98 1.80
CA VAL E 81 -0.26 24.54 1.71
C VAL E 81 1.20 24.23 1.43
N ASP E 82 1.80 23.39 2.26
CA ASP E 82 3.26 23.31 2.35
C ASP E 82 3.77 22.43 1.22
N ILE E 83 4.14 23.05 0.11
CA ILE E 83 4.53 22.34 -1.10
C ILE E 83 6.04 22.41 -1.22
N PRO E 84 6.75 21.29 -1.25
CA PRO E 84 8.14 21.27 -1.71
C PRO E 84 8.25 21.40 -3.22
N THR E 85 9.43 21.14 -3.77
CA THR E 85 9.79 21.05 -5.18
C THR E 85 9.86 22.45 -5.83
N ARG E 86 9.43 23.49 -5.15
CA ARG E 86 9.44 24.83 -5.70
C ARG E 86 10.48 25.67 -4.97
N GLN E 87 10.75 26.85 -5.51
CA GLN E 87 11.54 27.82 -4.75
C GLN E 87 10.68 28.49 -3.69
N ASN E 88 9.62 29.17 -4.11
CA ASN E 88 8.60 29.65 -3.19
C ASN E 88 7.74 28.47 -2.80
N ARG E 89 7.83 28.05 -1.52
CA ARG E 89 7.11 26.86 -1.07
C ARG E 89 5.64 27.14 -0.81
N PHE E 90 5.36 28.03 0.13
CA PHE E 90 4.04 28.14 0.73
C PHE E 90 3.07 28.89 -0.18
N GLU E 91 1.80 28.48 -0.10
CA GLU E 91 0.71 29.13 -0.81
C GLU E 91 -0.34 29.58 0.19
N ILE E 92 -0.50 30.90 0.31
CA ILE E 92 -1.47 31.46 1.24
C ILE E 92 -2.79 31.59 0.49
N VAL E 93 -3.86 31.03 1.05
CA VAL E 93 -5.15 30.99 0.39
C VAL E 93 -6.15 31.75 1.25
N TYR E 94 -6.42 32.99 0.86
CA TYR E 94 -7.53 33.75 1.40
C TYR E 94 -8.79 33.25 0.70
N ASN E 95 -9.85 32.94 1.44
CA ASN E 95 -11.00 32.34 0.80
C ASN E 95 -12.20 33.24 1.04
N LEU E 96 -12.53 34.05 0.05
CA LEU E 96 -13.46 35.16 0.24
C LEU E 96 -14.86 34.75 -0.19
N LEU E 97 -15.81 35.02 0.71
CA LEU E 97 -17.22 34.76 0.52
C LEU E 97 -17.98 36.07 0.55
N SER E 98 -18.83 36.28 -0.45
CA SER E 98 -19.69 37.45 -0.49
C SER E 98 -20.97 37.20 0.27
N LEU E 99 -21.75 38.26 0.41
CA LEU E 99 -23.05 38.22 1.07
C LEU E 99 -24.17 38.62 0.15
N ARG E 100 -23.95 39.63 -0.69
CA ARG E 100 -24.95 40.10 -1.63
C ARG E 100 -25.00 39.27 -2.91
N PHE E 101 -24.05 38.36 -3.14
CA PHE E 101 -23.85 37.78 -4.46
C PHE E 101 -23.86 36.26 -4.54
N ASN E 102 -23.60 35.53 -3.46
CA ASN E 102 -23.42 34.08 -3.44
C ASN E 102 -22.31 33.64 -4.39
N SER E 103 -21.09 34.04 -4.08
CA SER E 103 -19.93 33.69 -4.89
C SER E 103 -18.77 33.33 -3.98
N ARG E 104 -17.82 32.57 -4.52
CA ARG E 104 -16.63 32.19 -3.76
C ARG E 104 -15.37 32.32 -4.61
N ILE E 105 -14.46 33.14 -4.13
CA ILE E 105 -13.19 33.31 -4.82
C ILE E 105 -12.07 32.95 -3.87
N ARG E 106 -10.98 32.46 -4.44
CA ARG E 106 -9.81 32.07 -3.69
C ARG E 106 -8.65 32.90 -4.17
N VAL E 107 -8.15 33.79 -3.32
CA VAL E 107 -6.98 34.57 -3.64
C VAL E 107 -5.78 33.78 -3.13
N LYS E 108 -4.98 33.26 -4.05
CA LYS E 108 -3.84 32.40 -3.73
C LYS E 108 -2.57 33.15 -4.04
N THR E 109 -1.91 33.66 -3.01
CA THR E 109 -0.64 34.34 -3.19
C THR E 109 0.49 33.41 -2.80
N TYR E 110 1.66 33.60 -3.40
CA TYR E 110 2.73 32.68 -3.09
C TYR E 110 3.80 33.34 -2.20
N THR E 111 4.55 32.50 -1.48
CA THR E 111 5.68 32.98 -0.69
C THR E 111 6.63 31.82 -0.41
N ASP E 112 7.88 32.17 -0.08
CA ASP E 112 8.85 31.21 0.41
C ASP E 112 8.92 31.28 1.93
N GLU E 113 9.96 30.66 2.49
CA GLU E 113 10.05 30.47 3.94
C GLU E 113 10.40 31.74 4.70
N LEU E 114 11.01 32.72 4.04
CA LEU E 114 11.60 33.87 4.74
C LEU E 114 11.12 35.18 4.12
N THR E 115 9.82 35.32 3.94
CA THR E 115 9.28 36.55 3.37
C THR E 115 8.06 37.01 4.14
N PRO E 116 8.03 38.27 4.58
CA PRO E 116 6.80 38.83 5.17
C PRO E 116 5.80 39.17 4.08
N VAL E 117 4.60 38.59 4.16
CA VAL E 117 3.50 39.08 3.34
C VAL E 117 2.82 40.19 4.14
N GLU E 118 1.95 40.95 3.50
CA GLU E 118 1.50 42.22 4.05
C GLU E 118 0.41 42.10 5.13
N SER E 119 0.15 40.91 5.69
CA SER E 119 -0.52 40.77 6.98
C SER E 119 -1.94 41.35 7.07
N SER E 120 -2.93 40.65 6.53
CA SER E 120 -4.27 41.18 6.29
C SER E 120 -5.13 41.45 7.52
N VAL E 121 -4.53 41.50 8.72
CA VAL E 121 -5.28 41.70 9.95
C VAL E 121 -5.95 43.06 10.02
N SER E 122 -5.47 44.05 9.27
CA SER E 122 -6.07 45.37 9.35
C SER E 122 -7.34 45.49 8.51
N VAL E 123 -7.52 44.63 7.51
CA VAL E 123 -8.70 44.70 6.65
C VAL E 123 -9.60 43.50 6.81
N TYR E 124 -9.19 42.49 7.57
CA TYR E 124 -10.07 41.40 7.99
C TYR E 124 -9.71 41.05 9.42
N LYS E 125 -10.56 41.47 10.37
CA LYS E 125 -10.32 41.19 11.77
C LYS E 125 -10.45 39.71 12.10
N ALA E 126 -11.06 38.92 11.22
CA ALA E 126 -11.10 37.47 11.41
C ALA E 126 -9.75 36.82 11.16
N ALA E 127 -8.86 37.49 10.43
CA ALA E 127 -7.57 36.92 10.07
C ALA E 127 -6.54 37.02 11.19
N ASN E 128 -6.94 37.46 12.39
CA ASN E 128 -5.99 37.59 13.49
C ASN E 128 -5.49 36.22 13.94
N TRP E 129 -6.40 35.36 14.38
CA TRP E 129 -5.97 34.05 14.82
C TRP E 129 -5.60 33.15 13.65
N TYR E 130 -6.14 33.39 12.46
CA TYR E 130 -5.71 32.65 11.28
C TYR E 130 -4.24 32.92 10.96
N GLU E 131 -3.86 34.20 10.99
CA GLU E 131 -2.47 34.56 10.75
C GLU E 131 -1.55 34.06 11.86
N ARG E 132 -2.01 34.11 13.11
CA ARG E 132 -1.18 33.62 14.20
C ARG E 132 -1.01 32.11 14.13
N GLU E 133 -2.06 31.40 13.71
CA GLU E 133 -2.00 29.95 13.57
C GLU E 133 -1.11 29.54 12.41
N ILE E 134 -1.15 30.27 11.30
CA ILE E 134 -0.27 29.93 10.19
C ILE E 134 1.18 30.24 10.51
N TRP E 135 1.44 31.30 11.30
CA TRP E 135 2.78 31.54 11.81
C TRP E 135 3.26 30.41 12.70
N ASP E 136 2.42 29.93 13.61
CA ASP E 136 2.88 28.89 14.53
C ASP E 136 3.06 27.56 13.80
N MET E 137 2.16 27.21 12.89
CA MET E 137 2.21 25.88 12.33
C MET E 137 3.14 25.78 11.14
N PHE E 138 3.13 26.75 10.23
CA PHE E 138 3.95 26.64 9.03
C PHE E 138 5.30 27.29 9.22
N GLY E 139 5.32 28.56 9.60
CA GLY E 139 6.57 29.27 9.81
C GLY E 139 6.72 30.50 8.95
N VAL E 140 5.62 31.11 8.53
CA VAL E 140 5.64 32.26 7.64
C VAL E 140 5.42 33.50 8.48
N PHE E 141 6.46 34.33 8.61
CA PHE E 141 6.35 35.52 9.43
C PHE E 141 5.52 36.59 8.73
N PHE E 142 4.75 37.33 9.53
CA PHE E 142 3.84 38.37 9.02
C PHE E 142 4.25 39.70 9.67
N ALA E 143 4.69 40.65 8.86
CA ALA E 143 5.19 41.92 9.38
C ALA E 143 4.08 42.94 9.49
N ASN E 144 4.31 43.92 10.36
CA ASN E 144 3.33 44.95 10.77
C ASN E 144 2.03 44.30 11.23
N HIS E 145 2.17 43.57 12.33
CA HIS E 145 1.13 42.75 12.90
C HIS E 145 1.23 42.89 14.41
N PRO E 146 0.10 43.01 15.12
CA PRO E 146 0.15 43.28 16.56
C PRO E 146 0.75 42.18 17.42
N ASP E 147 0.25 40.95 17.32
CA ASP E 147 0.67 39.89 18.22
C ASP E 147 0.93 38.60 17.46
N LEU E 148 2.11 38.04 17.62
CA LEU E 148 2.44 36.71 17.15
C LEU E 148 2.89 35.88 18.34
N ARG E 149 2.05 34.93 18.73
CA ARG E 149 2.38 33.98 19.78
C ARG E 149 2.14 32.58 19.24
N ARG E 150 2.18 31.57 20.10
CA ARG E 150 2.01 30.19 19.68
C ARG E 150 0.62 29.71 20.07
N ILE E 151 -0.26 29.60 19.08
CA ILE E 151 -1.59 29.02 19.25
C ILE E 151 -1.58 27.63 18.63
N LEU E 152 -2.15 26.66 19.36
CA LEU E 152 -2.37 25.24 19.07
C LEU E 152 -1.12 24.41 19.28
N THR E 153 -0.05 24.96 19.85
CA THR E 153 1.14 24.18 20.16
C THR E 153 1.53 24.39 21.62
N ASP E 154 2.35 23.47 22.11
CA ASP E 154 2.95 23.63 23.43
C ASP E 154 4.00 24.73 23.39
N TYR E 155 4.28 25.32 24.55
CA TYR E 155 5.23 26.41 24.61
C TYR E 155 6.65 25.90 24.42
N GLY E 156 7.01 24.82 25.11
CA GLY E 156 8.33 24.23 24.95
C GLY E 156 8.52 23.45 23.67
N PHE E 157 7.47 23.30 22.87
CA PHE E 157 7.53 22.61 21.59
C PHE E 157 7.83 23.60 20.49
N GLU E 158 8.67 23.19 19.55
CA GLU E 158 8.95 23.99 18.37
C GLU E 158 9.35 23.05 17.24
N GLY E 159 9.32 23.58 16.02
CA GLY E 159 9.68 22.79 14.87
C GLY E 159 8.77 23.04 13.67
N HIS E 160 7.67 23.77 13.92
CA HIS E 160 6.66 24.19 12.96
C HIS E 160 6.05 22.95 12.31
N PRO E 161 5.22 22.20 13.04
CA PRO E 161 5.04 20.78 12.74
C PRO E 161 4.22 20.46 11.49
N PHE E 162 3.41 21.36 10.95
CA PHE E 162 2.61 20.98 9.79
C PHE E 162 3.38 20.94 8.48
N ARG E 163 4.68 21.20 8.48
CA ARG E 163 5.49 21.06 7.27
C ARG E 163 5.57 19.59 6.84
N LYS E 164 6.00 19.38 5.61
CA LYS E 164 6.32 18.02 5.18
C LYS E 164 7.65 17.54 5.72
N ASP E 165 8.48 18.44 6.22
CA ASP E 165 9.80 18.10 6.70
C ASP E 165 9.79 17.61 8.14
N PHE E 166 8.84 18.11 8.92
CA PHE E 166 8.66 17.59 10.26
C PHE E 166 8.00 16.22 10.16
N PRO E 167 8.53 15.20 10.85
CA PRO E 167 7.96 13.85 10.70
C PRO E 167 6.61 13.70 11.36
N LEU E 168 6.02 12.51 11.25
CA LEU E 168 4.70 12.30 11.84
C LEU E 168 4.76 12.31 13.35
N SER E 169 5.50 11.38 13.94
CA SER E 169 5.81 11.49 15.35
C SER E 169 6.83 12.59 15.57
N GLY E 170 6.67 13.33 16.67
CA GLY E 170 7.56 14.42 16.97
C GLY E 170 8.89 13.94 17.50
N TYR E 171 9.75 14.90 17.81
CA TYR E 171 11.05 14.56 18.37
C TYR E 171 11.01 14.38 19.87
N VAL E 172 10.11 15.09 20.55
CA VAL E 172 9.99 15.01 22.00
C VAL E 172 8.75 14.19 22.36
N GLU E 173 8.78 13.62 23.55
CA GLU E 173 7.68 12.82 24.05
C GLU E 173 7.67 12.97 25.57
N LEU E 174 6.51 13.25 26.13
CA LEU E 174 6.45 13.55 27.55
C LEU E 174 6.14 12.30 28.37
N ARG E 175 6.71 12.26 29.56
CA ARG E 175 6.35 11.24 30.55
C ARG E 175 6.64 11.77 31.93
N TYR E 176 5.87 11.31 32.91
CA TYR E 176 6.12 11.69 34.29
C TYR E 176 7.20 10.80 34.87
N ASP E 177 8.10 11.42 35.64
CA ASP E 177 9.06 10.64 36.40
C ASP E 177 9.22 11.22 37.80
N ASP E 178 9.65 10.33 38.69
CA ASP E 178 9.66 10.54 40.12
C ASP E 178 11.03 11.00 40.64
N GLU E 179 12.03 11.06 39.77
CA GLU E 179 13.33 11.63 40.09
C GLU E 179 13.18 13.10 40.41
N VAL E 180 12.76 13.86 39.39
CA VAL E 180 12.52 15.29 39.55
C VAL E 180 11.06 15.58 39.85
N LYS E 181 10.22 14.53 39.98
CA LYS E 181 8.81 14.62 40.41
C LYS E 181 7.98 15.47 39.45
N ARG E 182 8.21 15.33 38.15
CA ARG E 182 7.49 16.15 37.19
C ARG E 182 7.47 15.46 35.82
N VAL E 183 6.92 16.17 34.85
CA VAL E 183 6.82 15.68 33.47
C VAL E 183 8.07 16.15 32.72
N VAL E 184 8.72 15.22 32.03
CA VAL E 184 9.94 15.52 31.29
C VAL E 184 9.78 15.08 29.84
N ALA E 185 10.62 15.65 28.99
CA ALA E 185 10.62 15.37 27.56
C ALA E 185 11.81 14.49 27.21
N GLU E 186 11.56 13.44 26.45
CA GLU E 186 12.56 12.45 26.06
C GLU E 186 12.42 12.20 24.56
N PRO E 187 13.48 11.71 23.92
CA PRO E 187 13.35 11.33 22.50
C PRO E 187 12.39 10.17 22.32
N VAL E 188 11.76 10.12 21.15
CA VAL E 188 10.64 9.23 20.92
C VAL E 188 11.13 7.79 20.76
N GLU E 189 10.48 6.87 21.47
CA GLU E 189 10.75 5.43 21.37
C GLU E 189 9.37 4.80 21.19
N LEU E 190 8.93 4.67 19.94
CA LEU E 190 7.60 4.16 19.66
C LEU E 190 7.52 2.68 19.99
N ALA E 191 6.30 2.23 20.27
CA ALA E 191 6.06 0.83 20.55
C ALA E 191 5.65 0.06 19.31
N GLN E 192 5.27 0.75 18.24
CA GLN E 192 4.94 0.11 16.98
C GLN E 192 5.44 1.02 15.87
N GLU E 193 5.63 0.43 14.69
CA GLU E 193 6.45 1.04 13.66
C GLU E 193 5.80 2.25 13.01
N PHE E 194 4.46 2.29 12.97
CA PHE E 194 3.69 3.05 11.98
C PHE E 194 4.11 2.64 10.57
N ARG E 195 3.69 1.44 10.22
CA ARG E 195 3.88 0.87 8.89
C ARG E 195 3.37 1.79 7.79
N LYS E 196 4.27 2.34 6.99
CA LYS E 196 3.86 3.14 5.84
C LYS E 196 3.59 2.22 4.66
N PHE E 197 2.43 2.39 4.03
CA PHE E 197 2.02 1.50 2.96
C PHE E 197 2.34 2.11 1.61
N ASP E 198 2.77 1.27 0.68
CA ASP E 198 3.09 1.70 -0.69
C ASP E 198 1.85 1.47 -1.55
N LEU E 199 0.91 2.42 -1.48
CA LEU E 199 -0.39 2.26 -2.09
C LEU E 199 -0.52 2.90 -3.46
N ASN E 200 0.40 3.79 -3.83
CA ASN E 200 0.28 4.54 -5.07
C ASN E 200 0.61 3.63 -6.25
N SER E 201 -0.43 2.96 -6.74
CA SER E 201 -0.29 2.03 -7.85
C SER E 201 -0.08 2.77 -9.16
N PRO E 202 0.61 2.15 -10.12
CA PRO E 202 0.71 2.73 -11.47
C PRO E 202 -0.57 2.63 -12.28
N TRP E 203 -0.39 2.84 -13.60
CA TRP E 203 -1.36 2.72 -14.71
C TRP E 203 -2.26 3.93 -14.92
N GLU E 204 -1.91 5.11 -14.39
CA GLU E 204 -2.31 6.42 -14.92
C GLU E 204 -3.83 6.58 -14.98
N ALA E 205 -4.43 6.69 -13.79
CA ALA E 205 -5.88 6.72 -13.68
C ALA E 205 -6.55 7.94 -14.30
N PHE E 206 -5.79 8.95 -14.73
CA PHE E 206 -6.36 10.10 -15.41
C PHE E 206 -5.49 10.52 -16.58
N PRO E 207 -5.94 10.32 -17.82
CA PRO E 207 -5.15 10.78 -18.97
C PRO E 207 -5.27 12.26 -19.23
N ALA E 208 -6.31 12.92 -18.73
CA ALA E 208 -6.51 14.34 -18.98
C ALA E 208 -5.55 15.22 -18.19
N TYR E 209 -4.84 14.68 -17.20
CA TYR E 209 -3.92 15.44 -16.38
C TYR E 209 -2.47 15.04 -16.62
N ARG E 210 -2.16 14.58 -17.83
CA ARG E 210 -0.78 14.22 -18.15
C ARG E 210 0.03 15.47 -18.43
N GLN E 211 1.05 15.71 -17.61
CA GLN E 211 1.99 16.78 -17.90
C GLN E 211 2.85 16.38 -19.10
N PRO E 212 3.28 17.33 -19.91
CA PRO E 212 4.15 17.01 -21.03
C PRO E 212 5.55 16.63 -20.55
N PRO E 213 6.15 15.59 -21.11
CA PRO E 213 7.45 15.13 -20.64
C PRO E 213 8.57 16.03 -21.17
N GLU E 214 9.79 15.72 -20.74
CA GLU E 214 10.96 16.51 -21.14
C GLU E 214 11.36 16.21 -22.58
N SER F 24 -8.00 -15.46 67.66
CA SER F 24 -8.48 -15.01 66.36
C SER F 24 -9.58 -13.97 66.52
N ARG F 25 -9.86 -13.61 67.77
CA ARG F 25 -10.89 -12.62 68.06
C ARG F 25 -10.50 -11.24 67.52
N GLY F 26 -9.22 -10.88 67.64
CA GLY F 26 -8.76 -9.61 67.11
C GLY F 26 -8.77 -9.57 65.60
N GLU F 27 -8.39 -10.69 64.97
CA GLU F 27 -8.42 -10.75 63.52
C GLU F 27 -9.85 -10.75 62.99
N TYR F 28 -10.79 -11.33 63.75
CA TYR F 28 -12.21 -11.23 63.44
C TYR F 28 -12.70 -9.79 63.47
N VAL F 29 -12.34 -9.06 64.54
CA VAL F 29 -12.75 -7.67 64.69
C VAL F 29 -12.15 -6.81 63.58
N VAL F 30 -10.86 -6.99 63.31
CA VAL F 30 -10.17 -6.21 62.28
C VAL F 30 -10.70 -6.53 60.89
N ALA F 31 -11.05 -7.79 60.62
CA ALA F 31 -11.60 -8.16 59.32
C ALA F 31 -12.97 -7.54 59.10
N LYS F 32 -13.84 -7.60 60.12
CA LYS F 32 -15.16 -7.00 59.94
C LYS F 32 -15.09 -5.47 59.89
N LEU F 33 -14.14 -4.87 60.60
CA LEU F 33 -13.98 -3.42 60.53
C LEU F 33 -13.43 -2.99 59.17
N ASP F 34 -12.55 -3.81 58.59
CA ASP F 34 -12.05 -3.55 57.24
C ASP F 34 -13.17 -3.65 56.22
N ASP F 35 -14.05 -4.64 56.38
CA ASP F 35 -15.19 -4.76 55.48
C ASP F 35 -16.13 -3.56 55.64
N LEU F 36 -16.29 -3.07 56.87
CA LEU F 36 -17.10 -1.89 57.12
C LEU F 36 -16.55 -0.66 56.43
N ILE F 37 -15.25 -0.39 56.59
CA ILE F 37 -14.70 0.82 56.00
C ILE F 37 -14.57 0.70 54.48
N ASN F 38 -14.39 -0.51 53.96
CA ASN F 38 -14.35 -0.66 52.51
C ASN F 38 -15.74 -0.48 51.90
N TRP F 39 -16.78 -0.95 52.60
CA TRP F 39 -18.14 -0.64 52.19
C TRP F 39 -18.41 0.85 52.25
N ALA F 40 -17.89 1.52 53.27
CA ALA F 40 -18.08 2.96 53.40
C ALA F 40 -17.39 3.71 52.27
N ARG F 41 -16.23 3.25 51.84
CA ARG F 41 -15.54 3.91 50.73
C ARG F 41 -16.26 3.65 49.41
N ARG F 42 -16.63 2.40 49.15
CA ARG F 42 -17.27 2.07 47.88
C ARG F 42 -18.72 2.55 47.80
N SER F 43 -19.31 2.96 48.92
CA SER F 43 -20.71 3.35 48.91
C SER F 43 -20.93 4.66 48.16
N SER F 44 -20.15 5.68 48.49
CA SER F 44 -20.40 7.01 47.91
C SER F 44 -19.65 7.20 46.60
N LEU F 45 -18.32 7.26 46.68
CA LEU F 45 -17.40 7.45 45.55
C LEU F 45 -17.81 8.58 44.60
N TRP F 46 -17.92 9.79 45.13
CA TRP F 46 -18.31 10.89 44.24
C TRP F 46 -17.07 11.41 43.51
N PRO F 47 -17.08 11.45 42.18
CA PRO F 47 -15.87 11.78 41.44
C PRO F 47 -15.78 13.23 41.06
N MET F 48 -14.66 13.61 40.47
CA MET F 48 -14.62 14.77 39.60
C MET F 48 -14.62 14.29 38.16
N THR F 49 -14.98 15.19 37.27
CA THR F 49 -15.12 14.88 35.84
C THR F 49 -14.05 15.68 35.11
N PHE F 50 -13.02 15.00 34.61
CA PHE F 50 -12.00 15.71 33.85
C PHE F 50 -12.48 16.01 32.44
N GLY F 51 -12.69 14.97 31.64
CA GLY F 51 -13.57 15.02 30.48
C GLY F 51 -13.30 16.01 29.37
N LEU F 52 -12.31 15.76 28.52
CA LEU F 52 -11.96 16.75 27.51
C LEU F 52 -12.88 16.69 26.29
N ALA F 53 -12.80 15.61 25.54
CA ALA F 53 -13.52 15.45 24.29
C ALA F 53 -14.80 14.64 24.52
N CYS F 54 -15.42 14.16 23.43
CA CYS F 54 -16.65 13.39 23.36
C CYS F 54 -16.93 12.29 24.40
N CYS F 55 -15.87 11.70 24.98
CA CYS F 55 -16.05 10.87 26.17
C CYS F 55 -16.66 11.66 27.33
N ALA F 56 -16.43 12.98 27.40
CA ALA F 56 -17.14 13.79 28.40
C ALA F 56 -18.62 13.88 28.11
N VAL F 57 -18.99 13.95 26.83
CA VAL F 57 -20.40 13.93 26.47
C VAL F 57 -21.03 12.60 26.84
N GLU F 58 -20.27 11.52 26.73
CA GLU F 58 -20.82 10.24 27.17
C GLU F 58 -20.88 10.14 28.69
N MET F 59 -19.98 10.80 29.41
CA MET F 59 -20.14 10.92 30.87
C MET F 59 -21.39 11.71 31.22
N MET F 60 -21.68 12.75 30.45
CA MET F 60 -22.91 13.50 30.63
C MET F 60 -24.13 12.68 30.25
N HIS F 61 -23.96 11.67 29.39
CA HIS F 61 -25.05 10.75 29.08
C HIS F 61 -25.17 9.60 30.05
N MET F 62 -24.17 9.34 30.86
CA MET F 62 -24.40 8.53 32.05
C MET F 62 -24.73 9.40 33.25
N ALA F 63 -24.87 10.70 33.03
CA ALA F 63 -25.60 11.57 33.96
C ALA F 63 -27.06 11.71 33.57
N ALA F 64 -27.50 11.03 32.51
CA ALA F 64 -28.87 11.10 32.05
C ALA F 64 -29.79 10.33 33.00
N PRO F 65 -31.12 10.52 32.91
CA PRO F 65 -32.01 9.70 33.74
C PRO F 65 -32.01 8.22 33.39
N ARG F 66 -31.72 7.83 32.15
CA ARG F 66 -31.80 6.41 31.82
C ARG F 66 -30.63 5.61 32.37
N TYR F 67 -29.56 6.28 32.80
CA TYR F 67 -28.44 5.63 33.47
C TYR F 67 -28.03 6.55 34.61
N ASP F 68 -28.48 6.24 35.83
CA ASP F 68 -28.33 7.19 36.92
C ASP F 68 -26.90 7.17 37.47
N MET F 69 -26.66 8.09 38.40
CA MET F 69 -25.49 8.07 39.25
C MET F 69 -25.83 8.15 40.72
N ASP F 70 -26.97 8.73 41.08
CA ASP F 70 -27.39 8.83 42.48
C ASP F 70 -27.98 7.53 43.01
N ARG F 71 -28.09 6.49 42.19
CA ARG F 71 -28.40 5.17 42.72
C ARG F 71 -27.19 4.51 43.35
N PHE F 72 -26.00 5.00 43.04
CA PHE F 72 -24.74 4.40 43.48
C PHE F 72 -23.94 5.36 44.36
N GLY F 73 -24.57 6.40 44.87
CA GLY F 73 -23.87 7.42 45.64
C GLY F 73 -23.06 8.40 44.81
N VAL F 74 -22.98 8.21 43.50
CA VAL F 74 -22.09 9.00 42.66
C VAL F 74 -22.74 10.34 42.35
N VAL F 75 -22.03 11.42 42.69
CA VAL F 75 -22.48 12.78 42.43
C VAL F 75 -21.36 13.50 41.70
N PHE F 76 -21.69 14.19 40.59
CA PHE F 76 -20.70 14.99 39.89
C PHE F 76 -20.29 16.18 40.75
N ARG F 77 -18.98 16.39 40.88
CA ARG F 77 -18.47 17.47 41.72
C ARG F 77 -17.08 17.83 41.24
N ALA F 78 -16.93 19.02 40.63
CA ALA F 78 -15.67 19.43 40.03
C ALA F 78 -14.63 19.90 41.05
N SER F 79 -14.89 19.76 42.33
CA SER F 79 -13.90 20.11 43.34
C SER F 79 -12.83 19.04 43.40
N PRO F 80 -11.56 19.38 43.16
CA PRO F 80 -10.51 18.36 43.23
C PRO F 80 -10.16 17.95 44.64
N ARG F 81 -10.45 18.78 45.64
CA ARG F 81 -10.03 18.50 47.00
C ARG F 81 -10.97 17.55 47.73
N GLN F 82 -12.14 17.24 47.16
CA GLN F 82 -13.06 16.35 47.84
C GLN F 82 -13.60 15.28 46.89
N SER F 83 -12.85 14.96 45.84
CA SER F 83 -13.23 13.93 44.88
C SER F 83 -12.45 12.65 45.18
N ASP F 84 -13.15 11.54 45.35
CA ASP F 84 -12.48 10.30 45.69
C ASP F 84 -11.81 9.67 44.48
N VAL F 85 -12.55 9.50 43.38
CA VAL F 85 -12.00 8.90 42.18
C VAL F 85 -12.00 9.94 41.07
N MET F 86 -11.23 9.67 40.03
CA MET F 86 -11.11 10.60 38.91
C MET F 86 -11.19 9.82 37.61
N ILE F 87 -11.96 10.36 36.67
CA ILE F 87 -12.18 9.73 35.37
C ILE F 87 -11.40 10.53 34.34
N VAL F 88 -10.32 9.96 33.83
CA VAL F 88 -9.63 10.53 32.69
C VAL F 88 -10.42 10.17 31.44
N ALA F 89 -10.72 11.16 30.61
CA ALA F 89 -11.57 10.92 29.44
C ALA F 89 -11.25 11.97 28.39
N GLY F 90 -10.95 11.52 27.18
CA GLY F 90 -10.58 12.42 26.11
C GLY F 90 -9.10 12.31 25.77
N THR F 91 -8.73 13.01 24.71
CA THR F 91 -7.37 12.95 24.20
C THR F 91 -6.44 13.73 25.12
N LEU F 92 -5.53 13.03 25.77
CA LEU F 92 -4.62 13.64 26.73
C LEU F 92 -3.42 14.18 25.97
N THR F 93 -3.37 15.48 25.78
CA THR F 93 -2.34 16.12 24.98
C THR F 93 -1.17 16.56 25.85
N ASN F 94 -0.08 16.98 25.20
CA ASN F 94 1.09 17.42 25.94
C ASN F 94 0.86 18.77 26.60
N LYS F 95 -0.02 19.59 26.05
CA LYS F 95 -0.34 20.86 26.68
C LYS F 95 -1.27 20.68 27.86
N MET F 96 -1.98 19.57 27.92
CA MET F 96 -2.94 19.26 28.98
C MET F 96 -2.32 18.49 30.14
N ALA F 97 -1.41 17.57 29.84
CA ALA F 97 -0.94 16.62 30.86
C ALA F 97 -0.24 17.20 32.09
N PRO F 98 0.56 18.28 32.03
CA PRO F 98 0.98 18.91 33.29
C PRO F 98 -0.16 19.45 34.12
N ALA F 99 -1.19 19.99 33.50
CA ALA F 99 -2.38 20.40 34.24
C ALA F 99 -3.13 19.20 34.78
N LEU F 100 -3.07 18.06 34.08
CA LEU F 100 -3.70 16.85 34.57
C LEU F 100 -3.06 16.37 35.87
N ARG F 101 -1.74 16.25 35.90
CA ARG F 101 -1.15 15.81 37.16
C ARG F 101 -1.13 16.92 38.22
N LYS F 102 -1.21 18.19 37.81
CA LYS F 102 -1.39 19.26 38.78
C LYS F 102 -2.75 19.19 39.45
N VAL F 103 -3.78 18.69 38.74
CA VAL F 103 -5.03 18.37 39.40
C VAL F 103 -4.89 17.11 40.25
N TYR F 104 -4.19 16.11 39.73
CA TYR F 104 -4.09 14.79 40.38
C TYR F 104 -3.34 14.84 41.70
N ASP F 105 -2.42 15.79 41.87
CA ASP F 105 -1.66 15.86 43.11
C ASP F 105 -2.53 16.34 44.26
N GLN F 106 -3.29 17.42 44.06
CA GLN F 106 -4.19 17.92 45.08
C GLN F 106 -5.46 17.07 45.10
N MET F 107 -5.30 15.87 45.67
CA MET F 107 -6.37 14.88 45.70
C MET F 107 -6.01 13.90 46.82
N PRO F 108 -6.95 13.56 47.71
CA PRO F 108 -6.60 12.93 48.98
C PRO F 108 -6.05 11.50 48.92
N GLU F 109 -5.80 10.93 50.10
CA GLU F 109 -5.02 9.70 50.21
C GLU F 109 -5.66 8.47 49.56
N PRO F 110 -6.99 8.27 49.55
CA PRO F 110 -7.53 7.33 48.55
C PRO F 110 -7.77 8.00 47.21
N ARG F 111 -7.09 7.55 46.17
CA ARG F 111 -7.31 8.05 44.83
C ARG F 111 -7.32 6.90 43.85
N TYR F 112 -8.32 6.89 42.96
CA TYR F 112 -8.53 5.79 42.04
C TYR F 112 -8.87 6.37 40.67
N VAL F 113 -8.27 5.82 39.62
CA VAL F 113 -8.30 6.42 38.30
C VAL F 113 -8.99 5.47 37.33
N VAL F 114 -9.95 6.01 36.58
CA VAL F 114 -10.64 5.27 35.53
C VAL F 114 -10.27 5.91 34.20
N SER F 115 -9.56 5.17 33.36
CA SER F 115 -9.24 5.63 32.01
C SER F 115 -10.35 5.22 31.06
N MET F 116 -11.05 6.22 30.53
CA MET F 116 -12.21 6.01 29.68
C MET F 116 -11.88 6.39 28.26
N GLY F 117 -12.13 5.49 27.34
CA GLY F 117 -11.99 5.89 25.95
C GLY F 117 -10.69 5.41 25.34
N SER F 118 -10.74 5.15 24.03
CA SER F 118 -9.58 4.69 23.29
C SER F 118 -8.48 5.75 23.27
N CYS F 119 -8.84 7.04 23.28
CA CYS F 119 -7.82 8.08 23.33
C CYS F 119 -7.06 8.08 24.64
N ALA F 120 -7.72 7.68 25.72
CA ALA F 120 -7.10 7.76 27.03
C ALA F 120 -6.36 6.50 27.42
N ASN F 121 -6.81 5.33 26.98
CA ASN F 121 -6.23 4.10 27.53
C ASN F 121 -5.15 3.49 26.63
N GLY F 122 -4.31 4.31 26.02
CA GLY F 122 -3.34 3.75 25.08
C GLY F 122 -3.23 4.48 23.77
N GLY F 123 -3.66 5.74 23.75
CA GLY F 123 -3.41 6.59 22.61
C GLY F 123 -4.57 6.60 21.64
N GLY F 124 -4.87 5.44 21.08
CA GLY F 124 -6.09 5.29 20.31
C GLY F 124 -5.95 5.77 18.90
N TYR F 125 -6.87 6.65 18.51
CA TYR F 125 -6.95 7.00 17.11
C TYR F 125 -5.94 8.07 16.75
N TYR F 126 -5.57 8.91 17.71
CA TYR F 126 -4.47 9.85 17.54
C TYR F 126 -3.18 9.30 18.13
N HIS F 127 -2.80 8.08 17.76
CA HIS F 127 -1.69 7.47 18.47
C HIS F 127 -0.34 7.88 17.90
N TYR F 128 -0.22 7.97 16.59
CA TYR F 128 1.03 8.34 15.95
C TYR F 128 1.00 9.83 15.61
N SER F 129 1.16 10.65 16.64
CA SER F 129 1.18 12.09 16.39
C SER F 129 2.02 12.76 17.46
N TYR F 130 2.51 13.95 17.13
CA TYR F 130 3.04 14.84 18.14
C TYR F 130 1.88 15.37 19.00
N SER F 131 2.25 15.91 20.16
CA SER F 131 1.34 16.59 21.10
C SER F 131 0.20 15.69 21.56
N VAL F 132 0.42 14.38 21.58
CA VAL F 132 -0.52 13.43 22.16
C VAL F 132 0.28 12.47 23.02
N VAL F 133 -0.06 12.39 24.30
CA VAL F 133 0.54 11.40 25.18
C VAL F 133 0.01 10.03 24.80
N ARG F 134 0.93 9.07 24.62
CA ARG F 134 0.54 7.72 24.19
C ARG F 134 -0.10 7.00 25.37
N GLY F 135 -1.37 7.33 25.62
CA GLY F 135 -2.10 6.78 26.75
C GLY F 135 -1.82 7.51 28.04
N CYS F 136 -2.79 7.50 28.96
CA CYS F 136 -2.62 8.22 30.21
C CYS F 136 -1.95 7.36 31.29
N ASP F 137 -1.20 6.33 30.89
CA ASP F 137 -0.31 5.65 31.83
C ASP F 137 0.99 6.41 32.03
N ARG F 138 1.35 7.28 31.09
CA ARG F 138 2.60 8.01 31.16
C ARG F 138 2.54 9.17 32.15
N ILE F 139 1.37 9.53 32.64
CA ILE F 139 1.19 10.67 33.52
C ILE F 139 0.68 10.25 34.89
N VAL F 140 -0.40 9.46 34.92
CA VAL F 140 -0.96 8.98 36.17
C VAL F 140 -1.01 7.46 36.15
N PRO F 141 -0.99 6.79 37.29
CA PRO F 141 -1.37 5.38 37.32
C PRO F 141 -2.86 5.23 37.04
N VAL F 142 -3.23 4.08 36.50
CA VAL F 142 -4.61 3.83 36.08
C VAL F 142 -5.10 2.55 36.73
N ASP F 143 -6.24 2.63 37.41
CA ASP F 143 -6.84 1.44 38.01
C ASP F 143 -7.75 0.69 37.05
N ILE F 144 -8.74 1.36 36.46
CA ILE F 144 -9.70 0.65 35.62
C ILE F 144 -9.71 1.25 34.22
N TYR F 145 -9.41 0.42 33.23
CA TYR F 145 -9.55 0.78 31.83
C TYR F 145 -10.94 0.38 31.33
N VAL F 146 -11.60 1.28 30.62
CA VAL F 146 -12.87 0.93 29.98
C VAL F 146 -12.82 1.30 28.51
N PRO F 147 -12.38 0.40 27.63
CA PRO F 147 -12.24 0.75 26.22
C PRO F 147 -13.58 0.79 25.51
N GLY F 148 -13.56 1.43 24.36
CA GLY F 148 -14.74 1.86 23.64
C GLY F 148 -14.42 3.20 23.04
N CYS F 149 -15.24 3.62 22.07
CA CYS F 149 -15.06 4.92 21.42
C CYS F 149 -16.37 5.41 20.82
N PRO F 150 -17.23 6.03 21.63
CA PRO F 150 -17.16 6.13 23.09
C PRO F 150 -17.59 4.86 23.76
N PRO F 151 -16.99 4.55 24.91
CA PRO F 151 -17.50 3.44 25.72
C PRO F 151 -18.92 3.78 26.10
N THR F 152 -19.80 2.80 25.99
CA THR F 152 -21.22 3.00 26.27
C THR F 152 -21.38 3.40 27.74
N ALA F 153 -22.34 4.29 27.99
CA ALA F 153 -22.68 4.68 29.35
C ALA F 153 -23.03 3.47 30.21
N GLU F 154 -23.68 2.49 29.60
CA GLU F 154 -23.91 1.20 30.21
C GLU F 154 -22.59 0.48 30.50
N ALA F 155 -21.64 0.53 29.56
CA ALA F 155 -20.35 -0.10 29.76
C ALA F 155 -19.51 0.65 30.79
N LEU F 156 -19.60 1.99 30.80
CA LEU F 156 -18.90 2.78 31.80
C LEU F 156 -19.44 2.49 33.20
N LEU F 157 -20.75 2.28 33.30
CA LEU F 157 -21.35 1.93 34.57
C LEU F 157 -20.89 0.55 35.04
N TYR F 158 -20.71 -0.37 34.09
CA TYR F 158 -20.14 -1.68 34.42
C TYR F 158 -18.70 -1.56 34.91
N GLY F 159 -17.93 -0.65 34.30
CA GLY F 159 -16.57 -0.41 34.76
C GLY F 159 -16.53 0.19 36.16
N ILE F 160 -17.49 1.05 36.48
CA ILE F 160 -17.55 1.64 37.82
C ILE F 160 -17.94 0.59 38.86
N LEU F 161 -18.82 -0.35 38.49
CA LEU F 161 -19.09 -1.46 39.42
C LEU F 161 -17.87 -2.35 39.63
N GLN F 162 -17.07 -2.56 38.58
CA GLN F 162 -15.85 -3.34 38.82
C GLN F 162 -14.81 -2.55 39.61
N LEU F 163 -14.86 -1.22 39.52
CA LEU F 163 -14.05 -0.39 40.41
C LEU F 163 -14.49 -0.55 41.86
N GLN F 164 -15.81 -0.62 42.10
CA GLN F 164 -16.30 -0.85 43.45
C GLN F 164 -15.91 -2.23 43.97
N LYS F 165 -15.81 -3.22 43.09
CA LYS F 165 -15.37 -4.52 43.57
C LYS F 165 -13.87 -4.56 43.81
N LYS F 166 -13.10 -3.75 43.10
CA LYS F 166 -11.70 -3.54 43.47
C LYS F 166 -11.60 -2.88 44.84
N ILE F 167 -12.53 -1.98 45.16
CA ILE F 167 -12.58 -1.42 46.51
C ILE F 167 -12.99 -2.49 47.52
N LYS F 168 -13.80 -3.47 47.10
CA LYS F 168 -14.13 -4.58 47.98
C LYS F 168 -12.92 -5.45 48.28
N ARG F 169 -11.97 -5.54 47.35
CA ARG F 169 -10.81 -6.43 47.53
C ARG F 169 -9.54 -5.69 47.96
N GLU F 170 -9.61 -4.72 48.87
CA GLU F 170 -8.42 -3.94 49.20
C GLU F 170 -7.53 -4.58 50.26
N LYS F 171 -8.14 -5.21 51.29
CA LYS F 171 -7.48 -5.86 52.46
C LYS F 171 -6.39 -4.99 53.13
N ARG F 172 -6.60 -3.67 53.11
CA ARG F 172 -5.67 -2.71 53.69
C ARG F 172 -5.47 -2.94 55.19
N LEU F 173 -6.58 -3.10 55.92
CA LEU F 173 -6.48 -3.17 57.37
C LEU F 173 -6.01 -4.54 57.83
N ARG F 174 -6.34 -5.61 57.08
CA ARG F 174 -5.77 -6.92 57.37
C ARG F 174 -4.26 -6.92 57.20
N ILE F 175 -3.76 -6.31 56.12
CA ILE F 175 -2.31 -6.23 55.94
C ILE F 175 -1.67 -5.34 57.00
N TRP F 176 -2.38 -4.29 57.43
CA TRP F 176 -1.89 -3.44 58.51
C TRP F 176 -1.79 -4.20 59.82
N TYR F 177 -2.72 -5.11 60.08
CA TYR F 177 -2.63 -5.89 61.32
C TYR F 177 -1.52 -6.91 61.24
N ARG F 178 -1.45 -7.68 60.16
CA ARG F 178 -0.46 -8.73 60.07
C ARG F 178 0.87 -8.24 59.50
N ARG F 179 1.11 -6.93 59.49
CA ARG F 179 2.46 -6.41 59.30
C ARG F 179 3.32 -6.78 60.51
N THR G 1 -37.42 33.47 2.91
CA THR G 1 -38.42 33.16 3.92
C THR G 1 -37.86 33.29 5.31
N TYR G 2 -38.11 34.43 5.95
CA TYR G 2 -37.59 34.69 7.28
C TYR G 2 -38.75 34.99 8.22
N LYS G 3 -38.62 34.54 9.46
CA LYS G 3 -39.67 34.63 10.46
C LYS G 3 -39.03 35.21 11.72
N TYR G 4 -38.97 36.53 11.81
CA TYR G 4 -38.18 37.14 12.87
C TYR G 4 -39.04 37.43 14.09
N VAL G 5 -38.38 37.36 15.26
CA VAL G 5 -39.06 37.45 16.55
C VAL G 5 -38.49 38.60 17.37
N ASN G 6 -38.91 38.70 18.63
CA ASN G 6 -38.65 39.84 19.52
C ASN G 6 -39.09 41.16 18.88
N LEU G 7 -40.38 41.25 18.60
CA LEU G 7 -40.97 42.51 18.15
C LEU G 7 -42.33 42.63 18.84
N ARG G 8 -42.34 43.32 19.98
CA ARG G 8 -43.57 43.77 20.60
C ARG G 8 -43.30 45.11 21.27
N GLU G 9 -44.32 45.95 21.29
CA GLU G 9 -44.14 47.14 22.10
C GLU G 9 -44.95 47.00 23.38
N PRO G 10 -44.52 47.66 24.48
CA PRO G 10 -45.36 47.71 25.67
C PRO G 10 -46.65 48.48 25.40
N SER G 11 -47.77 47.76 25.40
CA SER G 11 -49.07 48.36 25.08
C SER G 11 -49.52 49.26 26.21
N MET G 12 -49.77 50.53 25.89
CA MET G 12 -50.25 51.48 26.88
C MET G 12 -51.73 51.34 27.18
N ASP G 13 -52.39 50.31 26.65
CA ASP G 13 -53.70 49.91 27.16
C ASP G 13 -53.53 49.48 28.62
N MET G 14 -54.55 49.79 29.44
CA MET G 14 -54.41 49.60 30.88
C MET G 14 -54.30 48.14 31.27
N LYS G 15 -54.93 47.24 30.50
CA LYS G 15 -54.94 45.83 30.88
C LYS G 15 -53.57 45.19 30.68
N SER G 16 -52.89 45.52 29.57
CA SER G 16 -51.57 44.94 29.31
C SER G 16 -50.53 45.43 30.33
N VAL G 17 -50.55 46.72 30.65
CA VAL G 17 -49.56 47.23 31.59
C VAL G 17 -49.88 46.78 33.01
N THR G 18 -51.16 46.61 33.37
CA THR G 18 -51.43 46.09 34.70
C THR G 18 -51.17 44.59 34.79
N ASP G 19 -51.22 43.87 33.67
CA ASP G 19 -50.83 42.46 33.70
C ASP G 19 -49.33 42.31 33.81
N ARG G 20 -48.56 43.18 33.15
CA ARG G 20 -47.11 43.15 33.33
C ARG G 20 -46.72 43.57 34.75
N ALA G 21 -47.45 44.52 35.34
CA ALA G 21 -47.17 44.91 36.71
C ALA G 21 -47.54 43.80 37.69
N ALA G 22 -48.64 43.08 37.43
CA ALA G 22 -49.02 41.96 38.26
C ALA G 22 -48.01 40.82 38.15
N GLN G 23 -47.46 40.63 36.95
CA GLN G 23 -46.36 39.68 36.77
C GLN G 23 -45.14 40.10 37.56
N THR G 24 -44.85 41.39 37.59
CA THR G 24 -43.65 41.87 38.28
C THR G 24 -43.80 41.80 39.80
N LEU G 25 -45.01 42.03 40.32
CA LEU G 25 -45.21 42.10 41.77
C LEU G 25 -45.70 40.81 42.40
N LEU G 26 -46.70 40.15 41.83
CA LEU G 26 -47.33 39.01 42.49
C LEU G 26 -46.66 37.67 42.22
N TRP G 27 -45.54 37.66 41.48
CA TRP G 27 -44.76 36.46 41.15
C TRP G 27 -45.61 35.39 40.46
N THR G 28 -46.08 35.73 39.26
CA THR G 28 -46.94 34.79 38.54
C THR G 28 -46.13 33.67 37.89
N GLU G 29 -45.24 34.02 36.98
CA GLU G 29 -44.60 33.03 36.13
C GLU G 29 -43.56 32.20 36.86
N LEU G 30 -43.03 32.68 37.99
CA LEU G 30 -42.14 31.85 38.78
C LEU G 30 -42.92 30.72 39.46
N ILE G 31 -44.13 31.01 39.93
CA ILE G 31 -45.00 29.95 40.44
C ILE G 31 -45.48 29.06 39.31
N ARG G 32 -45.56 29.60 38.07
CA ARG G 32 -45.88 28.75 36.92
C ARG G 32 -44.75 27.75 36.63
N GLY G 33 -43.50 28.20 36.76
CA GLY G 33 -42.37 27.30 36.62
C GLY G 33 -42.31 26.26 37.73
N LEU G 34 -42.67 26.67 38.95
CA LEU G 34 -42.85 25.71 40.04
C LEU G 34 -43.93 24.69 39.73
N GLY G 35 -45.01 25.12 39.06
CA GLY G 35 -46.04 24.17 38.65
C GLY G 35 -45.55 23.18 37.63
N MET G 36 -44.70 23.61 36.70
CA MET G 36 -44.12 22.69 35.73
C MET G 36 -43.19 21.67 36.41
N THR G 37 -42.39 22.13 37.37
CA THR G 37 -41.51 21.21 38.09
C THR G 37 -42.31 20.24 38.96
N LEU G 38 -43.45 20.67 39.49
CA LEU G 38 -44.28 19.74 40.23
C LEU G 38 -44.95 18.73 39.29
N SER G 39 -45.28 19.17 38.07
CA SER G 39 -45.85 18.25 37.08
C SER G 39 -44.87 17.18 36.68
N TYR G 40 -43.57 17.49 36.62
CA TYR G 40 -42.62 16.39 36.45
C TYR G 40 -42.29 15.66 37.75
N LEU G 41 -42.59 16.26 38.91
CA LEU G 41 -42.42 15.53 40.16
C LEU G 41 -43.38 14.36 40.24
N PHE G 42 -44.65 14.58 39.88
CA PHE G 42 -45.62 13.51 40.04
C PHE G 42 -45.64 12.49 38.88
N ARG G 43 -44.57 12.40 38.08
CA ARG G 43 -44.49 11.37 37.05
C ARG G 43 -43.93 10.08 37.63
N GLU G 44 -43.63 9.14 36.73
CA GLU G 44 -42.88 7.93 36.99
C GLU G 44 -41.47 8.10 36.44
N PRO G 45 -40.44 7.63 37.12
CA PRO G 45 -39.07 7.89 36.65
C PRO G 45 -38.73 7.02 35.45
N ALA G 46 -38.06 7.65 34.48
CA ALA G 46 -37.62 6.93 33.28
C ALA G 46 -36.22 6.37 33.45
N THR G 47 -36.00 5.64 34.53
CA THR G 47 -34.72 5.00 34.78
C THR G 47 -34.87 3.50 34.57
N ILE G 48 -33.74 2.84 34.34
CA ILE G 48 -33.70 1.39 34.29
C ILE G 48 -32.73 0.90 35.35
N ASN G 49 -33.06 -0.22 35.98
CA ASN G 49 -32.16 -0.83 36.94
C ASN G 49 -31.05 -1.53 36.19
N TYR G 50 -29.80 -1.08 36.36
CA TYR G 50 -28.72 -1.59 35.52
C TYR G 50 -28.40 -3.08 35.74
N PRO G 51 -28.02 -3.55 36.93
CA PRO G 51 -27.44 -4.90 37.01
C PRO G 51 -28.44 -6.01 36.78
N PHE G 52 -29.73 -5.70 36.65
CA PHE G 52 -30.77 -6.66 36.35
C PHE G 52 -31.43 -6.43 35.00
N GLU G 53 -31.51 -5.19 34.53
CA GLU G 53 -32.06 -4.86 33.22
C GLU G 53 -30.97 -4.18 32.42
N LYS G 54 -30.30 -4.92 31.56
CA LYS G 54 -29.36 -4.28 30.64
C LYS G 54 -30.15 -3.59 29.54
N GLY G 55 -29.66 -2.42 29.12
CA GLY G 55 -30.38 -1.55 28.22
C GLY G 55 -30.55 -2.11 26.83
N PRO G 56 -31.43 -1.49 26.04
CA PRO G 56 -31.69 -1.99 24.69
C PRO G 56 -30.55 -1.65 23.74
N LEU G 57 -30.52 -2.37 22.63
CA LEU G 57 -29.44 -2.28 21.65
C LEU G 57 -30.02 -2.48 20.27
N SER G 58 -29.15 -2.76 19.30
CA SER G 58 -29.46 -2.98 17.91
C SER G 58 -28.79 -4.26 17.46
N PRO G 59 -29.34 -4.95 16.46
CA PRO G 59 -28.68 -6.17 15.95
C PRO G 59 -27.40 -5.91 15.16
N ARG G 60 -26.97 -4.67 15.00
CA ARG G 60 -25.72 -4.37 14.31
C ARG G 60 -24.73 -3.64 15.22
N PHE G 61 -24.77 -3.94 16.52
CA PHE G 61 -23.92 -3.22 17.47
C PHE G 61 -22.46 -3.62 17.29
N ARG G 62 -21.57 -2.66 17.53
CA ARG G 62 -20.15 -2.81 17.23
C ARG G 62 -19.36 -2.73 18.52
N GLY G 63 -18.58 -3.77 18.79
CA GLY G 63 -17.79 -3.86 20.01
C GLY G 63 -17.46 -5.29 20.37
N GLU G 64 -16.24 -5.53 20.84
CA GLU G 64 -15.70 -6.85 21.19
C GLU G 64 -15.76 -7.80 19.99
N HIS G 65 -14.96 -7.46 19.01
CA HIS G 65 -14.80 -8.29 17.82
C HIS G 65 -13.98 -9.55 18.12
N ALA G 66 -14.34 -10.62 17.43
CA ALA G 66 -13.69 -11.91 17.59
C ALA G 66 -13.79 -12.67 16.28
N LEU G 67 -12.97 -13.69 16.13
CA LEU G 67 -12.89 -14.45 14.88
C LEU G 67 -13.93 -15.56 14.88
N ARG G 68 -14.63 -15.69 13.76
CA ARG G 68 -15.55 -16.80 13.57
C ARG G 68 -14.79 -18.01 13.05
N ARG G 69 -15.51 -19.12 12.90
CA ARG G 69 -14.93 -20.28 12.25
C ARG G 69 -16.05 -20.99 11.50
N TYR G 70 -15.65 -21.91 10.62
CA TYR G 70 -16.60 -22.58 9.72
C TYR G 70 -17.56 -23.47 10.48
N PRO G 71 -18.75 -23.73 9.91
CA PRO G 71 -19.64 -24.75 10.50
C PRO G 71 -19.02 -26.12 10.46
N SER G 72 -18.68 -26.62 11.66
CA SER G 72 -17.98 -27.89 11.87
C SER G 72 -16.67 -27.94 11.08
N GLY G 73 -15.83 -26.94 11.29
CA GLY G 73 -14.57 -26.87 10.57
C GLY G 73 -13.49 -26.04 11.22
N GLU G 74 -12.53 -25.60 10.41
CA GLU G 74 -11.35 -24.90 10.89
C GLU G 74 -11.63 -23.42 11.07
N GLU G 75 -10.55 -22.66 11.27
CA GLU G 75 -10.58 -21.21 11.33
C GLU G 75 -11.06 -20.64 10.00
N ARG G 76 -11.72 -19.49 10.08
CA ARG G 76 -12.31 -18.88 8.90
C ARG G 76 -11.37 -17.92 8.21
N CYS G 77 -10.36 -17.41 8.91
CA CYS G 77 -9.47 -16.41 8.34
C CYS G 77 -8.52 -17.01 7.33
N ILE G 78 -7.96 -16.13 6.50
CA ILE G 78 -7.08 -16.51 5.42
C ILE G 78 -5.70 -15.87 5.54
N ALA G 79 -5.57 -14.84 6.37
CA ALA G 79 -4.47 -13.88 6.37
C ALA G 79 -4.29 -13.30 4.96
N CYS G 80 -5.33 -12.61 4.52
CA CYS G 80 -5.31 -11.90 3.26
C CYS G 80 -4.94 -10.44 3.46
N LYS G 81 -4.88 -9.99 4.70
CA LYS G 81 -4.41 -8.67 5.13
C LYS G 81 -5.28 -7.52 4.64
N LEU G 82 -6.52 -7.80 4.24
CA LEU G 82 -7.47 -6.73 3.95
C LEU G 82 -7.79 -5.91 5.18
N CYS G 83 -7.96 -6.57 6.34
CA CYS G 83 -8.30 -5.82 7.53
C CYS G 83 -7.12 -4.99 8.03
N GLU G 84 -5.90 -5.51 7.88
CA GLU G 84 -4.72 -4.71 8.20
C GLU G 84 -4.56 -3.55 7.22
N ALA G 85 -4.94 -3.74 5.96
CA ALA G 85 -4.86 -2.64 5.01
C ALA G 85 -5.89 -1.56 5.29
N VAL G 86 -7.08 -1.93 5.77
CA VAL G 86 -8.13 -0.93 5.95
C VAL G 86 -8.22 -0.35 7.35
N CYS G 87 -7.51 -0.90 8.32
CA CYS G 87 -7.65 -0.49 9.72
C CYS G 87 -7.18 0.94 9.95
N PRO G 88 -8.09 1.90 10.22
CA PRO G 88 -7.69 3.31 10.21
C PRO G 88 -6.85 3.69 11.40
N ALA G 89 -7.00 2.99 12.52
CA ALA G 89 -6.11 3.20 13.65
C ALA G 89 -4.77 2.53 13.48
N GLN G 90 -4.63 1.68 12.47
CA GLN G 90 -3.51 0.75 12.28
C GLN G 90 -3.27 -0.06 13.56
N ALA G 91 -4.27 -0.83 13.92
CA ALA G 91 -4.21 -1.66 15.10
C ALA G 91 -3.96 -3.13 14.79
N ILE G 92 -4.26 -3.57 13.58
CA ILE G 92 -4.13 -4.97 13.21
C ILE G 92 -2.67 -5.28 12.93
N THR G 93 -2.21 -6.45 13.41
CA THR G 93 -0.87 -6.95 13.09
C THR G 93 -1.01 -8.40 12.66
N ILE G 94 -0.73 -8.68 11.40
CA ILE G 94 -0.85 -10.02 10.85
C ILE G 94 0.53 -10.49 10.40
N GLU G 95 0.89 -11.70 10.81
CA GLU G 95 2.02 -12.44 10.26
C GLU G 95 1.51 -13.80 9.84
N ALA G 96 1.75 -14.17 8.58
CA ALA G 96 1.14 -15.33 7.95
C ALA G 96 2.17 -16.42 7.73
N GLU G 97 1.79 -17.66 8.03
CA GLU G 97 2.50 -18.82 7.55
C GLU G 97 1.47 -19.87 7.17
N PRO G 98 1.77 -20.70 6.18
CA PRO G 98 0.97 -21.89 5.93
C PRO G 98 1.39 -23.04 6.81
N ARG G 99 0.42 -23.87 7.16
CA ARG G 99 0.67 -25.05 7.97
C ARG G 99 1.11 -26.20 7.06
N ALA G 100 1.17 -27.41 7.63
CA ALA G 100 1.63 -28.56 6.87
C ALA G 100 0.61 -29.06 5.85
N ASP G 101 -0.65 -28.63 5.96
CA ASP G 101 -1.66 -29.08 5.02
C ASP G 101 -1.52 -28.41 3.66
N GLY G 102 -1.06 -27.15 3.65
CA GLY G 102 -0.89 -26.39 2.43
C GLY G 102 -1.82 -25.21 2.30
N SER G 103 -2.89 -25.16 3.09
CA SER G 103 -3.77 -24.00 3.08
C SER G 103 -3.05 -22.81 3.71
N ARG G 104 -3.25 -21.64 3.12
CA ARG G 104 -2.60 -20.46 3.68
C ARG G 104 -3.34 -20.02 4.93
N ARG G 105 -2.56 -19.68 5.95
CA ARG G 105 -3.02 -19.41 7.30
C ARG G 105 -2.07 -18.37 7.87
N THR G 106 -1.92 -18.37 9.17
CA THR G 106 -1.36 -17.25 9.91
C THR G 106 -0.15 -17.73 10.69
N THR G 107 0.38 -16.87 11.51
CA THR G 107 0.93 -17.20 12.82
C THR G 107 0.43 -16.22 13.87
N ARG G 108 0.34 -14.95 13.52
CA ARG G 108 0.10 -13.91 14.50
C ARG G 108 -1.01 -13.02 13.99
N TYR G 109 -2.04 -12.82 14.82
CA TYR G 109 -3.15 -11.94 14.48
C TYR G 109 -3.46 -11.14 15.74
N ASP G 110 -2.78 -10.01 15.90
CA ASP G 110 -2.83 -9.25 17.14
C ASP G 110 -3.57 -7.93 16.91
N ILE G 111 -4.53 -7.65 17.77
CA ILE G 111 -5.31 -6.42 17.72
C ILE G 111 -5.09 -5.68 19.02
N ASP G 112 -4.85 -4.37 18.94
CA ASP G 112 -4.84 -3.54 20.13
C ASP G 112 -6.25 -3.01 20.31
N MET G 113 -6.90 -3.39 21.41
CA MET G 113 -8.20 -2.81 21.72
C MET G 113 -8.05 -1.37 22.19
N THR G 114 -6.87 -1.01 22.67
CA THR G 114 -6.60 0.37 23.05
C THR G 114 -6.57 1.30 21.84
N LYS G 115 -5.91 0.87 20.77
CA LYS G 115 -5.86 1.70 19.57
C LYS G 115 -7.17 1.68 18.80
N CYS G 116 -7.97 0.64 18.96
CA CYS G 116 -9.15 0.41 18.12
C CYS G 116 -10.22 1.46 18.38
N ILE G 117 -10.52 2.26 17.36
CA ILE G 117 -11.61 3.23 17.40
C ILE G 117 -12.98 2.59 17.27
N TYR G 118 -13.05 1.30 16.92
CA TYR G 118 -14.26 0.52 16.68
C TYR G 118 -15.08 1.13 15.54
N CYS G 119 -14.53 1.06 14.32
CA CYS G 119 -15.27 1.54 13.16
C CYS G 119 -16.27 0.50 12.71
N GLY G 120 -15.77 -0.65 12.27
CA GLY G 120 -16.56 -1.56 11.48
C GLY G 120 -15.94 -1.82 10.13
N PHE G 121 -14.82 -1.15 9.81
CA PHE G 121 -14.18 -1.39 8.53
C PHE G 121 -13.54 -2.76 8.46
N CYS G 122 -13.04 -3.28 9.57
CA CYS G 122 -12.59 -4.67 9.52
C CYS G 122 -13.74 -5.66 9.56
N GLN G 123 -14.91 -5.24 10.04
CA GLN G 123 -16.08 -6.10 9.91
C GLN G 123 -16.52 -6.21 8.46
N GLU G 124 -16.49 -5.09 7.73
CA GLU G 124 -17.03 -5.06 6.38
C GLU G 124 -16.01 -5.33 5.30
N ALA G 125 -14.72 -5.26 5.63
CA ALA G 125 -13.68 -5.48 4.62
C ALA G 125 -13.34 -6.95 4.45
N CYS G 126 -13.70 -7.77 5.42
CA CYS G 126 -13.35 -9.17 5.38
C CYS G 126 -14.22 -9.90 4.37
N PRO G 127 -13.65 -10.56 3.37
CA PRO G 127 -14.50 -11.17 2.33
C PRO G 127 -15.20 -12.42 2.79
N VAL G 128 -14.61 -13.18 3.72
CA VAL G 128 -15.21 -14.42 4.20
C VAL G 128 -15.88 -14.25 5.55
N ASP G 129 -15.99 -13.00 6.04
CA ASP G 129 -16.64 -12.64 7.31
C ASP G 129 -15.99 -13.32 8.50
N ALA G 130 -14.66 -13.31 8.55
CA ALA G 130 -13.95 -13.97 9.63
C ALA G 130 -14.00 -13.17 10.92
N ILE G 131 -13.62 -11.90 10.88
CA ILE G 131 -13.70 -11.03 12.04
C ILE G 131 -15.01 -10.26 12.00
N VAL G 132 -15.75 -10.31 13.10
CA VAL G 132 -17.06 -9.66 13.20
C VAL G 132 -17.11 -8.93 14.54
N GLU G 133 -17.46 -7.64 14.50
CA GLU G 133 -17.70 -6.88 15.71
C GLU G 133 -18.84 -7.50 16.51
N GLY G 134 -18.55 -7.92 17.72
CA GLY G 134 -19.48 -8.71 18.51
C GLY G 134 -20.61 -7.92 19.13
N PRO G 135 -21.31 -8.54 20.06
CA PRO G 135 -22.53 -7.93 20.59
C PRO G 135 -22.35 -7.02 21.79
N ASN G 136 -21.32 -7.23 22.59
CA ASN G 136 -21.38 -6.85 23.98
C ASN G 136 -20.34 -5.80 24.35
N PHE G 137 -20.37 -5.43 25.62
CA PHE G 137 -19.52 -4.42 26.23
C PHE G 137 -18.98 -5.02 27.53
N GLU G 138 -17.98 -5.90 27.41
CA GLU G 138 -17.43 -6.58 28.58
C GLU G 138 -15.92 -6.54 28.43
N PHE G 139 -15.33 -5.41 28.82
CA PHE G 139 -13.88 -5.28 28.78
C PHE G 139 -13.33 -5.04 30.18
N SER G 140 -13.64 -3.87 30.76
CA SER G 140 -13.42 -3.42 32.15
C SER G 140 -12.19 -4.02 32.80
N THR G 141 -11.06 -3.75 32.17
CA THR G 141 -9.82 -4.48 32.42
C THR G 141 -8.92 -3.69 33.34
N GLU G 142 -8.35 -4.38 34.34
CA GLU G 142 -7.53 -3.72 35.34
C GLU G 142 -6.13 -3.38 34.85
N THR G 143 -5.63 -4.06 33.83
CA THR G 143 -4.25 -3.90 33.39
C THR G 143 -4.20 -3.49 31.93
N HIS G 144 -3.13 -2.78 31.57
CA HIS G 144 -2.93 -2.42 30.18
C HIS G 144 -2.34 -3.57 29.37
N GLU G 145 -1.84 -4.60 30.04
CA GLU G 145 -1.34 -5.78 29.32
C GLU G 145 -2.48 -6.53 28.66
N GLU G 146 -3.60 -6.67 29.35
CA GLU G 146 -4.64 -7.61 28.97
C GLU G 146 -5.52 -7.10 27.83
N LEU G 147 -5.50 -5.80 27.53
CA LEU G 147 -6.28 -5.30 26.42
C LEU G 147 -5.62 -5.46 25.05
N LEU G 148 -4.61 -6.31 24.93
CA LEU G 148 -3.95 -6.54 23.64
C LEU G 148 -4.24 -7.99 23.25
N TYR G 149 -5.25 -8.18 22.42
CA TYR G 149 -5.77 -9.51 22.13
C TYR G 149 -4.88 -10.24 21.15
N ASN G 150 -4.42 -11.42 21.53
CA ASN G 150 -3.80 -12.32 20.57
C ASN G 150 -4.85 -13.08 19.77
N LYS G 151 -4.34 -13.92 18.87
CA LYS G 151 -5.19 -14.79 18.06
C LYS G 151 -5.97 -15.76 18.93
N GLU G 152 -5.41 -16.17 20.06
CA GLU G 152 -6.08 -17.18 20.87
C GLU G 152 -7.07 -16.60 21.85
N LYS G 153 -6.87 -15.37 22.32
CA LYS G 153 -7.96 -14.69 23.01
C LYS G 153 -9.09 -14.37 22.04
N LEU G 154 -8.76 -14.05 20.79
CA LEU G 154 -9.79 -13.85 19.78
C LEU G 154 -10.54 -15.14 19.47
N LEU G 155 -9.84 -16.27 19.43
CA LEU G 155 -10.54 -17.52 19.12
C LEU G 155 -11.32 -18.06 20.31
N ASN G 156 -10.85 -17.84 21.54
CA ASN G 156 -11.67 -18.15 22.70
C ASN G 156 -12.88 -17.23 22.78
N ASN G 157 -12.74 -16.00 22.32
CA ASN G 157 -13.85 -15.05 22.32
C ASN G 157 -14.81 -15.31 21.19
N GLY G 158 -14.35 -15.93 20.11
CA GLY G 158 -15.24 -16.39 19.06
C GLY G 158 -15.79 -17.77 19.29
N ASP G 159 -15.24 -18.49 20.26
CA ASP G 159 -15.81 -19.76 20.70
C ASP G 159 -16.59 -19.63 21.99
N LYS G 160 -16.50 -18.50 22.68
CA LYS G 160 -17.37 -18.27 23.83
C LYS G 160 -18.80 -18.05 23.37
N TRP G 161 -18.96 -17.49 22.17
CA TRP G 161 -20.25 -17.50 21.50
C TRP G 161 -20.00 -17.46 19.99
N GLU G 162 -20.68 -18.34 19.28
CA GLU G 162 -20.97 -18.11 17.87
C GLU G 162 -22.45 -17.93 17.64
N ALA G 163 -23.28 -18.52 18.51
CA ALA G 163 -24.74 -18.50 18.36
C ALA G 163 -25.27 -17.07 18.36
N GLU G 164 -24.70 -16.22 19.21
CA GLU G 164 -25.00 -14.79 19.15
C GLU G 164 -24.58 -14.18 17.82
N ILE G 165 -23.33 -14.41 17.42
CA ILE G 165 -22.80 -13.77 16.22
C ILE G 165 -23.48 -14.32 14.97
N ALA G 166 -23.70 -15.64 14.93
CA ALA G 166 -24.43 -16.23 13.82
C ALA G 166 -25.87 -15.75 13.76
N ALA G 167 -26.49 -15.51 14.93
CA ALA G 167 -27.85 -14.99 14.93
C ALA G 167 -27.90 -13.55 14.44
N ASN G 168 -26.91 -12.72 14.82
CA ASN G 168 -26.90 -11.34 14.34
C ASN G 168 -26.61 -11.25 12.85
N ILE G 169 -25.70 -12.10 12.35
CA ILE G 169 -25.39 -12.09 10.93
C ILE G 169 -26.58 -12.62 10.12
N GLN G 170 -27.21 -13.70 10.59
CA GLN G 170 -28.39 -14.22 9.91
C GLN G 170 -29.57 -13.26 10.01
N ALA G 171 -29.59 -12.40 11.03
CA ALA G 171 -30.58 -11.32 11.06
C ALA G 171 -30.25 -10.25 10.03
N ASP G 172 -28.97 -9.95 9.81
CA ASP G 172 -28.59 -8.77 9.04
C ASP G 172 -27.52 -9.07 8.00
N TYR G 173 -27.73 -10.10 7.17
CA TYR G 173 -26.86 -10.31 6.03
C TYR G 173 -27.48 -9.85 4.72
N LEU G 174 -28.72 -9.37 4.73
CA LEU G 174 -29.36 -8.90 3.52
C LEU G 174 -29.26 -7.40 3.34
N TYR G 175 -28.72 -6.67 4.33
CA TYR G 175 -28.44 -5.26 4.18
C TYR G 175 -27.02 -5.05 3.65
N ARG G 176 -26.04 -5.57 4.37
CA ARG G 176 -24.66 -5.51 3.92
C ARG G 176 -24.26 -6.84 3.28
N ASN H 35 -23.08 -40.49 -70.27
CA ASN H 35 -22.63 -41.81 -69.89
C ASN H 35 -23.25 -42.17 -68.55
N THR H 36 -23.32 -43.47 -68.25
CA THR H 36 -23.93 -43.96 -67.01
C THR H 36 -23.02 -44.88 -66.22
N THR H 37 -21.76 -45.03 -66.63
CA THR H 37 -20.84 -45.96 -66.00
C THR H 37 -19.81 -45.18 -65.20
N TYR H 38 -19.71 -45.47 -63.91
CA TYR H 38 -18.86 -44.70 -63.02
C TYR H 38 -17.41 -45.13 -63.16
N LYS H 39 -16.54 -44.17 -63.48
CA LYS H 39 -15.20 -44.45 -63.96
C LYS H 39 -14.14 -44.44 -62.87
N ASN H 40 -14.53 -44.24 -61.61
CA ASN H 40 -13.69 -44.59 -60.47
C ASN H 40 -13.92 -46.06 -60.12
N LEU H 41 -13.56 -46.44 -58.89
CA LEU H 41 -13.22 -47.76 -58.32
C LEU H 41 -11.75 -48.01 -58.60
N GLN H 42 -11.03 -47.02 -59.15
CA GLN H 42 -9.59 -47.03 -59.03
C GLN H 42 -9.14 -46.81 -57.60
N HIS H 43 -9.94 -46.10 -56.81
CA HIS H 43 -9.63 -45.84 -55.41
C HIS H 43 -10.31 -46.83 -54.48
N HIS H 44 -10.86 -47.91 -55.02
CA HIS H 44 -11.53 -48.90 -54.20
C HIS H 44 -10.54 -49.72 -53.39
N ASP H 45 -9.34 -49.95 -53.91
CA ASP H 45 -8.37 -50.83 -53.26
C ASP H 45 -7.10 -50.07 -52.86
N TYR H 46 -7.27 -48.85 -52.35
CA TYR H 46 -6.15 -48.12 -51.77
C TYR H 46 -5.96 -48.56 -50.32
N SER H 47 -4.79 -49.12 -50.03
CA SER H 47 -4.46 -49.60 -48.70
C SER H 47 -3.95 -48.43 -47.86
N THR H 48 -3.35 -48.74 -46.71
CA THR H 48 -2.96 -47.70 -45.77
C THR H 48 -1.74 -46.92 -46.25
N TYR H 49 -0.73 -47.62 -46.75
CA TYR H 49 0.58 -47.03 -46.97
C TYR H 49 0.78 -46.52 -48.40
N THR H 50 -0.31 -46.33 -49.15
CA THR H 50 -0.17 -46.05 -50.57
C THR H 50 0.30 -44.63 -50.84
N PHE H 51 -0.08 -43.69 -49.98
CA PHE H 51 0.37 -42.30 -50.13
C PHE H 51 1.88 -42.20 -49.96
N LEU H 52 2.41 -42.80 -48.90
CA LEU H 52 3.84 -42.71 -48.65
C LEU H 52 4.63 -43.59 -49.60
N ASP H 53 4.02 -44.67 -50.10
CA ASP H 53 4.68 -45.46 -51.15
C ASP H 53 4.78 -44.69 -52.46
N LEU H 54 3.73 -43.95 -52.83
CA LEU H 54 3.83 -43.10 -54.01
C LEU H 54 4.79 -41.95 -53.77
N ASN H 55 4.86 -41.45 -52.55
CA ASN H 55 5.81 -40.39 -52.21
C ASN H 55 7.24 -40.89 -52.32
N LEU H 56 7.46 -42.16 -51.99
CA LEU H 56 8.77 -42.76 -52.23
C LEU H 56 9.02 -42.98 -53.71
N ASP H 57 7.98 -43.36 -54.46
CA ASP H 57 8.12 -43.58 -55.89
C ASP H 57 8.37 -42.30 -56.67
N LEU H 58 8.04 -41.14 -56.10
CA LEU H 58 8.28 -39.87 -56.76
C LEU H 58 9.53 -39.17 -56.25
N SER H 59 10.54 -39.94 -55.81
CA SER H 59 11.70 -39.34 -55.18
C SER H 59 12.57 -38.61 -56.19
N LYS H 60 12.92 -39.28 -57.29
CA LYS H 60 13.76 -38.68 -58.31
C LYS H 60 12.93 -37.79 -59.23
N PHE H 61 13.59 -37.16 -60.21
CA PHE H 61 13.12 -36.01 -60.99
C PHE H 61 12.44 -34.94 -60.14
N ARG H 62 13.22 -34.30 -59.26
CA ARG H 62 12.72 -33.30 -58.33
C ARG H 62 13.78 -32.21 -58.15
N MET H 63 13.32 -30.97 -57.99
CA MET H 63 14.22 -29.82 -57.88
C MET H 63 15.03 -29.88 -56.58
N PRO H 64 16.26 -29.32 -56.56
CA PRO H 64 17.23 -29.72 -55.51
C PRO H 64 17.11 -29.06 -54.15
N GLN H 65 15.95 -28.48 -53.79
CA GLN H 65 15.62 -28.02 -52.43
C GLN H 65 16.60 -27.00 -51.85
N PRO H 66 16.50 -25.72 -52.23
CA PRO H 66 17.56 -24.74 -51.91
C PRO H 66 17.78 -24.52 -50.43
N SER H 67 19.02 -24.75 -50.00
CA SER H 67 19.40 -24.62 -48.60
C SER H 67 19.43 -23.16 -48.18
N SER H 68 19.62 -22.93 -46.87
CA SER H 68 19.62 -21.57 -46.36
C SER H 68 20.55 -21.52 -45.14
N GLY H 69 21.82 -21.21 -45.40
CA GLY H 69 22.82 -21.07 -44.37
C GLY H 69 23.02 -22.33 -43.55
N ARG H 70 22.55 -22.28 -42.31
CA ARG H 70 22.66 -23.40 -41.39
C ARG H 70 21.72 -24.53 -41.80
N GLU H 71 22.04 -25.73 -41.32
CA GLU H 71 21.23 -26.91 -41.59
C GLU H 71 19.98 -26.98 -40.73
N SER H 72 19.83 -26.06 -39.79
CA SER H 72 18.77 -26.04 -38.79
C SER H 72 18.84 -24.70 -38.07
N PRO H 73 17.75 -24.24 -37.44
CA PRO H 73 17.85 -23.02 -36.62
C PRO H 73 18.74 -23.16 -35.39
N ARG H 74 19.05 -24.38 -34.97
CA ARG H 74 20.13 -24.64 -34.03
C ARG H 74 21.17 -25.50 -34.75
N HIS H 75 22.31 -24.92 -35.08
CA HIS H 75 23.25 -25.59 -35.98
C HIS H 75 23.98 -26.74 -35.30
N GLY I 1 -5.77 -33.68 23.44
CA GLY I 1 -6.18 -32.72 22.44
C GLY I 1 -5.07 -31.75 22.05
N VAL I 2 -4.22 -31.42 23.01
CA VAL I 2 -3.10 -30.51 22.80
C VAL I 2 -1.82 -31.17 23.30
N ARG I 3 -0.71 -30.79 22.70
CA ARG I 3 0.58 -31.25 23.17
C ARG I 3 1.10 -30.32 24.27
N THR I 4 2.08 -30.82 25.02
CA THR I 4 2.66 -30.04 26.11
C THR I 4 4.14 -30.36 26.19
N SER I 5 4.97 -29.32 26.24
CA SER I 5 6.41 -29.48 26.33
C SER I 5 6.80 -30.04 27.69
N PRO I 6 7.98 -30.68 27.79
CA PRO I 6 8.46 -31.13 29.10
C PRO I 6 8.88 -30.00 30.05
N THR I 7 8.79 -28.73 29.65
CA THR I 7 8.89 -27.64 30.61
C THR I 7 7.61 -27.46 31.41
N GLY I 8 6.51 -28.10 31.00
CA GLY I 8 5.27 -28.03 31.73
C GLY I 8 4.24 -27.07 31.17
N GLU I 9 4.60 -26.31 30.14
CA GLU I 9 3.72 -25.31 29.55
C GLU I 9 3.18 -25.82 28.23
N LYS I 10 1.92 -25.50 27.96
CA LYS I 10 1.25 -26.01 26.76
C LYS I 10 1.79 -25.34 25.51
N VAL I 11 2.03 -26.15 24.48
CA VAL I 11 2.27 -25.59 23.16
C VAL I 11 0.94 -25.13 22.57
N THR I 12 1.02 -24.33 21.52
CA THR I 12 -0.17 -23.92 20.82
C THR I 12 -0.29 -24.73 19.53
N HIS I 13 -1.23 -24.34 18.67
CA HIS I 13 -1.28 -24.91 17.33
C HIS I 13 -0.07 -24.49 16.51
N THR I 14 0.52 -23.34 16.81
CA THR I 14 1.83 -22.96 16.30
C THR I 14 2.86 -23.29 17.37
N GLY I 15 3.96 -23.93 16.97
CA GLY I 15 4.91 -24.44 17.94
C GLY I 15 5.81 -23.37 18.51
N GLN I 16 5.30 -22.56 19.44
CA GLN I 16 6.01 -21.40 19.95
C GLN I 16 6.35 -21.49 21.43
N VAL I 17 6.41 -22.71 21.99
CA VAL I 17 6.63 -22.87 23.43
C VAL I 17 8.04 -22.41 23.81
N TYR I 18 8.16 -21.84 25.01
CA TYR I 18 9.40 -21.20 25.38
C TYR I 18 10.44 -22.20 25.85
N ASP I 19 11.69 -21.74 25.87
CA ASP I 19 12.83 -22.57 26.23
C ASP I 19 13.08 -22.49 27.73
N ASP I 20 14.20 -23.04 28.17
CA ASP I 20 14.61 -22.94 29.58
C ASP I 20 15.30 -21.64 29.91
N GLU I 21 15.54 -20.78 28.93
CA GLU I 21 16.39 -19.61 29.08
C GLU I 21 15.63 -18.33 28.76
N ASP I 22 14.33 -18.31 29.03
CA ASP I 22 13.50 -17.14 28.79
C ASP I 22 13.02 -16.57 30.11
N TYR I 23 12.38 -15.41 30.02
CA TYR I 23 11.72 -14.78 31.16
C TYR I 23 10.21 -14.70 31.00
N ARG I 24 9.68 -15.14 29.87
CA ARG I 24 8.25 -15.11 29.68
C ARG I 24 7.57 -16.25 30.44
N ARG I 25 8.34 -17.29 30.78
CA ARG I 25 7.90 -18.22 31.81
C ARG I 25 7.66 -17.53 33.13
N VAL I 26 8.41 -16.47 33.43
CA VAL I 26 8.17 -15.71 34.64
C VAL I 26 7.06 -14.69 34.44
N ARG I 27 6.82 -14.22 33.21
CA ARG I 27 5.65 -13.36 33.04
C ARG I 27 4.36 -14.16 33.07
N PHE I 28 4.42 -15.49 32.93
CA PHE I 28 3.22 -16.30 33.08
C PHE I 28 2.99 -16.78 34.51
N VAL I 29 3.67 -16.20 35.49
CA VAL I 29 3.54 -16.67 36.87
C VAL I 29 2.24 -16.14 37.47
N GLY I 30 1.39 -17.05 37.94
CA GLY I 30 0.16 -16.70 38.59
C GLY I 30 -1.01 -16.47 37.66
N ARG I 31 -0.77 -16.35 36.37
CA ARG I 31 -1.80 -16.06 35.39
C ARG I 31 -1.68 -17.07 34.26
N GLN I 32 -2.81 -17.68 33.88
CA GLN I 32 -2.76 -18.81 32.98
C GLN I 32 -2.53 -18.38 31.54
N LYS I 33 -1.76 -19.19 30.82
CA LYS I 33 -1.58 -19.04 29.38
C LYS I 33 -2.86 -19.48 28.70
N GLU I 34 -3.74 -18.53 28.39
CA GLU I 34 -5.05 -18.85 27.81
C GLU I 34 -4.84 -19.27 26.36
N VAL I 35 -4.54 -20.55 26.19
CA VAL I 35 -4.35 -21.14 24.88
C VAL I 35 -5.68 -21.76 24.43
N ASN I 36 -6.01 -21.57 23.16
CA ASN I 36 -7.11 -22.31 22.55
C ASN I 36 -6.75 -23.79 22.52
N GLU I 37 -7.53 -24.60 23.23
CA GLU I 37 -7.31 -26.04 23.25
C GLU I 37 -8.06 -26.78 22.17
N ASN I 38 -8.31 -26.12 21.05
CA ASN I 38 -9.07 -26.68 19.94
C ASN I 38 -8.28 -26.42 18.67
N PHE I 39 -7.47 -27.39 18.25
CA PHE I 39 -6.62 -27.20 17.08
C PHE I 39 -7.45 -27.21 15.80
N ALA I 40 -6.94 -26.56 14.77
CA ALA I 40 -7.63 -26.42 13.50
C ALA I 40 -7.20 -27.45 12.47
N ILE I 41 -6.11 -28.16 12.69
CA ILE I 41 -5.67 -29.16 11.74
C ILE I 41 -6.49 -30.43 11.89
N ASP I 42 -6.77 -30.85 13.12
CA ASP I 42 -7.37 -32.15 13.37
C ASP I 42 -8.89 -32.16 13.24
N LEU I 43 -9.53 -31.01 13.06
CA LEU I 43 -10.96 -30.98 12.80
C LEU I 43 -11.29 -31.05 11.32
N ILE I 44 -10.28 -31.20 10.47
CA ILE I 44 -10.51 -31.45 9.05
C ILE I 44 -10.16 -32.88 8.66
N ALA I 45 -9.15 -33.48 9.29
CA ALA I 45 -8.83 -34.89 9.07
C ALA I 45 -9.93 -35.82 9.57
N GLU I 46 -10.84 -35.32 10.42
CA GLU I 46 -12.01 -36.07 10.83
C GLU I 46 -13.18 -35.89 9.86
N GLN I 47 -13.07 -35.00 8.87
CA GLN I 47 -14.19 -34.78 7.95
C GLN I 47 -14.28 -35.90 6.92
N PRO I 48 -15.49 -36.24 6.48
CA PRO I 48 -15.63 -37.23 5.41
C PRO I 48 -15.20 -36.67 4.07
N VAL I 49 -14.37 -37.42 3.36
CA VAL I 49 -13.93 -37.02 2.02
C VAL I 49 -15.11 -37.20 1.07
N SER I 50 -15.68 -36.09 0.62
CA SER I 50 -16.89 -36.14 -0.19
C SER I 50 -16.60 -36.67 -1.59
N GLN I 51 -17.60 -37.30 -2.18
CA GLN I 51 -17.47 -37.93 -3.49
C GLN I 51 -18.62 -37.47 -4.37
N VAL I 52 -18.32 -36.59 -5.33
CA VAL I 52 -19.33 -35.94 -6.16
C VAL I 52 -19.16 -36.44 -7.59
N GLY I 53 -20.26 -36.90 -8.19
CA GLY I 53 -20.24 -37.62 -9.45
C GLY I 53 -19.90 -36.81 -10.69
N SER I 54 -19.63 -35.52 -10.58
CA SER I 54 -19.24 -34.71 -11.72
C SER I 54 -17.72 -34.68 -11.84
N ARG I 55 -17.19 -33.78 -12.67
CA ARG I 55 -15.76 -33.65 -12.94
C ARG I 55 -15.17 -32.38 -12.34
N VAL I 56 -15.83 -31.24 -12.56
CA VAL I 56 -15.40 -29.95 -12.02
C VAL I 56 -16.57 -29.38 -11.22
N ILE I 57 -16.38 -29.20 -9.92
CA ILE I 57 -17.52 -28.92 -9.05
C ILE I 57 -17.29 -27.66 -8.25
N SER I 58 -18.39 -27.10 -7.78
CA SER I 58 -18.45 -25.81 -7.10
C SER I 58 -18.22 -25.97 -5.60
N CYS I 59 -17.91 -24.85 -4.96
CA CYS I 59 -17.87 -24.80 -3.51
C CYS I 59 -18.29 -23.41 -3.07
N ASP I 60 -19.35 -23.37 -2.25
CA ASP I 60 -19.91 -22.14 -1.70
C ASP I 60 -19.49 -21.94 -0.26
N GLY I 61 -19.85 -22.86 0.62
CA GLY I 61 -19.56 -22.73 2.04
C GLY I 61 -20.80 -22.76 2.90
N GLY I 62 -21.90 -23.25 2.33
CA GLY I 62 -23.12 -23.40 3.10
C GLY I 62 -23.88 -22.11 3.32
N GLY I 63 -24.36 -21.50 2.25
CA GLY I 63 -25.22 -20.33 2.38
C GLY I 63 -24.85 -19.17 1.48
N GLY I 64 -25.86 -18.56 0.86
CA GLY I 64 -25.65 -17.36 0.10
C GLY I 64 -25.31 -16.21 1.01
N ALA I 65 -24.16 -15.56 0.77
CA ALA I 65 -23.56 -14.50 1.61
C ALA I 65 -23.28 -14.95 3.03
N LEU I 66 -23.20 -16.25 3.28
CA LEU I 66 -22.69 -16.81 4.54
C LEU I 66 -21.66 -17.85 4.12
N GLY I 67 -20.43 -17.41 3.93
CA GLY I 67 -19.40 -18.29 3.46
C GLY I 67 -18.48 -17.64 2.47
N HIS I 68 -17.46 -18.37 2.04
CA HIS I 68 -16.45 -17.86 1.15
C HIS I 68 -17.03 -17.71 -0.26
N PRO I 69 -16.40 -16.89 -1.12
CA PRO I 69 -16.87 -16.81 -2.50
C PRO I 69 -16.63 -18.12 -3.24
N ARG I 70 -17.40 -18.30 -4.31
CA ARG I 70 -17.45 -19.57 -5.03
C ARG I 70 -16.11 -19.93 -5.62
N VAL I 71 -15.68 -21.17 -5.40
CA VAL I 71 -14.50 -21.66 -6.08
C VAL I 71 -14.88 -22.94 -6.83
N TYR I 72 -14.47 -23.01 -8.10
CA TYR I 72 -14.74 -24.18 -8.93
C TYR I 72 -13.45 -24.97 -9.03
N ILE I 73 -13.46 -26.20 -8.54
CA ILE I 73 -12.25 -26.99 -8.43
C ILE I 73 -12.36 -28.23 -9.31
N ASN I 74 -11.20 -28.71 -9.75
CA ASN I 74 -11.07 -29.80 -10.68
C ASN I 74 -10.60 -31.05 -9.94
N LEU I 75 -11.10 -32.20 -10.39
CA LEU I 75 -10.90 -33.47 -9.69
C LEU I 75 -10.38 -34.53 -10.65
N ASP I 76 -9.36 -34.19 -11.43
CA ASP I 76 -8.90 -35.09 -12.48
C ASP I 76 -7.70 -35.94 -12.10
N LYS I 77 -6.95 -35.57 -11.06
CA LYS I 77 -5.90 -36.45 -10.58
C LYS I 77 -6.52 -37.66 -9.87
N GLU I 78 -5.79 -38.77 -9.89
CA GLU I 78 -6.32 -40.01 -9.36
C GLU I 78 -5.83 -40.34 -7.96
N THR I 79 -4.69 -39.78 -7.54
CA THR I 79 -4.11 -40.08 -6.25
C THR I 79 -4.12 -38.92 -5.28
N LYS I 80 -4.44 -37.70 -5.74
CA LYS I 80 -4.49 -36.53 -4.87
C LYS I 80 -5.86 -35.89 -5.05
N THR I 81 -6.63 -35.85 -3.97
CA THR I 81 -7.95 -35.24 -4.00
C THR I 81 -7.83 -33.73 -4.12
N GLY I 82 -8.77 -33.13 -4.84
CA GLY I 82 -8.80 -31.68 -4.93
C GLY I 82 -9.16 -31.05 -3.59
N THR I 83 -8.64 -29.85 -3.36
CA THR I 83 -8.74 -29.22 -2.05
C THR I 83 -9.04 -27.75 -2.22
N CYS I 84 -10.19 -27.32 -1.70
CA CYS I 84 -10.52 -25.90 -1.65
C CYS I 84 -9.55 -25.15 -0.76
N GLY I 85 -9.05 -24.03 -1.26
CA GLY I 85 -8.16 -23.20 -0.45
C GLY I 85 -8.89 -22.47 0.65
N TYR I 86 -10.12 -22.06 0.40
CA TYR I 86 -10.93 -21.40 1.41
C TYR I 86 -11.45 -22.40 2.44
N CYS I 87 -12.15 -23.44 1.98
CA CYS I 87 -12.77 -24.42 2.87
C CYS I 87 -11.72 -25.24 3.60
N GLY I 88 -10.92 -25.98 2.84
CA GLY I 88 -10.06 -26.98 3.40
C GLY I 88 -10.60 -28.39 3.31
N LEU I 89 -11.83 -28.56 2.83
CA LEU I 89 -12.45 -29.87 2.76
C LEU I 89 -12.38 -30.43 1.35
N GLN I 90 -12.05 -31.72 1.25
CA GLN I 90 -11.68 -32.31 -0.02
C GLN I 90 -12.91 -32.72 -0.83
N PHE I 91 -12.67 -33.19 -2.05
CA PHE I 91 -13.69 -33.79 -2.89
C PHE I 91 -13.07 -34.91 -3.71
N ARG I 92 -13.92 -35.76 -4.28
CA ARG I 92 -13.50 -36.79 -5.22
C ARG I 92 -14.55 -36.88 -6.33
N GLN I 93 -14.26 -37.70 -7.34
CA GLN I 93 -15.18 -37.94 -8.42
C GLN I 93 -15.59 -39.40 -8.47
N GLN I 94 -16.77 -39.65 -9.05
CA GLN I 94 -17.31 -41.00 -9.18
C GLN I 94 -17.85 -41.19 -10.58
N HIS I 95 -17.33 -42.19 -11.29
CA HIS I 95 -17.82 -42.52 -12.62
C HIS I 95 -17.65 -44.00 -12.92
N THR J 8 11.54 48.80 -2.21
CA THR J 8 12.17 48.24 -1.02
C THR J 8 13.40 47.42 -1.41
N GLN J 9 13.22 46.09 -1.49
CA GLN J 9 14.17 45.06 -1.91
C GLN J 9 15.60 45.26 -1.39
N LEU J 10 15.71 45.64 -0.10
CA LEU J 10 16.93 46.21 0.44
C LEU J 10 18.08 45.20 0.51
N ILE J 11 17.78 43.95 0.79
CA ILE J 11 18.84 42.96 1.00
C ILE J 11 19.41 42.55 -0.35
N THR J 12 20.74 42.63 -0.47
CA THR J 12 21.46 42.12 -1.63
C THR J 12 22.58 41.20 -1.16
N VAL J 13 22.38 39.90 -1.37
CA VAL J 13 23.33 38.88 -0.93
C VAL J 13 23.10 37.64 -1.77
N ASP J 14 24.19 36.94 -2.10
CA ASP J 14 24.14 35.69 -2.85
C ASP J 14 24.82 34.62 -1.99
N GLU J 15 24.04 34.02 -1.09
CA GLU J 15 24.57 33.02 -0.16
C GLU J 15 23.56 31.90 0.01
N LYS J 16 24.05 30.78 0.52
CA LYS J 16 23.21 29.62 0.80
C LYS J 16 22.31 29.88 2.00
N LEU J 17 21.19 29.15 2.04
CA LEU J 17 20.28 29.27 3.16
C LEU J 17 20.68 28.34 4.29
N ASP J 18 20.32 28.73 5.51
CA ASP J 18 20.77 28.07 6.73
C ASP J 18 19.59 27.77 7.65
N ILE J 19 18.57 27.12 7.10
CA ILE J 19 17.32 26.88 7.82
C ILE J 19 17.48 25.79 8.89
N THR J 20 18.61 25.07 8.86
CA THR J 20 18.87 23.96 9.77
C THR J 20 18.90 24.37 11.25
N THR J 21 19.14 25.64 11.57
CA THR J 21 19.04 26.11 12.94
C THR J 21 17.64 26.61 13.28
N LEU J 22 16.74 26.66 12.30
CA LEU J 22 15.37 27.08 12.50
C LEU J 22 14.37 25.95 12.47
N THR J 23 14.66 24.85 11.79
CA THR J 23 13.68 23.79 11.63
C THR J 23 13.55 22.89 12.85
N GLY J 24 14.34 23.11 13.90
CA GLY J 24 14.09 22.50 15.19
C GLY J 24 14.59 21.09 15.37
N VAL J 25 14.95 20.39 14.31
CA VAL J 25 15.48 19.04 14.44
C VAL J 25 16.90 19.11 15.00
N PRO J 26 17.24 18.30 16.00
CA PRO J 26 18.54 18.45 16.67
C PRO J 26 19.72 18.01 15.80
N GLU J 27 20.92 18.29 16.33
CA GLU J 27 22.16 18.12 15.60
C GLU J 27 22.46 16.65 15.30
N GLU J 28 21.97 15.74 16.15
CA GLU J 28 22.12 14.30 15.91
C GLU J 28 21.50 13.91 14.58
N HIS J 29 20.23 14.24 14.39
CA HIS J 29 19.55 13.94 13.14
C HIS J 29 19.84 14.95 12.04
N ILE J 30 20.63 15.99 12.33
CA ILE J 30 21.17 16.80 11.24
C ILE J 30 22.41 16.15 10.63
N LYS J 31 23.45 15.94 11.45
CA LYS J 31 24.74 15.53 10.90
C LYS J 31 25.00 14.04 11.03
N THR J 32 24.00 13.24 11.37
CA THR J 32 24.22 11.81 11.52
C THR J 32 23.66 11.00 10.35
N ARG J 33 22.45 11.31 9.90
CA ARG J 33 21.84 10.53 8.83
C ARG J 33 22.24 11.07 7.47
N LYS J 34 21.56 10.60 6.43
CA LYS J 34 21.91 10.90 5.04
C LYS J 34 20.68 10.69 4.18
N ALA J 35 20.56 11.49 3.12
CA ALA J 35 19.39 11.46 2.26
C ALA J 35 19.74 10.86 0.92
N ARG J 36 19.12 9.72 0.60
CA ARG J 36 19.24 9.13 -0.72
C ARG J 36 18.15 9.73 -1.61
N ILE J 37 18.56 10.29 -2.75
CA ILE J 37 17.67 10.96 -3.69
C ILE J 37 17.63 10.14 -4.95
N PHE J 38 16.45 9.64 -5.32
CA PHE J 38 16.40 8.63 -6.37
C PHE J 38 15.02 8.62 -6.99
N VAL J 39 14.98 8.31 -8.27
CA VAL J 39 13.73 7.83 -8.85
C VAL J 39 13.49 6.41 -8.34
N PRO J 40 12.31 6.07 -7.83
CA PRO J 40 12.07 4.70 -7.40
C PRO J 40 12.01 3.76 -8.59
N ALA J 41 12.53 2.56 -8.39
CA ALA J 41 12.52 1.56 -9.44
C ALA J 41 11.11 1.09 -9.71
N ARG J 42 10.87 0.65 -10.94
CA ARG J 42 9.57 0.10 -11.29
C ARG J 42 9.35 -1.20 -10.53
N ASN J 43 8.16 -1.34 -9.94
CA ASN J 43 7.80 -2.55 -9.23
C ASN J 43 7.71 -3.67 -10.24
N ASN J 44 8.71 -4.56 -10.23
CA ASN J 44 9.04 -5.36 -11.40
C ASN J 44 7.99 -6.44 -11.69
N MET J 45 7.16 -6.78 -10.71
CA MET J 45 6.13 -7.76 -10.99
C MET J 45 5.00 -7.15 -11.82
N GLN J 46 4.70 -5.87 -11.60
CA GLN J 46 3.83 -5.12 -12.48
C GLN J 46 4.64 -4.55 -13.65
N SER J 47 3.93 -3.99 -14.63
CA SER J 47 4.59 -3.36 -15.78
C SER J 47 3.98 -1.99 -16.01
N GLY J 48 4.47 -1.00 -15.26
CA GLY J 48 3.95 0.35 -15.39
C GLY J 48 4.91 1.38 -14.85
N VAL J 49 5.19 2.41 -15.65
CA VAL J 49 6.17 3.41 -15.25
C VAL J 49 5.48 4.69 -14.83
N ASN J 50 4.25 4.57 -14.34
CA ASN J 50 3.64 5.71 -13.66
C ASN J 50 4.31 5.97 -12.31
N ASN J 51 4.98 4.97 -11.75
CA ASN J 51 5.73 5.13 -10.50
C ASN J 51 7.09 5.79 -10.74
N THR J 52 7.42 6.13 -11.98
CA THR J 52 8.57 6.93 -12.34
C THR J 52 8.12 8.40 -12.22
N LYS J 53 8.92 9.33 -12.76
CA LYS J 53 8.62 10.76 -12.92
C LYS J 53 8.54 11.51 -11.60
N LYS J 54 8.91 10.91 -10.48
CA LYS J 54 8.83 11.55 -9.17
C LYS J 54 10.12 11.24 -8.42
N TRP J 55 10.98 12.24 -8.26
CA TRP J 55 12.24 12.06 -7.55
C TRP J 55 11.96 11.94 -6.06
N LYS J 56 11.97 10.73 -5.53
CA LYS J 56 11.72 10.56 -4.11
C LYS J 56 13.01 10.78 -3.34
N MET J 57 12.93 11.63 -2.32
CA MET J 57 13.96 11.74 -1.30
C MET J 57 13.56 10.87 -0.12
N GLU J 58 14.44 9.94 0.26
CA GLU J 58 14.23 9.10 1.43
C GLU J 58 15.49 9.12 2.26
N PHE J 59 15.38 8.63 3.49
CA PHE J 59 16.50 8.55 4.40
C PHE J 59 16.95 7.11 4.55
N ASP J 60 18.09 6.93 5.21
CA ASP J 60 18.54 5.58 5.51
C ASP J 60 17.67 4.96 6.59
N THR J 61 17.63 3.64 6.59
CA THR J 61 16.91 2.92 7.63
C THR J 61 17.83 2.63 8.80
N ARG J 62 17.22 2.37 9.95
CA ARG J 62 17.96 2.12 11.18
C ARG J 62 17.31 0.95 11.89
N GLU J 63 17.64 0.79 13.17
CA GLU J 63 17.29 -0.43 13.89
C GLU J 63 15.80 -0.50 14.17
N ARG J 64 15.24 -1.68 13.98
CA ARG J 64 13.84 -1.97 14.27
C ARG J 64 13.85 -3.29 15.03
N TRP J 65 13.96 -3.21 16.34
CA TRP J 65 14.04 -4.42 17.15
C TRP J 65 12.63 -4.95 17.40
N GLU J 66 12.52 -5.91 18.31
CA GLU J 66 11.26 -6.57 18.60
C GLU J 66 10.72 -6.06 19.93
N ASN J 67 9.46 -5.67 19.93
CA ASN J 67 8.80 -5.24 21.15
C ASN J 67 8.56 -6.47 22.01
N PRO J 68 9.16 -6.59 23.20
CA PRO J 68 9.19 -7.88 23.90
C PRO J 68 7.89 -8.31 24.55
N LEU J 69 6.77 -7.64 24.28
CA LEU J 69 5.50 -8.09 24.78
C LEU J 69 4.58 -8.64 23.70
N MET J 70 4.71 -8.16 22.47
CA MET J 70 3.87 -8.65 21.39
C MET J 70 4.64 -9.18 20.19
N GLY J 71 5.78 -8.60 19.86
CA GLY J 71 6.49 -9.02 18.68
C GLY J 71 6.35 -8.02 17.54
N TRP J 72 6.33 -6.75 17.90
CA TRP J 72 6.16 -5.67 16.93
C TRP J 72 7.52 -5.18 16.45
N ALA J 73 7.55 -4.03 15.79
CA ALA J 73 8.78 -3.42 15.32
C ALA J 73 8.89 -2.03 15.93
N SER J 74 9.44 -1.97 17.14
CA SER J 74 9.70 -0.69 17.77
C SER J 74 10.91 -0.03 17.12
N THR J 75 10.95 1.29 17.17
CA THR J 75 12.03 2.00 16.52
C THR J 75 12.31 3.33 17.22
N ALA J 76 13.58 3.71 17.23
CA ALA J 76 14.00 5.05 17.65
C ALA J 76 14.23 5.96 16.46
N ASP J 77 13.23 6.11 15.60
CA ASP J 77 13.40 6.79 14.32
C ASP J 77 12.19 7.68 14.04
N PRO J 78 12.30 8.98 14.26
CA PRO J 78 11.25 9.87 13.76
C PRO J 78 11.31 10.05 12.25
N LEU J 79 12.48 10.29 11.69
CA LEU J 79 12.62 10.72 10.31
C LEU J 79 12.56 9.59 9.30
N SER J 80 12.47 8.33 9.74
CA SER J 80 12.60 7.21 8.82
C SER J 80 11.38 7.04 7.91
N ASN J 81 10.19 7.43 8.36
CA ASN J 81 8.97 7.20 7.60
C ASN J 81 8.61 8.38 6.71
N LEU J 82 9.60 9.16 6.30
CA LEU J 82 9.36 10.26 5.37
C LEU J 82 9.59 9.80 3.93
N VAL J 83 8.94 10.51 3.02
CA VAL J 83 9.29 10.47 1.61
C VAL J 83 8.92 11.84 1.03
N LEU J 84 9.80 12.38 0.20
CA LEU J 84 9.56 13.70 -0.37
C LEU J 84 9.61 13.57 -1.89
N THR J 85 8.43 13.57 -2.52
CA THR J 85 8.36 13.40 -3.97
C THR J 85 8.59 14.74 -4.64
N PHE J 86 9.57 14.79 -5.53
CA PHE J 86 9.98 15.98 -6.26
C PHE J 86 9.78 15.72 -7.75
N SER J 87 10.16 16.70 -8.56
CA SER J 87 9.95 16.64 -10.00
C SER J 87 11.22 16.82 -10.82
N THR J 88 12.31 17.28 -10.22
CA THR J 88 13.56 17.40 -10.95
C THR J 88 14.71 17.21 -9.98
N LYS J 89 15.87 16.87 -10.53
CA LYS J 89 17.05 16.61 -9.70
C LYS J 89 17.59 17.89 -9.10
N GLU J 90 17.45 19.02 -9.81
CA GLU J 90 18.03 20.28 -9.36
C GLU J 90 17.34 20.80 -8.11
N ASP J 91 16.01 20.72 -8.07
CA ASP J 91 15.29 21.16 -6.87
C ASP J 91 15.50 20.19 -5.71
N ALA J 92 15.74 18.92 -6.02
CA ALA J 92 16.09 17.95 -4.97
C ALA J 92 17.41 18.30 -4.32
N ILE J 93 18.44 18.58 -5.14
CA ILE J 93 19.75 18.96 -4.62
C ILE J 93 19.66 20.29 -3.88
N ALA J 94 18.85 21.22 -4.38
CA ALA J 94 18.71 22.52 -3.72
C ALA J 94 18.04 22.39 -2.36
N PHE J 95 17.01 21.54 -2.25
CA PHE J 95 16.36 21.33 -0.97
C PHE J 95 17.25 20.58 0.01
N ALA J 96 18.02 19.61 -0.49
CA ALA J 96 18.88 18.83 0.38
C ALA J 96 20.05 19.65 0.90
N GLU J 97 20.59 20.55 0.06
CA GLU J 97 21.67 21.43 0.53
C GLU J 97 21.13 22.57 1.39
N LYS J 98 19.89 23.02 1.12
CA LYS J 98 19.30 24.08 1.93
C LYS J 98 18.97 23.60 3.33
N ASN J 99 18.26 22.48 3.45
CA ASN J 99 17.77 22.07 4.75
C ASN J 99 18.84 21.37 5.59
N GLY J 100 20.03 21.14 5.05
CA GLY J 100 21.18 20.87 5.89
C GLY J 100 21.87 19.53 5.80
N TRP J 101 21.11 18.46 5.65
CA TRP J 101 21.69 17.13 5.77
C TRP J 101 22.47 16.73 4.52
N SER J 102 23.19 15.61 4.63
CA SER J 102 23.96 15.04 3.54
C SER J 102 23.04 14.38 2.53
N TYR J 103 23.58 14.13 1.33
CA TYR J 103 22.78 13.64 0.24
C TYR J 103 23.63 12.82 -0.71
N ASP J 104 23.06 11.71 -1.18
CA ASP J 104 23.59 10.95 -2.30
C ASP J 104 22.55 10.93 -3.40
N VAL J 105 22.86 11.55 -4.53
CA VAL J 105 21.97 11.62 -5.67
C VAL J 105 22.32 10.48 -6.61
N GLU J 106 21.39 9.54 -6.77
CA GLU J 106 21.58 8.43 -7.68
C GLU J 106 21.16 8.86 -9.08
N GLU J 107 21.09 7.93 -10.02
CA GLU J 107 20.89 8.26 -11.41
C GLU J 107 19.53 7.75 -11.89
N ARG J 108 18.98 8.45 -12.88
CA ARG J 108 17.75 8.02 -13.52
C ARG J 108 18.09 7.25 -14.79
N LYS J 109 17.62 6.02 -14.87
CA LYS J 109 18.04 5.08 -15.91
C LYS J 109 16.82 4.75 -16.77
N VAL J 110 16.75 5.37 -17.94
CA VAL J 110 15.61 5.24 -18.84
C VAL J 110 15.62 3.86 -19.49
N PRO J 111 14.47 3.33 -19.89
CA PRO J 111 14.48 2.12 -20.72
C PRO J 111 15.04 2.42 -22.10
N LYS J 112 15.85 1.50 -22.61
CA LYS J 112 16.51 1.73 -23.89
C LYS J 112 15.51 1.60 -25.03
N PRO J 113 15.50 2.53 -25.97
CA PRO J 113 14.59 2.44 -27.12
C PRO J 113 15.03 1.35 -28.06
N LYS J 114 14.34 0.22 -28.05
CA LYS J 114 14.67 -0.91 -28.90
C LYS J 114 13.90 -0.83 -30.21
N SER J 115 14.05 -1.87 -31.03
CA SER J 115 13.31 -2.01 -32.28
C SER J 115 12.94 -3.48 -32.41
N LYS J 116 11.67 -3.79 -32.17
CA LYS J 116 11.17 -5.14 -32.28
C LYS J 116 10.31 -5.29 -33.53
N SER J 117 10.32 -6.50 -34.10
CA SER J 117 9.63 -6.71 -35.36
C SER J 117 9.18 -8.16 -35.51
N TYR J 118 7.86 -8.30 -35.67
CA TYR J 118 7.21 -9.58 -35.88
C TYR J 118 7.69 -10.25 -37.17
N GLY J 119 7.94 -9.43 -38.20
CA GLY J 119 8.48 -9.93 -39.45
C GLY J 119 9.86 -10.51 -39.33
N ALA J 120 10.67 -10.02 -38.39
CA ALA J 120 11.93 -10.69 -38.11
C ALA J 120 11.76 -11.84 -37.12
N ASN J 121 10.65 -11.88 -36.38
CA ASN J 121 10.34 -13.11 -35.65
C ASN J 121 9.96 -14.25 -36.58
N PHE J 122 9.58 -13.95 -37.83
CA PHE J 122 9.31 -15.03 -38.79
C PHE J 122 10.24 -15.05 -39.97
N SER J 123 11.56 -14.99 -39.74
CA SER J 123 12.51 -14.85 -40.82
C SER J 123 12.81 -16.19 -41.48
N TRP J 124 13.62 -16.14 -42.54
CA TRP J 124 13.96 -17.29 -43.37
C TRP J 124 15.28 -17.94 -42.98
N ASN J 125 16.38 -17.19 -43.06
CA ASN J 125 17.69 -17.76 -42.82
C ASN J 125 18.26 -17.41 -41.45
N LYS J 126 17.74 -16.38 -40.79
CA LYS J 126 18.29 -15.94 -39.53
C LYS J 126 17.92 -16.91 -38.42
N ARG J 127 18.55 -16.71 -37.26
CA ARG J 127 18.27 -17.52 -36.09
C ARG J 127 17.18 -16.94 -35.21
N THR J 128 16.43 -15.96 -35.70
CA THR J 128 15.29 -15.44 -34.98
C THR J 128 14.02 -16.14 -35.47
N ARG J 129 13.99 -17.44 -35.21
CA ARG J 129 12.88 -18.30 -35.59
C ARG J 129 12.29 -18.85 -34.30
N VAL J 130 11.10 -18.38 -33.96
CA VAL J 130 10.57 -18.65 -32.62
C VAL J 130 10.11 -20.09 -32.47
N SER J 131 9.60 -20.70 -33.55
CA SER J 131 9.25 -22.13 -33.66
C SER J 131 8.22 -22.60 -32.65
N THR J 132 7.47 -21.69 -32.01
CA THR J 132 6.48 -22.13 -31.04
C THR J 132 5.16 -21.37 -31.09
N LYS J 133 5.04 -20.31 -31.88
CA LYS J 133 3.80 -19.55 -31.94
C LYS J 133 2.98 -20.03 -33.13
N LEU K 1 23.75 -16.65 27.29
CA LEU K 1 22.48 -15.93 27.32
C LEU K 1 21.69 -16.16 26.04
N HIS K 2 20.39 -16.36 26.20
CA HIS K 2 19.48 -16.55 25.08
C HIS K 2 19.24 -15.20 24.40
N HIS K 3 18.59 -15.22 23.24
CA HIS K 3 18.17 -13.96 22.65
C HIS K 3 16.99 -13.40 23.45
N ALA K 4 16.66 -12.13 23.13
CA ALA K 4 15.87 -11.20 23.94
C ALA K 4 16.51 -10.90 25.30
N VAL K 5 17.79 -11.24 25.47
CA VAL K 5 18.58 -10.75 26.59
C VAL K 5 19.71 -9.85 26.08
N ILE K 6 20.00 -9.88 24.79
CA ILE K 6 20.90 -8.90 24.17
C ILE K 6 20.23 -7.54 24.15
N PRO K 7 20.96 -6.43 24.27
CA PRO K 7 20.32 -5.11 24.24
C PRO K 7 19.94 -4.73 22.82
N HIS K 8 19.16 -3.65 22.72
CA HIS K 8 18.69 -3.18 21.42
C HIS K 8 18.56 -1.66 21.46
N GLY K 9 19.45 -0.96 20.75
CA GLY K 9 19.23 0.45 20.47
C GLY K 9 19.53 1.35 21.66
N LYS K 10 18.70 2.37 21.82
CA LYS K 10 18.87 3.39 22.83
C LYS K 10 18.29 2.95 24.16
N GLY K 11 18.09 3.88 25.09
CA GLY K 11 17.67 3.55 26.43
C GLY K 11 16.22 3.87 26.72
N GLY K 12 15.54 2.95 27.40
CA GLY K 12 14.27 3.21 28.05
C GLY K 12 13.04 3.29 27.19
N ARG K 13 11.88 2.99 27.79
CA ARG K 13 10.55 3.12 27.21
C ARG K 13 10.41 2.29 25.92
N SER K 14 10.38 0.97 26.14
CA SER K 14 10.37 -0.06 25.08
C SER K 14 11.65 0.02 24.26
N SER K 15 12.76 0.27 24.93
CA SER K 15 14.09 0.07 24.39
C SER K 15 14.73 -0.98 25.27
N VAL K 16 14.88 -2.19 24.74
CA VAL K 16 15.17 -3.38 25.54
C VAL K 16 16.62 -3.33 25.99
N SER K 17 16.83 -3.03 27.27
CA SER K 17 18.12 -3.28 27.88
C SER K 17 18.20 -4.75 28.28
N GLY K 18 19.37 -5.18 28.72
CA GLY K 18 19.67 -6.59 28.81
C GLY K 18 19.63 -7.23 30.18
N ILE K 19 18.94 -6.65 31.15
CA ILE K 19 18.90 -7.20 32.50
C ILE K 19 17.46 -7.45 32.91
N VAL K 20 17.27 -8.47 33.74
CA VAL K 20 16.00 -8.79 34.36
C VAL K 20 16.24 -8.77 35.86
N ALA K 21 15.70 -7.77 36.55
CA ALA K 21 16.05 -7.53 37.93
C ALA K 21 14.89 -7.94 38.83
N THR K 22 15.15 -8.87 39.74
CA THR K 22 14.23 -9.15 40.83
C THR K 22 14.63 -8.31 42.02
N VAL K 23 13.74 -7.42 42.44
CA VAL K 23 14.09 -6.35 43.38
C VAL K 23 13.27 -6.56 44.65
N PHE K 24 13.90 -7.05 45.71
CA PHE K 24 13.13 -7.30 46.92
C PHE K 24 12.84 -5.99 47.64
N GLY K 25 11.81 -6.03 48.49
CA GLY K 25 11.35 -4.81 49.11
C GLY K 25 10.65 -3.94 48.09
N ALA K 26 11.33 -2.86 47.68
CA ALA K 26 11.03 -2.00 46.55
C ALA K 26 9.76 -1.18 46.68
N THR K 27 9.05 -1.28 47.80
CA THR K 27 7.83 -0.50 47.98
C THR K 27 8.11 0.81 48.68
N GLY K 28 9.17 0.87 49.47
CA GLY K 28 9.50 2.08 50.19
C GLY K 28 10.24 3.11 49.36
N PHE K 29 11.31 3.67 49.93
CA PHE K 29 11.98 4.83 49.35
C PHE K 29 13.00 4.45 48.28
N LEU K 30 14.04 3.73 48.71
CA LEU K 30 15.21 3.50 47.87
C LEU K 30 14.88 2.54 46.74
N GLY K 31 14.03 1.55 47.02
CA GLY K 31 13.58 0.66 45.99
C GLY K 31 12.74 1.33 44.93
N ARG K 32 11.98 2.36 45.32
CA ARG K 32 11.19 3.08 44.33
C ARG K 32 12.08 3.90 43.42
N TYR K 33 13.12 4.54 43.98
CA TYR K 33 14.04 5.25 43.09
C TYR K 33 14.85 4.31 42.21
N LEU K 34 15.13 3.09 42.69
CA LEU K 34 15.90 2.17 41.87
C LEU K 34 15.04 1.58 40.76
N VAL K 35 13.75 1.34 41.03
CA VAL K 35 12.82 0.95 39.97
C VAL K 35 12.64 2.09 38.98
N ASN K 36 12.73 3.34 39.45
CA ASN K 36 12.67 4.49 38.54
C ASN K 36 13.86 4.48 37.56
N HIS K 37 15.06 4.25 38.07
CA HIS K 37 16.20 4.22 37.17
C HIS K 37 16.24 2.97 36.29
N LEU K 38 15.66 1.86 36.74
CA LEU K 38 15.60 0.70 35.85
C LEU K 38 14.53 0.85 34.78
N GLY K 39 13.41 1.51 35.09
CA GLY K 39 12.45 1.83 34.05
C GLY K 39 12.97 2.87 33.08
N ARG K 40 13.85 3.75 33.56
CA ARG K 40 14.56 4.65 32.66
C ARG K 40 15.57 3.89 31.81
N MET K 41 16.14 2.81 32.34
CA MET K 41 17.04 1.98 31.55
C MET K 41 16.28 1.17 30.49
N GLY K 42 15.04 0.80 30.78
CA GLY K 42 14.27 0.00 29.85
C GLY K 42 14.51 -1.48 30.04
N SER K 43 14.26 -1.96 31.25
CA SER K 43 14.51 -3.34 31.63
C SER K 43 13.20 -4.02 32.04
N GLN K 44 13.33 -5.21 32.62
CA GLN K 44 12.21 -5.94 33.18
C GLN K 44 12.41 -6.06 34.68
N VAL K 45 11.52 -5.46 35.45
CA VAL K 45 11.66 -5.39 36.89
C VAL K 45 10.57 -6.26 37.53
N ILE K 46 11.00 -7.33 38.19
CA ILE K 46 10.10 -8.18 38.94
C ILE K 46 10.12 -7.66 40.38
N VAL K 47 9.06 -6.96 40.77
CA VAL K 47 8.92 -6.50 42.15
C VAL K 47 7.96 -7.44 42.87
N PRO K 48 8.38 -8.06 43.94
CA PRO K 48 7.43 -8.74 44.82
C PRO K 48 7.01 -7.84 45.95
N TYR K 49 5.74 -7.90 46.30
CA TYR K 49 5.19 -7.09 47.37
C TYR K 49 4.33 -7.98 48.25
N ARG K 50 4.33 -7.70 49.54
CA ARG K 50 3.46 -8.39 50.48
C ARG K 50 2.33 -7.50 50.97
N CYS K 51 2.32 -6.24 50.55
CA CYS K 51 1.39 -5.26 51.06
C CYS K 51 0.16 -5.18 50.16
N GLU K 52 -0.63 -4.12 50.37
CA GLU K 52 -1.77 -3.81 49.53
C GLU K 52 -1.29 -3.49 48.12
N PRO K 53 -2.10 -3.80 47.09
CA PRO K 53 -1.76 -3.38 45.72
C PRO K 53 -1.85 -1.88 45.47
N TYR K 54 -2.23 -1.06 46.45
CA TYR K 54 -2.31 0.38 46.24
C TYR K 54 -0.92 1.04 46.24
N ASP K 55 0.03 0.52 47.01
CA ASP K 55 1.34 1.12 47.01
C ASP K 55 2.13 0.73 45.76
N THR K 56 2.02 -0.52 45.34
CA THR K 56 2.59 -0.87 44.05
C THR K 56 1.80 -0.27 42.90
N MET K 57 0.56 0.16 43.15
CA MET K 57 -0.15 0.98 42.20
C MET K 57 0.47 2.37 42.11
N HIS K 58 0.96 2.91 43.23
CA HIS K 58 1.57 4.24 43.15
C HIS K 58 2.93 4.17 42.48
N LEU K 59 3.66 3.07 42.64
CA LEU K 59 4.93 2.90 41.92
C LEU K 59 4.73 2.19 40.58
N ARG K 60 3.48 1.97 40.18
CA ARG K 60 3.20 1.22 38.94
C ARG K 60 3.57 1.93 37.64
N PRO K 61 3.19 3.22 37.37
CA PRO K 61 3.34 3.72 35.99
C PRO K 61 4.76 4.12 35.62
N MET K 62 5.73 3.64 36.39
CA MET K 62 7.13 3.93 36.16
C MET K 62 7.64 3.26 34.89
N GLY K 63 7.58 1.94 34.84
CA GLY K 63 8.03 1.20 33.68
C GLY K 63 7.06 1.30 32.52
N ASP K 64 7.46 0.70 31.40
CA ASP K 64 6.67 0.80 30.19
C ASP K 64 5.60 -0.29 30.21
N LEU K 65 4.99 -0.55 29.05
CA LEU K 65 3.85 -1.45 28.94
C LEU K 65 4.29 -2.87 29.23
N GLY K 66 3.94 -3.37 30.41
CA GLY K 66 4.27 -4.73 30.80
C GLY K 66 5.73 -5.00 31.06
N GLN K 67 6.56 -3.97 31.22
CA GLN K 67 7.95 -4.21 31.57
C GLN K 67 8.07 -4.65 33.01
N ILE K 68 7.53 -3.90 33.94
CA ILE K 68 7.58 -4.33 35.33
C ILE K 68 6.46 -5.33 35.58
N ILE K 69 6.66 -6.20 36.55
CA ILE K 69 5.68 -7.22 36.88
C ILE K 69 5.60 -7.33 38.40
N PHE K 70 4.43 -7.71 38.87
CA PHE K 70 4.08 -7.72 40.29
C PHE K 70 3.89 -9.16 40.73
N MET K 71 4.45 -9.52 41.89
CA MET K 71 4.08 -10.81 42.45
C MET K 71 4.18 -10.80 43.97
N ASP K 72 3.42 -11.68 44.61
CA ASP K 72 3.34 -11.75 46.05
C ASP K 72 4.43 -12.66 46.61
N TRP K 73 4.79 -12.42 47.87
CA TRP K 73 5.82 -13.20 48.54
C TRP K 73 5.58 -13.11 50.04
N ASN K 74 6.41 -13.81 50.81
CA ASN K 74 6.32 -13.74 52.26
C ASN K 74 7.71 -13.97 52.84
N GLY K 75 7.82 -13.77 54.14
CA GLY K 75 9.08 -14.02 54.82
C GLY K 75 9.10 -15.37 55.50
N ARG K 76 8.27 -16.30 55.03
CA ARG K 76 8.15 -17.59 55.69
C ARG K 76 8.37 -18.75 54.74
N ASP K 77 7.98 -18.60 53.47
CA ASP K 77 7.97 -19.70 52.52
C ASP K 77 9.04 -19.51 51.47
N LYS K 78 9.88 -20.53 51.30
CA LYS K 78 10.89 -20.51 50.25
C LYS K 78 10.32 -20.74 48.87
N ASP K 79 9.11 -21.31 48.77
CA ASP K 79 8.54 -21.64 47.47
C ASP K 79 8.16 -20.39 46.70
N SER K 80 7.60 -19.39 47.39
CA SER K 80 7.26 -18.14 46.71
C SER K 80 8.49 -17.37 46.30
N ILE K 81 9.57 -17.47 47.07
CA ILE K 81 10.80 -16.78 46.71
C ILE K 81 11.46 -17.45 45.50
N ARG K 82 11.46 -18.79 45.47
CA ARG K 82 11.98 -19.50 44.31
C ARG K 82 11.10 -19.27 43.08
N ARG K 83 9.80 -19.08 43.29
CA ARG K 83 8.93 -18.67 42.19
C ARG K 83 9.25 -17.26 41.73
N ALA K 84 9.71 -16.41 42.63
CA ALA K 84 10.10 -15.06 42.25
C ALA K 84 11.42 -15.03 41.47
N VAL K 85 12.34 -15.93 41.79
CA VAL K 85 13.62 -15.93 41.06
C VAL K 85 13.80 -17.20 40.25
N GLU K 86 12.70 -17.72 39.70
CA GLU K 86 12.74 -18.79 38.68
C GLU K 86 13.72 -18.47 37.56
N HIS K 87 13.48 -17.40 36.83
CA HIS K 87 14.38 -16.96 35.76
C HIS K 87 14.60 -15.47 35.95
N SER K 88 15.82 -15.10 36.28
CA SER K 88 16.16 -13.70 36.52
C SER K 88 17.63 -13.50 36.22
N ASN K 89 17.94 -12.38 35.59
CA ASN K 89 19.35 -12.07 35.34
C ASN K 89 20.04 -11.66 36.63
N VAL K 90 19.49 -10.68 37.34
CA VAL K 90 20.08 -10.18 38.58
C VAL K 90 19.00 -10.11 39.64
N VAL K 91 19.46 -10.01 40.89
CA VAL K 91 18.57 -9.91 42.05
C VAL K 91 19.22 -9.02 43.08
N ILE K 92 18.45 -8.08 43.63
CA ILE K 92 18.97 -7.18 44.65
C ILE K 92 18.10 -7.27 45.90
N ASN K 93 18.79 -7.18 47.05
CA ASN K 93 18.20 -7.33 48.36
C ASN K 93 18.22 -5.97 49.04
N LEU K 94 17.02 -5.41 49.19
CA LEU K 94 16.74 -4.10 49.79
C LEU K 94 15.54 -4.32 50.69
N VAL K 95 15.78 -4.57 51.98
CA VAL K 95 14.69 -4.89 52.89
C VAL K 95 15.11 -4.48 54.29
N GLY K 96 14.12 -4.20 55.13
CA GLY K 96 14.38 -3.85 56.52
C GLY K 96 13.60 -2.66 57.01
N ARG K 97 12.84 -2.87 58.08
CA ARG K 97 12.04 -1.82 58.69
C ARG K 97 12.81 -1.24 59.87
N GLU K 98 12.69 0.08 60.05
CA GLU K 98 13.45 0.78 61.07
C GLU K 98 12.85 0.66 62.47
N TRP K 99 11.73 -0.05 62.62
CA TRP K 99 11.16 -0.28 63.94
C TRP K 99 10.59 -1.68 63.99
N GLU K 100 10.47 -2.21 65.20
CA GLU K 100 10.00 -3.57 65.38
C GLU K 100 8.49 -3.65 65.17
N THR K 101 8.02 -4.89 65.01
CA THR K 101 6.60 -5.21 64.95
C THR K 101 6.28 -6.30 65.96
N LYS K 102 5.07 -6.83 65.90
CA LYS K 102 4.71 -7.99 66.70
C LYS K 102 4.97 -9.31 65.98
N ASN K 103 5.13 -9.27 64.65
CA ASN K 103 5.37 -10.47 63.87
C ASN K 103 6.80 -10.61 63.39
N PHE K 104 7.52 -9.50 63.22
CA PHE K 104 8.90 -9.54 62.76
C PHE K 104 9.71 -8.53 63.55
N ASP K 105 10.87 -8.94 64.01
CA ASP K 105 11.71 -8.13 64.87
C ASP K 105 12.96 -7.67 64.12
N PHE K 106 13.81 -6.91 64.79
CA PHE K 106 15.14 -6.64 64.26
C PHE K 106 15.98 -7.91 64.21
N GLU K 107 15.82 -8.76 65.22
CA GLU K 107 16.31 -10.12 65.16
C GLU K 107 15.65 -10.84 63.99
N ASP K 108 16.47 -11.58 63.23
CA ASP K 108 16.09 -12.55 62.23
C ASP K 108 15.40 -11.99 60.98
N VAL K 109 15.17 -10.68 60.88
CA VAL K 109 14.87 -10.15 59.56
C VAL K 109 16.12 -10.16 58.69
N PHE K 110 17.24 -9.72 59.27
CA PHE K 110 18.53 -9.57 58.60
C PHE K 110 19.33 -10.84 58.64
N VAL K 111 18.81 -11.87 59.28
CA VAL K 111 19.42 -13.19 59.33
C VAL K 111 18.58 -14.20 58.58
N LYS K 112 17.27 -14.20 58.81
CA LYS K 112 16.42 -15.20 58.18
C LYS K 112 15.96 -14.77 56.79
N ILE K 113 15.83 -13.48 56.52
CA ILE K 113 15.45 -13.06 55.17
C ILE K 113 16.60 -13.20 54.17
N PRO K 114 17.83 -12.68 54.38
CA PRO K 114 18.82 -12.78 53.30
C PRO K 114 19.41 -14.17 53.12
N GLN K 115 19.49 -14.99 54.17
CA GLN K 115 19.95 -16.38 54.00
C GLN K 115 19.03 -17.16 53.09
N ALA K 116 17.71 -17.04 53.29
CA ALA K 116 16.76 -17.82 52.51
C ALA K 116 16.78 -17.41 51.05
N ILE K 117 16.83 -16.10 50.78
CA ILE K 117 16.78 -15.65 49.40
C ILE K 117 18.11 -15.89 48.70
N ALA K 118 19.24 -15.79 49.43
CA ALA K 118 20.53 -16.07 48.82
C ALA K 118 20.69 -17.55 48.54
N GLN K 119 20.17 -18.40 49.43
CA GLN K 119 20.15 -19.84 49.20
C GLN K 119 19.33 -20.21 47.97
N VAL K 120 18.12 -19.67 47.86
CA VAL K 120 17.29 -20.05 46.72
C VAL K 120 17.73 -19.36 45.43
N SER K 121 18.48 -18.26 45.49
CA SER K 121 18.99 -17.68 44.27
C SER K 121 20.29 -18.34 43.82
N LYS K 122 21.05 -18.91 44.75
CA LYS K 122 22.16 -19.75 44.36
C LYS K 122 21.67 -21.06 43.76
N GLU K 123 20.61 -21.64 44.35
CA GLU K 123 20.09 -22.89 43.83
C GLU K 123 19.30 -22.70 42.55
N ALA K 124 18.67 -21.54 42.36
CA ALA K 124 18.02 -21.27 41.08
C ALA K 124 19.05 -20.98 40.00
N GLY K 125 20.22 -20.49 40.38
CA GLY K 125 21.31 -20.32 39.43
C GLY K 125 21.36 -18.97 38.74
N VAL K 126 21.37 -17.90 39.53
CA VAL K 126 21.50 -16.55 38.99
C VAL K 126 22.89 -16.03 39.32
N GLU K 127 23.24 -14.90 38.71
CA GLU K 127 24.49 -14.22 38.99
C GLU K 127 24.18 -12.78 39.35
N LYS K 128 25.22 -12.10 39.87
CA LYS K 128 25.20 -10.69 40.24
C LYS K 128 24.09 -10.38 41.23
N PHE K 129 24.20 -10.97 42.42
CA PHE K 129 23.33 -10.64 43.53
C PHE K 129 23.91 -9.47 44.31
N ILE K 130 23.16 -8.37 44.38
CA ILE K 130 23.61 -7.16 45.05
C ILE K 130 22.78 -6.98 46.32
N HIS K 131 23.47 -6.90 47.45
CA HIS K 131 22.83 -6.74 48.76
C HIS K 131 23.23 -5.41 49.34
N ILE K 132 22.25 -4.59 49.74
CA ILE K 132 22.63 -3.35 50.42
C ILE K 132 22.70 -3.60 51.91
N SER K 133 23.66 -2.94 52.58
CA SER K 133 23.72 -2.94 54.02
C SER K 133 24.06 -1.53 54.48
N HIS K 134 23.83 -1.25 55.76
CA HIS K 134 24.18 0.07 56.27
C HIS K 134 25.67 0.13 56.54
N LEU K 135 26.21 1.35 56.45
CA LEU K 135 27.59 1.60 56.83
C LEU K 135 27.76 1.39 58.33
N ASN K 136 29.02 1.15 58.72
CA ASN K 136 29.50 0.91 60.10
C ASN K 136 28.75 -0.21 60.83
N ALA K 137 28.21 -1.16 60.08
CA ALA K 137 27.58 -2.34 60.67
C ALA K 137 28.66 -3.25 61.25
N ASP K 138 28.80 -3.25 62.57
CA ASP K 138 29.85 -3.99 63.25
C ASP K 138 29.27 -4.82 64.38
N ILE K 139 30.05 -5.82 64.79
CA ILE K 139 29.71 -6.66 65.93
C ILE K 139 29.75 -5.86 67.23
N LYS K 140 30.48 -4.74 67.25
CA LYS K 140 30.47 -3.82 68.37
C LYS K 140 29.07 -3.26 68.61
N SER K 141 28.83 -2.90 69.87
CA SER K 141 27.48 -2.72 70.41
C SER K 141 26.84 -1.38 70.05
N SER K 142 25.80 -1.03 70.81
CA SER K 142 24.97 0.19 70.85
C SER K 142 23.85 0.21 69.81
N SER K 143 23.65 -0.85 69.03
CA SER K 143 22.47 -0.94 68.17
C SER K 143 22.19 -2.40 67.85
N LYS K 144 20.99 -2.86 68.20
CA LYS K 144 20.50 -4.13 67.70
C LYS K 144 20.44 -4.13 66.18
N TYR K 145 20.01 -2.99 65.62
CA TYR K 145 20.00 -2.71 64.19
C TYR K 145 21.35 -2.99 63.54
N LEU K 146 22.40 -2.38 64.08
CA LEU K 146 23.70 -2.48 63.44
C LEU K 146 24.38 -3.82 63.69
N ARG K 147 24.17 -4.44 64.86
CA ARG K 147 24.76 -5.76 65.04
C ARG K 147 24.05 -6.82 64.20
N ASN K 148 22.75 -6.65 63.96
CA ASN K 148 22.04 -7.58 63.09
C ASN K 148 22.47 -7.39 61.64
N LYS K 149 22.71 -6.15 61.21
CA LYS K 149 23.22 -5.97 59.86
C LYS K 149 24.66 -6.47 59.70
N ALA K 150 25.44 -6.46 60.78
CA ALA K 150 26.79 -7.03 60.69
C ALA K 150 26.74 -8.54 60.54
N VAL K 151 25.85 -9.19 61.31
CA VAL K 151 25.65 -10.63 61.15
C VAL K 151 25.13 -10.95 59.75
N GLY K 152 24.28 -10.07 59.21
CA GLY K 152 23.78 -10.27 57.85
C GLY K 152 24.86 -10.16 56.79
N GLU K 153 25.77 -9.17 56.94
CA GLU K 153 26.90 -9.06 56.01
C GLU K 153 27.79 -10.29 56.07
N LYS K 154 28.04 -10.80 57.28
CA LYS K 154 28.89 -11.99 57.41
C LYS K 154 28.22 -13.22 56.80
N GLU K 155 26.90 -13.34 56.94
CA GLU K 155 26.21 -14.52 56.43
C GLU K 155 26.09 -14.48 54.91
N VAL K 156 25.81 -13.31 54.34
CA VAL K 156 25.74 -13.18 52.88
C VAL K 156 27.14 -13.17 52.26
N ARG K 157 28.18 -12.93 53.06
CA ARG K 157 29.51 -13.21 52.55
C ARG K 157 29.84 -14.70 52.62
N GLU K 158 29.33 -15.41 53.64
CA GLU K 158 29.62 -16.83 53.77
C GLU K 158 28.91 -17.64 52.68
N THR K 159 27.58 -17.66 52.69
CA THR K 159 26.89 -18.31 51.59
C THR K 159 26.80 -17.36 50.40
N PHE K 160 26.75 -17.94 49.20
CA PHE K 160 26.80 -17.27 47.90
C PHE K 160 28.02 -16.38 47.82
N PRO K 161 29.23 -16.93 47.61
CA PRO K 161 30.45 -16.14 47.74
C PRO K 161 30.61 -15.04 46.71
N GLU K 162 30.00 -15.15 45.54
CA GLU K 162 30.15 -14.14 44.49
C GLU K 162 29.06 -13.08 44.58
N ALA K 163 28.90 -12.49 45.76
CA ALA K 163 27.89 -11.46 45.97
C ALA K 163 28.54 -10.09 46.02
N THR K 164 27.74 -9.06 45.75
CA THR K 164 28.19 -7.68 45.84
C THR K 164 27.52 -7.06 47.06
N ILE K 165 28.25 -7.04 48.18
CA ILE K 165 27.81 -6.28 49.34
C ILE K 165 28.16 -4.82 49.10
N ILE K 166 27.16 -3.97 49.13
CA ILE K 166 27.41 -2.55 48.92
C ILE K 166 26.77 -1.79 50.07
N LYS K 167 27.45 -0.73 50.50
CA LYS K 167 26.94 -0.05 51.68
C LYS K 167 26.96 1.47 51.52
N PRO K 168 25.80 2.10 51.59
CA PRO K 168 25.75 3.56 51.57
C PRO K 168 25.83 4.13 52.98
N ALA K 169 26.05 5.43 53.05
CA ALA K 169 25.97 6.17 54.29
C ALA K 169 24.51 6.53 54.55
N ASP K 170 24.27 7.47 55.46
CA ASP K 170 22.91 7.92 55.71
C ASP K 170 22.41 8.73 54.52
N ILE K 171 21.74 8.05 53.58
CA ILE K 171 21.32 8.68 52.33
C ILE K 171 20.20 9.66 52.59
N PHE K 172 20.18 10.75 51.84
CA PHE K 172 19.15 11.75 51.96
C PHE K 172 18.53 11.99 50.59
N GLY K 173 17.24 12.31 50.58
CA GLY K 173 16.55 12.46 49.33
C GLY K 173 15.29 13.28 49.51
N ARG K 174 14.45 13.24 48.47
CA ARG K 174 13.21 14.01 48.46
C ARG K 174 12.23 13.54 49.51
N GLU K 175 12.20 12.24 49.81
CA GLU K 175 11.31 11.66 50.80
C GLU K 175 12.11 10.91 51.85
N ASP K 176 13.13 11.58 52.38
CA ASP K 176 14.10 11.01 53.30
C ASP K 176 13.44 10.63 54.63
N ARG K 177 14.13 9.75 55.36
CA ARG K 177 13.82 9.48 56.76
C ARG K 177 14.51 10.46 57.71
N PHE K 178 15.84 10.62 57.64
CA PHE K 178 16.51 11.27 58.75
C PHE K 178 16.50 12.79 58.62
N LEU K 179 16.61 13.33 57.40
CA LEU K 179 16.59 14.77 57.25
C LEU K 179 15.18 15.33 57.44
N ASN K 180 14.18 14.63 56.92
CA ASN K 180 12.79 14.95 57.22
C ASN K 180 12.51 14.76 58.70
N TYR K 181 13.15 13.77 59.32
CA TYR K 181 13.06 13.58 60.77
C TYR K 181 13.68 14.75 61.53
N PHE K 182 14.71 15.37 60.98
CA PHE K 182 15.29 16.56 61.58
C PHE K 182 14.35 17.75 61.44
N ALA K 183 13.74 17.91 60.26
CA ALA K 183 12.86 19.05 60.02
C ALA K 183 11.58 18.94 60.84
N ASN K 184 11.11 17.73 61.10
CA ASN K 184 9.92 17.51 61.91
C ASN K 184 10.39 17.27 63.35
N ILE K 185 10.41 18.34 64.15
CA ILE K 185 10.87 18.26 65.53
C ILE K 185 10.20 19.39 66.31
N ARG K 186 10.20 19.25 67.65
CA ARG K 186 9.71 20.24 68.61
C ARG K 186 8.24 20.58 68.43
N SER K 195 15.85 17.84 70.71
CA SER K 195 16.98 18.62 70.20
C SER K 195 18.08 18.74 71.25
N LEU K 196 19.33 18.61 70.80
CA LEU K 196 20.48 18.78 71.68
C LEU K 196 21.66 19.26 70.85
N GLY K 197 22.72 19.65 71.56
CA GLY K 197 23.95 20.06 70.90
C GLY K 197 25.17 19.27 71.35
N LYS K 198 25.70 18.43 70.46
CA LYS K 198 26.92 17.68 70.70
C LYS K 198 27.76 17.74 69.43
N LYS K 199 28.80 16.92 69.36
CA LYS K 199 29.64 16.85 68.18
C LYS K 199 29.70 15.42 67.68
N THR K 200 29.49 15.25 66.37
CA THR K 200 29.50 13.95 65.71
C THR K 200 29.70 14.18 64.22
N VAL K 201 30.73 13.58 63.64
CA VAL K 201 30.90 13.67 62.19
C VAL K 201 29.90 12.76 61.51
N LYS K 202 29.33 13.23 60.40
CA LYS K 202 28.31 12.51 59.67
C LYS K 202 28.28 13.03 58.25
N GLN K 203 28.25 12.11 57.28
CA GLN K 203 28.28 12.49 55.87
C GLN K 203 27.09 11.92 55.12
N PRO K 204 26.08 12.74 54.82
CA PRO K 204 25.02 12.28 53.95
C PRO K 204 25.50 12.23 52.51
N VAL K 205 24.83 11.40 51.72
CA VAL K 205 25.11 11.27 50.30
C VAL K 205 23.76 11.21 49.59
N TYR K 206 23.68 11.85 48.42
CA TYR K 206 22.37 12.02 47.80
C TYR K 206 21.99 10.75 47.03
N ILE K 207 20.69 10.50 46.99
CA ILE K 207 20.17 9.19 46.63
C ILE K 207 20.35 8.87 45.15
N VAL K 208 20.36 9.88 44.28
CA VAL K 208 20.47 9.54 42.85
C VAL K 208 21.90 9.17 42.50
N ASP K 209 22.89 9.69 43.23
CA ASP K 209 24.26 9.24 43.02
C ASP K 209 24.44 7.81 43.49
N VAL K 210 23.76 7.45 44.57
CA VAL K 210 23.83 6.10 45.10
C VAL K 210 23.19 5.11 44.13
N THR K 211 22.03 5.45 43.58
CA THR K 211 21.40 4.51 42.65
C THR K 211 22.05 4.51 41.27
N LYS K 212 22.72 5.59 40.86
CA LYS K 212 23.58 5.51 39.68
C LYS K 212 24.77 4.58 39.94
N GLY K 213 25.30 4.62 41.17
CA GLY K 213 26.32 3.66 41.55
C GLY K 213 25.82 2.23 41.52
N ILE K 214 24.57 2.03 41.93
CA ILE K 214 24.00 0.68 41.95
C ILE K 214 23.77 0.17 40.53
N ILE K 215 23.27 1.02 39.63
CA ILE K 215 23.04 0.52 38.27
C ILE K 215 24.35 0.33 37.52
N ASN K 216 25.37 1.14 37.82
CA ASN K 216 26.68 0.88 37.24
C ASN K 216 27.30 -0.39 37.79
N ALA K 217 27.06 -0.70 39.06
CA ALA K 217 27.56 -1.96 39.61
C ALA K 217 26.76 -3.14 39.10
N ILE K 218 25.51 -2.92 38.70
CA ILE K 218 24.67 -4.03 38.27
C ILE K 218 24.81 -4.33 36.79
N LYS K 219 25.30 -3.37 35.99
CA LYS K 219 25.55 -3.67 34.58
C LYS K 219 27.03 -3.60 34.21
N ASP K 220 27.92 -3.32 35.16
CA ASP K 220 29.34 -3.13 34.88
C ASP K 220 30.15 -4.13 35.72
N PRO K 221 30.36 -5.35 35.21
CA PRO K 221 31.19 -6.33 35.94
C PRO K 221 32.67 -5.97 35.86
N ASP K 222 33.48 -6.78 36.56
CA ASP K 222 34.79 -6.59 37.23
C ASP K 222 34.59 -6.02 38.63
N ALA K 223 33.35 -5.76 39.04
CA ALA K 223 33.04 -5.32 40.39
C ALA K 223 32.32 -6.40 41.19
N ARG K 224 32.26 -7.61 40.67
CA ARG K 224 31.61 -8.71 41.39
C ARG K 224 32.53 -9.20 42.50
N GLY K 225 31.94 -9.54 43.63
CA GLY K 225 32.70 -10.03 44.78
C GLY K 225 33.17 -8.96 45.74
N LYS K 226 33.71 -7.87 45.21
CA LYS K 226 34.24 -6.81 46.05
C LYS K 226 33.12 -5.99 46.67
N THR K 227 33.28 -5.66 47.95
CA THR K 227 32.30 -4.86 48.65
C THR K 227 32.62 -3.38 48.47
N PHE K 228 31.58 -2.56 48.28
CA PHE K 228 31.79 -1.14 48.01
C PHE K 228 31.16 -0.29 49.12
N ALA K 229 31.63 0.95 49.21
CA ALA K 229 31.13 1.88 50.22
C ALA K 229 30.92 3.24 49.58
N PHE K 230 29.79 3.87 49.87
CA PHE K 230 29.45 5.18 49.35
C PHE K 230 29.81 6.25 50.37
N VAL K 231 30.66 7.18 49.95
CA VAL K 231 31.12 8.28 50.79
C VAL K 231 30.71 9.58 50.12
N GLY K 232 29.89 10.37 50.81
CA GLY K 232 29.56 11.69 50.35
C GLY K 232 30.76 12.61 50.42
N PRO K 233 30.75 13.69 49.62
CA PRO K 233 31.92 14.57 49.56
C PRO K 233 32.02 15.59 50.69
N ASN K 234 31.16 15.52 51.70
CA ASN K 234 31.07 16.59 52.69
C ASN K 234 31.81 16.29 53.98
N ARG K 235 31.37 15.28 54.73
CA ARG K 235 32.01 14.75 55.95
C ARG K 235 32.19 15.86 57.00
N TYR K 236 31.06 16.31 57.55
CA TYR K 236 31.13 17.42 58.50
C TYR K 236 30.25 17.14 59.72
N LEU K 237 30.10 18.18 60.53
CA LEU K 237 29.59 18.08 61.90
C LEU K 237 28.07 18.07 61.91
N LEU K 238 27.51 17.42 62.93
CA LEU K 238 26.05 17.29 63.03
C LEU K 238 25.39 18.58 63.50
N PHE K 239 26.05 19.33 64.39
CA PHE K 239 25.43 20.50 64.99
C PHE K 239 25.22 21.60 63.94
N ASP K 240 26.25 21.87 63.14
CA ASP K 240 26.10 22.83 62.06
C ASP K 240 25.19 22.31 60.95
N LEU K 241 25.06 20.99 60.81
CA LEU K 241 24.08 20.43 59.89
C LEU K 241 22.67 20.77 60.33
N VAL K 242 22.39 20.61 61.63
CA VAL K 242 21.06 20.93 62.15
C VAL K 242 20.79 22.43 62.03
N GLN K 243 21.79 23.26 62.32
CA GLN K 243 21.56 24.70 62.18
C GLN K 243 21.43 25.12 60.73
N TYR K 244 22.13 24.46 59.80
CA TYR K 244 21.97 24.77 58.39
C TYR K 244 20.60 24.34 57.88
N VAL K 245 20.10 23.18 58.34
CA VAL K 245 18.82 22.74 57.83
C VAL K 245 17.69 23.57 58.44
N PHE K 246 17.86 24.06 59.67
CA PHE K 246 16.88 25.03 60.19
C PHE K 246 16.97 26.37 59.49
N ALA K 247 18.18 26.81 59.12
CA ALA K 247 18.32 28.10 58.45
C ALA K 247 17.79 28.04 57.03
N VAL K 248 17.87 26.88 56.37
CA VAL K 248 17.29 26.76 55.04
C VAL K 248 15.80 26.43 55.14
N ALA K 249 15.33 25.96 56.30
CA ALA K 249 13.92 25.72 56.49
C ALA K 249 13.18 26.91 57.08
N HIS K 250 13.89 28.00 57.38
CA HIS K 250 13.33 29.29 57.82
C HIS K 250 12.57 29.15 59.14
N ARG K 251 13.02 28.25 60.01
CA ARG K 251 12.47 28.10 61.35
C ARG K 251 13.65 28.13 62.30
N PRO K 252 13.69 29.05 63.28
CA PRO K 252 14.88 29.14 64.14
C PRO K 252 15.09 27.94 65.06
N PHE K 253 14.12 27.67 65.94
CA PHE K 253 14.06 26.53 66.88
C PHE K 253 15.40 26.24 67.56
N LEU K 254 15.99 27.30 68.13
CA LEU K 254 17.29 27.29 68.81
C LEU K 254 18.42 26.76 67.94
N TRP K 278 7.42 7.78 64.48
CA TRP K 278 8.02 6.73 65.29
C TRP K 278 9.44 7.09 65.67
N THR K 279 9.61 7.54 66.91
CA THR K 279 10.88 8.07 67.41
C THR K 279 11.41 7.08 68.45
N THR K 280 12.17 6.10 67.97
CA THR K 280 12.69 5.07 68.85
C THR K 280 14.05 5.45 69.40
N ARG K 281 14.51 4.67 70.37
CA ARG K 281 15.86 4.86 70.90
C ARG K 281 16.92 4.37 69.92
N ASP K 282 16.59 3.38 69.08
CA ASP K 282 17.56 2.90 68.10
C ASP K 282 17.80 3.95 67.02
N LYS K 283 16.76 4.71 66.65
CA LYS K 283 16.93 5.75 65.64
C LYS K 283 17.78 6.90 66.17
N VAL K 284 17.59 7.28 67.44
CA VAL K 284 18.39 8.38 67.96
C VAL K 284 19.82 7.92 68.20
N GLU K 285 20.03 6.64 68.52
CA GLU K 285 21.40 6.17 68.62
C GLU K 285 22.05 5.98 67.25
N ARG K 286 21.26 5.75 66.19
CA ARG K 286 21.84 5.76 64.85
C ARG K 286 22.28 7.16 64.45
N ILE K 287 21.45 8.18 64.76
CA ILE K 287 21.86 9.54 64.39
C ILE K 287 22.85 10.14 65.40
N HIS K 288 23.18 9.40 66.46
CA HIS K 288 24.33 9.78 67.28
C HIS K 288 25.49 8.79 67.16
N THR K 289 25.42 7.84 66.24
CA THR K 289 26.57 7.00 65.93
C THR K 289 27.51 7.75 64.99
N THR K 290 28.79 7.80 65.36
CA THR K 290 29.79 8.51 64.56
C THR K 290 30.13 7.69 63.33
N ASP K 291 29.64 8.11 62.17
CA ASP K 291 29.92 7.40 60.93
C ASP K 291 31.36 7.64 60.50
N ARG K 292 32.10 6.54 60.32
CA ARG K 292 33.50 6.58 59.95
C ARG K 292 33.69 5.82 58.64
N THR K 293 34.77 6.14 57.93
CA THR K 293 35.05 5.50 56.66
C THR K 293 36.47 4.94 56.63
N LEU K 294 36.62 3.81 55.94
CA LEU K 294 37.91 3.18 55.76
C LEU K 294 38.18 3.05 54.27
N PRO K 295 39.34 3.50 53.78
CA PRO K 295 39.62 3.41 52.35
C PRO K 295 40.14 2.06 51.89
N HIS K 296 40.00 1.02 52.74
CA HIS K 296 40.38 -0.34 52.36
C HIS K 296 39.44 -0.94 51.33
N LEU K 297 38.28 -0.32 51.09
CA LEU K 297 37.37 -0.71 50.03
C LEU K 297 37.07 0.53 49.19
N PRO K 298 37.02 0.39 47.87
CA PRO K 298 36.94 1.57 47.01
C PRO K 298 35.57 2.21 47.03
N GLY K 299 35.56 3.49 46.66
CA GLY K 299 34.35 4.28 46.72
C GLY K 299 33.69 4.49 45.38
N LEU K 300 33.46 5.75 45.03
CA LEU K 300 32.72 6.10 43.83
C LEU K 300 33.60 6.22 42.59
N GLU K 301 34.84 6.65 42.77
CA GLU K 301 35.69 6.95 41.61
C GLU K 301 36.19 5.69 40.93
N ASP K 302 36.43 4.62 41.68
CA ASP K 302 36.76 3.33 41.07
C ASP K 302 35.55 2.66 40.44
N LEU K 303 34.35 3.17 40.70
CA LEU K 303 33.15 2.78 39.98
C LEU K 303 32.75 3.79 38.92
N GLY K 304 33.00 5.08 39.16
CA GLY K 304 32.89 6.05 38.10
C GLY K 304 31.57 6.79 37.95
N VAL K 305 31.09 7.44 39.00
CA VAL K 305 29.96 8.35 38.88
C VAL K 305 30.19 9.53 39.82
N GLN K 306 29.81 10.72 39.36
CA GLN K 306 30.07 11.95 40.10
C GLN K 306 29.13 12.06 41.30
N ALA K 307 29.68 12.50 42.44
CA ALA K 307 28.89 12.76 43.63
C ALA K 307 28.52 14.24 43.70
N THR K 308 27.38 14.53 44.34
CA THR K 308 26.93 15.90 44.48
C THR K 308 26.96 16.33 45.95
N PRO K 309 27.26 17.61 46.21
CA PRO K 309 27.24 18.09 47.59
C PRO K 309 25.83 18.24 48.16
N LEU K 310 25.74 18.75 49.39
CA LEU K 310 24.46 18.79 50.10
C LEU K 310 23.53 19.85 49.52
N GLU K 311 24.06 21.06 49.32
CA GLU K 311 23.23 22.27 49.41
C GLU K 311 22.21 22.40 48.30
N LEU K 312 22.55 21.95 47.08
CA LEU K 312 21.62 22.00 45.96
C LEU K 312 20.38 21.14 46.25
N LYS K 313 20.61 19.87 46.55
CA LYS K 313 19.50 18.97 46.85
C LYS K 313 18.85 19.29 48.19
N ALA K 314 19.56 19.98 49.09
CA ALA K 314 18.96 20.40 50.36
C ALA K 314 17.93 21.50 50.13
N ILE K 315 18.26 22.47 49.28
CA ILE K 315 17.27 23.48 48.89
C ILE K 315 16.16 22.85 48.07
N GLU K 316 16.45 21.75 47.36
CA GLU K 316 15.38 21.01 46.68
C GLU K 316 14.40 20.41 47.69
N VAL K 317 14.89 19.64 48.66
CA VAL K 317 13.98 18.89 49.52
C VAL K 317 13.33 19.78 50.59
N LEU K 318 14.03 20.79 51.10
CA LEU K 318 13.47 21.62 52.17
C LEU K 318 12.46 22.61 51.59
N ARG K 319 11.28 22.09 51.29
CA ARG K 319 10.10 22.89 51.06
C ARG K 319 9.36 23.02 52.39
N ARG K 320 8.07 23.39 52.34
CA ARG K 320 7.14 23.42 53.48
C ARG K 320 7.67 24.26 54.66
N HIS K 321 8.19 25.44 54.33
CA HIS K 321 8.76 26.36 55.32
C HIS K 321 7.72 26.85 56.31
N ARG K 322 6.80 27.67 55.81
CA ARG K 322 5.78 28.42 56.53
C ARG K 322 4.69 28.76 55.52
N THR K 323 3.86 29.76 55.84
CA THR K 323 2.93 30.31 54.86
C THR K 323 3.66 30.79 53.61
N TYR K 324 4.49 31.82 53.75
CA TYR K 324 5.30 32.27 52.62
C TYR K 324 6.79 32.28 52.98
N ARG K 325 7.09 32.71 54.21
CA ARG K 325 8.45 32.75 54.78
C ARG K 325 9.47 33.51 53.95
N SER K 329 20.33 33.27 51.15
CA SER K 329 20.42 31.82 51.16
C SER K 329 21.11 31.33 52.42
N GLU K 330 22.24 31.96 52.73
CA GLU K 330 23.07 31.69 53.91
C GLU K 330 23.51 30.22 53.95
N ILE K 331 24.29 29.84 52.93
CA ILE K 331 24.86 28.50 52.86
C ILE K 331 25.95 28.37 53.91
N GLU K 332 25.75 27.48 54.89
CA GLU K 332 26.68 27.37 55.99
C GLU K 332 28.00 26.76 55.55
N ASP K 333 27.95 25.50 55.09
CA ASP K 333 29.09 24.75 54.54
C ASP K 333 30.24 24.67 55.57
N VAL K 334 29.95 23.93 56.65
CA VAL K 334 30.90 23.79 57.75
C VAL K 334 32.17 23.09 57.28
N GLN K 335 32.02 21.88 56.73
CA GLN K 335 33.07 21.04 56.13
C GLN K 335 34.21 20.79 57.11
N PRO K 336 33.95 20.09 58.22
CA PRO K 336 35.02 19.90 59.21
C PRO K 336 36.05 18.88 58.76
N ALA K 337 37.29 19.10 59.19
CA ALA K 337 38.47 18.29 58.87
C ALA K 337 38.68 18.12 57.37
N LEU L 13 63.31 1.58 6.62
CA LEU L 13 63.68 0.33 5.96
C LEU L 13 63.69 0.51 4.45
N GLY L 14 62.50 0.51 3.86
CA GLY L 14 62.40 0.66 2.42
C GLY L 14 60.95 0.85 2.01
N LEU L 15 60.76 0.88 0.69
CA LEU L 15 59.44 1.12 0.11
C LEU L 15 58.54 -0.10 0.27
N ARG L 16 57.24 0.14 0.20
CA ARG L 16 56.27 -0.94 0.04
C ARG L 16 55.46 -0.80 -1.24
N GLU L 17 54.84 0.35 -1.48
CA GLU L 17 54.03 0.54 -2.68
C GLU L 17 54.22 1.93 -3.28
N ILE L 18 54.08 1.98 -4.59
CA ILE L 18 54.02 3.23 -5.35
C ILE L 18 52.75 3.19 -6.19
N ARG L 19 51.89 4.19 -6.00
CA ARG L 19 50.61 4.26 -6.68
C ARG L 19 50.57 5.53 -7.54
N ILE L 20 50.14 5.38 -8.78
CA ILE L 20 49.97 6.50 -9.71
C ILE L 20 48.48 6.68 -9.95
N HIS L 21 48.01 7.93 -9.95
CA HIS L 21 46.61 8.22 -10.18
C HIS L 21 46.48 9.25 -11.28
N LEU L 22 45.79 8.87 -12.36
CA LEU L 22 45.83 9.56 -13.64
C LEU L 22 44.43 9.91 -14.12
N CYS L 23 44.40 10.55 -15.29
CA CYS L 23 43.17 10.89 -15.97
C CYS L 23 43.42 10.76 -17.48
N GLN L 24 42.42 11.13 -18.28
CA GLN L 24 42.46 10.82 -19.71
C GLN L 24 42.47 12.03 -20.64
N ARG L 25 42.29 13.26 -20.12
CA ARG L 25 42.37 14.45 -20.95
C ARG L 25 42.90 15.63 -20.12
N SER L 26 44.22 15.83 -20.20
CA SER L 26 44.96 16.83 -19.45
C SER L 26 46.38 16.92 -20.01
N PRO L 27 47.05 18.06 -19.89
CA PRO L 27 48.49 18.07 -20.21
C PRO L 27 49.34 17.31 -19.20
N GLY L 28 48.91 17.27 -17.93
CA GLY L 28 49.60 16.43 -16.97
C GLY L 28 49.41 14.95 -17.26
N SER L 29 48.18 14.57 -17.62
CA SER L 29 47.95 13.22 -18.09
C SER L 29 48.68 12.93 -19.38
N GLN L 30 48.85 13.95 -20.23
CA GLN L 30 49.67 13.80 -21.43
C GLN L 30 51.11 13.46 -21.08
N GLY L 31 51.66 14.16 -20.09
CA GLY L 31 53.04 13.88 -19.68
C GLY L 31 53.21 12.52 -19.03
N VAL L 32 52.29 12.15 -18.15
CA VAL L 32 52.48 10.87 -17.48
C VAL L 32 52.07 9.71 -18.39
N ARG L 33 51.18 9.92 -19.36
CA ARG L 33 50.98 8.90 -20.39
C ARG L 33 52.20 8.75 -21.29
N ASP L 34 52.91 9.85 -21.57
CA ASP L 34 54.19 9.73 -22.29
C ASP L 34 55.17 8.87 -21.51
N PHE L 35 55.28 9.11 -20.20
CA PHE L 35 56.13 8.29 -19.35
C PHE L 35 55.69 6.83 -19.32
N ILE L 36 54.40 6.60 -19.10
CA ILE L 36 53.93 5.23 -18.85
C ILE L 36 53.80 4.43 -20.13
N GLU L 37 53.80 5.08 -21.30
CA GLU L 37 53.91 4.36 -22.55
C GLU L 37 55.35 4.16 -22.98
N LYS L 38 56.28 4.99 -22.53
CA LYS L 38 57.65 4.84 -22.98
C LYS L 38 58.56 4.11 -22.01
N ARG L 39 58.37 4.24 -20.70
CA ARG L 39 59.34 3.71 -19.74
C ARG L 39 58.67 2.98 -18.58
N TYR L 40 57.75 2.07 -18.85
CA TYR L 40 57.19 1.29 -17.75
C TYR L 40 57.73 -0.13 -17.67
N VAL L 41 58.03 -0.77 -18.80
CA VAL L 41 58.61 -2.12 -18.75
C VAL L 41 60.02 -2.09 -18.18
N GLU L 42 60.72 -0.96 -18.36
CA GLU L 42 62.02 -0.74 -17.72
C GLU L 42 61.92 -0.77 -16.20
N LEU L 43 60.93 -0.07 -15.65
CA LEU L 43 60.80 0.07 -14.21
C LEU L 43 60.39 -1.26 -13.57
N LYS L 44 59.46 -1.97 -14.19
CA LYS L 44 59.04 -3.25 -13.66
C LYS L 44 60.13 -4.30 -13.83
N LYS L 45 60.97 -4.16 -14.86
CA LYS L 45 62.13 -5.03 -14.98
C LYS L 45 63.16 -4.74 -13.88
N ALA L 46 63.26 -3.47 -13.46
CA ALA L 46 64.25 -3.11 -12.45
C ALA L 46 63.88 -3.67 -11.07
N ASN L 47 62.74 -3.22 -10.52
CA ASN L 47 62.33 -3.69 -9.21
C ASN L 47 61.23 -4.73 -9.36
N PRO L 48 61.45 -5.98 -9.00
CA PRO L 48 60.40 -6.99 -9.18
C PRO L 48 59.29 -6.92 -8.16
N ASP L 49 59.62 -6.66 -6.90
CA ASP L 49 58.69 -6.86 -5.79
C ASP L 49 58.04 -5.56 -5.33
N LEU L 50 58.12 -4.50 -6.12
CA LEU L 50 57.35 -3.30 -5.82
C LEU L 50 56.08 -3.31 -6.64
N PRO L 51 54.91 -3.49 -6.03
CA PRO L 51 53.66 -3.44 -6.81
C PRO L 51 53.26 -2.04 -7.19
N ILE L 52 54.05 -1.38 -8.04
CA ILE L 52 53.75 -0.03 -8.51
C ILE L 52 52.53 -0.11 -9.42
N LEU L 53 51.41 0.42 -8.94
CA LEU L 53 50.14 0.22 -9.60
C LEU L 53 49.56 1.54 -10.10
N ILE L 54 48.85 1.44 -11.22
CA ILE L 54 48.37 2.60 -11.97
C ILE L 54 46.86 2.58 -11.92
N ARG L 55 46.26 3.75 -11.69
CA ARG L 55 44.81 3.87 -11.69
C ARG L 55 44.41 5.06 -12.55
N GLU L 56 43.27 4.92 -13.23
CA GLU L 56 42.71 5.95 -14.10
C GLU L 56 41.22 6.00 -13.87
N CYS L 57 40.66 7.18 -13.56
CA CYS L 57 39.23 7.15 -13.27
C CYS L 57 38.35 7.92 -14.25
N SER L 58 38.34 9.25 -14.21
CA SER L 58 37.84 10.02 -15.35
C SER L 58 38.62 11.31 -15.51
N ASP L 59 38.81 12.00 -14.39
CA ASP L 59 39.44 13.33 -14.36
C ASP L 59 39.81 13.61 -12.92
N VAL L 60 41.11 13.68 -12.65
CA VAL L 60 41.62 13.89 -11.29
C VAL L 60 43.03 14.43 -11.45
N GLN L 61 43.54 15.05 -10.40
CA GLN L 61 44.93 15.48 -10.39
C GLN L 61 45.84 14.25 -10.37
N PRO L 62 46.87 14.20 -11.19
CA PRO L 62 47.69 12.98 -11.28
C PRO L 62 48.59 12.80 -10.08
N LYS L 63 48.07 12.19 -9.03
CA LYS L 63 48.84 12.06 -7.81
C LYS L 63 49.83 10.92 -7.90
N LEU L 64 50.87 10.98 -7.07
CA LEU L 64 51.86 9.91 -6.95
C LEU L 64 52.14 9.68 -5.48
N TRP L 65 51.78 8.49 -5.00
CA TRP L 65 51.75 8.17 -3.58
C TRP L 65 52.75 7.06 -3.29
N ALA L 66 53.58 7.26 -2.28
CA ALA L 66 54.56 6.25 -1.85
C ALA L 66 54.19 5.84 -0.44
N ARG L 67 53.75 4.60 -0.30
CA ARG L 67 53.33 4.05 0.99
C ARG L 67 54.42 3.15 1.52
N TYR L 68 54.97 3.50 2.69
CA TYR L 68 55.99 2.69 3.32
C TYR L 68 56.13 3.07 4.78
N ALA L 69 56.73 2.15 5.55
CA ALA L 69 57.27 2.37 6.89
C ALA L 69 56.19 2.84 7.88
N PHE L 70 55.30 1.91 8.19
CA PHE L 70 54.26 2.06 9.22
C PHE L 70 53.26 3.15 8.83
N GLY L 71 52.88 3.16 7.56
CA GLY L 71 51.86 4.10 7.12
C GLY L 71 52.35 5.50 6.82
N GLN L 72 53.62 5.67 6.49
CA GLN L 72 54.09 6.93 5.93
C GLN L 72 53.72 6.96 4.45
N GLU L 73 52.81 7.84 4.08
CA GLU L 73 52.35 7.94 2.70
C GLU L 73 52.78 9.31 2.18
N LYS L 74 53.95 9.35 1.56
CA LYS L 74 54.41 10.61 1.01
C LYS L 74 53.76 10.87 -0.33
N ASN L 75 53.53 12.15 -0.60
CA ASN L 75 52.66 12.61 -1.67
C ASN L 75 53.42 13.57 -2.56
N VAL L 76 53.46 13.30 -3.86
CA VAL L 76 53.87 14.31 -4.82
C VAL L 76 52.78 14.46 -5.87
N SER L 77 52.68 15.67 -6.41
CA SER L 77 51.68 16.00 -7.41
C SER L 77 52.37 16.11 -8.76
N LEU L 78 51.97 15.26 -9.71
CA LEU L 78 52.56 15.23 -11.04
C LEU L 78 51.79 16.10 -12.02
N ASN L 79 51.21 17.19 -11.54
CA ASN L 79 50.49 18.13 -12.40
C ASN L 79 51.46 18.78 -13.36
N ASN L 80 51.11 18.72 -14.65
CA ASN L 80 51.81 19.15 -15.87
C ASN L 80 53.33 19.00 -15.81
N PHE L 81 53.78 17.83 -15.35
CA PHE L 81 55.18 17.44 -15.47
C PHE L 81 55.37 16.68 -16.77
N SER L 82 56.47 16.95 -17.46
CA SER L 82 56.82 16.16 -18.62
C SER L 82 57.49 14.86 -18.18
N ALA L 83 57.80 14.01 -19.16
CA ALA L 83 58.20 12.63 -18.87
C ALA L 83 59.58 12.57 -18.21
N ASP L 84 60.50 13.43 -18.64
CA ASP L 84 61.78 13.55 -17.94
C ASP L 84 61.58 14.03 -16.51
N GLN L 85 60.67 14.99 -16.32
CA GLN L 85 60.41 15.53 -14.99
C GLN L 85 59.71 14.50 -14.09
N VAL L 86 58.83 13.69 -14.69
CA VAL L 86 58.18 12.59 -13.97
C VAL L 86 59.20 11.54 -13.54
N THR L 87 60.09 11.15 -14.45
CA THR L 87 61.09 10.14 -14.13
C THR L 87 62.07 10.64 -13.08
N ARG L 88 62.44 11.93 -13.17
CA ARG L 88 63.35 12.50 -12.18
C ARG L 88 62.70 12.56 -10.80
N ALA L 89 61.43 12.96 -10.71
CA ALA L 89 60.77 13.01 -9.40
C ALA L 89 60.46 11.61 -8.86
N LEU L 90 60.19 10.66 -9.75
CA LEU L 90 59.96 9.29 -9.32
C LEU L 90 61.24 8.67 -8.79
N GLU L 91 62.38 9.01 -9.38
CA GLU L 91 63.64 8.51 -8.84
C GLU L 91 64.05 9.27 -7.59
N ASN L 92 63.58 10.52 -7.45
CA ASN L 92 63.76 11.25 -6.20
C ASN L 92 63.02 10.57 -5.04
N VAL L 93 61.80 10.10 -5.31
CA VAL L 93 61.05 9.35 -4.29
C VAL L 93 61.67 7.99 -4.06
N LEU L 94 61.74 7.16 -5.09
CA LEU L 94 62.32 5.84 -4.98
C LEU L 94 63.83 5.90 -4.88
N LYS M 5 -40.94 54.61 8.22
CA LYS M 5 -40.26 53.44 8.75
C LYS M 5 -39.40 53.81 9.95
N LYS M 6 -39.00 52.80 10.72
CA LYS M 6 -38.33 52.99 11.99
C LYS M 6 -37.77 51.65 12.44
N THR M 7 -36.52 51.67 12.95
CA THR M 7 -35.81 50.51 13.53
C THR M 7 -35.72 49.35 12.55
N THR M 8 -34.89 49.54 11.53
CA THR M 8 -34.54 48.48 10.60
C THR M 8 -33.79 47.34 11.31
N GLY M 9 -33.58 46.25 10.57
CA GLY M 9 -33.22 44.99 11.19
C GLY M 9 -31.81 44.92 11.75
N LEU M 10 -30.86 45.64 11.14
CA LEU M 10 -29.47 45.54 11.57
C LEU M 10 -29.26 46.27 12.89
N VAL M 11 -28.35 45.73 13.70
CA VAL M 11 -28.26 46.14 15.11
C VAL M 11 -27.55 47.48 15.25
N GLY M 12 -26.30 47.56 14.82
CA GLY M 12 -25.53 48.78 15.02
C GLY M 12 -25.69 49.78 13.89
N LEU M 13 -26.76 49.61 13.10
CA LEU M 13 -27.06 50.47 11.98
C LEU M 13 -28.34 51.23 12.33
N ALA M 14 -28.17 52.37 12.99
CA ALA M 14 -29.31 53.23 13.28
C ALA M 14 -29.83 53.85 11.99
N VAL M 15 -31.12 54.16 11.97
CA VAL M 15 -31.83 54.52 10.74
C VAL M 15 -31.37 55.86 10.19
N CYS M 16 -31.60 56.08 8.90
CA CYS M 16 -31.33 57.35 8.27
C CYS M 16 -32.59 58.22 8.32
N GLU M 17 -32.46 59.46 7.87
CA GLU M 17 -33.57 60.39 7.84
C GLU M 17 -33.76 61.07 6.50
N THR M 18 -32.69 61.29 5.73
CA THR M 18 -32.78 61.86 4.38
C THR M 18 -31.95 60.97 3.47
N PRO M 19 -32.56 60.00 2.80
CA PRO M 19 -31.78 59.11 1.92
C PRO M 19 -31.30 59.81 0.66
N HIS M 20 -32.17 60.61 0.04
CA HIS M 20 -31.95 61.07 -1.33
C HIS M 20 -30.76 62.00 -1.43
N GLU M 21 -30.78 63.09 -0.68
CA GLU M 21 -29.73 64.09 -0.78
C GLU M 21 -28.40 63.60 -0.21
N ARG M 22 -28.44 62.75 0.82
CA ARG M 22 -27.21 62.16 1.35
C ARG M 22 -26.56 61.23 0.34
N LEU M 23 -27.36 60.42 -0.34
CA LEU M 23 -26.78 59.53 -1.34
C LEU M 23 -26.30 60.30 -2.56
N LYS M 24 -26.98 61.42 -2.89
CA LYS M 24 -26.53 62.25 -4.01
C LYS M 24 -25.21 62.95 -3.70
N ILE M 25 -25.02 63.44 -2.47
CA ILE M 25 -23.75 64.10 -2.19
C ILE M 25 -22.63 63.08 -2.03
N LEU M 26 -22.97 61.85 -1.59
CA LEU M 26 -22.01 60.74 -1.65
C LEU M 26 -21.54 60.49 -3.07
N TYR M 27 -22.46 60.44 -4.02
CA TYR M 27 -22.01 60.11 -5.38
C TYR M 27 -21.39 61.30 -6.11
N THR M 28 -21.70 62.53 -5.75
CA THR M 28 -20.92 63.65 -6.28
C THR M 28 -19.49 63.61 -5.77
N LYS M 29 -19.30 63.21 -4.50
CA LYS M 29 -17.94 63.05 -4.01
C LYS M 29 -17.23 61.89 -4.69
N ILE M 30 -17.96 60.82 -5.01
CA ILE M 30 -17.39 59.70 -5.76
C ILE M 30 -16.89 60.17 -7.12
N LEU M 31 -17.74 60.88 -7.87
CA LEU M 31 -17.33 61.36 -9.19
C LEU M 31 -16.22 62.40 -9.12
N ASP M 32 -16.12 63.16 -8.03
CA ASP M 32 -15.01 64.10 -7.87
C ASP M 32 -13.68 63.36 -7.70
N VAL M 33 -13.61 62.50 -6.69
CA VAL M 33 -12.37 61.77 -6.38
C VAL M 33 -12.00 60.85 -7.54
N LEU M 34 -12.99 60.33 -8.25
CA LEU M 34 -12.73 59.56 -9.46
C LEU M 34 -12.31 60.46 -10.62
N GLY M 35 -12.72 61.74 -10.59
CA GLY M 35 -12.20 62.68 -11.55
C GLY M 35 -10.73 62.98 -11.36
N HIS M 36 -10.22 62.80 -10.14
CA HIS M 36 -8.78 62.91 -9.93
C HIS M 36 -8.00 61.65 -10.35
N ILE M 37 -8.65 60.62 -10.86
CA ILE M 37 -7.97 59.39 -11.29
C ILE M 37 -7.49 59.58 -12.73
N PRO M 38 -6.33 59.02 -13.12
CA PRO M 38 -5.93 59.03 -14.54
C PRO M 38 -6.92 58.30 -15.45
N LYS M 39 -6.83 58.63 -16.73
CA LYS M 39 -7.87 58.35 -17.71
C LYS M 39 -7.72 56.98 -18.38
N ASN M 40 -6.52 56.65 -18.87
CA ASN M 40 -6.36 55.46 -19.69
C ASN M 40 -6.44 54.16 -18.91
N ALA M 41 -6.50 54.21 -17.58
CA ALA M 41 -6.77 53.01 -16.80
C ALA M 41 -8.20 52.54 -17.05
N ALA M 42 -8.40 51.23 -16.93
CA ALA M 42 -9.74 50.69 -17.09
C ALA M 42 -10.61 50.98 -15.87
N TYR M 43 -9.96 51.14 -14.72
CA TYR M 43 -10.66 51.31 -13.44
C TYR M 43 -11.55 52.55 -13.42
N ARG M 44 -11.05 53.66 -13.97
CA ARG M 44 -11.85 54.87 -14.12
C ARG M 44 -13.07 54.62 -14.98
N LYS M 45 -12.91 53.86 -16.07
CA LYS M 45 -14.02 53.59 -16.97
C LYS M 45 -15.10 52.76 -16.29
N TYR M 46 -14.72 51.67 -15.63
CA TYR M 46 -15.72 50.79 -15.04
C TYR M 46 -16.40 51.44 -13.83
N THR M 47 -15.63 52.13 -12.98
CA THR M 47 -16.23 52.82 -11.84
C THR M 47 -17.13 53.96 -12.27
N GLU M 48 -16.72 54.75 -13.27
CA GLU M 48 -17.53 55.88 -13.70
C GLU M 48 -18.79 55.39 -14.41
N GLN M 49 -18.70 54.28 -15.14
CA GLN M 49 -19.86 53.65 -15.76
C GLN M 49 -20.88 53.22 -14.72
N ILE M 50 -20.45 52.41 -13.74
CA ILE M 50 -21.41 51.86 -12.78
C ILE M 50 -21.93 52.95 -11.85
N THR M 51 -21.14 53.98 -11.56
CA THR M 51 -21.60 55.02 -10.66
C THR M 51 -22.54 55.98 -11.36
N ASN M 52 -22.30 56.28 -12.64
CA ASN M 52 -23.27 57.09 -13.38
C ASN M 52 -24.57 56.35 -13.60
N GLU M 53 -24.51 55.04 -13.84
CA GLU M 53 -25.76 54.28 -13.97
C GLU M 53 -26.53 54.24 -12.66
N LYS M 54 -25.82 54.08 -11.55
CA LYS M 54 -26.49 54.01 -10.25
C LYS M 54 -27.06 55.38 -9.85
N LEU M 55 -26.31 56.45 -10.09
CA LEU M 55 -26.81 57.79 -9.79
C LEU M 55 -27.99 58.15 -10.69
N SER M 56 -27.93 57.76 -11.96
CA SER M 56 -29.04 58.03 -12.87
C SER M 56 -30.28 57.24 -12.50
N ILE M 57 -30.13 56.07 -11.88
CA ILE M 57 -31.27 55.42 -11.24
C ILE M 57 -31.79 56.26 -10.09
N VAL M 58 -30.88 56.86 -9.31
CA VAL M 58 -31.29 57.60 -8.12
C VAL M 58 -31.98 58.93 -8.47
N LYS M 59 -31.66 59.53 -9.62
CA LYS M 59 -32.08 60.89 -9.95
C LYS M 59 -33.59 61.09 -10.05
N ALA M 60 -34.35 60.03 -10.34
CA ALA M 60 -35.77 60.20 -10.68
C ALA M 60 -36.65 59.30 -9.81
N GLU M 61 -36.46 59.33 -8.50
CA GLU M 61 -37.27 58.53 -7.59
C GLU M 61 -37.95 59.40 -6.55
N PRO M 62 -39.28 59.38 -6.45
CA PRO M 62 -39.95 60.16 -5.42
C PRO M 62 -40.12 59.39 -4.11
N ASP M 63 -40.01 58.08 -4.18
CA ASP M 63 -40.35 57.22 -3.05
C ASP M 63 -39.10 56.65 -2.40
N VAL M 64 -39.29 55.79 -1.42
CA VAL M 64 -38.21 55.12 -0.71
C VAL M 64 -38.17 53.64 -1.03
N LYS M 65 -39.31 52.95 -0.86
CA LYS M 65 -39.37 51.51 -1.08
C LYS M 65 -39.19 51.17 -2.56
N LYS M 66 -39.66 52.03 -3.45
CA LYS M 66 -39.41 51.85 -4.88
C LYS M 66 -37.93 51.94 -5.21
N LEU M 67 -37.22 52.87 -4.55
CA LEU M 67 -35.78 52.95 -4.76
C LEU M 67 -35.05 51.77 -4.14
N GLU M 68 -35.56 51.25 -3.02
CA GLU M 68 -34.94 50.10 -2.37
C GLU M 68 -35.07 48.85 -3.23
N GLU M 69 -36.26 48.59 -3.74
CA GLU M 69 -36.50 47.37 -4.50
C GLU M 69 -36.12 47.50 -5.96
N GLN M 70 -35.98 48.73 -6.47
CA GLN M 70 -35.62 48.94 -7.87
C GLN M 70 -34.11 48.99 -8.05
N LEU M 71 -33.44 49.88 -7.34
CA LEU M 71 -31.99 49.89 -7.32
C LEU M 71 -31.49 48.71 -6.51
N GLN M 72 -30.64 47.89 -7.12
CA GLN M 72 -30.07 46.77 -6.38
C GLN M 72 -29.03 47.27 -5.38
N GLY M 73 -28.69 46.40 -4.45
CA GLY M 73 -28.06 46.78 -3.21
C GLY M 73 -28.96 46.57 -2.01
N GLY M 74 -30.25 46.31 -2.24
CA GLY M 74 -31.15 45.91 -1.19
C GLY M 74 -31.53 47.01 -0.22
N GLN M 75 -31.13 46.83 1.03
CA GLN M 75 -31.53 47.72 2.12
C GLN M 75 -30.86 49.09 1.95
N ILE M 76 -31.56 50.14 2.38
CA ILE M 76 -31.26 51.48 1.90
C ILE M 76 -29.98 52.07 2.52
N GLU M 77 -29.64 51.69 3.74
CA GLU M 77 -28.48 52.29 4.39
C GLU M 77 -27.22 51.47 4.18
N GLU M 78 -27.36 50.18 3.87
CA GLU M 78 -26.23 49.39 3.41
C GLU M 78 -25.67 49.93 2.10
N VAL M 79 -26.54 50.52 1.26
CA VAL M 79 -26.07 51.22 0.07
C VAL M 79 -25.20 52.41 0.45
N ILE M 80 -25.55 53.10 1.54
CA ILE M 80 -24.79 54.26 1.98
C ILE M 80 -23.44 53.83 2.54
N LEU M 81 -23.42 52.76 3.33
CA LEU M 81 -22.15 52.21 3.83
C LEU M 81 -21.27 51.71 2.68
N GLN M 82 -21.89 51.07 1.70
CA GLN M 82 -21.20 50.61 0.50
C GLN M 82 -20.59 51.78 -0.28
N ALA M 83 -21.30 52.90 -0.34
CA ALA M 83 -20.78 54.09 -1.00
C ALA M 83 -19.62 54.70 -0.23
N GLU M 84 -19.70 54.70 1.11
CA GLU M 84 -18.59 55.19 1.92
C GLU M 84 -17.37 54.31 1.77
N ASN M 85 -17.56 53.00 1.67
CA ASN M 85 -16.43 52.08 1.47
C ASN M 85 -15.81 52.27 0.08
N GLU M 86 -16.64 52.55 -0.93
CA GLU M 86 -16.09 52.77 -2.26
C GLU M 86 -15.35 54.10 -2.33
N LEU M 87 -15.79 55.09 -1.56
CA LEU M 87 -15.02 56.33 -1.48
C LEU M 87 -13.70 56.10 -0.77
N SER M 88 -13.69 55.22 0.24
CA SER M 88 -12.45 54.91 0.94
C SER M 88 -11.44 54.22 0.02
N LEU M 89 -11.90 53.26 -0.80
CA LEU M 89 -10.95 52.67 -1.73
C LEU M 89 -10.58 53.60 -2.87
N ALA M 90 -11.43 54.57 -3.21
CA ALA M 90 -11.02 55.56 -4.21
C ALA M 90 -9.89 56.43 -3.68
N ARG M 91 -9.98 56.83 -2.41
CA ARG M 91 -8.89 57.57 -1.78
C ARG M 91 -7.64 56.71 -1.68
N LYS M 92 -7.80 55.41 -1.43
CA LYS M 92 -6.63 54.54 -1.33
C LYS M 92 -6.02 54.23 -2.69
N MET M 93 -6.82 54.18 -3.75
CA MET M 93 -6.33 53.89 -5.09
C MET M 93 -5.91 55.13 -5.86
N ILE M 94 -6.07 56.33 -5.29
CA ILE M 94 -5.22 57.43 -5.73
C ILE M 94 -3.76 57.07 -5.52
N GLN M 95 -3.46 56.43 -4.38
CA GLN M 95 -2.15 55.84 -4.15
C GLN M 95 -2.10 54.46 -4.81
N TRP M 96 -0.99 53.75 -4.59
CA TRP M 96 -0.74 52.33 -4.87
C TRP M 96 -0.59 51.98 -6.35
N LYS M 97 -0.93 52.93 -7.24
CA LYS M 97 -0.85 52.93 -8.70
C LYS M 97 -1.10 51.57 -9.36
N PRO M 98 -2.28 50.96 -9.24
CA PRO M 98 -2.45 49.59 -9.72
C PRO M 98 -2.52 49.44 -11.23
N TRP M 99 -2.70 50.53 -11.98
CA TRP M 99 -2.81 50.43 -13.44
C TRP M 99 -1.46 50.30 -14.13
N GLU M 100 -0.37 50.39 -13.39
CA GLU M 100 0.96 50.18 -13.94
C GLU M 100 1.12 48.71 -14.34
N PRO M 101 2.09 48.40 -15.24
CA PRO M 101 2.27 47.00 -15.65
C PRO M 101 2.73 46.05 -14.54
N LEU M 102 2.88 44.77 -14.89
CA LEU M 102 3.01 43.72 -13.89
C LEU M 102 4.33 43.81 -13.15
N VAL M 103 4.26 43.53 -11.85
CA VAL M 103 5.44 43.40 -11.01
C VAL M 103 6.08 42.05 -11.35
N GLU M 104 7.29 41.82 -10.87
CA GLU M 104 8.20 40.82 -11.41
C GLU M 104 7.66 39.40 -11.31
N GLU M 105 7.79 38.65 -12.40
CA GLU M 105 7.08 37.40 -12.62
C GLU M 105 7.62 36.28 -11.73
N PRO M 106 6.83 35.23 -11.47
CA PRO M 106 7.32 34.06 -10.72
C PRO M 106 8.27 33.25 -11.58
N PRO M 107 8.93 32.22 -11.02
CA PRO M 107 9.79 31.36 -11.86
C PRO M 107 9.07 30.50 -12.90
N ALA M 108 7.74 30.60 -13.03
CA ALA M 108 6.92 30.18 -14.17
C ALA M 108 6.76 28.67 -14.29
N SER M 109 7.47 27.91 -13.46
CA SER M 109 7.26 26.47 -13.31
C SER M 109 6.55 26.19 -12.00
N GLN M 110 5.67 27.10 -11.62
CA GLN M 110 5.12 27.13 -10.26
C GLN M 110 3.63 26.90 -10.21
N TRP M 111 2.85 27.58 -11.05
CA TRP M 111 1.42 27.49 -10.90
C TRP M 111 0.82 26.23 -11.53
N LYS M 112 1.63 25.38 -12.16
CA LYS M 112 1.14 24.07 -12.56
C LYS M 112 0.89 23.23 -11.30
N TRP M 113 -0.26 22.60 -11.24
CA TRP M 113 -0.51 21.86 -10.00
C TRP M 113 0.13 20.48 -9.84
N PRO M 114 -0.12 19.49 -10.73
CA PRO M 114 -0.14 18.08 -10.28
C PRO M 114 1.19 17.49 -9.83
N ILE M 115 2.29 18.27 -9.87
CA ILE M 115 3.60 18.01 -9.27
C ILE M 115 4.17 16.61 -9.51
N THR N 14 19.25 38.89 -6.85
CA THR N 14 18.65 38.45 -5.59
C THR N 14 18.44 39.62 -4.65
N SER N 15 17.54 40.52 -5.03
CA SER N 15 17.16 41.65 -4.18
C SER N 15 16.00 41.19 -3.31
N VAL N 16 16.33 40.72 -2.11
CA VAL N 16 15.38 40.04 -1.23
C VAL N 16 14.78 41.06 -0.28
N LYS N 17 13.49 40.89 0.05
CA LYS N 17 12.89 41.76 1.07
C LYS N 17 13.38 41.37 2.46
N PRO N 18 13.69 42.33 3.31
CA PRO N 18 14.21 42.04 4.64
C PRO N 18 13.09 41.67 5.61
N ILE N 19 13.49 41.42 6.86
CA ILE N 19 12.54 41.28 7.95
C ILE N 19 12.54 42.58 8.72
N PHE N 20 13.68 42.90 9.33
CA PHE N 20 13.93 44.06 10.17
C PHE N 20 15.17 44.84 9.75
N SER N 21 16.21 44.15 9.28
CA SER N 21 17.55 44.71 9.21
C SER N 21 17.94 45.03 7.77
N ARG N 22 19.18 45.43 7.60
CA ARG N 22 19.83 45.71 6.32
C ARG N 22 21.08 44.89 6.12
N ASP N 23 21.85 44.68 7.19
CA ASP N 23 23.00 43.79 7.19
C ASP N 23 23.16 43.24 8.61
N MET N 24 24.34 42.71 8.90
CA MET N 24 24.57 42.05 10.18
C MET N 24 24.71 43.01 11.35
N ASN N 25 24.78 44.32 11.10
CA ASN N 25 25.00 45.28 12.18
C ASN N 25 23.76 45.40 13.07
N GLU N 26 22.60 45.59 12.45
CA GLU N 26 21.35 45.61 13.21
C GLU N 26 21.03 44.25 13.79
N ALA N 27 21.51 43.17 13.16
CA ALA N 27 21.37 41.84 13.70
C ALA N 27 22.13 41.69 15.02
N LYS N 28 23.38 42.16 15.05
CA LYS N 28 24.16 42.12 16.29
C LYS N 28 23.56 43.02 17.36
N ARG N 29 23.02 44.17 16.95
CA ARG N 29 22.40 45.08 17.91
C ARG N 29 21.15 44.48 18.53
N ARG N 30 20.29 43.85 17.72
CA ARG N 30 19.10 43.22 18.26
C ARG N 30 19.41 42.00 19.11
N VAL N 31 20.45 41.23 18.75
CA VAL N 31 20.72 40.05 19.56
C VAL N 31 21.38 40.44 20.87
N ARG N 32 22.15 41.55 20.91
CA ARG N 32 22.69 41.94 22.21
C ARG N 32 21.63 42.60 23.07
N GLU N 33 20.64 43.27 22.46
CA GLU N 33 19.48 43.73 23.23
C GLU N 33 18.71 42.57 23.83
N LEU N 34 18.47 41.52 23.04
CA LEU N 34 17.75 40.36 23.54
C LEU N 34 18.54 39.61 24.60
N TYR N 35 19.86 39.58 24.49
CA TYR N 35 20.66 38.93 25.53
C TYR N 35 20.64 39.74 26.82
N ARG N 36 20.61 41.07 26.71
CA ARG N 36 20.49 41.90 27.91
C ARG N 36 19.14 41.65 28.59
N ALA N 37 18.09 41.46 27.80
CA ALA N 37 16.78 41.17 28.36
C ALA N 37 16.75 39.79 29.03
N TRP N 38 17.32 38.77 28.37
CA TRP N 38 17.40 37.45 28.99
C TRP N 38 18.29 37.42 30.21
N TYR N 39 19.28 38.31 30.28
CA TYR N 39 20.12 38.34 31.47
C TYR N 39 19.35 38.94 32.64
N ARG N 40 18.61 40.02 32.40
CA ARG N 40 17.86 40.62 33.49
C ARG N 40 16.50 39.95 33.71
N GLU N 41 16.20 38.87 32.98
CA GLU N 41 14.92 38.19 33.11
C GLU N 41 14.98 36.89 33.91
N VAL N 42 16.15 36.28 34.05
CA VAL N 42 16.32 35.01 34.76
C VAL N 42 16.02 35.05 36.27
N PRO N 43 16.59 35.96 37.10
CA PRO N 43 16.43 35.77 38.56
C PRO N 43 15.01 35.97 39.05
N ASN N 44 14.24 36.82 38.36
CA ASN N 44 12.81 36.95 38.64
C ASN N 44 12.09 35.62 38.43
N THR N 45 12.41 34.91 37.34
CA THR N 45 11.72 33.65 37.07
C THR N 45 12.18 32.55 38.01
N VAL N 46 13.47 32.52 38.38
CA VAL N 46 13.92 31.46 39.27
C VAL N 46 13.46 31.73 40.70
N HIS N 47 13.11 32.98 41.04
CA HIS N 47 12.40 33.19 42.29
C HIS N 47 10.92 32.86 42.17
N LEU N 48 10.34 33.09 40.99
CA LEU N 48 8.90 32.96 40.83
C LEU N 48 8.45 31.50 40.72
N PHE N 49 9.00 30.77 39.75
CA PHE N 49 8.52 29.42 39.48
C PHE N 49 9.05 28.38 40.45
N GLN N 50 9.87 28.79 41.42
CA GLN N 50 10.39 27.94 42.49
C GLN N 50 11.20 26.78 41.94
N LEU N 51 12.23 27.12 41.18
CA LEU N 51 13.10 26.12 40.57
C LEU N 51 14.11 25.63 41.60
N ASP N 52 15.11 24.89 41.14
CA ASP N 52 16.08 24.26 42.01
C ASP N 52 17.52 24.55 41.60
N ILE N 53 17.72 25.56 40.76
CA ILE N 53 18.99 25.80 40.09
C ILE N 53 19.41 27.23 40.39
N SER N 54 20.68 27.42 40.74
CA SER N 54 21.22 28.74 41.04
C SER N 54 21.18 29.64 39.82
N VAL N 55 21.30 30.94 40.08
CA VAL N 55 21.15 31.95 39.03
C VAL N 55 22.29 31.88 38.03
N LYS N 56 23.49 31.53 38.50
CA LYS N 56 24.67 31.52 37.64
C LYS N 56 24.60 30.40 36.61
N GLN N 57 24.08 29.24 37.00
CA GLN N 57 23.91 28.14 36.05
C GLN N 57 22.86 28.47 35.00
N GLY N 58 21.78 29.13 35.42
CA GLY N 58 20.77 29.57 34.47
C GLY N 58 21.30 30.58 33.47
N ARG N 59 22.10 31.54 33.94
CA ARG N 59 22.72 32.50 33.05
C ARG N 59 23.74 31.84 32.13
N ASP N 60 24.46 30.83 32.63
CA ASP N 60 25.41 30.10 31.79
C ASP N 60 24.69 29.32 30.71
N LYS N 61 23.52 28.76 31.00
CA LYS N 61 22.85 28.05 29.93
C LYS N 61 22.10 28.99 28.99
N VAL N 62 21.72 30.19 29.45
CA VAL N 62 21.21 31.20 28.52
C VAL N 62 22.28 31.62 27.53
N ARG N 63 23.48 31.92 28.03
CA ARG N 63 24.56 32.26 27.11
C ARG N 63 25.05 31.05 26.32
N GLU N 64 24.79 29.84 26.80
CA GLU N 64 25.06 28.66 25.97
C GLU N 64 24.06 28.56 24.81
N MET N 65 22.78 28.87 25.07
CA MET N 65 21.79 28.89 24.00
C MET N 65 22.08 30.00 22.99
N PHE N 66 22.68 31.10 23.44
CA PHE N 66 23.11 32.10 22.47
C PHE N 66 24.39 31.71 21.75
N LYS N 67 25.26 30.93 22.37
CA LYS N 67 26.46 30.44 21.69
C LYS N 67 26.20 29.23 20.80
N LYS N 68 25.01 28.64 20.88
CA LYS N 68 24.71 27.46 20.05
C LYS N 68 24.56 27.84 18.59
N ASN N 69 23.94 28.97 18.31
CA ASN N 69 23.63 29.39 16.94
C ASN N 69 24.67 30.34 16.40
N ALA N 70 25.94 30.16 16.77
CA ALA N 70 26.96 31.17 16.52
C ALA N 70 27.44 31.22 15.07
N HIS N 71 27.23 30.15 14.30
CA HIS N 71 27.70 30.09 12.92
C HIS N 71 26.67 30.60 11.92
N VAL N 72 25.62 31.26 12.38
CA VAL N 72 24.58 31.78 11.49
C VAL N 72 25.04 33.13 10.96
N THR N 73 24.94 33.31 9.64
CA THR N 73 25.44 34.51 8.99
C THR N 73 24.37 35.33 8.29
N ASP N 74 23.27 34.73 7.85
CA ASP N 74 22.30 35.44 7.04
C ASP N 74 21.47 36.38 7.91
N PRO N 75 21.25 37.63 7.47
CA PRO N 75 20.60 38.61 8.36
C PRO N 75 19.13 38.35 8.60
N ARG N 76 18.41 37.80 7.61
CA ARG N 76 17.01 37.44 7.81
C ARG N 76 16.87 36.33 8.84
N VAL N 77 17.81 35.39 8.84
CA VAL N 77 17.75 34.27 9.77
C VAL N 77 18.00 34.76 11.20
N VAL N 78 18.96 35.67 11.37
CA VAL N 78 19.23 36.22 12.69
C VAL N 78 18.06 37.07 13.16
N ASP N 79 17.39 37.77 12.25
CA ASP N 79 16.18 38.51 12.60
C ASP N 79 15.08 37.57 13.07
N LEU N 80 14.93 36.43 12.41
CA LEU N 80 13.87 35.50 12.79
C LEU N 80 14.21 34.80 14.12
N LEU N 81 15.49 34.55 14.39
CA LEU N 81 15.88 34.03 15.70
C LEU N 81 15.64 35.05 16.81
N VAL N 82 15.87 36.33 16.53
CA VAL N 82 15.55 37.39 17.48
C VAL N 82 14.06 37.40 17.78
N ILE N 83 13.23 37.18 16.76
CA ILE N 83 11.78 37.12 16.95
C ILE N 83 11.38 35.92 17.80
N LYS N 84 12.01 34.76 17.57
CA LYS N 84 11.75 33.57 18.38
C LYS N 84 12.12 33.80 19.85
N GLY N 85 13.31 34.35 20.09
CA GLY N 85 13.74 34.62 21.44
C GLY N 85 12.88 35.66 22.14
N LYS N 86 12.40 36.66 21.40
CA LYS N 86 11.56 37.68 22.02
C LYS N 86 10.18 37.13 22.36
N MET N 87 9.64 36.25 21.52
CA MET N 87 8.39 35.57 21.83
C MET N 87 8.51 34.71 23.08
N GLU N 88 9.60 33.93 23.18
CA GLU N 88 9.74 33.09 24.36
C GLU N 88 10.08 33.90 25.61
N LEU N 89 10.75 35.04 25.47
CA LEU N 89 10.98 35.88 26.63
C LEU N 89 9.70 36.54 27.10
N GLU N 90 8.80 36.89 26.18
CA GLU N 90 7.50 37.39 26.60
C GLU N 90 6.67 36.31 27.28
N GLU N 91 6.74 35.08 26.78
CA GLU N 91 6.00 33.99 27.41
C GLU N 91 6.61 33.55 28.73
N THR N 92 7.88 33.86 29.00
CA THR N 92 8.43 33.58 30.32
C THR N 92 8.32 34.75 31.28
N ILE N 93 8.25 35.99 30.79
CA ILE N 93 8.02 37.10 31.71
C ILE N 93 6.54 37.15 32.09
N ASN N 94 5.67 36.63 31.24
CA ASN N 94 4.34 36.29 31.73
C ASN N 94 4.41 34.96 32.46
N VAL N 95 3.31 34.59 33.10
CA VAL N 95 3.32 33.44 34.00
C VAL N 95 2.59 32.32 33.27
N TRP N 96 2.62 32.39 31.93
CA TRP N 96 1.90 31.43 31.11
C TRP N 96 2.60 30.08 31.11
N LYS N 97 3.92 30.08 30.90
CA LYS N 97 4.66 28.83 30.93
C LYS N 97 4.83 28.37 32.37
N GLN N 98 4.80 27.07 32.56
CA GLN N 98 4.80 26.50 33.89
C GLN N 98 6.22 26.09 34.29
N ARG N 99 6.34 25.39 35.42
CA ARG N 99 7.62 24.90 35.89
C ARG N 99 8.17 23.82 34.96
N THR N 100 7.26 23.08 34.33
CA THR N 100 7.64 21.96 33.46
C THR N 100 8.44 22.42 32.26
N HIS N 101 8.02 23.50 31.60
CA HIS N 101 8.69 23.92 30.37
C HIS N 101 10.04 24.57 30.67
N VAL N 102 10.12 25.31 31.77
CA VAL N 102 11.37 25.96 32.13
C VAL N 102 12.39 24.92 32.59
N MET N 103 11.94 23.85 33.25
CA MET N 103 12.86 22.75 33.51
C MET N 103 13.13 21.92 32.26
N ARG N 104 12.24 21.98 31.26
CA ARG N 104 12.46 21.27 30.02
C ARG N 104 13.53 21.94 29.17
N PHE N 105 13.77 23.23 29.36
CA PHE N 105 14.95 23.87 28.78
C PHE N 105 16.25 23.24 29.26
N PHE N 106 16.29 22.78 30.51
CA PHE N 106 17.50 22.14 31.02
C PHE N 106 17.53 20.69 30.56
N HIS N 107 18.52 19.93 31.03
CA HIS N 107 18.61 18.50 30.72
C HIS N 107 19.13 17.79 31.96
N GLU N 108 18.21 17.35 32.82
CA GLU N 108 18.55 16.59 34.02
C GLU N 108 18.23 15.11 33.90
N THR N 109 17.39 14.72 32.94
CA THR N 109 16.93 13.34 32.80
C THR N 109 17.34 12.76 31.45
N GLU N 110 18.56 13.03 31.01
CA GLU N 110 19.03 12.44 29.77
C GLU N 110 19.65 11.07 29.99
N ALA N 111 20.51 10.94 31.03
CA ALA N 111 21.55 9.92 31.14
C ALA N 111 22.31 9.93 29.83
N PRO N 112 23.12 10.97 29.59
CA PRO N 112 23.47 11.35 28.21
C PRO N 112 24.39 10.34 27.53
N ARG N 113 24.14 10.14 26.24
CA ARG N 113 24.92 9.20 25.48
C ARG N 113 26.30 9.78 25.20
N PRO N 114 27.36 8.99 25.34
CA PRO N 114 28.72 9.52 25.13
C PRO N 114 29.05 9.73 23.67
N LYS N 115 30.21 10.33 23.39
CA LYS N 115 30.58 10.69 22.04
C LYS N 115 31.84 10.02 21.56
N ASP N 116 32.49 9.20 22.40
CA ASP N 116 33.63 8.43 21.95
C ASP N 116 33.18 7.32 21.02
N PHE N 117 34.07 6.92 20.12
CA PHE N 117 33.75 5.85 19.19
C PHE N 117 33.63 4.51 19.88
N LEU N 118 34.36 4.32 20.97
CA LEU N 118 34.42 3.02 21.62
C LEU N 118 33.14 2.72 22.39
N SER N 119 32.62 3.70 23.14
CA SER N 119 31.37 3.47 23.83
C SER N 119 30.17 3.55 22.90
N LYS N 120 30.32 4.19 21.74
CA LYS N 120 29.33 4.02 20.68
C LYS N 120 29.48 2.66 19.99
N PHE N 121 30.61 2.00 20.16
CA PHE N 121 30.76 0.67 19.60
C PHE N 121 30.18 -0.40 20.51
N TYR N 122 30.28 -0.22 21.83
CA TYR N 122 29.68 -1.22 22.71
C TYR N 122 28.15 -1.17 22.72
N VAL N 123 27.55 -0.03 22.36
CA VAL N 123 26.11 0.05 22.11
C VAL N 123 25.99 0.51 20.66
N GLY N 124 25.94 -0.44 19.75
CA GLY N 124 26.25 -0.18 18.36
C GLY N 124 25.07 0.18 17.50
N HIS N 125 25.26 0.00 16.18
CA HIS N 125 24.34 0.40 15.11
C HIS N 125 24.03 1.90 15.17
N ASP N 126 25.00 2.70 15.61
CA ASP N 126 24.79 4.11 15.93
C ASP N 126 25.92 4.93 15.33
N PRO N 127 25.76 5.40 14.08
CA PRO N 127 26.77 6.28 13.46
C PRO N 127 26.68 7.73 13.94
N ALA O 1 -48.11 5.65 31.44
CA ALA O 1 -49.49 5.46 31.87
C ALA O 1 -49.56 4.49 33.03
N SER O 2 -50.73 3.84 33.17
CA SER O 2 -51.04 2.89 34.25
C SER O 2 -50.84 3.51 35.63
N ALA O 3 -51.22 4.77 35.76
CA ALA O 3 -51.20 5.49 37.02
C ALA O 3 -52.62 5.80 37.45
N THR O 4 -52.79 6.12 38.73
CA THR O 4 -54.11 6.37 39.28
C THR O 4 -54.61 7.75 38.87
N ARG O 5 -55.84 8.07 39.28
CA ARG O 5 -56.53 9.23 38.74
C ARG O 5 -56.12 10.53 39.40
N LEU O 6 -55.77 10.50 40.70
CA LEU O 6 -55.54 11.73 41.45
C LEU O 6 -54.23 12.39 41.04
N ILE O 7 -53.16 11.60 40.95
CA ILE O 7 -51.87 12.15 40.52
C ILE O 7 -51.91 12.50 39.04
N GLN O 8 -52.73 11.81 38.26
CA GLN O 8 -52.96 12.19 36.87
C GLN O 8 -53.64 13.56 36.77
N GLY O 9 -54.62 13.81 37.62
CA GLY O 9 -55.28 15.11 37.63
C GLY O 9 -54.37 16.21 38.10
N LEU O 10 -53.50 15.92 39.08
CA LEU O 10 -52.56 16.95 39.53
C LEU O 10 -51.46 17.20 38.50
N ARG O 11 -51.07 16.19 37.72
CA ARG O 11 -50.17 16.45 36.59
C ARG O 11 -50.85 17.29 35.53
N ASN O 12 -52.15 17.06 35.30
CA ASN O 12 -52.85 17.84 34.29
C ASN O 12 -53.10 19.28 34.75
N TRP O 13 -53.24 19.49 36.05
CA TRP O 13 -53.52 20.81 36.59
C TRP O 13 -52.27 21.65 36.83
N ALA O 14 -51.19 21.02 37.28
CA ALA O 14 -49.94 21.74 37.48
C ALA O 14 -49.28 22.14 36.16
N SER O 15 -49.67 21.51 35.06
CA SER O 15 -49.23 21.92 33.73
C SER O 15 -50.36 21.62 32.77
N GLY O 16 -51.04 22.66 32.31
CA GLY O 16 -52.24 22.49 31.51
C GLY O 16 -51.99 22.12 30.06
N ARG O 17 -51.53 20.89 29.82
CA ARG O 17 -51.32 20.39 28.48
C ARG O 17 -52.13 19.14 28.16
N ASP O 18 -52.93 18.66 29.11
CA ASP O 18 -53.57 17.35 29.07
C ASP O 18 -52.52 16.26 28.83
N LEU O 19 -51.65 16.10 29.84
CA LEU O 19 -50.35 15.46 29.70
C LEU O 19 -50.44 13.95 29.46
N GLN O 20 -51.62 13.34 29.62
CA GLN O 20 -51.69 11.88 29.63
C GLN O 20 -51.48 11.28 28.24
N ALA O 21 -51.97 11.97 27.20
CA ALA O 21 -51.95 11.39 25.85
C ALA O 21 -50.55 11.33 25.27
N LYS O 22 -49.71 12.32 25.57
CA LYS O 22 -48.33 12.34 25.11
C LYS O 22 -47.45 12.58 26.33
N LEU O 23 -46.68 11.58 26.73
CA LEU O 23 -45.91 11.69 27.96
C LEU O 23 -44.48 11.19 27.87
N GLN O 24 -44.07 10.66 26.71
CA GLN O 24 -42.73 10.13 26.44
C GLN O 24 -42.34 9.03 27.45
N LEU O 25 -43.14 7.98 27.44
CA LEU O 25 -42.71 6.64 27.80
C LEU O 25 -43.30 5.76 26.71
N ARG O 26 -42.46 5.05 25.98
CA ARG O 26 -42.93 4.27 24.85
C ARG O 26 -43.33 2.86 25.31
N TYR O 27 -44.58 2.49 25.02
CA TYR O 27 -45.16 1.25 25.54
C TYR O 27 -45.48 0.25 24.44
N GLN O 28 -46.26 0.63 23.44
CA GLN O 28 -46.72 -0.31 22.43
C GLN O 28 -46.26 -0.01 21.02
N GLU O 29 -45.90 1.23 20.69
CA GLU O 29 -45.46 1.57 19.34
C GLU O 29 -43.94 1.57 19.24
N ILE O 30 -43.27 0.76 20.07
CA ILE O 30 -41.94 0.30 19.71
C ILE O 30 -42.09 -0.59 18.48
N SER O 31 -41.22 -0.37 17.49
CA SER O 31 -41.25 -1.18 16.28
C SER O 31 -40.94 -2.64 16.61
N LYS O 32 -41.78 -3.53 16.09
CA LYS O 32 -41.68 -4.95 16.40
C LYS O 32 -40.39 -5.51 15.81
N ARG O 33 -39.49 -5.94 16.68
CA ARG O 33 -38.19 -6.42 16.26
C ARG O 33 -38.32 -7.81 15.64
N THR O 34 -37.22 -8.26 15.02
CA THR O 34 -37.17 -9.39 14.09
C THR O 34 -38.25 -9.25 13.00
N GLN O 35 -38.05 -8.21 12.21
CA GLN O 35 -38.86 -7.95 11.03
C GLN O 35 -38.63 -9.04 9.98
N PRO O 36 -39.55 -9.19 9.02
CA PRO O 36 -39.31 -10.10 7.90
C PRO O 36 -38.11 -9.65 7.09
N PRO O 37 -37.39 -10.58 6.47
CA PRO O 37 -36.12 -10.24 5.81
C PRO O 37 -36.35 -9.47 4.52
N PRO O 38 -35.55 -8.44 4.26
CA PRO O 38 -35.80 -7.57 3.12
C PRO O 38 -35.10 -8.01 1.85
N LYS O 39 -35.74 -7.69 0.73
CA LYS O 39 -35.15 -7.80 -0.60
C LYS O 39 -34.86 -6.39 -1.09
N LEU O 40 -33.60 -6.11 -1.35
CA LEU O 40 -33.24 -4.75 -1.68
C LEU O 40 -33.19 -4.56 -3.18
N PRO O 41 -33.82 -3.52 -3.72
CA PRO O 41 -33.79 -3.31 -5.17
C PRO O 41 -32.46 -2.76 -5.63
N VAL O 42 -32.25 -2.85 -6.94
CA VAL O 42 -31.07 -2.31 -7.61
C VAL O 42 -31.53 -1.21 -8.54
N GLY O 43 -30.87 -0.06 -8.47
CA GLY O 43 -31.29 1.12 -9.21
C GLY O 43 -30.81 1.14 -10.64
N PRO O 44 -30.62 2.34 -11.20
CA PRO O 44 -30.25 2.47 -12.62
C PRO O 44 -28.84 2.02 -12.98
N SER O 45 -28.53 0.76 -12.68
CA SER O 45 -27.37 0.08 -13.22
C SER O 45 -27.89 -1.30 -13.61
N HIS O 46 -26.97 -2.23 -13.91
CA HIS O 46 -27.18 -3.67 -14.06
C HIS O 46 -28.04 -4.05 -15.27
N ARG O 47 -28.57 -3.06 -15.99
CA ARG O 47 -29.36 -3.35 -17.18
C ARG O 47 -28.43 -3.79 -18.29
N LEU O 48 -28.69 -4.98 -18.83
CA LEU O 48 -27.76 -5.61 -19.74
C LEU O 48 -27.88 -4.94 -21.11
N SER O 49 -26.73 -4.77 -21.77
CA SER O 49 -26.56 -4.19 -23.12
C SER O 49 -26.83 -2.69 -23.17
N ASN O 50 -26.60 -1.98 -22.07
CA ASN O 50 -26.36 -0.56 -22.20
C ASN O 50 -25.25 -0.10 -21.28
N ASN O 51 -24.81 -0.91 -20.33
CA ASN O 51 -23.88 -0.49 -19.29
C ASN O 51 -22.43 -0.48 -19.78
N TYR O 52 -22.18 0.32 -20.80
CA TYR O 52 -20.81 0.69 -21.14
C TYR O 52 -20.32 1.71 -20.12
N TYR O 53 -19.15 1.45 -19.54
CA TYR O 53 -18.63 2.36 -18.53
C TYR O 53 -18.12 3.66 -19.15
N CYS O 54 -17.88 3.69 -20.47
CA CYS O 54 -17.50 4.92 -21.14
C CYS O 54 -18.60 5.97 -21.10
N ALA O 55 -19.86 5.55 -20.96
CA ALA O 55 -20.96 6.50 -20.88
C ALA O 55 -20.96 7.21 -19.54
N ARG O 56 -21.13 6.48 -18.45
CA ARG O 56 -21.21 7.08 -17.12
C ARG O 56 -19.84 7.14 -16.43
N ASP O 57 -18.83 7.62 -17.17
CA ASP O 57 -17.47 7.68 -16.64
C ASP O 57 -17.28 9.01 -15.91
N GLY O 58 -17.87 9.08 -14.72
CA GLY O 58 -17.93 10.33 -13.99
C GLY O 58 -16.58 10.81 -13.47
N ARG O 59 -15.64 9.89 -13.28
CA ARG O 59 -14.30 10.28 -12.85
C ARG O 59 -13.54 10.94 -13.99
N ARG O 60 -13.62 10.39 -15.20
CA ARG O 60 -12.84 10.91 -16.31
C ARG O 60 -13.47 12.14 -16.96
N GLU O 61 -14.67 12.54 -16.56
CA GLU O 61 -15.23 13.78 -17.10
C GLU O 61 -14.62 15.02 -16.49
N ALA O 62 -13.85 14.87 -15.41
CA ALA O 62 -13.26 16.02 -14.71
C ALA O 62 -12.16 16.61 -15.56
N MET O 63 -12.48 17.68 -16.27
CA MET O 63 -11.53 18.38 -17.10
C MET O 63 -10.55 19.18 -16.26
N PRO O 64 -9.36 19.49 -16.78
CA PRO O 64 -8.45 20.38 -16.07
C PRO O 64 -9.01 21.78 -16.01
N PRO O 65 -8.62 22.58 -15.02
CA PRO O 65 -9.23 23.91 -14.85
C PRO O 65 -8.79 24.88 -15.95
N SER O 66 -9.76 25.55 -16.54
CA SER O 66 -9.45 26.51 -17.58
C SER O 66 -8.96 27.82 -16.95
N ILE O 67 -8.20 28.59 -17.73
CA ILE O 67 -7.61 29.84 -17.27
C ILE O 67 -7.87 30.91 -18.31
N VAL O 68 -7.82 32.17 -17.89
CA VAL O 68 -6.93 33.06 -18.64
C VAL O 68 -5.99 33.78 -17.69
N MET O 69 -6.35 35.03 -17.36
CA MET O 69 -5.35 36.10 -17.40
C MET O 69 -4.21 35.87 -16.40
N SER O 70 -3.02 36.32 -16.77
CA SER O 70 -1.80 35.53 -16.68
C SER O 70 -0.65 36.39 -16.17
N SER O 71 0.55 35.89 -16.49
CA SER O 71 1.83 36.57 -16.43
C SER O 71 2.48 36.66 -17.81
N GLN O 72 2.51 35.56 -18.55
CA GLN O 72 3.11 35.51 -19.88
C GLN O 72 2.28 36.32 -20.89
N SER O 89 -19.12 53.24 -24.41
CA SER O 89 -19.53 52.50 -25.59
C SER O 89 -19.35 51.01 -25.39
N GLU O 90 -19.09 50.62 -24.14
CA GLU O 90 -18.86 49.21 -23.77
C GLU O 90 -19.62 48.93 -22.48
N LYS O 91 -20.86 48.45 -22.63
CA LYS O 91 -21.67 48.08 -21.46
C LYS O 91 -21.08 46.83 -20.81
N LYS O 92 -20.48 47.02 -19.65
CA LYS O 92 -19.53 46.09 -19.04
C LYS O 92 -19.68 46.20 -17.53
N ALA O 93 -18.60 45.84 -16.81
CA ALA O 93 -18.52 45.82 -15.34
C ALA O 93 -19.53 44.84 -14.75
N VAL O 94 -19.32 43.57 -15.09
CA VAL O 94 -20.22 42.50 -14.71
C VAL O 94 -20.06 42.16 -13.24
N SER O 95 -21.12 41.63 -12.67
CA SER O 95 -21.11 41.04 -11.34
C SER O 95 -20.85 39.53 -11.46
N PRO O 96 -20.36 38.88 -10.40
CA PRO O 96 -20.18 37.43 -10.46
C PRO O 96 -21.47 36.64 -10.59
N ALA O 97 -22.60 37.22 -10.19
CA ALA O 97 -23.89 36.57 -10.22
C ALA O 97 -24.95 37.66 -10.28
N PRO O 98 -26.17 37.34 -10.69
CA PRO O 98 -27.28 38.28 -10.52
C PRO O 98 -27.49 38.59 -9.05
N PRO O 99 -27.83 39.82 -8.71
CA PRO O 99 -27.95 40.20 -7.29
C PRO O 99 -29.11 39.49 -6.61
N ILE O 100 -28.95 39.27 -5.31
CA ILE O 100 -29.81 38.35 -4.58
C ILE O 100 -31.05 39.09 -4.11
N LYS O 101 -32.20 38.48 -4.34
CA LYS O 101 -33.49 39.08 -4.03
C LYS O 101 -33.70 39.16 -2.52
N ARG O 102 -34.31 40.27 -2.08
CA ARG O 102 -34.76 40.38 -0.70
C ARG O 102 -35.87 39.37 -0.45
N TRP O 103 -35.80 38.70 0.70
CA TRP O 103 -36.77 37.67 1.04
C TRP O 103 -38.11 38.29 1.47
N GLU O 104 -39.06 37.43 1.78
CA GLU O 104 -40.38 37.84 2.26
C GLU O 104 -40.68 37.09 3.54
N LEU O 105 -41.48 37.71 4.41
CA LEU O 105 -41.99 37.05 5.61
C LEU O 105 -42.77 35.81 5.24
N SER O 106 -42.51 34.71 5.94
CA SER O 106 -43.31 33.51 5.77
C SER O 106 -44.67 33.71 6.41
N GLN O 107 -45.61 32.84 6.06
CA GLN O 107 -46.98 33.00 6.51
C GLN O 107 -47.29 32.22 7.78
N ASP O 108 -46.48 31.21 8.11
CA ASP O 108 -46.70 30.39 9.30
C ASP O 108 -46.29 31.17 10.55
N GLU O 109 -47.18 32.10 10.97
CA GLU O 109 -47.09 32.93 12.16
C GLU O 109 -45.78 33.73 12.21
N PRO O 110 -45.69 34.84 11.47
CA PRO O 110 -44.40 35.55 11.32
C PRO O 110 -43.83 36.09 12.63
N TYR O 111 -44.67 36.60 13.52
CA TYR O 111 -44.24 37.09 14.81
C TYR O 111 -44.65 36.07 15.86
N LEU O 112 -43.74 35.15 16.18
CA LEU O 112 -44.03 34.12 17.17
C LEU O 112 -44.08 34.73 18.57
N LEU P 7 -51.54 0.13 46.19
CA LEU P 7 -52.65 0.38 47.10
C LEU P 7 -53.26 -0.93 47.58
N LYS P 8 -53.41 -1.88 46.67
CA LYS P 8 -53.83 -3.23 47.00
C LYS P 8 -52.96 -4.29 46.32
N ARG P 9 -52.19 -3.90 45.30
CA ARG P 9 -51.19 -4.80 44.74
C ARG P 9 -50.13 -5.18 45.76
N GLY P 10 -49.80 -4.26 46.68
CA GLY P 10 -48.67 -4.46 47.57
C GLY P 10 -48.84 -5.59 48.57
N LEU P 11 -50.09 -5.94 48.89
CA LEU P 11 -50.33 -7.17 49.62
C LEU P 11 -50.11 -8.38 48.73
N GLN P 12 -50.69 -8.36 47.53
CA GLN P 12 -50.56 -9.46 46.59
C GLN P 12 -49.25 -9.44 45.82
N GLN P 13 -48.45 -8.37 45.96
CA GLN P 13 -47.09 -8.41 45.44
C GLN P 13 -46.16 -9.11 46.42
N VAL P 14 -46.42 -8.98 47.72
CA VAL P 14 -45.66 -9.73 48.72
C VAL P 14 -46.14 -11.17 48.78
N SER P 15 -47.46 -11.37 48.87
CA SER P 15 -48.01 -12.72 49.02
C SER P 15 -47.87 -13.57 47.76
N GLY P 16 -47.67 -12.93 46.59
CA GLY P 16 -47.40 -13.70 45.39
C GLY P 16 -45.94 -14.00 45.18
N HIS P 17 -45.05 -13.12 45.65
CA HIS P 17 -43.62 -13.31 45.46
C HIS P 17 -43.08 -14.44 46.33
N GLY P 18 -43.72 -14.71 47.46
CA GLY P 18 -43.22 -15.70 48.39
C GLY P 18 -43.47 -15.32 49.84
N GLY P 19 -43.92 -14.09 50.06
CA GLY P 19 -44.28 -13.65 51.40
C GLY P 19 -43.21 -12.84 52.09
N LEU P 20 -42.97 -13.14 53.36
CA LEU P 20 -41.93 -12.45 54.11
C LEU P 20 -40.54 -12.82 53.64
N ARG P 21 -40.37 -14.03 53.10
CA ARG P 21 -39.04 -14.58 52.87
C ARG P 21 -38.39 -14.02 51.62
N GLY P 22 -39.00 -14.26 50.45
CA GLY P 22 -38.36 -13.89 49.20
C GLY P 22 -38.43 -12.41 48.89
N TYR P 23 -39.49 -11.74 49.35
CA TYR P 23 -39.68 -10.32 49.05
C TYR P 23 -38.63 -9.45 49.72
N LEU P 24 -38.06 -9.91 50.83
CA LEU P 24 -37.01 -9.16 51.51
C LEU P 24 -35.64 -9.50 50.94
N ARG P 25 -35.45 -10.74 50.50
CA ARG P 25 -34.18 -11.17 49.93
C ARG P 25 -33.88 -10.45 48.63
N VAL P 26 -34.85 -10.42 47.71
CA VAL P 26 -34.64 -9.71 46.44
C VAL P 26 -34.72 -8.20 46.63
N LEU P 27 -35.29 -7.73 47.74
CA LEU P 27 -35.23 -6.30 48.06
C LEU P 27 -33.81 -5.90 48.43
N PHE P 28 -33.20 -6.63 49.36
CA PHE P 28 -31.80 -6.37 49.70
C PHE P 28 -30.83 -6.88 48.64
N ARG P 29 -31.29 -7.54 47.57
CA ARG P 29 -30.34 -7.98 46.56
C ARG P 29 -29.84 -6.81 45.73
N ALA P 30 -30.68 -6.19 44.90
CA ALA P 30 -30.29 -4.85 44.44
C ALA P 30 -31.34 -3.77 44.64
N ASN P 31 -32.44 -3.81 43.87
CA ASN P 31 -33.36 -2.68 43.93
C ASN P 31 -34.86 -2.97 43.91
N ASP P 32 -35.31 -3.89 43.06
CA ASP P 32 -36.69 -3.81 42.55
C ASP P 32 -37.48 -5.08 42.81
N VAL P 33 -38.82 -4.91 42.78
CA VAL P 33 -39.77 -5.92 43.21
C VAL P 33 -40.89 -6.18 42.19
N ARG P 34 -40.60 -6.01 40.90
CA ARG P 34 -41.65 -6.05 39.87
C ARG P 34 -42.04 -7.46 39.42
N VAL P 35 -41.76 -8.48 40.23
CA VAL P 35 -41.92 -9.88 39.84
C VAL P 35 -43.41 -10.21 39.62
N GLY P 36 -43.67 -11.21 38.76
CA GLY P 36 -45.05 -11.57 38.45
C GLY P 36 -45.32 -12.11 37.06
N THR P 37 -44.30 -12.24 36.21
CA THR P 37 -44.51 -12.74 34.86
C THR P 37 -44.00 -14.15 34.60
N LEU P 38 -42.85 -14.54 35.17
CA LEU P 38 -42.35 -15.93 35.24
C LEU P 38 -42.15 -16.55 33.86
N VAL P 39 -41.18 -16.01 33.12
CA VAL P 39 -40.91 -16.55 31.78
C VAL P 39 -40.11 -17.83 31.87
N GLY P 40 -38.92 -17.79 32.46
CA GLY P 40 -38.17 -19.04 32.48
C GLY P 40 -36.84 -19.06 33.20
N GLU P 41 -36.54 -20.18 33.86
CA GLU P 41 -35.29 -20.31 34.57
C GLU P 41 -34.23 -20.86 33.62
N ASP P 42 -33.02 -21.04 34.14
CA ASP P 42 -31.90 -21.44 33.30
C ASP P 42 -30.82 -22.08 34.15
N LYS P 43 -30.20 -23.11 33.56
CA LYS P 43 -28.94 -23.69 34.00
C LYS P 43 -27.92 -22.59 34.29
N TYR P 44 -27.14 -22.82 35.36
CA TYR P 44 -26.53 -21.83 36.26
C TYR P 44 -27.60 -21.12 37.10
N GLY P 45 -28.79 -21.71 37.18
CA GLY P 45 -29.80 -21.33 38.15
C GLY P 45 -30.61 -20.09 37.83
N ASN P 46 -30.11 -19.19 36.99
CA ASN P 46 -30.67 -17.84 36.97
C ASN P 46 -31.97 -17.77 36.20
N LYS P 47 -32.82 -16.82 36.59
CA LYS P 47 -34.17 -16.74 36.05
C LYS P 47 -34.33 -15.48 35.20
N TYR P 48 -35.23 -15.56 34.22
CA TYR P 48 -35.48 -14.48 33.28
C TYR P 48 -36.97 -14.18 33.28
N TYR P 49 -37.32 -12.91 33.52
CA TYR P 49 -38.69 -12.46 33.67
C TYR P 49 -38.95 -11.32 32.70
N GLU P 50 -39.88 -11.54 31.75
CA GLU P 50 -40.27 -10.53 30.77
C GLU P 50 -41.66 -10.02 31.12
N ASP P 51 -41.74 -8.77 31.56
CA ASP P 51 -43.03 -8.14 31.80
C ASP P 51 -43.38 -7.27 30.60
N ASN P 52 -44.69 -7.16 30.35
CA ASN P 52 -45.20 -6.47 29.17
C ASN P 52 -45.77 -5.10 29.47
N LYS P 53 -46.24 -4.87 30.69
CA LYS P 53 -46.97 -3.63 30.99
C LYS P 53 -46.07 -2.42 31.15
N GLN P 54 -44.85 -2.59 31.67
CA GLN P 54 -43.98 -1.44 31.88
C GLN P 54 -43.36 -1.00 30.56
N PHE P 55 -42.70 0.17 30.61
CA PHE P 55 -42.23 0.85 29.41
C PHE P 55 -40.98 0.17 28.86
N PHE P 56 -40.52 0.69 27.72
CA PHE P 56 -39.42 0.08 26.98
C PHE P 56 -38.11 0.37 27.71
N GLY P 57 -37.55 -0.67 28.31
CA GLY P 57 -36.38 -0.53 29.15
C GLY P 57 -36.54 -1.41 30.38
N ARG P 58 -37.80 -1.62 30.77
CA ARG P 58 -38.16 -2.49 31.87
C ARG P 58 -38.99 -3.67 31.38
N HIS P 59 -38.75 -4.10 30.15
CA HIS P 59 -39.38 -5.32 29.64
C HIS P 59 -38.87 -6.56 30.36
N ARG P 60 -37.56 -6.76 30.31
CA ARG P 60 -36.94 -8.05 30.64
C ARG P 60 -35.89 -7.83 31.71
N TRP P 61 -36.03 -8.53 32.84
CA TRP P 61 -34.99 -8.51 33.84
C TRP P 61 -34.54 -9.94 34.17
N VAL P 62 -33.40 -10.01 34.84
CA VAL P 62 -32.77 -11.26 35.22
C VAL P 62 -32.62 -11.27 36.74
N ILE P 63 -32.79 -12.44 37.34
CA ILE P 63 -32.50 -12.65 38.75
C ILE P 63 -31.41 -13.71 38.83
N TYR P 64 -30.25 -13.33 39.35
CA TYR P 64 -29.11 -14.22 39.45
C TYR P 64 -29.24 -15.08 40.70
N THR P 65 -28.69 -16.28 40.62
CA THR P 65 -28.65 -17.19 41.75
C THR P 65 -27.23 -17.34 42.27
N THR P 66 -27.12 -17.92 43.44
CA THR P 66 -25.84 -18.16 44.07
C THR P 66 -25.20 -19.43 43.51
N GLU P 67 -23.88 -19.53 43.70
CA GLU P 67 -23.10 -20.74 43.46
C GLU P 67 -23.15 -21.18 42.00
N MET P 68 -22.67 -20.30 41.12
CA MET P 68 -22.54 -20.62 39.70
C MET P 68 -21.12 -21.02 39.30
N ASN P 69 -20.10 -20.50 40.01
CA ASN P 69 -18.74 -20.98 39.84
C ASN P 69 -18.04 -21.05 41.18
N GLY P 70 -18.79 -21.03 42.28
CA GLY P 70 -18.21 -21.03 43.61
C GLY P 70 -17.55 -19.71 43.94
N LYS P 71 -18.26 -18.62 43.72
CA LYS P 71 -17.71 -17.28 43.92
C LYS P 71 -18.42 -16.48 44.99
N ASN P 72 -19.41 -17.08 45.68
CA ASN P 72 -20.28 -16.42 46.65
C ASN P 72 -20.94 -15.18 46.04
N THR P 73 -21.75 -15.44 45.01
CA THR P 73 -22.38 -14.40 44.22
C THR P 73 -23.77 -14.02 44.71
N PHE P 74 -24.04 -14.17 46.01
CA PHE P 74 -25.28 -13.65 46.57
C PHE P 74 -25.26 -12.13 46.59
N TRP P 75 -24.18 -11.56 47.10
CA TRP P 75 -23.91 -10.13 46.97
C TRP P 75 -23.10 -9.92 45.69
N ASP P 76 -22.58 -8.70 45.52
CA ASP P 76 -21.66 -8.18 44.48
C ASP P 76 -21.86 -8.79 43.09
N VAL P 77 -23.12 -8.83 42.63
CA VAL P 77 -23.43 -9.47 41.36
C VAL P 77 -22.91 -8.65 40.20
N ASP P 78 -22.26 -9.32 39.26
CA ASP P 78 -21.64 -8.68 38.12
C ASP P 78 -22.66 -8.51 37.00
N GLY P 79 -22.18 -8.12 35.84
CA GLY P 79 -22.81 -8.48 34.58
C GLY P 79 -22.29 -9.84 34.17
N SER P 80 -22.32 -10.10 32.86
CA SER P 80 -21.49 -11.11 32.21
C SER P 80 -21.74 -12.56 32.64
N MET P 81 -22.67 -12.78 33.57
CA MET P 81 -22.97 -14.11 34.06
C MET P 81 -24.04 -14.79 33.23
N VAL P 82 -24.58 -14.10 32.23
CA VAL P 82 -25.67 -14.63 31.42
C VAL P 82 -25.09 -15.37 30.22
N PRO P 83 -25.65 -16.51 29.85
CA PRO P 83 -25.21 -17.21 28.64
C PRO P 83 -25.64 -16.44 27.40
N PRO P 84 -24.96 -16.63 26.26
CA PRO P 84 -25.13 -15.70 25.13
C PRO P 84 -26.49 -15.73 24.45
N GLU P 85 -27.24 -16.83 24.50
CA GLU P 85 -28.58 -16.81 23.92
C GLU P 85 -29.51 -15.88 24.71
N TRP P 86 -29.37 -15.86 26.02
CA TRP P 86 -30.11 -14.88 26.80
C TRP P 86 -29.47 -13.51 26.72
N HIS P 87 -28.23 -13.41 26.26
CA HIS P 87 -27.65 -12.10 25.99
C HIS P 87 -28.23 -11.51 24.71
N ARG P 88 -28.61 -12.35 23.75
CA ARG P 88 -29.39 -11.85 22.61
C ARG P 88 -30.79 -11.48 23.05
N TRP P 89 -31.40 -12.29 23.92
CA TRP P 89 -32.79 -12.06 24.28
C TRP P 89 -32.95 -10.85 25.19
N LEU P 90 -32.00 -10.60 26.08
CA LEU P 90 -32.20 -9.65 27.16
C LEU P 90 -31.89 -8.22 26.76
N HIS P 91 -31.07 -8.01 25.74
CA HIS P 91 -30.76 -6.66 25.27
C HIS P 91 -31.78 -6.13 24.26
N CYS P 92 -32.93 -6.81 24.14
CA CYS P 92 -34.00 -6.49 23.20
C CYS P 92 -33.48 -6.43 21.76
N MET P 93 -33.01 -7.58 21.30
CA MET P 93 -32.68 -7.79 19.89
C MET P 93 -33.63 -8.76 19.22
N THR P 94 -34.62 -9.26 19.96
CA THR P 94 -35.55 -10.27 19.45
C THR P 94 -36.90 -10.07 20.10
N ASP P 95 -37.84 -10.97 19.77
CA ASP P 95 -39.14 -11.04 20.41
C ASP P 95 -39.47 -12.44 20.90
N ASP P 96 -38.52 -13.38 20.81
CA ASP P 96 -38.73 -14.75 21.20
C ASP P 96 -37.63 -15.21 22.15
N PRO P 97 -37.99 -15.95 23.19
CA PRO P 97 -36.98 -16.48 24.11
C PRO P 97 -36.19 -17.60 23.45
N PRO P 98 -35.01 -17.93 23.96
CA PRO P 98 -34.23 -19.03 23.37
C PRO P 98 -34.74 -20.42 23.69
N THR P 99 -35.82 -20.56 24.44
CA THR P 99 -36.45 -21.87 24.58
C THR P 99 -37.21 -22.28 23.32
N VAL P 100 -37.44 -21.36 22.39
CA VAL P 100 -38.05 -21.72 21.12
C VAL P 100 -37.03 -22.41 20.22
N LYS P 101 -35.96 -21.69 19.85
CA LYS P 101 -34.98 -22.18 18.90
C LYS P 101 -33.57 -21.78 19.35
N PRO P 102 -32.86 -22.67 20.05
CA PRO P 102 -31.43 -22.45 20.29
C PRO P 102 -30.59 -22.86 19.09
N PRO P 103 -30.00 -21.91 18.39
CA PRO P 103 -29.43 -22.21 17.07
C PRO P 103 -28.01 -22.73 17.15
N THR P 104 -27.58 -23.29 16.01
CA THR P 104 -26.18 -23.54 15.56
C THR P 104 -25.29 -24.13 16.67
N ALA P 105 -25.61 -25.40 16.97
CA ALA P 105 -25.08 -26.11 18.14
C ALA P 105 -23.55 -26.16 18.16
N ARG P 106 -22.94 -26.69 17.08
CA ARG P 106 -21.52 -26.51 16.78
C ARG P 106 -20.55 -27.00 17.84
N LYS P 107 -20.32 -28.33 17.91
CA LYS P 107 -19.68 -29.07 19.01
C LYS P 107 -18.46 -28.45 19.69
N PHE P 108 -17.76 -27.54 19.01
CA PHE P 108 -16.65 -26.79 19.58
C PHE P 108 -17.07 -25.68 20.54
N ILE P 109 -18.36 -25.36 20.66
CA ILE P 109 -18.80 -24.25 21.52
C ILE P 109 -18.66 -24.65 22.98
N TRP P 110 -18.18 -23.70 23.80
CA TRP P 110 -18.03 -23.91 25.24
C TRP P 110 -19.35 -24.26 25.91
N THR P 111 -19.33 -25.31 26.72
CA THR P 111 -20.46 -25.68 27.56
C THR P 111 -20.31 -25.15 28.97
N ASN P 112 -19.33 -24.27 29.22
CA ASN P 112 -19.05 -23.79 30.57
C ASN P 112 -19.30 -22.30 30.73
N HIS P 113 -18.92 -21.49 29.74
CA HIS P 113 -19.03 -20.02 29.75
C HIS P 113 -18.31 -19.43 30.96
N LYS P 114 -16.98 -19.55 30.90
CA LYS P 114 -16.12 -18.92 31.89
C LYS P 114 -16.27 -17.40 31.82
N PHE P 115 -16.77 -16.83 32.91
CA PHE P 115 -17.32 -15.48 32.93
C PHE P 115 -16.19 -14.44 32.98
N ASN P 116 -16.54 -13.19 33.27
CA ASN P 116 -15.57 -12.10 33.26
C ASN P 116 -14.60 -12.26 34.43
N LEU P 117 -13.31 -12.32 34.11
CA LEU P 117 -12.30 -12.90 34.99
C LEU P 117 -11.11 -11.99 35.25
N SER P 118 -11.30 -10.68 35.22
CA SER P 118 -10.20 -9.78 35.52
C SER P 118 -9.99 -9.69 37.02
N GLY P 119 -8.71 -9.68 37.43
CA GLY P 119 -8.41 -9.70 38.85
C GLY P 119 -8.65 -11.04 39.50
N THR P 120 -8.30 -12.12 38.81
CA THR P 120 -8.45 -13.49 39.25
C THR P 120 -7.06 -14.13 39.22
N PRO P 121 -6.91 -15.41 39.59
CA PRO P 121 -5.73 -16.15 39.13
C PRO P 121 -5.83 -16.62 37.69
N GLN P 122 -6.98 -16.49 37.03
CA GLN P 122 -7.19 -17.05 35.70
C GLN P 122 -7.62 -15.94 34.76
N GLN P 123 -6.65 -15.25 34.16
CA GLN P 123 -6.99 -14.22 33.18
C GLN P 123 -5.94 -14.18 32.08
N TYR P 124 -6.23 -13.34 31.09
CA TYR P 124 -5.47 -13.32 29.85
C TYR P 124 -4.15 -12.57 30.01
N VAL P 125 -3.09 -13.16 29.48
CA VAL P 125 -1.81 -12.49 29.35
C VAL P 125 -1.39 -12.52 27.89
N PRO P 126 -0.84 -11.45 27.36
CA PRO P 126 -0.44 -11.43 25.95
C PRO P 126 0.95 -12.00 25.77
N TYR P 127 1.16 -12.57 24.58
CA TYR P 127 2.44 -13.20 24.24
C TYR P 127 2.51 -13.34 22.74
N SER P 128 3.74 -13.46 22.24
CA SER P 128 3.97 -13.57 20.80
C SER P 128 3.64 -14.97 20.32
N THR P 129 2.62 -15.11 19.50
CA THR P 129 2.30 -16.39 18.87
C THR P 129 3.07 -16.48 17.56
N THR P 130 4.38 -16.67 17.71
CA THR P 130 5.31 -16.65 16.58
C THR P 130 6.54 -17.44 16.99
N ARG P 131 6.97 -18.37 16.14
CA ARG P 131 8.08 -19.26 16.46
C ARG P 131 9.42 -18.54 16.27
N LYS P 132 10.49 -19.33 16.19
CA LYS P 132 11.86 -18.84 16.20
C LYS P 132 12.15 -17.92 15.00
N LYS P 133 12.85 -16.82 15.27
CA LYS P 133 13.03 -15.79 14.25
C LYS P 133 14.18 -16.10 13.30
N ILE P 134 15.41 -16.16 13.80
CA ILE P 134 16.59 -16.16 12.96
C ILE P 134 17.53 -17.33 13.20
N GLN P 135 17.31 -18.14 14.26
CA GLN P 135 18.00 -19.41 14.49
C GLN P 135 19.51 -19.24 14.61
N GLU P 136 19.92 -18.70 15.76
CA GLU P 136 21.33 -18.52 16.11
C GLU P 136 22.16 -19.80 16.00
N TRP P 137 23.47 -19.63 15.82
CA TRP P 137 24.38 -20.73 15.55
C TRP P 137 24.59 -21.59 16.80
N VAL P 138 24.95 -22.84 16.57
CA VAL P 138 25.25 -23.79 17.64
C VAL P 138 26.73 -24.13 17.56
N PRO P 139 27.49 -23.96 18.64
CA PRO P 139 28.92 -24.29 18.61
C PRO P 139 29.14 -25.79 18.57
N PRO P 140 30.28 -26.25 18.05
CA PRO P 140 30.54 -27.68 18.06
C PRO P 140 30.88 -28.18 19.45
N SER P 141 30.52 -29.43 19.72
CA SER P 141 30.72 -30.00 21.05
C SER P 141 32.16 -30.44 21.28
N THR P 142 32.85 -30.87 20.22
CA THR P 142 34.20 -31.38 20.39
C THR P 142 35.21 -30.26 20.61
N PRO P 143 36.25 -30.51 21.39
CA PRO P 143 37.37 -29.57 21.46
C PRO P 143 38.39 -29.88 20.36
N TYR P 144 39.33 -28.96 20.21
CA TYR P 144 40.52 -29.20 19.41
C TYR P 144 41.70 -29.41 20.34
N LYS P 145 42.55 -30.39 19.99
CA LYS P 145 43.70 -30.83 20.79
C LYS P 145 43.29 -31.24 22.21
N PRO Q 5 29.62 63.81 46.95
CA PRO Q 5 30.83 63.01 47.16
C PRO Q 5 31.34 62.38 45.87
N LEU Q 6 30.69 62.69 44.76
CA LEU Q 6 30.99 62.04 43.49
C LEU Q 6 32.23 62.69 42.87
N THR Q 7 33.37 62.02 42.99
CA THR Q 7 34.60 62.42 42.33
C THR Q 7 34.99 61.35 41.32
N LEU Q 8 35.78 61.76 40.32
CA LEU Q 8 36.10 60.88 39.19
C LEU Q 8 37.00 59.73 39.62
N GLU Q 9 37.85 59.94 40.62
CA GLU Q 9 38.69 58.86 41.11
C GLU Q 9 37.86 57.82 41.88
N GLY Q 10 36.81 58.26 42.56
CA GLY Q 10 35.87 57.32 43.15
C GLY Q 10 35.09 56.55 42.11
N ILE Q 11 34.83 57.19 40.96
CA ILE Q 11 34.19 56.49 39.84
C ILE Q 11 35.10 55.40 39.29
N LYS Q 12 36.39 55.73 39.11
CA LYS Q 12 37.33 54.73 38.61
C LYS Q 12 37.51 53.59 39.59
N ASP Q 13 37.55 53.90 40.89
CA ASP Q 13 37.67 52.85 41.89
C ASP Q 13 36.41 52.00 42.00
N ARG Q 14 35.23 52.58 41.77
CA ARG Q 14 34.03 51.78 41.91
C ARG Q 14 33.82 50.89 40.69
N VAL Q 15 34.17 51.37 39.49
CA VAL Q 15 34.21 50.51 38.32
C VAL Q 15 35.26 49.41 38.49
N LEU Q 16 36.36 49.74 39.17
CA LEU Q 16 37.42 48.76 39.42
C LEU Q 16 36.94 47.64 40.32
N TYR Q 17 36.25 47.98 41.43
CA TYR Q 17 35.83 46.87 42.29
C TYR Q 17 34.64 46.12 41.74
N VAL Q 18 33.79 46.73 40.90
CA VAL Q 18 32.73 45.89 40.34
C VAL Q 18 33.25 45.00 39.21
N LEU Q 19 34.31 45.42 38.51
CA LEU Q 19 34.94 44.51 37.55
C LEU Q 19 35.69 43.39 38.27
N LYS Q 20 36.27 43.68 39.44
CA LYS Q 20 36.82 42.61 40.26
C LYS Q 20 35.71 41.71 40.79
N LEU Q 21 34.53 42.27 41.07
CA LEU Q 21 33.40 41.48 41.55
C LEU Q 21 32.86 40.56 40.47
N TYR Q 22 32.96 40.97 39.21
CA TYR Q 22 32.66 40.06 38.10
C TYR Q 22 33.63 38.89 38.12
N ASP Q 23 33.09 37.67 38.05
CA ASP Q 23 33.86 36.47 38.34
C ASP Q 23 34.59 35.91 37.12
N LYS Q 24 33.99 36.01 35.93
CA LYS Q 24 34.55 35.34 34.77
C LYS Q 24 35.79 36.02 34.20
N ILE Q 25 36.19 37.18 34.72
CA ILE Q 25 37.38 37.84 34.20
C ILE Q 25 38.62 37.11 34.72
N ASP Q 26 39.51 36.72 33.81
CA ASP Q 26 40.62 35.82 34.10
C ASP Q 26 41.84 36.19 33.27
N PRO Q 27 42.93 36.69 33.89
CA PRO Q 27 43.09 37.05 35.30
C PRO Q 27 42.53 38.44 35.58
N GLU Q 28 42.96 39.07 36.68
CA GLU Q 28 42.54 40.43 36.94
C GLU Q 28 43.07 41.39 35.88
N LYS Q 29 44.39 41.65 35.93
CA LYS Q 29 45.18 42.38 34.93
C LYS Q 29 44.49 43.68 34.47
N LEU Q 30 44.33 44.60 35.42
CA LEU Q 30 43.49 45.77 35.19
C LEU Q 30 44.32 47.04 35.10
N SER Q 31 43.86 47.95 34.24
CA SER Q 31 44.59 49.16 33.91
C SER Q 31 43.60 50.21 33.42
N VAL Q 32 44.11 51.25 32.78
CA VAL Q 32 43.26 52.26 32.16
C VAL Q 32 43.25 52.04 30.65
N ASN Q 33 44.30 51.42 30.13
CA ASN Q 33 44.36 50.99 28.75
C ASN Q 33 44.25 49.48 28.67
N SER Q 34 43.36 48.93 29.50
CA SER Q 34 43.23 47.48 29.62
C SER Q 34 42.67 46.85 28.34
N HIS Q 35 41.56 47.40 27.84
CA HIS Q 35 40.88 46.96 26.61
C HIS Q 35 40.50 45.49 26.69
N PHE Q 36 39.55 45.21 27.60
CA PHE Q 36 39.10 43.91 28.11
C PHE Q 36 38.41 43.04 27.06
N MET Q 37 38.36 43.42 25.78
CA MET Q 37 37.79 42.60 24.73
C MET Q 37 38.84 41.82 23.95
N LYS Q 38 39.91 42.48 23.52
CA LYS Q 38 40.91 41.86 22.67
C LYS Q 38 42.25 41.65 23.38
N ASP Q 39 42.64 42.57 24.25
CA ASP Q 39 43.83 42.34 25.07
C ASP Q 39 43.58 41.29 26.15
N LEU Q 40 42.32 41.08 26.52
CA LEU Q 40 41.98 40.12 27.56
C LEU Q 40 41.16 38.95 27.03
N GLY Q 41 40.66 39.04 25.80
CA GLY Q 41 40.07 37.90 25.12
C GLY Q 41 38.72 37.47 25.65
N LEU Q 42 37.71 38.31 25.52
CA LEU Q 42 36.35 37.95 25.91
C LEU Q 42 35.38 38.31 24.80
N ASP Q 43 34.21 37.70 24.85
CA ASP Q 43 33.17 37.87 23.84
C ASP Q 43 32.49 39.23 24.01
N SER Q 44 31.82 39.67 22.93
CA SER Q 44 30.87 40.78 23.01
C SER Q 44 29.68 40.47 23.91
N LEU Q 45 29.40 39.17 24.09
CA LEU Q 45 28.50 38.71 25.13
C LEU Q 45 28.94 39.21 26.50
N ASP Q 46 30.24 39.07 26.80
CA ASP Q 46 30.77 39.58 28.05
C ASP Q 46 30.79 41.09 28.10
N GLN Q 47 30.97 41.75 26.94
CA GLN Q 47 30.86 43.20 26.85
C GLN Q 47 29.49 43.68 27.32
N VAL Q 48 28.43 43.09 26.78
CA VAL Q 48 27.09 43.56 27.16
C VAL Q 48 26.74 43.13 28.57
N GLU Q 49 27.32 42.02 29.06
CA GLU Q 49 27.19 41.65 30.47
C GLU Q 49 27.78 42.71 31.39
N ILE Q 50 29.00 43.15 31.09
CA ILE Q 50 29.68 44.14 31.92
C ILE Q 50 28.95 45.47 31.89
N ILE Q 51 28.50 45.91 30.70
CA ILE Q 51 27.89 47.23 30.65
C ILE Q 51 26.50 47.22 31.28
N MET Q 52 25.76 46.12 31.17
CA MET Q 52 24.50 46.09 31.90
C MET Q 52 24.72 45.90 33.39
N ALA Q 53 25.88 45.35 33.80
CA ALA Q 53 26.20 45.33 35.22
C ALA Q 53 26.50 46.74 35.74
N MET Q 54 27.12 47.57 34.90
CA MET Q 54 27.28 48.99 35.26
C MET Q 54 25.93 49.67 35.40
N GLU Q 55 25.03 49.37 34.44
CA GLU Q 55 23.66 49.86 34.48
C GLU Q 55 22.95 49.44 35.76
N ASP Q 56 23.15 48.19 36.18
CA ASP Q 56 22.52 47.68 37.40
C ASP Q 56 23.11 48.33 38.64
N GLU Q 57 24.41 48.62 38.63
CA GLU Q 57 25.02 49.15 39.86
C GLU Q 57 24.73 50.64 40.02
N PHE Q 58 25.25 51.48 39.12
CA PHE Q 58 25.09 52.90 39.39
C PHE Q 58 24.90 53.73 38.13
N GLY Q 59 24.41 53.13 37.06
CA GLY Q 59 24.36 53.78 35.78
C GLY Q 59 23.00 54.37 35.44
N PHE Q 60 22.96 55.01 34.28
CA PHE Q 60 21.74 55.44 33.62
C PHE Q 60 21.21 54.26 32.80
N GLU Q 61 20.30 54.52 31.85
CA GLU Q 61 19.78 53.43 31.02
C GLU Q 61 20.86 52.82 30.14
N ILE Q 62 21.80 53.64 29.67
CA ILE Q 62 23.00 53.24 28.91
C ILE Q 62 22.59 52.51 27.64
N PRO Q 63 22.15 53.23 26.61
CA PRO Q 63 21.67 52.57 25.37
C PRO Q 63 22.74 51.74 24.68
N ASP Q 64 22.27 50.79 23.86
CA ASP Q 64 23.11 49.69 23.41
C ASP Q 64 24.16 50.08 22.39
N ILE Q 65 23.94 51.16 21.62
CA ILE Q 65 24.99 51.59 20.70
C ILE Q 65 26.12 52.28 21.48
N ASP Q 66 25.77 53.11 22.46
CA ASP Q 66 26.77 53.68 23.35
C ASP Q 66 27.41 52.61 24.21
N ALA Q 67 26.64 51.58 24.58
CA ALA Q 67 27.20 50.45 25.29
C ALA Q 67 28.20 49.69 24.44
N GLU Q 68 27.91 49.56 23.14
CA GLU Q 68 28.80 48.84 22.24
C GLU Q 68 30.08 49.63 21.99
N LYS Q 69 30.00 50.96 21.99
CA LYS Q 69 31.18 51.77 21.69
C LYS Q 69 31.99 52.15 22.93
N LEU Q 70 31.96 51.34 24.00
CA LEU Q 70 32.79 51.64 25.16
C LEU Q 70 34.14 50.92 25.13
N MET Q 71 34.12 49.58 25.18
CA MET Q 71 35.26 48.71 24.91
C MET Q 71 36.48 48.87 25.83
N CYS Q 72 36.41 49.73 26.86
CA CYS Q 72 37.60 50.10 27.63
C CYS Q 72 37.21 50.65 28.99
N PRO Q 73 37.87 50.20 30.08
CA PRO Q 73 37.37 50.54 31.43
C PRO Q 73 37.51 52.01 31.79
N GLN Q 74 38.64 52.65 31.43
CA GLN Q 74 38.77 54.08 31.61
C GLN Q 74 37.77 54.84 30.77
N GLU Q 75 37.45 54.33 29.58
CA GLU Q 75 36.44 54.98 28.76
C GLU Q 75 35.03 54.73 29.29
N ILE Q 76 34.82 53.61 29.99
CA ILE Q 76 33.57 53.42 30.75
C ILE Q 76 33.46 54.49 31.83
N VAL Q 77 34.55 54.72 32.55
CA VAL Q 77 34.59 55.74 33.60
C VAL Q 77 34.34 57.13 33.01
N ASP Q 78 34.91 57.40 31.84
CA ASP Q 78 34.75 58.71 31.21
C ASP Q 78 33.35 58.90 30.66
N TYR Q 79 32.70 57.82 30.21
CA TYR Q 79 31.31 57.93 29.78
C TYR Q 79 30.39 58.15 30.97
N ILE Q 80 30.69 57.51 32.10
CA ILE Q 80 29.93 57.76 33.33
C ILE Q 80 30.11 59.20 33.78
N ALA Q 81 31.33 59.73 33.66
CA ALA Q 81 31.57 61.14 33.97
C ALA Q 81 30.92 62.06 32.95
N ASP Q 82 30.72 61.57 31.73
CA ASP Q 82 30.04 62.35 30.70
C ASP Q 82 28.56 62.52 31.02
N LYS Q 83 27.85 61.41 31.25
CA LYS Q 83 26.41 61.50 31.35
C LYS Q 83 25.95 61.96 32.73
N LYS Q 84 26.73 61.69 33.78
CA LYS Q 84 26.35 62.13 35.12
C LYS Q 84 26.71 63.60 35.33
N VAL R 5 -39.88 -8.81 -5.57
CA VAL R 5 -40.48 -7.58 -5.09
C VAL R 5 -39.44 -6.70 -4.41
N LYS R 6 -39.91 -5.66 -3.72
CA LYS R 6 -39.05 -4.73 -3.01
C LYS R 6 -39.53 -4.63 -1.57
N GLN R 7 -38.58 -4.52 -0.64
CA GLN R 7 -38.87 -4.49 0.78
C GLN R 7 -38.10 -3.36 1.47
N ASP R 8 -38.19 -2.17 0.90
CA ASP R 8 -37.63 -0.98 1.52
C ASP R 8 -38.53 -0.53 2.68
N MET R 9 -38.27 0.66 3.21
CA MET R 9 -39.14 1.28 4.19
C MET R 9 -39.69 2.60 3.64
N PRO R 10 -40.81 2.57 2.93
CA PRO R 10 -41.55 3.82 2.68
C PRO R 10 -42.59 4.02 3.76
N PRO R 11 -43.17 5.22 3.88
CA PRO R 11 -44.33 5.37 4.76
C PRO R 11 -45.56 4.75 4.14
N VAL R 12 -46.57 4.53 4.97
CA VAL R 12 -47.78 3.84 4.56
C VAL R 12 -48.78 4.91 4.17
N GLY R 13 -48.76 5.29 2.90
CA GLY R 13 -49.69 6.27 2.37
C GLY R 13 -49.54 7.68 2.88
N GLY R 14 -48.44 8.00 3.56
CA GLY R 14 -48.28 9.31 4.15
C GLY R 14 -48.64 9.33 5.62
N TYR R 15 -47.81 9.93 6.45
CA TYR R 15 -48.05 9.98 7.88
C TYR R 15 -48.95 11.16 8.24
N GLY R 16 -49.25 11.29 9.53
CA GLY R 16 -50.11 12.34 9.98
C GLY R 16 -49.38 13.65 10.15
N PRO R 17 -50.09 14.66 10.65
CA PRO R 17 -49.46 15.94 10.91
C PRO R 17 -48.65 15.91 12.20
N ILE R 18 -47.64 16.77 12.24
CA ILE R 18 -46.82 16.98 13.44
C ILE R 18 -46.84 18.48 13.71
N ASP R 19 -47.24 18.87 14.91
CA ASP R 19 -47.37 20.27 15.24
C ASP R 19 -46.01 20.96 15.36
N TYR R 20 -45.96 22.21 14.93
CA TYR R 20 -44.72 22.98 14.91
C TYR R 20 -44.96 24.41 15.39
N LYS R 21 -45.94 24.60 16.25
CA LYS R 21 -46.32 25.94 16.71
C LYS R 21 -46.05 26.03 18.21
N ARG R 22 -45.64 27.22 18.65
CA ARG R 22 -45.45 27.47 20.07
C ARG R 22 -46.80 27.48 20.77
N ASN R 23 -46.97 26.57 21.73
CA ASN R 23 -48.24 26.39 22.41
C ASN R 23 -48.12 26.90 23.84
N LEU R 24 -48.88 27.94 24.15
CA LEU R 24 -48.93 28.49 25.49
C LEU R 24 -50.39 28.71 25.89
N PRO R 25 -50.74 28.47 27.15
CA PRO R 25 -52.15 28.59 27.56
C PRO R 25 -52.55 29.99 27.98
N ARG R 26 -51.55 30.85 28.27
CA ARG R 26 -51.65 32.20 28.85
C ARG R 26 -52.71 32.32 29.95
N ARG R 27 -52.78 31.33 30.83
CA ARG R 27 -53.76 31.31 31.90
C ARG R 27 -53.35 32.25 33.04
#